data_1FZT
#
_entry.id   1FZT
#
_cell.length_a   1.000
_cell.length_b   1.000
_cell.length_c   1.000
_cell.angle_alpha   90.00
_cell.angle_beta   90.00
_cell.angle_gamma   90.00
#
_symmetry.space_group_name_H-M   'P 1'
#
_entity_poly.entity_id   1
_entity_poly.type   'polypeptide(L)'
_entity_poly.pdbx_seq_one_letter_code
;MTTEAAPNLLVLTRHGESEWNKLNLFTGWKDPALSETGIKEAKLGGERLKSRGYKFDIAFTSALQRAQKTCQIILEEVGE
PNLETIKSEKLNERYYGDLQGLNKDDARKKWGAEQVQIWRRSYDIAPPNGESLKDTAERVLPYYKSTIVPHILKGEKVLI
AAHGNSLRALIMDLEGLTGDQIVKRELATGVPIVYHLDKDGKYVSKELIDN
;
_entity_poly.pdbx_strand_id   A
#
# COMPACT_ATOMS: atom_id res chain seq x y z
N MET A 1 -8.28 0.77 -17.64
CA MET A 1 -9.65 0.50 -17.12
C MET A 1 -10.52 1.74 -17.21
N THR A 2 -10.12 2.80 -16.51
CA THR A 2 -10.88 4.05 -16.51
C THR A 2 -10.95 4.64 -17.91
N THR A 3 -11.85 5.59 -18.10
CA THR A 3 -12.02 6.23 -19.40
C THR A 3 -11.19 7.52 -19.47
N GLU A 4 -11.01 8.02 -20.69
CA GLU A 4 -10.24 9.24 -20.90
C GLU A 4 -10.94 10.44 -20.28
N ALA A 5 -10.20 11.21 -19.49
CA ALA A 5 -10.75 12.39 -18.82
C ALA A 5 -11.96 12.01 -17.97
N ALA A 6 -11.88 10.85 -17.32
CA ALA A 6 -12.97 10.38 -16.47
C ALA A 6 -12.43 9.81 -15.16
N PRO A 7 -13.33 9.35 -14.27
CA PRO A 7 -12.94 8.76 -12.99
C PRO A 7 -11.84 7.71 -13.13
N ASN A 8 -10.61 8.10 -12.84
CA ASN A 8 -9.47 7.19 -12.95
C ASN A 8 -9.58 6.08 -11.90
N LEU A 9 -9.16 4.88 -12.28
CA LEU A 9 -9.21 3.74 -11.38
C LEU A 9 -7.82 3.29 -10.96
N LEU A 10 -7.62 3.22 -9.65
CA LEU A 10 -6.33 2.84 -9.09
C LEU A 10 -6.47 1.61 -8.18
N VAL A 11 -5.87 0.48 -8.57
CA VAL A 11 -5.94 -0.71 -7.75
C VAL A 11 -4.76 -0.80 -6.80
N LEU A 12 -5.05 -1.05 -5.54
CA LEU A 12 -4.00 -1.16 -4.52
C LEU A 12 -3.96 -2.57 -3.94
N THR A 13 -2.80 -3.21 -4.03
CA THR A 13 -2.65 -4.55 -3.51
C THR A 13 -1.61 -4.59 -2.39
N ARG A 14 -2.07 -4.82 -1.17
CA ARG A 14 -1.19 -4.88 -0.02
C ARG A 14 -0.77 -6.31 0.27
N HIS A 15 0.53 -6.56 0.29
CA HIS A 15 1.05 -7.89 0.57
C HIS A 15 0.35 -8.51 1.79
N GLY A 16 0.05 -9.80 1.70
CA GLY A 16 -0.63 -10.47 2.80
C GLY A 16 0.15 -10.41 4.09
N GLU A 17 0.47 -11.58 4.65
CA GLU A 17 1.21 -11.66 5.90
C GLU A 17 2.61 -12.23 5.67
N SER A 18 3.61 -11.54 6.20
CA SER A 18 4.99 -11.97 6.05
C SER A 18 5.39 -12.87 7.22
N GLU A 19 6.52 -13.55 7.06
CA GLU A 19 7.01 -14.46 8.10
C GLU A 19 7.04 -13.76 9.45
N TRP A 20 7.71 -12.60 9.50
CA TRP A 20 7.81 -11.83 10.74
C TRP A 20 6.43 -11.44 11.24
N ASN A 21 5.47 -11.36 10.33
CA ASN A 21 4.10 -11.01 10.68
C ASN A 21 3.51 -12.07 11.59
N LYS A 22 3.70 -13.33 11.24
CA LYS A 22 3.20 -14.45 12.03
C LYS A 22 3.77 -14.39 13.43
N LEU A 23 5.06 -14.09 13.53
CA LEU A 23 5.74 -13.99 14.81
C LEU A 23 5.14 -12.86 15.65
N ASN A 24 4.54 -11.88 14.98
CA ASN A 24 3.92 -10.75 15.65
C ASN A 24 4.98 -9.76 16.15
N LEU A 25 5.92 -9.41 15.28
CA LEU A 25 6.98 -8.47 15.65
C LEU A 25 7.07 -7.33 14.63
N PHE A 26 7.54 -6.18 15.09
CA PHE A 26 7.67 -5.00 14.22
C PHE A 26 8.55 -5.32 13.01
N THR A 27 8.15 -4.80 11.86
CA THR A 27 8.89 -5.01 10.62
C THR A 27 9.84 -3.85 10.33
N GLY A 28 9.31 -2.80 9.71
CA GLY A 28 10.12 -1.64 9.40
C GLY A 28 10.49 -1.57 7.93
N TRP A 29 11.79 -1.44 7.66
CA TRP A 29 12.28 -1.36 6.29
C TRP A 29 12.78 -2.72 5.80
N LYS A 30 13.16 -3.57 6.74
CA LYS A 30 13.67 -4.90 6.40
C LYS A 30 12.75 -5.59 5.40
N ASP A 31 13.33 -6.46 4.57
CA ASP A 31 12.56 -7.18 3.56
C ASP A 31 12.35 -8.63 3.98
N PRO A 32 11.22 -8.93 4.67
CA PRO A 32 10.91 -10.28 5.12
C PRO A 32 10.45 -11.18 3.97
N ALA A 33 10.22 -12.45 4.27
CA ALA A 33 9.78 -13.41 3.27
C ALA A 33 8.30 -13.71 3.41
N LEU A 34 7.53 -13.37 2.37
CA LEU A 34 6.09 -13.61 2.37
C LEU A 34 5.78 -15.06 2.78
N SER A 35 4.55 -15.30 3.23
CA SER A 35 4.15 -16.63 3.65
C SER A 35 3.06 -17.20 2.74
N GLU A 36 2.67 -18.44 3.03
CA GLU A 36 1.64 -19.12 2.26
C GLU A 36 0.38 -18.28 2.19
N THR A 37 0.02 -17.66 3.31
CA THR A 37 -1.16 -16.81 3.36
C THR A 37 -0.96 -15.65 2.40
N GLY A 38 0.22 -15.06 2.46
CA GLY A 38 0.55 -13.96 1.58
C GLY A 38 0.51 -14.39 0.13
N ILE A 39 1.23 -15.47 -0.17
CA ILE A 39 1.24 -16.01 -1.53
C ILE A 39 -0.17 -16.38 -1.95
N LYS A 40 -0.80 -17.23 -1.14
CA LYS A 40 -2.17 -17.65 -1.40
C LYS A 40 -3.05 -16.43 -1.54
N GLU A 41 -2.78 -15.42 -0.71
CA GLU A 41 -3.53 -14.17 -0.75
C GLU A 41 -3.26 -13.46 -2.07
N ALA A 42 -1.98 -13.39 -2.44
CA ALA A 42 -1.59 -12.76 -3.68
C ALA A 42 -2.26 -13.46 -4.86
N LYS A 43 -2.05 -14.79 -4.93
CA LYS A 43 -2.66 -15.58 -5.98
C LYS A 43 -4.17 -15.35 -5.98
N LEU A 44 -4.79 -15.55 -4.82
CA LEU A 44 -6.22 -15.34 -4.67
C LEU A 44 -6.57 -13.93 -5.13
N GLY A 45 -5.77 -12.96 -4.68
CA GLY A 45 -6.00 -11.59 -5.09
C GLY A 45 -5.97 -11.46 -6.59
N GLY A 46 -4.89 -11.94 -7.20
CA GLY A 46 -4.79 -11.90 -8.65
C GLY A 46 -5.97 -12.60 -9.28
N GLU A 47 -6.22 -13.83 -8.85
CA GLU A 47 -7.36 -14.59 -9.35
C GLU A 47 -8.64 -13.80 -9.11
N ARG A 48 -8.65 -13.04 -8.01
CA ARG A 48 -9.79 -12.21 -7.66
C ARG A 48 -9.86 -11.01 -8.58
N LEU A 49 -8.70 -10.50 -8.97
CA LEU A 49 -8.62 -9.35 -9.86
C LEU A 49 -8.92 -9.75 -11.29
N LYS A 50 -8.51 -10.96 -11.68
CA LYS A 50 -8.75 -11.45 -13.03
C LYS A 50 -10.12 -12.13 -13.14
N SER A 51 -10.60 -12.68 -12.04
CA SER A 51 -11.90 -13.36 -12.02
C SER A 51 -13.04 -12.39 -12.31
N ARG A 52 -13.03 -11.26 -11.62
CA ARG A 52 -14.07 -10.25 -11.79
C ARG A 52 -14.03 -9.65 -13.20
N GLY A 53 -12.83 -9.50 -13.73
CA GLY A 53 -12.67 -8.94 -15.06
C GLY A 53 -11.91 -7.63 -15.06
N TYR A 54 -11.40 -7.22 -13.91
CA TYR A 54 -10.65 -5.98 -13.80
C TYR A 54 -9.31 -6.09 -14.53
N LYS A 55 -9.16 -5.31 -15.60
CA LYS A 55 -7.93 -5.33 -16.39
C LYS A 55 -7.01 -4.20 -15.97
N PHE A 56 -5.72 -4.43 -16.08
CA PHE A 56 -4.72 -3.44 -15.69
C PHE A 56 -3.99 -2.84 -16.88
N ASP A 57 -3.70 -1.54 -16.77
CA ASP A 57 -2.98 -0.82 -17.81
C ASP A 57 -1.55 -0.56 -17.37
N ILE A 58 -1.41 -0.19 -16.10
CA ILE A 58 -0.09 0.08 -15.52
C ILE A 58 -0.06 -0.34 -14.05
N ALA A 59 1.11 -0.74 -13.54
CA ALA A 59 1.20 -1.19 -12.14
C ALA A 59 2.36 -0.53 -11.40
N PHE A 60 2.15 -0.29 -10.11
CA PHE A 60 3.17 0.33 -9.28
C PHE A 60 3.43 -0.49 -8.01
N THR A 61 4.70 -0.66 -7.67
CA THR A 61 5.07 -1.41 -6.49
C THR A 61 6.17 -0.68 -5.72
N SER A 62 6.50 -1.22 -4.56
CA SER A 62 7.55 -0.65 -3.72
C SER A 62 8.89 -1.29 -4.05
N ALA A 63 9.94 -0.86 -3.37
CA ALA A 63 11.26 -1.43 -3.59
C ALA A 63 11.53 -2.59 -2.64
N LEU A 64 10.47 -3.20 -2.13
CA LEU A 64 10.58 -4.32 -1.20
C LEU A 64 10.20 -5.63 -1.87
N GLN A 65 10.93 -6.70 -1.53
CA GLN A 65 10.68 -8.01 -2.10
C GLN A 65 9.25 -8.46 -1.88
N ARG A 66 8.72 -8.21 -0.69
CA ARG A 66 7.36 -8.60 -0.36
C ARG A 66 6.39 -8.11 -1.43
N ALA A 67 6.45 -6.82 -1.74
CA ALA A 67 5.58 -6.24 -2.75
C ALA A 67 6.12 -6.50 -4.14
N GLN A 68 7.44 -6.43 -4.26
CA GLN A 68 8.10 -6.68 -5.54
C GLN A 68 7.80 -8.10 -5.98
N LYS A 69 7.62 -8.96 -5.00
CA LYS A 69 7.28 -10.35 -5.22
C LYS A 69 5.78 -10.49 -5.36
N THR A 70 5.07 -9.97 -4.36
CA THR A 70 3.62 -10.01 -4.35
C THR A 70 3.06 -9.51 -5.68
N CYS A 71 3.74 -8.53 -6.28
CA CYS A 71 3.29 -7.98 -7.57
C CYS A 71 3.42 -9.04 -8.67
N GLN A 72 4.60 -9.65 -8.76
CA GLN A 72 4.85 -10.68 -9.76
C GLN A 72 3.80 -11.77 -9.65
N ILE A 73 3.50 -12.19 -8.43
CA ILE A 73 2.51 -13.22 -8.19
C ILE A 73 1.14 -12.80 -8.73
N ILE A 74 0.64 -11.68 -8.22
CA ILE A 74 -0.65 -11.17 -8.65
C ILE A 74 -0.63 -10.90 -10.16
N LEU A 75 0.44 -10.27 -10.64
CA LEU A 75 0.57 -9.98 -12.06
C LEU A 75 0.65 -11.28 -12.86
N GLU A 76 1.39 -12.25 -12.33
CA GLU A 76 1.53 -13.54 -12.98
C GLU A 76 0.24 -14.34 -12.82
N GLU A 77 -0.52 -14.04 -11.78
CA GLU A 77 -1.78 -14.72 -11.52
C GLU A 77 -2.89 -14.15 -12.39
N VAL A 78 -3.09 -12.83 -12.33
CA VAL A 78 -4.13 -12.18 -13.12
C VAL A 78 -4.01 -12.59 -14.59
N GLY A 79 -2.81 -12.97 -14.99
CA GLY A 79 -2.58 -13.39 -16.37
C GLY A 79 -2.23 -12.22 -17.27
N GLU A 80 -1.64 -11.17 -16.70
CA GLU A 80 -1.27 -10.01 -17.48
C GLU A 80 0.12 -9.48 -17.07
N PRO A 81 1.15 -10.34 -17.04
CA PRO A 81 2.50 -9.92 -16.67
C PRO A 81 3.02 -8.81 -17.58
N ASN A 82 2.60 -8.85 -18.85
CA ASN A 82 3.02 -7.86 -19.83
C ASN A 82 2.80 -6.45 -19.28
N LEU A 83 1.84 -6.32 -18.37
CA LEU A 83 1.52 -5.02 -17.77
C LEU A 83 2.80 -4.34 -17.29
N GLU A 84 2.76 -3.01 -17.18
CA GLU A 84 3.92 -2.26 -16.74
C GLU A 84 3.92 -2.13 -15.22
N THR A 85 4.62 -3.04 -14.56
CA THR A 85 4.71 -3.03 -13.11
C THR A 85 5.99 -2.34 -12.67
N ILE A 86 5.86 -1.10 -12.22
CA ILE A 86 7.01 -0.33 -11.79
C ILE A 86 7.28 -0.51 -10.30
N LYS A 87 8.52 -0.28 -9.90
CA LYS A 87 8.91 -0.40 -8.50
C LYS A 87 9.45 0.93 -7.98
N SER A 88 9.04 1.30 -6.76
CA SER A 88 9.50 2.56 -6.17
C SER A 88 10.03 2.34 -4.75
N GLU A 89 11.14 2.98 -4.45
CA GLU A 89 11.73 2.88 -3.12
C GLU A 89 10.97 3.80 -2.17
N LYS A 90 10.40 4.86 -2.73
CA LYS A 90 9.63 5.81 -1.96
C LYS A 90 8.28 5.20 -1.57
N LEU A 91 7.90 4.11 -2.23
CA LEU A 91 6.63 3.45 -1.94
C LEU A 91 6.81 2.37 -0.87
N ASN A 92 7.91 2.45 -0.12
CA ASN A 92 8.19 1.47 0.92
C ASN A 92 7.36 1.75 2.17
N GLU A 93 7.63 1.01 3.24
CA GLU A 93 6.90 1.17 4.49
C GLU A 93 7.63 2.13 5.43
N ARG A 94 6.84 2.89 6.18
CA ARG A 94 7.39 3.85 7.14
C ARG A 94 8.40 3.17 8.06
N TYR A 95 9.63 3.66 8.06
CA TYR A 95 10.69 3.11 8.90
C TYR A 95 10.22 2.96 10.35
N TYR A 96 10.73 1.94 11.04
CA TYR A 96 10.35 1.69 12.42
C TYR A 96 11.51 1.98 13.38
N GLY A 97 12.52 2.70 12.91
CA GLY A 97 13.65 3.03 13.75
C GLY A 97 14.19 1.84 14.51
N ASP A 98 14.35 1.99 15.82
CA ASP A 98 14.86 0.92 16.67
C ASP A 98 13.75 0.02 17.19
N LEU A 99 12.58 0.09 16.57
CA LEU A 99 11.45 -0.73 16.96
C LEU A 99 11.43 -2.05 16.19
N GLN A 100 12.11 -2.06 15.04
CA GLN A 100 12.17 -3.25 14.20
C GLN A 100 12.69 -4.45 14.99
N GLY A 101 11.81 -5.39 15.30
CA GLY A 101 12.22 -6.57 16.04
C GLY A 101 11.62 -6.63 17.43
N LEU A 102 10.57 -5.85 17.65
CA LEU A 102 9.90 -5.82 18.94
C LEU A 102 8.50 -6.43 18.84
N ASN A 103 8.25 -7.46 19.62
CA ASN A 103 6.95 -8.12 19.62
C ASN A 103 5.85 -7.14 19.99
N LYS A 104 4.80 -7.09 19.18
CA LYS A 104 3.68 -6.18 19.43
C LYS A 104 3.26 -6.25 20.89
N ASP A 105 3.28 -7.45 21.46
CA ASP A 105 2.91 -7.64 22.85
C ASP A 105 3.83 -6.83 23.75
N ASP A 106 5.13 -7.05 23.61
CA ASP A 106 6.11 -6.32 24.39
C ASP A 106 6.01 -4.84 24.05
N ALA A 107 5.95 -4.53 22.76
CA ALA A 107 5.84 -3.16 22.31
C ALA A 107 4.63 -2.49 22.95
N ARG A 108 3.47 -3.15 22.84
CA ARG A 108 2.25 -2.62 23.43
C ARG A 108 2.33 -2.70 24.95
N LYS A 109 3.05 -3.69 25.44
CA LYS A 109 3.22 -3.89 26.87
C LYS A 109 4.19 -2.87 27.46
N LYS A 110 5.03 -2.28 26.60
CA LYS A 110 6.01 -1.30 27.06
C LYS A 110 5.64 0.11 26.59
N TRP A 111 4.77 0.20 25.58
CA TRP A 111 4.36 1.51 25.06
C TRP A 111 2.84 1.68 25.06
N GLY A 112 2.12 0.61 25.39
CA GLY A 112 0.67 0.67 25.44
C GLY A 112 0.07 1.18 24.14
N ALA A 113 -1.23 0.97 23.98
CA ALA A 113 -1.92 1.41 22.79
C ALA A 113 -1.64 2.88 22.55
N GLU A 114 -1.58 3.65 23.63
CA GLU A 114 -1.31 5.08 23.56
C GLU A 114 0.03 5.36 22.88
N GLN A 115 1.12 5.12 23.61
CA GLN A 115 2.44 5.37 23.05
C GLN A 115 2.60 4.61 21.74
N VAL A 116 2.26 3.32 21.76
CA VAL A 116 2.34 2.51 20.55
C VAL A 116 1.58 3.19 19.41
N GLN A 117 0.35 3.64 19.70
CA GLN A 117 -0.45 4.31 18.68
C GLN A 117 0.29 5.54 18.18
N ILE A 118 0.50 6.51 19.05
CA ILE A 118 1.22 7.71 18.67
C ILE A 118 2.55 7.36 18.01
N TRP A 119 3.07 6.18 18.35
CA TRP A 119 4.33 5.71 17.78
C TRP A 119 4.12 5.14 16.38
N ARG A 120 3.07 4.34 16.21
CA ARG A 120 2.79 3.70 14.93
C ARG A 120 1.92 4.55 14.01
N ARG A 121 0.84 5.12 14.56
CA ARG A 121 -0.07 5.92 13.74
C ARG A 121 0.21 7.43 13.86
N SER A 122 -0.24 8.04 14.96
CA SER A 122 -0.05 9.48 15.15
C SER A 122 -0.44 10.25 13.89
N TYR A 123 0.56 10.53 13.06
CA TYR A 123 0.37 11.24 11.80
C TYR A 123 1.69 11.83 11.31
N ASP A 124 2.39 12.54 12.19
CA ASP A 124 3.66 13.16 11.83
C ASP A 124 4.80 12.68 12.73
N ILE A 125 4.47 12.23 13.93
CA ILE A 125 5.48 11.75 14.87
C ILE A 125 5.98 10.37 14.48
N ALA A 126 7.25 10.12 14.70
CA ALA A 126 7.85 8.82 14.37
C ALA A 126 8.73 8.31 15.50
N PRO A 127 8.71 6.99 15.73
CA PRO A 127 9.52 6.36 16.79
C PRO A 127 11.00 6.68 16.62
N PRO A 128 11.81 6.40 17.65
CA PRO A 128 13.25 6.66 17.61
C PRO A 128 13.88 6.19 16.30
N ASN A 129 14.05 7.13 15.36
CA ASN A 129 14.63 6.84 14.05
C ASN A 129 13.56 6.46 13.03
N GLY A 130 12.44 5.90 13.52
CA GLY A 130 11.37 5.51 12.64
C GLY A 130 10.76 6.67 11.88
N GLU A 131 10.05 6.37 10.81
CA GLU A 131 9.41 7.39 9.99
C GLU A 131 7.95 7.57 10.37
N SER A 132 7.29 8.54 9.76
CA SER A 132 5.88 8.80 10.03
C SER A 132 5.08 8.81 8.74
N LEU A 133 3.80 9.19 8.85
CA LEU A 133 2.93 9.25 7.69
C LEU A 133 3.31 10.41 6.77
N LYS A 134 3.29 11.62 7.33
CA LYS A 134 3.64 12.81 6.55
C LYS A 134 4.98 12.62 5.83
N ASP A 135 5.97 12.09 6.55
CA ASP A 135 7.27 11.84 5.95
C ASP A 135 7.12 10.90 4.76
N THR A 136 6.65 9.68 5.04
CA THR A 136 6.42 8.69 4.01
C THR A 136 5.65 9.31 2.86
N ALA A 137 4.50 9.90 3.18
CA ALA A 137 3.70 10.56 2.16
C ALA A 137 4.55 11.56 1.39
N GLU A 138 5.11 12.52 2.13
CA GLU A 138 5.96 13.54 1.53
C GLU A 138 6.99 12.92 0.60
N ARG A 139 7.52 11.77 0.97
CA ARG A 139 8.53 11.11 0.14
C ARG A 139 7.90 10.09 -0.81
N VAL A 140 6.61 9.79 -0.63
CA VAL A 140 5.92 8.84 -1.51
C VAL A 140 5.18 9.58 -2.61
N LEU A 141 4.59 10.72 -2.25
CA LEU A 141 3.84 11.52 -3.20
C LEU A 141 4.64 11.90 -4.43
N PRO A 142 5.93 12.27 -4.26
CA PRO A 142 6.78 12.65 -5.39
C PRO A 142 6.69 11.64 -6.52
N TYR A 143 6.89 10.37 -6.18
CA TYR A 143 6.79 9.31 -7.17
C TYR A 143 5.43 9.39 -7.82
N TYR A 144 4.41 9.44 -6.97
CA TYR A 144 3.03 9.56 -7.41
C TYR A 144 2.89 10.75 -8.34
N LYS A 145 3.03 11.95 -7.81
CA LYS A 145 2.92 13.13 -8.63
C LYS A 145 3.82 13.04 -9.86
N SER A 146 5.13 12.98 -9.61
CA SER A 146 6.14 12.91 -10.66
C SER A 146 5.82 11.89 -11.75
N THR A 147 5.90 10.61 -11.42
CA THR A 147 5.67 9.57 -12.44
C THR A 147 4.29 8.94 -12.41
N ILE A 148 3.35 9.53 -11.68
CA ILE A 148 2.00 8.98 -11.64
C ILE A 148 0.94 10.04 -11.87
N VAL A 149 1.33 11.30 -12.03
CA VAL A 149 0.36 12.35 -12.28
C VAL A 149 0.08 12.56 -13.79
N PRO A 150 0.96 12.13 -14.72
CA PRO A 150 0.74 12.32 -16.15
C PRO A 150 -0.22 11.31 -16.76
N HIS A 151 -0.14 10.05 -16.32
CA HIS A 151 -1.01 9.00 -16.86
C HIS A 151 -2.39 9.02 -16.19
N ILE A 152 -2.42 9.26 -14.89
CA ILE A 152 -3.69 9.30 -14.17
C ILE A 152 -4.62 10.37 -14.75
N LEU A 153 -4.05 11.31 -15.49
CA LEU A 153 -4.83 12.38 -16.10
C LEU A 153 -5.38 11.96 -17.46
N LYS A 154 -4.63 11.12 -18.16
CA LYS A 154 -5.03 10.64 -19.48
C LYS A 154 -6.28 9.78 -19.39
N GLY A 155 -6.49 9.17 -18.22
CA GLY A 155 -7.66 8.32 -18.03
C GLY A 155 -7.29 6.85 -18.03
N GLU A 156 -6.16 6.52 -17.42
CA GLU A 156 -5.71 5.13 -17.35
C GLU A 156 -5.93 4.57 -15.94
N LYS A 157 -5.89 3.24 -15.84
CA LYS A 157 -6.08 2.58 -14.55
C LYS A 157 -4.75 1.99 -14.09
N VAL A 158 -4.47 2.09 -12.78
CA VAL A 158 -3.15 1.62 -12.30
C VAL A 158 -3.16 0.76 -11.03
N LEU A 159 -2.15 -0.13 -10.95
CA LEU A 159 -1.93 -0.99 -9.78
C LEU A 159 -1.00 -0.30 -8.80
N ILE A 160 -1.11 -0.66 -7.52
CA ILE A 160 -0.23 -0.09 -6.50
C ILE A 160 0.02 -1.08 -5.38
N ALA A 161 1.29 -1.41 -5.19
CA ALA A 161 1.70 -2.36 -4.16
C ALA A 161 2.83 -1.80 -3.30
N ALA A 162 2.49 -1.42 -2.08
CA ALA A 162 3.46 -0.87 -1.15
C ALA A 162 3.18 -1.37 0.28
N HIS A 163 2.52 -0.54 1.09
CA HIS A 163 2.20 -0.91 2.46
C HIS A 163 1.12 -0.02 3.04
N GLY A 164 0.50 -0.48 4.14
CA GLY A 164 -0.54 0.28 4.79
C GLY A 164 -0.17 1.75 4.90
N ASN A 165 1.03 2.02 5.38
CA ASN A 165 1.50 3.40 5.52
C ASN A 165 1.56 4.06 4.15
N SER A 166 2.26 3.43 3.21
CA SER A 166 2.35 3.98 1.86
C SER A 166 0.96 4.30 1.32
N LEU A 167 0.12 3.28 1.22
CA LEU A 167 -1.24 3.48 0.74
C LEU A 167 -1.96 4.48 1.63
N ARG A 168 -1.74 4.38 2.94
CA ARG A 168 -2.34 5.32 3.88
C ARG A 168 -2.02 6.74 3.43
N ALA A 169 -0.73 7.01 3.32
CA ALA A 169 -0.26 8.30 2.86
C ALA A 169 -0.88 8.62 1.51
N LEU A 170 -0.88 7.61 0.62
CA LEU A 170 -1.46 7.79 -0.70
C LEU A 170 -2.92 8.20 -0.57
N ILE A 171 -3.74 7.31 -0.02
CA ILE A 171 -5.14 7.61 0.18
C ILE A 171 -5.28 8.95 0.90
N MET A 172 -4.38 9.19 1.86
CA MET A 172 -4.36 10.45 2.59
C MET A 172 -4.33 11.62 1.62
N ASP A 173 -3.20 11.80 0.95
CA ASP A 173 -3.06 12.89 -0.01
C ASP A 173 -4.06 12.74 -1.15
N LEU A 174 -4.43 11.50 -1.45
CA LEU A 174 -5.38 11.23 -2.52
C LEU A 174 -6.79 11.65 -2.11
N GLU A 175 -7.05 11.67 -0.81
CA GLU A 175 -8.37 12.05 -0.31
C GLU A 175 -8.36 13.41 0.36
N GLY A 176 -7.18 13.91 0.70
CA GLY A 176 -7.10 15.21 1.36
C GLY A 176 -7.51 15.12 2.82
N LEU A 177 -7.17 13.99 3.43
CA LEU A 177 -7.48 13.72 4.82
C LEU A 177 -7.08 14.85 5.76
N THR A 178 -7.14 14.57 7.05
CA THR A 178 -6.74 15.53 8.07
C THR A 178 -5.88 14.81 9.12
N GLY A 179 -4.92 15.54 9.68
CA GLY A 179 -4.01 14.97 10.66
C GLY A 179 -4.68 13.99 11.63
N ASP A 180 -5.98 14.17 11.88
CA ASP A 180 -6.68 13.29 12.81
C ASP A 180 -7.81 12.52 12.11
N GLN A 181 -7.67 12.30 10.81
CA GLN A 181 -8.69 11.57 10.06
C GLN A 181 -8.09 10.46 9.18
N ILE A 182 -6.77 10.39 9.11
CA ILE A 182 -6.11 9.37 8.29
C ILE A 182 -5.64 8.21 9.16
N VAL A 183 -5.49 8.46 10.46
CA VAL A 183 -5.06 7.43 11.39
C VAL A 183 -6.23 6.54 11.82
N LYS A 184 -7.40 6.75 11.23
CA LYS A 184 -8.59 5.96 11.54
C LYS A 184 -8.97 5.05 10.38
N ARG A 185 -8.51 5.41 9.17
CA ARG A 185 -8.80 4.62 7.98
C ARG A 185 -8.40 3.16 8.19
N GLU A 186 -8.44 2.37 7.12
CA GLU A 186 -8.08 0.97 7.20
C GLU A 186 -8.07 0.31 5.83
N LEU A 187 -7.24 -0.72 5.66
CA LEU A 187 -7.14 -1.43 4.39
C LEU A 187 -7.27 -2.94 4.61
N ALA A 188 -7.15 -3.71 3.54
CA ALA A 188 -7.26 -5.16 3.62
C ALA A 188 -5.97 -5.84 3.17
N THR A 189 -5.43 -6.70 4.02
CA THR A 189 -4.20 -7.43 3.71
C THR A 189 -4.51 -8.68 2.91
N GLY A 190 -3.74 -8.91 1.85
CA GLY A 190 -3.95 -10.07 1.01
C GLY A 190 -4.92 -9.81 -0.13
N VAL A 191 -5.98 -9.06 0.17
CA VAL A 191 -6.98 -8.73 -0.84
C VAL A 191 -6.78 -7.28 -1.30
N PRO A 192 -6.56 -7.06 -2.60
CA PRO A 192 -6.34 -5.72 -3.14
C PRO A 192 -7.44 -4.75 -2.75
N ILE A 193 -7.41 -3.57 -3.35
CA ILE A 193 -8.40 -2.53 -3.07
C ILE A 193 -8.27 -1.41 -4.11
N VAL A 194 -9.34 -1.16 -4.85
CA VAL A 194 -9.31 -0.14 -5.89
C VAL A 194 -9.92 1.17 -5.45
N TYR A 195 -9.28 2.26 -5.87
CA TYR A 195 -9.75 3.61 -5.55
C TYR A 195 -10.46 4.19 -6.76
N HIS A 196 -11.53 4.94 -6.52
CA HIS A 196 -12.26 5.56 -7.62
C HIS A 196 -11.85 7.03 -7.73
N LEU A 197 -10.64 7.25 -8.24
CA LEU A 197 -10.10 8.59 -8.39
C LEU A 197 -10.66 9.29 -9.60
N ASP A 198 -10.44 10.60 -9.66
CA ASP A 198 -10.90 11.42 -10.77
C ASP A 198 -9.78 11.59 -11.79
N LYS A 199 -10.02 12.43 -12.79
CA LYS A 199 -9.03 12.70 -13.81
C LYS A 199 -7.83 13.47 -13.27
N ASP A 200 -7.91 13.90 -12.00
CA ASP A 200 -6.82 14.65 -11.38
C ASP A 200 -6.04 13.76 -10.42
N GLY A 201 -6.69 12.70 -9.93
CA GLY A 201 -6.04 11.81 -8.99
C GLY A 201 -6.63 11.87 -7.61
N LYS A 202 -7.91 12.22 -7.53
CA LYS A 202 -8.60 12.31 -6.25
C LYS A 202 -9.83 11.41 -6.22
N TYR A 203 -10.08 10.80 -5.07
CA TYR A 203 -11.22 9.91 -4.89
C TYR A 203 -12.50 10.60 -5.35
N VAL A 204 -13.43 9.83 -5.91
CA VAL A 204 -14.68 10.41 -6.38
C VAL A 204 -15.86 9.47 -6.13
N SER A 205 -15.75 8.65 -5.10
CA SER A 205 -16.82 7.72 -4.75
C SER A 205 -16.49 6.95 -3.48
N LYS A 206 -15.69 5.93 -3.63
CA LYS A 206 -15.28 5.10 -2.51
C LYS A 206 -14.48 3.90 -2.98
N GLU A 207 -13.60 3.41 -2.10
CA GLU A 207 -12.78 2.26 -2.42
C GLU A 207 -13.64 1.05 -2.78
N LEU A 208 -13.00 -0.04 -3.19
CA LEU A 208 -13.72 -1.26 -3.56
C LEU A 208 -12.79 -2.38 -3.93
N ILE A 209 -13.33 -3.59 -3.89
CA ILE A 209 -12.55 -4.77 -4.18
C ILE A 209 -13.23 -5.65 -5.24
N ASP A 210 -12.78 -6.89 -5.36
CA ASP A 210 -13.34 -7.83 -6.33
C ASP A 210 -13.86 -9.08 -5.62
N ASN A 211 -13.12 -9.54 -4.62
CA ASN A 211 -13.50 -10.73 -3.87
C ASN A 211 -14.94 -10.62 -3.38
N MET A 1 -10.29 0.54 -14.65
CA MET A 1 -9.94 0.82 -16.06
C MET A 1 -10.50 2.18 -16.51
N THR A 2 -9.73 3.23 -16.27
CA THR A 2 -10.15 4.59 -16.64
C THR A 2 -10.63 4.62 -18.09
N THR A 3 -10.12 3.69 -18.90
CA THR A 3 -10.49 3.61 -20.31
C THR A 3 -10.47 4.98 -20.99
N GLU A 4 -9.49 5.80 -20.64
CA GLU A 4 -9.35 7.13 -21.22
C GLU A 4 -10.58 7.98 -20.96
N ALA A 5 -10.36 9.16 -20.37
CA ALA A 5 -11.43 10.10 -20.05
C ALA A 5 -10.97 11.16 -19.08
N ALA A 6 -10.91 10.79 -17.82
CA ALA A 6 -10.50 11.70 -16.77
C ALA A 6 -10.38 10.97 -15.44
N PRO A 7 -11.49 10.44 -14.91
CA PRO A 7 -11.50 9.71 -13.65
C PRO A 7 -10.63 8.46 -13.70
N ASN A 8 -9.32 8.65 -13.49
CA ASN A 8 -8.38 7.53 -13.51
C ASN A 8 -8.69 6.52 -12.40
N LEU A 9 -8.55 5.24 -12.71
CA LEU A 9 -8.81 4.20 -11.73
C LEU A 9 -7.53 3.71 -11.08
N LEU A 10 -7.63 3.35 -9.80
CA LEU A 10 -6.47 2.90 -9.06
C LEU A 10 -6.80 1.83 -8.05
N VAL A 11 -6.12 0.70 -8.17
CA VAL A 11 -6.31 -0.40 -7.24
C VAL A 11 -5.12 -0.50 -6.28
N LEU A 12 -5.41 -0.78 -5.02
CA LEU A 12 -4.38 -0.92 -4.01
C LEU A 12 -4.38 -2.33 -3.43
N THR A 13 -3.25 -3.01 -3.53
CA THR A 13 -3.14 -4.38 -3.02
C THR A 13 -1.89 -4.55 -2.18
N ARG A 14 -2.02 -4.28 -0.88
CA ARG A 14 -0.90 -4.41 0.04
C ARG A 14 -0.54 -5.88 0.26
N HIS A 15 0.74 -6.19 0.22
CA HIS A 15 1.22 -7.56 0.41
C HIS A 15 0.49 -8.22 1.58
N GLY A 16 0.05 -9.46 1.38
CA GLY A 16 -0.66 -10.18 2.43
C GLY A 16 0.06 -10.10 3.76
N GLU A 17 0.85 -11.13 4.07
CA GLU A 17 1.60 -11.19 5.31
C GLU A 17 2.92 -11.92 5.11
N SER A 18 3.98 -11.36 5.68
CA SER A 18 5.31 -11.96 5.55
C SER A 18 5.65 -12.81 6.77
N GLU A 19 6.89 -13.27 6.82
CA GLU A 19 7.35 -14.10 7.92
C GLU A 19 7.38 -13.31 9.23
N TRP A 20 7.72 -12.02 9.12
CA TRP A 20 7.79 -11.15 10.30
C TRP A 20 6.39 -10.91 10.86
N ASN A 21 5.38 -11.05 10.00
CA ASN A 21 4.00 -10.85 10.41
C ASN A 21 3.55 -11.98 11.35
N LYS A 22 3.99 -13.20 11.04
CA LYS A 22 3.65 -14.35 11.85
C LYS A 22 4.25 -14.22 13.25
N LEU A 23 5.53 -13.88 13.30
CA LEU A 23 6.22 -13.72 14.58
C LEU A 23 5.58 -12.59 15.38
N ASN A 24 4.98 -11.63 14.67
CA ASN A 24 4.30 -10.51 15.30
C ASN A 24 5.30 -9.46 15.80
N LEU A 25 6.06 -8.87 14.89
CA LEU A 25 7.04 -7.85 15.25
C LEU A 25 7.00 -6.69 14.26
N PHE A 26 7.69 -5.61 14.61
CA PHE A 26 7.74 -4.43 13.75
C PHE A 26 8.58 -4.72 12.51
N THR A 27 8.11 -4.24 11.36
CA THR A 27 8.81 -4.44 10.10
C THR A 27 9.82 -3.33 9.84
N GLY A 28 9.36 -2.23 9.26
CA GLY A 28 10.24 -1.11 8.98
C GLY A 28 10.77 -1.13 7.57
N TRP A 29 12.08 -1.03 7.42
CA TRP A 29 12.72 -1.03 6.11
C TRP A 29 13.23 -2.42 5.74
N LYS A 30 13.48 -3.25 6.75
CA LYS A 30 13.97 -4.61 6.55
C LYS A 30 13.17 -5.32 5.46
N ASP A 31 13.84 -6.20 4.72
CA ASP A 31 13.19 -6.96 3.65
C ASP A 31 12.96 -8.41 4.08
N PRO A 32 11.75 -8.72 4.57
CA PRO A 32 11.40 -10.08 5.00
C PRO A 32 11.02 -10.99 3.84
N ALA A 33 10.45 -12.14 4.17
CA ALA A 33 10.05 -13.10 3.15
C ALA A 33 8.56 -13.45 3.28
N LEU A 34 7.81 -13.23 2.20
CA LEU A 34 6.38 -13.52 2.19
C LEU A 34 6.10 -14.92 2.72
N SER A 35 4.85 -15.18 3.07
CA SER A 35 4.46 -16.49 3.59
C SER A 35 3.31 -17.07 2.79
N GLU A 36 2.91 -18.29 3.14
CA GLU A 36 1.82 -18.98 2.47
C GLU A 36 0.58 -18.08 2.42
N THR A 37 0.29 -17.43 3.55
CA THR A 37 -0.84 -16.53 3.63
C THR A 37 -0.63 -15.38 2.66
N GLY A 38 0.62 -14.94 2.58
CA GLY A 38 0.96 -13.88 1.66
C GLY A 38 0.78 -14.32 0.23
N ILE A 39 1.44 -15.44 -0.11
CA ILE A 39 1.32 -15.99 -1.45
C ILE A 39 -0.15 -16.25 -1.76
N LYS A 40 -0.81 -16.93 -0.84
CA LYS A 40 -2.23 -17.22 -0.98
C LYS A 40 -3.00 -15.91 -1.09
N GLU A 41 -2.54 -14.91 -0.33
CA GLU A 41 -3.15 -13.59 -0.36
C GLU A 41 -2.98 -12.98 -1.74
N ALA A 42 -1.75 -13.03 -2.25
CA ALA A 42 -1.46 -12.51 -3.58
C ALA A 42 -2.24 -13.28 -4.62
N LYS A 43 -2.05 -14.60 -4.63
CA LYS A 43 -2.76 -15.46 -5.57
C LYS A 43 -4.25 -15.21 -5.45
N LEU A 44 -4.76 -15.31 -4.23
CA LEU A 44 -6.18 -15.06 -3.98
C LEU A 44 -6.54 -13.68 -4.48
N GLY A 45 -5.71 -12.70 -4.10
CA GLY A 45 -5.93 -11.33 -4.55
C GLY A 45 -6.07 -11.28 -6.06
N GLY A 46 -5.08 -11.81 -6.76
CA GLY A 46 -5.14 -11.84 -8.21
C GLY A 46 -6.37 -12.60 -8.68
N GLU A 47 -6.55 -13.81 -8.13
CA GLU A 47 -7.69 -14.63 -8.48
C GLU A 47 -8.98 -13.82 -8.32
N ARG A 48 -9.20 -13.31 -7.11
CA ARG A 48 -10.35 -12.48 -6.84
C ARG A 48 -10.37 -11.31 -7.82
N LEU A 49 -9.26 -10.57 -7.87
CA LEU A 49 -9.14 -9.43 -8.77
C LEU A 49 -9.68 -9.78 -10.15
N LYS A 50 -9.08 -10.79 -10.77
CA LYS A 50 -9.49 -11.24 -12.10
C LYS A 50 -10.91 -11.82 -12.07
N SER A 51 -11.36 -12.21 -10.89
CA SER A 51 -12.69 -12.81 -10.74
C SER A 51 -13.79 -11.87 -11.24
N ARG A 52 -13.96 -10.73 -10.58
CA ARG A 52 -15.00 -9.77 -10.98
C ARG A 52 -14.79 -9.33 -12.42
N GLY A 53 -13.53 -9.20 -12.81
CA GLY A 53 -13.22 -8.77 -14.17
C GLY A 53 -12.42 -7.49 -14.22
N TYR A 54 -11.56 -7.30 -13.22
CA TYR A 54 -10.74 -6.10 -13.16
C TYR A 54 -9.39 -6.33 -13.81
N LYS A 55 -9.08 -5.54 -14.83
CA LYS A 55 -7.81 -5.65 -15.54
C LYS A 55 -6.92 -4.46 -15.16
N PHE A 56 -5.62 -4.62 -15.33
CA PHE A 56 -4.70 -3.57 -14.95
C PHE A 56 -3.92 -2.98 -16.13
N ASP A 57 -3.43 -1.76 -15.90
CA ASP A 57 -2.62 -1.04 -16.88
C ASP A 57 -1.30 -0.67 -16.24
N ILE A 58 -1.36 0.01 -15.09
CA ILE A 58 -0.14 0.39 -14.37
C ILE A 58 -0.03 -0.37 -13.05
N ALA A 59 1.17 -0.83 -12.73
CA ALA A 59 1.41 -1.58 -11.50
C ALA A 59 2.48 -0.91 -10.63
N PHE A 60 2.08 -0.46 -9.44
CA PHE A 60 3.01 0.19 -8.53
C PHE A 60 3.20 -0.61 -7.25
N THR A 61 4.43 -1.03 -7.00
CA THR A 61 4.71 -1.79 -5.79
C THR A 61 5.94 -1.24 -5.06
N SER A 62 6.06 -1.55 -3.77
CA SER A 62 7.22 -1.09 -3.02
C SER A 62 8.46 -1.76 -3.55
N ALA A 63 9.59 -1.06 -3.51
CA ALA A 63 10.85 -1.63 -4.00
C ALA A 63 11.16 -2.94 -3.27
N LEU A 64 10.55 -3.12 -2.10
CA LEU A 64 10.77 -4.33 -1.29
C LEU A 64 10.42 -5.59 -2.07
N GLN A 65 11.22 -6.63 -1.86
CA GLN A 65 11.02 -7.92 -2.53
C GLN A 65 9.57 -8.38 -2.33
N ARG A 66 9.05 -8.15 -1.13
CA ARG A 66 7.68 -8.53 -0.80
C ARG A 66 6.73 -8.01 -1.88
N ALA A 67 6.59 -6.69 -1.94
CA ALA A 67 5.74 -6.07 -2.93
C ALA A 67 6.16 -6.52 -4.31
N GLN A 68 7.48 -6.66 -4.51
CA GLN A 68 8.00 -7.13 -5.79
C GLN A 68 7.38 -8.46 -6.14
N LYS A 69 7.34 -9.34 -5.14
CA LYS A 69 6.76 -10.65 -5.31
C LYS A 69 5.25 -10.54 -5.40
N THR A 70 4.68 -9.72 -4.53
CA THR A 70 3.25 -9.51 -4.52
C THR A 70 2.77 -9.02 -5.88
N CYS A 71 3.63 -8.29 -6.58
CA CYS A 71 3.30 -7.78 -7.90
C CYS A 71 3.26 -8.90 -8.93
N GLN A 72 4.41 -9.52 -9.18
CA GLN A 72 4.53 -10.61 -10.14
C GLN A 72 3.42 -11.64 -9.93
N ILE A 73 3.27 -12.09 -8.69
CA ILE A 73 2.25 -13.08 -8.36
C ILE A 73 0.86 -12.60 -8.80
N ILE A 74 0.38 -11.55 -8.15
CA ILE A 74 -0.93 -11.00 -8.48
C ILE A 74 -1.04 -10.68 -9.97
N LEU A 75 0.00 -10.03 -10.50
CA LEU A 75 0.03 -9.68 -11.92
C LEU A 75 -0.05 -10.93 -12.77
N GLU A 76 0.76 -11.92 -12.43
CA GLU A 76 0.78 -13.18 -13.16
C GLU A 76 -0.50 -13.98 -12.89
N GLU A 77 -1.12 -13.72 -11.75
CA GLU A 77 -2.35 -14.40 -11.38
C GLU A 77 -3.53 -13.73 -12.06
N VAL A 78 -3.48 -12.40 -12.15
CA VAL A 78 -4.54 -11.63 -12.80
C VAL A 78 -4.48 -11.80 -14.31
N GLY A 79 -3.29 -12.14 -14.82
CA GLY A 79 -3.12 -12.34 -16.24
C GLY A 79 -2.80 -11.06 -16.98
N GLU A 80 -2.04 -10.17 -16.35
CA GLU A 80 -1.66 -8.92 -16.98
C GLU A 80 -0.31 -8.41 -16.49
N PRO A 81 0.76 -9.23 -16.60
CA PRO A 81 2.10 -8.83 -16.18
C PRO A 81 2.78 -7.91 -17.18
N ASN A 82 2.63 -8.23 -18.46
CA ASN A 82 3.23 -7.44 -19.54
C ASN A 82 2.99 -5.95 -19.33
N LEU A 83 1.86 -5.60 -18.72
CA LEU A 83 1.53 -4.21 -18.47
C LEU A 83 2.68 -3.49 -17.77
N GLU A 84 2.48 -2.22 -17.45
CA GLU A 84 3.51 -1.43 -16.79
C GLU A 84 3.65 -1.82 -15.32
N THR A 85 4.64 -2.66 -15.03
CA THR A 85 4.90 -3.11 -13.67
C THR A 85 6.09 -2.36 -13.09
N ILE A 86 5.82 -1.38 -12.25
CA ILE A 86 6.88 -0.59 -11.66
C ILE A 86 6.77 -0.57 -10.13
N LYS A 87 7.91 -0.31 -9.48
CA LYS A 87 7.95 -0.26 -8.03
C LYS A 87 8.76 0.95 -7.56
N SER A 88 8.47 1.40 -6.35
CA SER A 88 9.18 2.56 -5.80
C SER A 88 9.82 2.24 -4.46
N GLU A 89 10.99 2.83 -4.22
CA GLU A 89 11.71 2.62 -2.97
C GLU A 89 11.04 3.43 -1.86
N LYS A 90 10.48 4.56 -2.24
CA LYS A 90 9.79 5.42 -1.30
C LYS A 90 8.45 4.81 -0.91
N LEU A 91 7.99 3.82 -1.68
CA LEU A 91 6.72 3.16 -1.39
C LEU A 91 6.87 2.27 -0.16
N ASN A 92 8.09 1.83 0.09
CA ASN A 92 8.38 0.97 1.23
C ASN A 92 7.66 1.44 2.49
N GLU A 93 7.56 0.55 3.47
CA GLU A 93 6.88 0.88 4.73
C GLU A 93 7.66 1.94 5.50
N ARG A 94 6.92 2.71 6.30
CA ARG A 94 7.55 3.76 7.11
C ARG A 94 8.66 3.18 7.98
N TYR A 95 9.77 3.92 8.09
CA TYR A 95 10.90 3.47 8.89
C TYR A 95 10.54 3.50 10.38
N TYR A 96 10.76 2.38 11.07
CA TYR A 96 10.44 2.28 12.48
C TYR A 96 11.67 2.49 13.36
N GLY A 97 12.65 3.21 12.85
CA GLY A 97 13.86 3.49 13.62
C GLY A 97 14.41 2.26 14.33
N ASP A 98 14.26 2.22 15.65
CA ASP A 98 14.75 1.11 16.45
C ASP A 98 13.63 0.17 16.87
N LEU A 99 12.46 0.31 16.27
CA LEU A 99 11.31 -0.54 16.59
C LEU A 99 11.35 -1.81 15.73
N GLN A 100 11.93 -1.70 14.55
CA GLN A 100 12.03 -2.82 13.63
C GLN A 100 12.49 -4.09 14.35
N GLY A 101 11.56 -5.02 14.56
CA GLY A 101 11.89 -6.26 15.24
C GLY A 101 11.17 -6.43 16.57
N LEU A 102 10.64 -5.32 17.09
CA LEU A 102 9.93 -5.34 18.35
C LEU A 102 8.60 -6.06 18.22
N ASN A 103 8.41 -7.09 19.03
CA ASN A 103 7.17 -7.86 19.00
C ASN A 103 5.98 -6.96 19.29
N LYS A 104 4.98 -7.00 18.42
CA LYS A 104 3.77 -6.20 18.58
C LYS A 104 3.24 -6.32 20.01
N ASP A 105 3.28 -7.54 20.55
CA ASP A 105 2.82 -7.77 21.90
C ASP A 105 3.73 -7.05 22.89
N ASP A 106 5.03 -7.24 22.73
CA ASP A 106 5.99 -6.59 23.59
C ASP A 106 5.80 -5.08 23.51
N ALA A 107 5.77 -4.58 22.28
CA ALA A 107 5.58 -3.15 22.05
C ALA A 107 4.23 -2.72 22.62
N ARG A 108 3.19 -3.47 22.28
CA ARG A 108 1.84 -3.20 22.76
C ARG A 108 1.73 -3.49 24.26
N LYS A 109 2.76 -4.12 24.82
CA LYS A 109 2.78 -4.43 26.25
C LYS A 109 3.59 -3.41 27.03
N LYS A 110 4.72 -3.00 26.46
CA LYS A 110 5.58 -2.02 27.11
C LYS A 110 5.12 -0.59 26.80
N TRP A 111 4.65 -0.37 25.58
CA TRP A 111 4.18 0.94 25.16
C TRP A 111 2.65 1.03 25.20
N GLY A 112 2.00 -0.11 25.44
CA GLY A 112 0.56 -0.14 25.51
C GLY A 112 -0.10 0.41 24.27
N ALA A 113 -1.36 0.04 24.05
CA ALA A 113 -2.10 0.52 22.89
C ALA A 113 -1.93 2.03 22.72
N GLU A 114 -1.90 2.73 23.84
CA GLU A 114 -1.73 4.18 23.84
C GLU A 114 -0.41 4.58 23.16
N GLN A 115 0.70 4.41 23.88
CA GLN A 115 1.99 4.77 23.33
C GLN A 115 2.19 4.08 21.99
N VAL A 116 1.91 2.77 21.96
CA VAL A 116 2.04 2.01 20.72
C VAL A 116 1.21 2.66 19.62
N GLN A 117 0.00 3.10 19.96
CA GLN A 117 -0.85 3.77 18.99
C GLN A 117 -0.14 5.00 18.47
N ILE A 118 0.08 5.97 19.36
CA ILE A 118 0.78 7.20 18.98
C ILE A 118 2.09 6.86 18.28
N TRP A 119 2.63 5.67 18.55
CA TRP A 119 3.88 5.23 17.94
C TRP A 119 3.65 4.62 16.56
N ARG A 120 3.08 3.41 16.54
CA ARG A 120 2.82 2.69 15.30
C ARG A 120 1.77 3.39 14.43
N ARG A 121 0.82 4.08 15.06
CA ARG A 121 -0.21 4.77 14.29
C ARG A 121 0.15 6.24 14.07
N SER A 122 -0.26 7.10 14.98
CA SER A 122 0.04 8.54 14.86
C SER A 122 -0.23 9.04 13.44
N TYR A 123 0.16 10.27 13.16
CA TYR A 123 -0.05 10.84 11.83
C TYR A 123 1.22 11.52 11.30
N ASP A 124 1.77 12.45 12.10
CA ASP A 124 2.97 13.18 11.68
C ASP A 124 4.19 12.75 12.50
N ILE A 125 3.95 12.32 13.73
CA ILE A 125 5.04 11.89 14.61
C ILE A 125 5.34 10.42 14.43
N ALA A 126 6.54 10.01 14.84
CA ALA A 126 6.96 8.61 14.71
C ALA A 126 7.84 8.18 15.88
N PRO A 127 8.12 6.87 15.99
CA PRO A 127 8.96 6.33 17.06
C PRO A 127 10.41 6.76 16.96
N PRO A 128 11.24 6.44 17.96
CA PRO A 128 12.66 6.80 17.96
C PRO A 128 13.30 6.54 16.61
N ASN A 129 13.41 7.59 15.79
CA ASN A 129 13.98 7.48 14.46
C ASN A 129 13.00 6.80 13.52
N GLY A 130 12.97 7.25 12.27
CA GLY A 130 12.06 6.66 11.30
C GLY A 130 11.18 7.69 10.63
N GLU A 131 9.97 7.28 10.27
CA GLU A 131 9.02 8.16 9.61
C GLU A 131 7.63 7.99 10.21
N SER A 132 6.70 8.83 9.74
CA SER A 132 5.32 8.76 10.25
C SER A 132 4.34 8.58 9.10
N LEU A 133 3.95 9.69 8.48
CA LEU A 133 3.02 9.66 7.37
C LEU A 133 3.32 10.81 6.42
N LYS A 134 3.23 12.04 6.92
CA LYS A 134 3.52 13.22 6.11
C LYS A 134 4.89 13.06 5.47
N ASP A 135 5.82 12.46 6.22
CA ASP A 135 7.17 12.21 5.73
C ASP A 135 7.11 11.17 4.63
N THR A 136 6.53 10.01 4.97
CA THR A 136 6.39 8.93 4.01
C THR A 136 5.76 9.47 2.74
N ALA A 137 4.69 10.24 2.89
CA ALA A 137 4.03 10.86 1.76
C ALA A 137 4.99 11.86 1.11
N GLU A 138 5.66 12.63 1.97
CA GLU A 138 6.62 13.63 1.50
C GLU A 138 7.71 12.97 0.65
N ARG A 139 7.88 11.66 0.83
CA ARG A 139 8.88 10.92 0.06
C ARG A 139 8.22 9.95 -0.92
N VAL A 140 6.94 9.67 -0.71
CA VAL A 140 6.19 8.77 -1.58
C VAL A 140 5.39 9.55 -2.61
N LEU A 141 4.65 10.54 -2.13
CA LEU A 141 3.81 11.36 -3.00
C LEU A 141 4.57 11.84 -4.23
N PRO A 142 5.81 12.34 -4.07
CA PRO A 142 6.59 12.80 -5.20
C PRO A 142 6.62 11.76 -6.30
N TYR A 143 6.93 10.52 -5.92
CA TYR A 143 6.93 9.42 -6.87
C TYR A 143 5.56 9.37 -7.52
N TYR A 144 4.54 9.40 -6.67
CA TYR A 144 3.17 9.40 -7.12
C TYR A 144 2.94 10.54 -8.10
N LYS A 145 2.91 11.76 -7.58
CA LYS A 145 2.71 12.92 -8.45
C LYS A 145 3.61 12.84 -9.69
N SER A 146 4.92 12.78 -9.44
CA SER A 146 5.92 12.73 -10.50
C SER A 146 5.63 11.67 -11.57
N THR A 147 5.74 10.39 -11.22
CA THR A 147 5.55 9.33 -12.21
C THR A 147 4.15 8.72 -12.21
N ILE A 148 3.21 9.28 -11.47
CA ILE A 148 1.86 8.73 -11.47
C ILE A 148 0.83 9.74 -11.97
N VAL A 149 1.23 11.00 -12.10
CA VAL A 149 0.31 12.01 -12.59
C VAL A 149 0.07 11.93 -14.11
N PRO A 150 1.04 11.41 -14.91
CA PRO A 150 0.87 11.33 -16.37
C PRO A 150 0.10 10.10 -16.85
N HIS A 151 0.57 8.90 -16.51
CA HIS A 151 -0.09 7.68 -16.97
C HIS A 151 -1.53 7.59 -16.46
N ILE A 152 -1.87 8.41 -15.47
CA ILE A 152 -3.23 8.42 -14.94
C ILE A 152 -4.12 9.34 -15.78
N LEU A 153 -3.50 10.32 -16.42
CA LEU A 153 -4.22 11.27 -17.26
C LEU A 153 -4.08 10.92 -18.73
N LYS A 154 -3.76 9.67 -19.02
CA LYS A 154 -3.60 9.22 -20.40
C LYS A 154 -4.73 8.29 -20.82
N GLY A 155 -5.09 7.36 -19.93
CA GLY A 155 -6.16 6.43 -20.21
C GLY A 155 -5.87 5.04 -19.68
N GLU A 156 -5.34 4.98 -18.46
CA GLU A 156 -5.02 3.72 -17.82
C GLU A 156 -5.16 3.84 -16.30
N LYS A 157 -5.33 2.71 -15.62
CA LYS A 157 -5.45 2.73 -14.17
C LYS A 157 -4.15 2.31 -13.53
N VAL A 158 -4.14 2.17 -12.20
CA VAL A 158 -2.91 1.75 -11.54
C VAL A 158 -3.10 0.88 -10.29
N LEU A 159 -2.17 -0.08 -10.15
CA LEU A 159 -2.12 -0.99 -9.00
C LEU A 159 -1.15 -0.42 -7.99
N ILE A 160 -1.46 -0.54 -6.71
CA ILE A 160 -0.57 -0.04 -5.68
C ILE A 160 -0.37 -1.07 -4.56
N ALA A 161 0.87 -1.56 -4.46
CA ALA A 161 1.21 -2.55 -3.44
C ALA A 161 2.41 -2.08 -2.63
N ALA A 162 2.15 -1.52 -1.46
CA ALA A 162 3.21 -1.04 -0.59
C ALA A 162 2.94 -1.40 0.87
N HIS A 163 2.43 -0.45 1.66
CA HIS A 163 2.15 -0.69 3.07
C HIS A 163 1.15 0.31 3.61
N GLY A 164 0.54 -0.04 4.74
CA GLY A 164 -0.43 0.84 5.37
C GLY A 164 0.00 2.29 5.33
N ASN A 165 1.19 2.57 5.84
CA ASN A 165 1.72 3.93 5.84
C ASN A 165 1.78 4.47 4.42
N SER A 166 2.48 3.76 3.52
CA SER A 166 2.58 4.20 2.14
C SER A 166 1.18 4.48 1.58
N LEU A 167 0.32 3.48 1.63
CA LEU A 167 -1.05 3.65 1.16
C LEU A 167 -1.69 4.81 1.91
N ARG A 168 -1.35 4.93 3.19
CA ARG A 168 -1.85 6.02 4.00
C ARG A 168 -1.50 7.33 3.31
N ALA A 169 -0.21 7.47 3.04
CA ALA A 169 0.30 8.66 2.37
C ALA A 169 -0.43 8.90 1.05
N LEU A 170 -0.49 7.87 0.19
CA LEU A 170 -1.19 8.05 -1.08
C LEU A 170 -2.67 8.27 -0.83
N ILE A 171 -3.32 7.26 -0.28
CA ILE A 171 -4.74 7.33 0.00
C ILE A 171 -5.11 8.67 0.64
N MET A 172 -4.35 9.09 1.66
CA MET A 172 -4.59 10.36 2.31
C MET A 172 -4.31 11.51 1.35
N ASP A 173 -3.27 11.36 0.54
CA ASP A 173 -2.92 12.37 -0.43
C ASP A 173 -3.97 12.46 -1.53
N LEU A 174 -4.57 11.31 -1.85
CA LEU A 174 -5.59 11.26 -2.88
C LEU A 174 -6.94 11.66 -2.31
N GLU A 175 -7.28 11.10 -1.16
CA GLU A 175 -8.55 11.40 -0.49
C GLU A 175 -8.49 12.75 0.22
N GLY A 176 -7.28 13.24 0.48
CA GLY A 176 -7.12 14.51 1.16
C GLY A 176 -7.47 14.42 2.62
N LEU A 177 -7.29 13.24 3.20
CA LEU A 177 -7.59 13.01 4.61
C LEU A 177 -6.92 14.05 5.49
N THR A 178 -7.08 13.91 6.80
CA THR A 178 -6.49 14.84 7.75
C THR A 178 -5.53 14.12 8.70
N GLY A 179 -5.26 14.72 9.85
CA GLY A 179 -4.36 14.13 10.81
C GLY A 179 -5.05 13.12 11.72
N ASP A 180 -6.32 13.37 12.02
CA ASP A 180 -7.09 12.48 12.89
C ASP A 180 -8.11 11.68 12.09
N GLN A 181 -7.86 11.52 10.80
CA GLN A 181 -8.76 10.77 9.93
C GLN A 181 -8.01 9.67 9.19
N ILE A 182 -6.81 10.00 8.71
CA ILE A 182 -5.99 9.05 7.98
C ILE A 182 -5.35 8.04 8.92
N VAL A 183 -5.28 8.38 10.21
CA VAL A 183 -4.68 7.50 11.20
C VAL A 183 -5.59 6.30 11.52
N LYS A 184 -6.77 6.25 10.89
CA LYS A 184 -7.69 5.14 11.12
C LYS A 184 -7.79 4.24 9.88
N ARG A 185 -7.42 4.77 8.72
CA ARG A 185 -7.47 4.01 7.48
C ARG A 185 -6.79 2.65 7.65
N GLU A 186 -7.34 1.63 6.99
CA GLU A 186 -6.79 0.28 7.08
C GLU A 186 -7.27 -0.57 5.91
N LEU A 187 -6.50 -1.62 5.61
CA LEU A 187 -6.84 -2.52 4.50
C LEU A 187 -6.97 -3.95 5.01
N ALA A 188 -7.11 -4.90 4.08
CA ALA A 188 -7.25 -6.31 4.44
C ALA A 188 -6.07 -7.12 3.94
N THR A 189 -4.92 -6.47 3.83
CA THR A 189 -3.68 -7.10 3.37
C THR A 189 -3.90 -8.16 2.30
N GLY A 190 -3.61 -7.80 1.06
CA GLY A 190 -3.77 -8.74 -0.04
C GLY A 190 -4.92 -8.37 -0.96
N VAL A 191 -6.05 -8.00 -0.36
CA VAL A 191 -7.23 -7.63 -1.11
C VAL A 191 -7.01 -6.33 -1.90
N PRO A 192 -6.99 -6.40 -3.25
CA PRO A 192 -6.78 -5.23 -4.09
C PRO A 192 -7.97 -4.27 -4.07
N ILE A 193 -7.86 -3.22 -3.25
CA ILE A 193 -8.94 -2.24 -3.13
C ILE A 193 -8.89 -1.23 -4.26
N VAL A 194 -10.01 -1.09 -4.97
CA VAL A 194 -10.11 -0.18 -6.10
C VAL A 194 -10.54 1.22 -5.65
N TYR A 195 -9.94 2.25 -6.22
CA TYR A 195 -10.28 3.62 -5.88
C TYR A 195 -10.54 4.46 -7.13
N HIS A 196 -11.64 5.19 -7.13
CA HIS A 196 -11.99 6.04 -8.26
C HIS A 196 -11.30 7.40 -8.11
N LEU A 197 -10.34 7.68 -8.97
CA LEU A 197 -9.60 8.94 -8.92
C LEU A 197 -9.93 9.82 -10.11
N ASP A 198 -9.94 11.13 -9.88
CA ASP A 198 -10.25 12.09 -10.93
C ASP A 198 -9.08 12.25 -11.90
N LYS A 199 -9.26 13.12 -12.88
CA LYS A 199 -8.24 13.38 -13.87
C LYS A 199 -7.06 14.14 -13.28
N ASP A 200 -7.19 14.58 -12.03
CA ASP A 200 -6.12 15.31 -11.36
C ASP A 200 -5.34 14.40 -10.42
N GLY A 201 -5.98 13.30 -10.00
CA GLY A 201 -5.33 12.38 -9.10
C GLY A 201 -5.89 12.43 -7.70
N LYS A 202 -7.21 12.38 -7.59
CA LYS A 202 -7.88 12.42 -6.30
C LYS A 202 -9.15 11.58 -6.31
N TYR A 203 -9.43 10.93 -5.18
CA TYR A 203 -10.61 10.09 -5.06
C TYR A 203 -11.86 10.85 -5.54
N VAL A 204 -12.75 10.15 -6.23
CA VAL A 204 -13.97 10.75 -6.73
C VAL A 204 -15.15 9.80 -6.59
N SER A 205 -14.99 8.80 -5.73
CA SER A 205 -16.03 7.81 -5.49
C SER A 205 -15.68 6.95 -4.29
N LYS A 206 -16.24 5.75 -4.22
CA LYS A 206 -15.96 4.85 -3.11
C LYS A 206 -15.23 3.61 -3.58
N GLU A 207 -14.34 3.12 -2.72
CA GLU A 207 -13.56 1.93 -3.04
C GLU A 207 -14.30 0.67 -2.65
N LEU A 208 -13.85 -0.48 -3.16
CA LEU A 208 -14.49 -1.75 -2.86
C LEU A 208 -13.56 -2.93 -3.07
N ILE A 209 -13.73 -3.94 -2.23
CA ILE A 209 -12.93 -5.15 -2.31
C ILE A 209 -13.78 -6.36 -2.70
N ASP A 210 -13.13 -7.38 -3.26
CA ASP A 210 -13.80 -8.60 -3.68
C ASP A 210 -14.86 -9.05 -2.68
N ASN A 211 -14.48 -9.09 -1.41
CA ASN A 211 -15.40 -9.52 -0.35
C ASN A 211 -16.74 -8.82 -0.47
N MET A 1 -9.06 -0.06 -16.24
CA MET A 1 -10.46 0.25 -16.58
C MET A 1 -10.56 1.57 -17.33
N THR A 2 -9.70 2.52 -16.98
CA THR A 2 -9.69 3.83 -17.62
C THR A 2 -9.84 3.71 -19.14
N THR A 3 -10.59 4.64 -19.73
CA THR A 3 -10.82 4.65 -21.17
C THR A 3 -11.41 5.99 -21.61
N GLU A 4 -12.36 6.50 -20.84
CA GLU A 4 -12.99 7.78 -21.15
C GLU A 4 -12.03 8.95 -20.93
N ALA A 5 -10.93 8.69 -20.21
CA ALA A 5 -9.94 9.72 -19.94
C ALA A 5 -10.45 10.70 -18.88
N ALA A 6 -10.90 10.17 -17.75
CA ALA A 6 -11.41 11.00 -16.67
C ALA A 6 -11.58 10.18 -15.38
N PRO A 7 -12.51 9.21 -15.39
CA PRO A 7 -12.76 8.36 -14.22
C PRO A 7 -11.64 7.35 -13.99
N ASN A 8 -10.43 7.85 -13.76
CA ASN A 8 -9.26 6.99 -13.55
C ASN A 8 -9.51 6.02 -12.40
N LEU A 9 -9.04 4.78 -12.55
CA LEU A 9 -9.23 3.76 -11.52
C LEU A 9 -7.90 3.37 -10.85
N LEU A 10 -7.96 3.26 -9.53
CA LEU A 10 -6.78 2.91 -8.74
C LEU A 10 -7.04 1.73 -7.82
N VAL A 11 -6.12 0.76 -7.83
CA VAL A 11 -6.25 -0.40 -6.96
C VAL A 11 -5.07 -0.50 -6.00
N LEU A 12 -5.41 -0.75 -4.74
CA LEU A 12 -4.41 -0.89 -3.68
C LEU A 12 -4.36 -2.33 -3.20
N THR A 13 -3.17 -2.92 -3.23
CA THR A 13 -3.01 -4.30 -2.80
C THR A 13 -1.88 -4.45 -1.78
N ARG A 14 -2.26 -4.59 -0.51
CA ARG A 14 -1.29 -4.76 0.56
C ARG A 14 -0.83 -6.20 0.66
N HIS A 15 0.48 -6.41 0.59
CA HIS A 15 1.04 -7.76 0.68
C HIS A 15 0.39 -8.55 1.81
N GLY A 16 0.26 -9.86 1.60
CA GLY A 16 -0.36 -10.71 2.60
C GLY A 16 0.40 -10.71 3.91
N GLU A 17 0.69 -11.89 4.43
CA GLU A 17 1.43 -12.03 5.68
C GLU A 17 2.78 -12.69 5.45
N SER A 18 3.82 -12.11 6.00
CA SER A 18 5.17 -12.64 5.85
C SER A 18 5.61 -13.36 7.12
N GLU A 19 6.79 -13.98 7.07
CA GLU A 19 7.32 -14.70 8.22
C GLU A 19 7.26 -13.84 9.47
N TRP A 20 7.27 -12.53 9.29
CA TRP A 20 7.22 -11.60 10.41
C TRP A 20 5.92 -11.77 11.20
N ASN A 21 4.91 -12.36 10.56
CA ASN A 21 3.63 -12.59 11.22
C ASN A 21 3.74 -13.73 12.24
N LYS A 22 4.23 -14.88 11.78
CA LYS A 22 4.39 -16.04 12.66
C LYS A 22 5.17 -15.64 13.91
N LEU A 23 6.14 -14.75 13.74
CA LEU A 23 6.96 -14.28 14.85
C LEU A 23 6.22 -13.23 15.67
N ASN A 24 5.39 -12.45 14.98
CA ASN A 24 4.61 -11.40 15.64
C ASN A 24 5.49 -10.22 16.03
N LEU A 25 6.17 -9.65 15.06
CA LEU A 25 7.05 -8.50 15.30
C LEU A 25 6.93 -7.48 14.18
N PHE A 26 7.53 -6.31 14.39
CA PHE A 26 7.50 -5.25 13.40
C PHE A 26 8.53 -5.52 12.29
N THR A 27 8.72 -4.55 11.40
CA THR A 27 9.67 -4.69 10.30
C THR A 27 10.37 -3.35 10.03
N GLY A 28 9.70 -2.49 9.27
CA GLY A 28 10.27 -1.20 8.95
C GLY A 28 10.76 -1.11 7.52
N TRP A 29 12.07 -1.24 7.34
CA TRP A 29 12.67 -1.18 6.01
C TRP A 29 13.22 -2.53 5.60
N LYS A 30 13.67 -3.32 6.57
CA LYS A 30 14.22 -4.65 6.30
C LYS A 30 13.30 -5.45 5.38
N ASP A 31 13.89 -6.33 4.58
CA ASP A 31 13.12 -7.15 3.65
C ASP A 31 12.94 -8.57 4.19
N PRO A 32 11.76 -8.86 4.77
CA PRO A 32 11.46 -10.18 5.32
C PRO A 32 11.09 -11.19 4.23
N ALA A 33 10.55 -12.34 4.64
CA ALA A 33 10.16 -13.37 3.68
C ALA A 33 8.67 -13.69 3.79
N LEU A 34 7.97 -13.55 2.67
CA LEU A 34 6.53 -13.82 2.64
C LEU A 34 6.25 -15.25 3.10
N SER A 35 4.97 -15.56 3.31
CA SER A 35 4.57 -16.89 3.76
C SER A 35 3.50 -17.47 2.85
N GLU A 36 3.21 -18.76 3.07
CA GLU A 36 2.19 -19.45 2.28
C GLU A 36 0.89 -18.67 2.29
N THR A 37 0.53 -18.13 3.46
CA THR A 37 -0.69 -17.34 3.58
C THR A 37 -0.54 -16.10 2.73
N GLY A 38 0.67 -15.55 2.71
CA GLY A 38 0.93 -14.38 1.90
C GLY A 38 0.82 -14.70 0.42
N ILE A 39 1.59 -15.71 0.00
CA ILE A 39 1.53 -16.15 -1.39
C ILE A 39 0.11 -16.54 -1.74
N LYS A 40 -0.46 -17.40 -0.89
CA LYS A 40 -1.84 -17.84 -1.07
C LYS A 40 -2.74 -16.62 -1.10
N GLU A 41 -2.41 -15.63 -0.25
CA GLU A 41 -3.17 -14.40 -0.19
C GLU A 41 -3.03 -13.67 -1.51
N ALA A 42 -1.81 -13.59 -2.01
CA ALA A 42 -1.54 -12.94 -3.29
C ALA A 42 -2.29 -13.67 -4.39
N LYS A 43 -2.11 -14.99 -4.46
CA LYS A 43 -2.79 -15.80 -5.46
C LYS A 43 -4.28 -15.53 -5.40
N LEU A 44 -4.86 -15.74 -4.22
CA LEU A 44 -6.28 -15.49 -4.01
C LEU A 44 -6.59 -14.05 -4.38
N GLY A 45 -5.71 -13.15 -3.94
CA GLY A 45 -5.88 -11.74 -4.26
C GLY A 45 -6.04 -11.54 -5.75
N GLY A 46 -5.02 -11.96 -6.51
CA GLY A 46 -5.11 -11.85 -7.96
C GLY A 46 -6.26 -12.66 -8.51
N GLU A 47 -6.26 -13.96 -8.21
CA GLU A 47 -7.33 -14.84 -8.66
C GLU A 47 -8.69 -14.22 -8.36
N ARG A 48 -8.76 -13.48 -7.26
CA ARG A 48 -9.99 -12.81 -6.86
C ARG A 48 -10.09 -11.47 -7.57
N LEU A 49 -8.93 -10.88 -7.87
CA LEU A 49 -8.88 -9.60 -8.56
C LEU A 49 -9.36 -9.74 -10.01
N LYS A 50 -8.75 -10.67 -10.74
CA LYS A 50 -9.11 -10.90 -12.14
C LYS A 50 -10.42 -11.68 -12.23
N SER A 51 -10.76 -12.41 -11.18
CA SER A 51 -11.99 -13.20 -11.14
C SER A 51 -13.21 -12.35 -11.49
N ARG A 52 -13.54 -11.41 -10.60
CA ARG A 52 -14.69 -10.53 -10.81
C ARG A 52 -14.62 -9.87 -12.19
N GLY A 53 -13.43 -9.44 -12.58
CA GLY A 53 -13.26 -8.80 -13.87
C GLY A 53 -12.53 -7.47 -13.77
N TYR A 54 -11.55 -7.40 -12.88
CA TYR A 54 -10.77 -6.18 -12.69
C TYR A 54 -9.41 -6.31 -13.37
N LYS A 55 -9.11 -5.36 -14.27
CA LYS A 55 -7.85 -5.37 -15.00
C LYS A 55 -6.97 -4.22 -14.58
N PHE A 56 -5.75 -4.23 -15.09
CA PHE A 56 -4.79 -3.19 -14.75
C PHE A 56 -4.27 -2.44 -15.98
N ASP A 57 -3.64 -1.32 -15.69
CA ASP A 57 -3.03 -0.46 -16.71
C ASP A 57 -1.59 -0.17 -16.29
N ILE A 58 -1.45 0.24 -15.03
CA ILE A 58 -0.16 0.53 -14.45
C ILE A 58 -0.01 -0.21 -13.12
N ALA A 59 1.22 -0.56 -12.76
CA ALA A 59 1.44 -1.26 -11.50
C ALA A 59 2.46 -0.54 -10.63
N PHE A 60 2.08 -0.27 -9.38
CA PHE A 60 2.96 0.42 -8.44
C PHE A 60 3.25 -0.43 -7.22
N THR A 61 4.45 -0.98 -7.14
CA THR A 61 4.81 -1.80 -5.99
C THR A 61 5.98 -1.17 -5.22
N SER A 62 6.14 -1.57 -3.96
CA SER A 62 7.22 -1.05 -3.14
C SER A 62 8.54 -1.68 -3.57
N ALA A 63 9.64 -1.20 -2.99
CA ALA A 63 10.96 -1.74 -3.33
C ALA A 63 11.31 -2.91 -2.41
N LEU A 64 10.30 -3.51 -1.78
CA LEU A 64 10.51 -4.64 -0.88
C LEU A 64 10.24 -5.97 -1.58
N GLN A 65 11.09 -6.95 -1.32
CA GLN A 65 10.93 -8.27 -1.92
C GLN A 65 9.51 -8.77 -1.75
N ARG A 66 8.92 -8.46 -0.59
CA ARG A 66 7.55 -8.87 -0.31
C ARG A 66 6.63 -8.37 -1.41
N ALA A 67 6.63 -7.05 -1.59
CA ALA A 67 5.82 -6.43 -2.62
C ALA A 67 6.22 -6.97 -3.98
N GLN A 68 7.52 -7.25 -4.16
CA GLN A 68 8.01 -7.80 -5.42
C GLN A 68 7.43 -9.19 -5.60
N LYS A 69 7.32 -9.89 -4.48
CA LYS A 69 6.77 -11.23 -4.45
C LYS A 69 5.28 -11.18 -4.66
N THR A 70 4.65 -10.22 -4.00
CA THR A 70 3.21 -10.04 -4.09
C THR A 70 2.82 -9.47 -5.45
N CYS A 71 3.76 -8.81 -6.12
CA CYS A 71 3.50 -8.22 -7.42
C CYS A 71 3.62 -9.28 -8.53
N GLN A 72 4.71 -10.06 -8.48
CA GLN A 72 4.96 -11.09 -9.47
C GLN A 72 3.73 -11.97 -9.67
N ILE A 73 3.42 -12.79 -8.66
CA ILE A 73 2.27 -13.67 -8.72
C ILE A 73 1.00 -12.92 -9.14
N ILE A 74 0.56 -12.00 -8.30
CA ILE A 74 -0.63 -11.21 -8.58
C ILE A 74 -0.59 -10.65 -10.00
N LEU A 75 0.54 -10.04 -10.37
CA LEU A 75 0.66 -9.48 -11.70
C LEU A 75 0.59 -10.59 -12.74
N GLU A 76 1.48 -11.55 -12.63
CA GLU A 76 1.51 -12.65 -13.57
C GLU A 76 0.18 -13.39 -13.58
N GLU A 77 -0.62 -13.20 -12.54
CA GLU A 77 -1.92 -13.85 -12.45
C GLU A 77 -3.06 -12.87 -12.69
N VAL A 78 -2.74 -11.60 -12.86
CA VAL A 78 -3.76 -10.57 -13.09
C VAL A 78 -3.18 -9.29 -13.65
N GLY A 79 -2.02 -8.93 -13.15
CA GLY A 79 -1.39 -7.69 -13.54
C GLY A 79 -1.07 -7.66 -15.00
N GLU A 80 -1.08 -8.81 -15.65
CA GLU A 80 -0.79 -8.84 -17.05
C GLU A 80 0.65 -8.38 -17.25
N PRO A 81 1.62 -9.23 -16.89
CA PRO A 81 3.05 -8.94 -16.97
C PRO A 81 3.41 -7.94 -18.07
N ASN A 82 2.75 -8.03 -19.21
CA ASN A 82 3.02 -7.11 -20.32
C ASN A 82 2.79 -5.67 -19.89
N LEU A 83 1.68 -5.45 -19.19
CA LEU A 83 1.31 -4.13 -18.69
C LEU A 83 2.49 -3.47 -17.97
N GLU A 84 2.42 -2.15 -17.84
CA GLU A 84 3.47 -1.38 -17.18
C GLU A 84 3.48 -1.64 -15.68
N THR A 85 4.43 -2.47 -15.25
CA THR A 85 4.57 -2.80 -13.84
C THR A 85 5.78 -2.08 -13.26
N ILE A 86 5.53 -1.11 -12.39
CA ILE A 86 6.60 -0.34 -11.79
C ILE A 86 6.54 -0.40 -10.26
N LYS A 87 7.63 0.03 -9.63
CA LYS A 87 7.72 0.04 -8.19
C LYS A 87 8.56 1.22 -7.71
N SER A 88 8.77 1.31 -6.41
CA SER A 88 9.57 2.40 -5.86
C SER A 88 10.01 2.13 -4.43
N GLU A 89 11.10 2.76 -4.04
CA GLU A 89 11.63 2.62 -2.69
C GLU A 89 10.80 3.45 -1.73
N LYS A 90 10.27 4.55 -2.24
CA LYS A 90 9.42 5.43 -1.45
C LYS A 90 8.11 4.73 -1.12
N LEU A 91 7.78 3.69 -1.89
CA LEU A 91 6.55 2.94 -1.66
C LEU A 91 6.73 1.99 -0.47
N ASN A 92 7.94 1.93 0.07
CA ASN A 92 8.22 1.06 1.20
C ASN A 92 7.39 1.44 2.43
N GLU A 93 7.58 0.72 3.52
CA GLU A 93 6.84 0.98 4.76
C GLU A 93 7.55 2.05 5.59
N ARG A 94 6.76 2.83 6.33
CA ARG A 94 7.31 3.88 7.18
C ARG A 94 8.42 3.34 8.07
N TYR A 95 9.59 3.99 8.02
CA TYR A 95 10.72 3.57 8.83
C TYR A 95 10.31 3.42 10.29
N TYR A 96 10.68 2.30 10.89
CA TYR A 96 10.32 2.03 12.29
C TYR A 96 11.52 2.21 13.22
N GLY A 97 12.54 2.92 12.76
CA GLY A 97 13.72 3.16 13.57
C GLY A 97 14.15 1.97 14.40
N ASP A 98 13.97 2.06 15.72
CA ASP A 98 14.35 0.98 16.63
C ASP A 98 13.16 0.05 16.93
N LEU A 99 11.97 0.44 16.48
CA LEU A 99 10.77 -0.37 16.71
C LEU A 99 10.64 -1.48 15.65
N GLN A 100 11.67 -1.62 14.81
CA GLN A 100 11.65 -2.63 13.76
C GLN A 100 11.82 -4.02 14.35
N GLY A 101 10.82 -4.88 14.14
CA GLY A 101 10.91 -6.24 14.66
C GLY A 101 10.47 -6.36 16.11
N LEU A 102 9.90 -5.29 16.66
CA LEU A 102 9.43 -5.29 18.03
C LEU A 102 8.18 -6.16 18.15
N ASN A 103 8.25 -7.16 19.03
CA ASN A 103 7.11 -8.05 19.24
C ASN A 103 5.86 -7.24 19.54
N LYS A 104 4.87 -7.31 18.65
CA LYS A 104 3.62 -6.58 18.83
C LYS A 104 3.13 -6.69 20.27
N ASP A 105 3.34 -7.87 20.86
CA ASP A 105 2.95 -8.09 22.24
C ASP A 105 3.78 -7.21 23.16
N ASP A 106 5.11 -7.32 23.04
CA ASP A 106 6.00 -6.50 23.84
C ASP A 106 5.73 -5.03 23.58
N ALA A 107 5.63 -4.68 22.30
CA ALA A 107 5.34 -3.30 21.92
C ALA A 107 4.01 -2.86 22.50
N ARG A 108 2.96 -3.65 22.26
CA ARG A 108 1.65 -3.35 22.79
C ARG A 108 1.59 -3.60 24.31
N LYS A 109 2.68 -4.16 24.85
CA LYS A 109 2.76 -4.45 26.28
C LYS A 109 3.49 -3.32 27.01
N LYS A 110 4.57 -2.85 26.39
CA LYS A 110 5.37 -1.78 26.99
C LYS A 110 4.96 -0.41 26.45
N TRP A 111 4.55 -0.37 25.18
CA TRP A 111 4.15 0.88 24.55
C TRP A 111 2.62 0.97 24.43
N GLY A 112 1.98 -0.21 24.42
CA GLY A 112 0.54 -0.27 24.32
C GLY A 112 -0.03 0.57 23.19
N ALA A 113 -1.34 0.44 22.97
CA ALA A 113 -2.02 1.20 21.92
C ALA A 113 -1.60 2.66 21.99
N GLU A 114 -1.44 3.18 23.19
CA GLU A 114 -1.03 4.56 23.38
C GLU A 114 0.25 4.84 22.59
N GLN A 115 1.40 4.52 23.20
CA GLN A 115 2.67 4.75 22.54
C GLN A 115 2.66 4.10 21.15
N VAL A 116 2.23 2.85 21.09
CA VAL A 116 2.17 2.12 19.83
C VAL A 116 1.44 2.92 18.75
N GLN A 117 0.16 3.25 18.99
CA GLN A 117 -0.61 4.01 18.02
C GLN A 117 0.09 5.33 17.70
N ILE A 118 0.52 6.07 18.71
CA ILE A 118 1.23 7.31 18.43
C ILE A 118 2.51 7.00 17.67
N TRP A 119 2.95 5.74 17.74
CA TRP A 119 4.17 5.33 17.05
C TRP A 119 3.86 4.87 15.61
N ARG A 120 2.78 4.10 15.44
CA ARG A 120 2.41 3.58 14.11
C ARG A 120 1.27 4.36 13.47
N ARG A 121 0.35 4.81 14.30
CA ARG A 121 -0.83 5.53 13.82
C ARG A 121 -0.57 7.01 13.63
N SER A 122 0.36 7.57 14.41
CA SER A 122 0.69 9.01 14.31
C SER A 122 0.66 9.51 12.87
N TYR A 123 0.45 10.81 12.71
CA TYR A 123 0.38 11.41 11.38
C TYR A 123 1.68 12.14 11.00
N ASP A 124 2.24 12.89 11.94
CA ASP A 124 3.47 13.63 11.65
C ASP A 124 4.62 13.15 12.53
N ILE A 125 4.30 12.73 13.74
CA ILE A 125 5.31 12.25 14.67
C ILE A 125 5.74 10.82 14.31
N ALA A 126 7.04 10.56 14.40
CA ALA A 126 7.57 9.25 14.08
C ALA A 126 8.36 8.66 15.23
N PRO A 127 8.45 7.32 15.32
CA PRO A 127 9.18 6.64 16.38
C PRO A 127 10.68 6.91 16.30
N PRO A 128 11.42 6.63 17.39
CA PRO A 128 12.86 6.86 17.43
C PRO A 128 13.56 6.44 16.14
N ASN A 129 13.81 7.41 15.25
CA ASN A 129 14.48 7.18 13.96
C ASN A 129 13.48 6.85 12.86
N GLY A 130 12.39 6.18 13.22
CA GLY A 130 11.39 5.82 12.24
C GLY A 130 10.89 7.02 11.44
N GLU A 131 9.80 6.82 10.69
CA GLU A 131 9.23 7.88 9.87
C GLU A 131 7.77 8.13 10.27
N SER A 132 7.12 9.03 9.54
CA SER A 132 5.72 9.36 9.80
C SER A 132 4.92 9.38 8.51
N LEU A 133 3.68 9.84 8.59
CA LEU A 133 2.82 9.90 7.43
C LEU A 133 3.28 10.99 6.47
N LYS A 134 3.33 12.23 6.95
CA LYS A 134 3.75 13.35 6.13
C LYS A 134 5.08 13.05 5.44
N ASP A 135 6.01 12.45 6.18
CA ASP A 135 7.30 12.09 5.61
C ASP A 135 7.11 11.08 4.49
N THR A 136 6.57 9.92 4.84
CA THR A 136 6.32 8.87 3.86
C THR A 136 5.55 9.45 2.68
N ALA A 137 4.46 10.12 2.95
CA ALA A 137 3.66 10.73 1.90
C ALA A 137 4.51 11.74 1.12
N GLU A 138 5.26 12.56 1.85
CA GLU A 138 6.12 13.56 1.25
C GLU A 138 7.21 12.91 0.40
N ARG A 139 7.68 11.74 0.83
CA ARG A 139 8.70 11.03 0.08
C ARG A 139 8.10 10.03 -0.91
N VAL A 140 6.79 9.78 -0.77
CA VAL A 140 6.08 8.87 -1.65
C VAL A 140 5.39 9.64 -2.78
N LEU A 141 4.92 10.83 -2.45
CA LEU A 141 4.22 11.66 -3.43
C LEU A 141 5.10 12.02 -4.63
N PRO A 142 6.35 12.43 -4.38
CA PRO A 142 7.27 12.79 -5.47
C PRO A 142 7.26 11.74 -6.56
N TYR A 143 7.36 10.48 -6.16
CA TYR A 143 7.30 9.38 -7.11
C TYR A 143 5.97 9.47 -7.84
N TYR A 144 4.90 9.52 -7.04
CA TYR A 144 3.56 9.65 -7.55
C TYR A 144 3.50 10.78 -8.57
N LYS A 145 3.72 12.00 -8.11
CA LYS A 145 3.72 13.13 -9.02
C LYS A 145 4.71 12.91 -10.16
N SER A 146 5.99 12.97 -9.83
CA SER A 146 7.08 12.79 -10.79
C SER A 146 6.76 11.81 -11.90
N THR A 147 6.50 10.55 -11.58
CA THR A 147 6.26 9.56 -12.63
C THR A 147 4.92 8.84 -12.49
N ILE A 148 3.93 9.45 -11.85
CA ILE A 148 2.63 8.80 -11.73
C ILE A 148 1.46 9.75 -11.97
N VAL A 149 1.72 11.04 -12.16
CA VAL A 149 0.62 11.97 -12.42
C VAL A 149 0.40 12.25 -13.92
N PRO A 150 1.21 11.71 -14.87
CA PRO A 150 1.00 11.98 -16.29
C PRO A 150 -0.06 11.06 -16.92
N HIS A 151 0.00 9.77 -16.61
CA HIS A 151 -0.96 8.81 -17.15
C HIS A 151 -2.28 8.86 -16.39
N ILE A 152 -2.21 8.77 -15.06
CA ILE A 152 -3.41 8.81 -14.25
C ILE A 152 -4.28 10.00 -14.62
N LEU A 153 -3.65 11.03 -15.16
CA LEU A 153 -4.36 12.24 -15.57
C LEU A 153 -4.85 12.10 -17.01
N LYS A 154 -4.15 11.29 -17.80
CA LYS A 154 -4.52 11.07 -19.19
C LYS A 154 -5.69 10.10 -19.30
N GLY A 155 -5.65 9.04 -18.51
CA GLY A 155 -6.72 8.05 -18.54
C GLY A 155 -6.21 6.63 -18.40
N GLU A 156 -5.35 6.40 -17.41
CA GLU A 156 -4.78 5.08 -17.18
C GLU A 156 -5.17 4.56 -15.78
N LYS A 157 -5.37 3.26 -15.68
CA LYS A 157 -5.73 2.63 -14.42
C LYS A 157 -4.46 2.11 -13.75
N VAL A 158 -4.43 2.01 -12.42
CA VAL A 158 -3.16 1.57 -11.79
C VAL A 158 -3.27 0.73 -10.49
N LEU A 159 -2.22 -0.09 -10.27
CA LEU A 159 -2.09 -0.95 -9.09
C LEU A 159 -1.17 -0.31 -8.06
N ILE A 160 -1.42 -0.56 -6.78
CA ILE A 160 -0.57 -0.03 -5.72
C ILE A 160 -0.33 -1.06 -4.62
N ALA A 161 0.89 -1.60 -4.59
CA ALA A 161 1.26 -2.59 -3.58
C ALA A 161 2.46 -2.12 -2.76
N ALA A 162 2.19 -1.70 -1.53
CA ALA A 162 3.24 -1.23 -0.64
C ALA A 162 2.93 -1.55 0.82
N HIS A 163 2.38 -0.58 1.56
CA HIS A 163 2.06 -0.78 2.97
C HIS A 163 1.05 0.25 3.44
N GLY A 164 0.45 -0.02 4.60
CA GLY A 164 -0.52 0.88 5.18
C GLY A 164 -0.07 2.33 5.08
N ASN A 165 1.12 2.61 5.58
CA ASN A 165 1.65 3.96 5.51
C ASN A 165 1.70 4.45 4.07
N SER A 166 2.28 3.64 3.18
CA SER A 166 2.37 4.00 1.78
C SER A 166 0.99 4.33 1.22
N LEU A 167 0.09 3.36 1.25
CA LEU A 167 -1.27 3.58 0.75
C LEU A 167 -1.94 4.71 1.52
N ARG A 168 -1.79 4.68 2.84
CA ARG A 168 -2.37 5.73 3.68
C ARG A 168 -1.92 7.08 3.17
N ALA A 169 -0.60 7.25 3.08
CA ALA A 169 -0.03 8.48 2.56
C ALA A 169 -0.60 8.78 1.19
N LEU A 170 -0.60 7.75 0.32
CA LEU A 170 -1.13 7.92 -1.02
C LEU A 170 -2.60 8.33 -0.98
N ILE A 171 -3.45 7.44 -0.49
CA ILE A 171 -4.88 7.72 -0.39
C ILE A 171 -5.15 9.02 0.35
N MET A 172 -4.50 9.23 1.50
CA MET A 172 -4.71 10.46 2.26
C MET A 172 -4.36 11.67 1.40
N ASP A 173 -3.18 11.63 0.77
CA ASP A 173 -2.76 12.72 -0.09
C ASP A 173 -3.60 12.76 -1.37
N LEU A 174 -4.13 11.59 -1.74
CA LEU A 174 -4.97 11.45 -2.92
C LEU A 174 -6.37 11.99 -2.65
N GLU A 175 -6.84 11.78 -1.43
CA GLU A 175 -8.16 12.24 -1.03
C GLU A 175 -8.09 13.65 -0.46
N GLY A 176 -7.01 13.94 0.26
CA GLY A 176 -6.84 15.25 0.84
C GLY A 176 -7.23 15.28 2.31
N LEU A 177 -7.18 14.12 2.94
CA LEU A 177 -7.54 14.00 4.35
C LEU A 177 -6.56 14.75 5.24
N THR A 178 -6.70 14.59 6.55
CA THR A 178 -5.82 15.26 7.49
C THR A 178 -5.07 14.26 8.36
N GLY A 179 -4.58 14.72 9.50
CA GLY A 179 -3.85 13.84 10.41
C GLY A 179 -4.77 12.98 11.25
N ASP A 180 -5.71 13.61 11.94
CA ASP A 180 -6.63 12.89 12.80
C ASP A 180 -7.88 12.45 12.02
N GLN A 181 -7.81 12.48 10.70
CA GLN A 181 -8.94 12.08 9.86
C GLN A 181 -8.56 10.94 8.92
N ILE A 182 -7.28 10.58 8.87
CA ILE A 182 -6.81 9.51 8.00
C ILE A 182 -6.52 8.25 8.80
N VAL A 183 -6.01 8.43 10.02
CA VAL A 183 -5.70 7.30 10.89
C VAL A 183 -6.86 6.32 10.96
N LYS A 184 -8.07 6.83 10.73
CA LYS A 184 -9.27 6.02 10.77
C LYS A 184 -9.26 4.99 9.63
N ARG A 185 -8.61 5.35 8.53
CA ARG A 185 -8.53 4.46 7.37
C ARG A 185 -8.11 3.05 7.80
N GLU A 186 -8.29 2.10 6.90
CA GLU A 186 -7.91 0.71 7.18
C GLU A 186 -7.95 -0.12 5.90
N LEU A 187 -7.33 -1.30 5.95
CA LEU A 187 -7.29 -2.18 4.79
C LEU A 187 -7.07 -3.63 5.22
N ALA A 188 -7.26 -4.56 4.28
CA ALA A 188 -7.08 -5.98 4.55
C ALA A 188 -5.85 -6.52 3.81
N THR A 189 -5.12 -7.40 4.47
CA THR A 189 -3.93 -8.00 3.88
C THR A 189 -4.29 -9.17 2.98
N GLY A 190 -4.06 -8.99 1.68
CA GLY A 190 -4.38 -10.05 0.72
C GLY A 190 -5.46 -9.66 -0.25
N VAL A 191 -6.40 -8.83 0.21
CA VAL A 191 -7.50 -8.38 -0.64
C VAL A 191 -7.22 -7.00 -1.23
N PRO A 192 -6.86 -6.94 -2.53
CA PRO A 192 -6.56 -5.67 -3.21
C PRO A 192 -7.80 -4.80 -3.35
N ILE A 193 -7.79 -3.63 -2.73
CA ILE A 193 -8.92 -2.71 -2.79
C ILE A 193 -8.84 -1.82 -4.01
N VAL A 194 -9.99 -1.34 -4.47
CA VAL A 194 -10.05 -0.47 -5.64
C VAL A 194 -10.66 0.88 -5.27
N TYR A 195 -10.47 1.88 -6.13
CA TYR A 195 -11.03 3.20 -5.87
C TYR A 195 -11.39 3.91 -7.18
N HIS A 196 -12.06 5.04 -7.05
CA HIS A 196 -12.47 5.82 -8.22
C HIS A 196 -11.79 7.19 -8.20
N LEU A 197 -11.00 7.47 -9.22
CA LEU A 197 -10.29 8.73 -9.32
C LEU A 197 -10.74 9.52 -10.53
N ASP A 198 -10.80 10.84 -10.38
CA ASP A 198 -11.20 11.71 -11.47
C ASP A 198 -10.04 11.97 -12.40
N LYS A 199 -10.29 12.73 -13.45
CA LYS A 199 -9.27 13.06 -14.41
C LYS A 199 -8.10 13.81 -13.76
N ASP A 200 -8.33 14.34 -12.55
CA ASP A 200 -7.29 15.07 -11.83
C ASP A 200 -6.64 14.19 -10.77
N GLY A 201 -6.72 12.88 -10.97
CA GLY A 201 -6.13 11.95 -10.02
C GLY A 201 -6.65 12.15 -8.60
N LYS A 202 -7.93 12.48 -8.50
CA LYS A 202 -8.55 12.69 -7.19
C LYS A 202 -9.71 11.72 -6.98
N TYR A 203 -9.82 11.21 -5.75
CA TYR A 203 -10.87 10.26 -5.41
C TYR A 203 -12.26 10.85 -5.69
N VAL A 204 -13.07 10.10 -6.44
CA VAL A 204 -14.41 10.54 -6.77
C VAL A 204 -15.46 9.56 -6.23
N SER A 205 -15.00 8.59 -5.43
CA SER A 205 -15.86 7.58 -4.84
C SER A 205 -15.02 6.41 -4.36
N LYS A 206 -15.38 5.85 -3.21
CA LYS A 206 -14.64 4.72 -2.66
C LYS A 206 -15.18 3.41 -3.22
N GLU A 207 -14.30 2.63 -3.86
CA GLU A 207 -14.69 1.36 -4.42
C GLU A 207 -14.68 0.28 -3.34
N LEU A 208 -14.37 -0.97 -3.69
CA LEU A 208 -14.35 -2.03 -2.70
C LEU A 208 -13.51 -3.24 -3.14
N ILE A 209 -13.73 -4.37 -2.47
CA ILE A 209 -13.01 -5.59 -2.79
C ILE A 209 -13.86 -6.50 -3.69
N ASP A 210 -13.18 -7.31 -4.49
CA ASP A 210 -13.85 -8.24 -5.39
C ASP A 210 -14.51 -9.37 -4.61
N ASN A 211 -13.79 -9.87 -3.60
CA ASN A 211 -14.30 -10.95 -2.77
C ASN A 211 -15.61 -10.56 -2.10
N MET A 1 -12.61 2.33 -15.48
CA MET A 1 -11.21 2.46 -15.99
C MET A 1 -10.91 3.88 -16.43
N THR A 2 -9.69 4.34 -16.14
CA THR A 2 -9.27 5.70 -16.50
C THR A 2 -9.61 6.01 -17.96
N THR A 3 -9.51 7.28 -18.32
CA THR A 3 -9.80 7.71 -19.68
C THR A 3 -9.11 9.04 -19.99
N GLU A 4 -9.12 9.42 -21.26
CA GLU A 4 -8.50 10.67 -21.69
C GLU A 4 -8.96 11.84 -20.82
N ALA A 5 -8.06 12.33 -19.98
CA ALA A 5 -8.37 13.45 -19.10
C ALA A 5 -9.66 13.19 -18.34
N ALA A 6 -9.78 12.01 -17.74
CA ALA A 6 -10.97 11.65 -16.99
C ALA A 6 -10.60 10.94 -15.68
N PRO A 7 -11.61 10.59 -14.86
CA PRO A 7 -11.40 9.91 -13.59
C PRO A 7 -10.63 8.60 -13.73
N ASN A 8 -9.39 8.59 -13.23
CA ASN A 8 -8.55 7.40 -13.31
C ASN A 8 -8.85 6.45 -12.16
N LEU A 9 -8.54 5.18 -12.35
CA LEU A 9 -8.79 4.16 -11.32
C LEU A 9 -7.48 3.62 -10.74
N LEU A 10 -7.36 3.70 -9.42
CA LEU A 10 -6.17 3.22 -8.74
C LEU A 10 -6.46 2.08 -7.78
N VAL A 11 -5.76 0.96 -7.97
CA VAL A 11 -5.91 -0.22 -7.11
C VAL A 11 -4.80 -0.30 -6.07
N LEU A 12 -5.15 -0.80 -4.88
CA LEU A 12 -4.19 -0.98 -3.81
C LEU A 12 -4.20 -2.44 -3.36
N THR A 13 -3.07 -3.11 -3.52
CA THR A 13 -2.97 -4.51 -3.13
C THR A 13 -1.87 -4.72 -2.10
N ARG A 14 -2.12 -4.26 -0.88
CA ARG A 14 -1.16 -4.39 0.21
C ARG A 14 -0.76 -5.85 0.38
N HIS A 15 0.54 -6.12 0.23
CA HIS A 15 1.07 -7.48 0.36
C HIS A 15 0.43 -8.20 1.55
N GLY A 16 0.29 -9.51 1.44
CA GLY A 16 -0.30 -10.29 2.52
C GLY A 16 0.50 -10.20 3.80
N GLU A 17 0.80 -11.35 4.39
CA GLU A 17 1.56 -11.40 5.63
C GLU A 17 2.94 -12.01 5.40
N SER A 18 3.95 -11.44 6.06
CA SER A 18 5.32 -11.93 5.93
C SER A 18 5.70 -12.82 7.11
N GLU A 19 6.82 -13.50 6.99
CA GLU A 19 7.29 -14.38 8.04
C GLU A 19 7.35 -13.64 9.38
N TRP A 20 7.87 -12.42 9.35
CA TRP A 20 7.97 -11.60 10.55
C TRP A 20 6.59 -11.35 11.14
N ASN A 21 5.58 -11.38 10.28
CA ASN A 21 4.20 -11.17 10.72
C ASN A 21 3.76 -12.29 11.65
N LYS A 22 4.19 -13.50 11.34
CA LYS A 22 3.85 -14.66 12.16
C LYS A 22 4.47 -14.52 13.55
N LEU A 23 5.73 -14.08 13.58
CA LEU A 23 6.43 -13.88 14.84
C LEU A 23 5.75 -12.80 15.68
N ASN A 24 5.01 -11.92 14.99
CA ASN A 24 4.29 -10.84 15.67
C ASN A 24 5.25 -9.72 16.08
N LEU A 25 6.07 -9.26 15.15
CA LEU A 25 7.01 -8.18 15.42
C LEU A 25 6.93 -7.11 14.35
N PHE A 26 7.10 -5.86 14.76
CA PHE A 26 7.05 -4.73 13.84
C PHE A 26 7.90 -4.98 12.60
N THR A 27 7.62 -4.25 11.53
CA THR A 27 8.36 -4.41 10.28
C THR A 27 9.34 -3.26 10.09
N GLY A 28 8.86 -2.13 9.58
CA GLY A 28 9.73 -0.99 9.35
C GLY A 28 10.29 -0.94 7.95
N TRP A 29 11.61 -0.90 7.85
CA TRP A 29 12.28 -0.85 6.55
C TRP A 29 12.87 -2.21 6.18
N LYS A 30 13.07 -3.05 7.19
CA LYS A 30 13.64 -4.39 6.98
C LYS A 30 12.96 -5.09 5.81
N ASP A 31 13.68 -6.02 5.18
CA ASP A 31 13.16 -6.77 4.05
C ASP A 31 12.95 -8.24 4.42
N PRO A 32 11.73 -8.59 4.88
CA PRO A 32 11.39 -9.95 5.27
C PRO A 32 10.92 -10.80 4.10
N ALA A 33 10.36 -11.97 4.40
CA ALA A 33 9.87 -12.87 3.37
C ALA A 33 8.37 -13.09 3.51
N LEU A 34 7.71 -13.36 2.38
CA LEU A 34 6.27 -13.59 2.38
C LEU A 34 5.94 -15.02 2.82
N SER A 35 4.67 -15.28 3.11
CA SER A 35 4.24 -16.59 3.53
C SER A 35 3.14 -17.14 2.63
N GLU A 36 2.80 -18.41 2.83
CA GLU A 36 1.77 -19.07 2.04
C GLU A 36 0.49 -18.23 2.05
N THR A 37 0.14 -17.72 3.23
CA THR A 37 -1.04 -16.88 3.36
C THR A 37 -0.85 -15.62 2.53
N GLY A 38 0.40 -15.17 2.49
CA GLY A 38 0.72 -14.00 1.70
C GLY A 38 0.58 -14.29 0.22
N ILE A 39 1.30 -15.32 -0.24
CA ILE A 39 1.21 -15.73 -1.63
C ILE A 39 -0.23 -16.03 -1.97
N LYS A 40 -0.87 -16.83 -1.10
CA LYS A 40 -2.26 -17.17 -1.28
C LYS A 40 -3.10 -15.90 -1.25
N GLU A 41 -2.70 -14.96 -0.39
CA GLU A 41 -3.37 -13.69 -0.29
C GLU A 41 -3.29 -12.96 -1.62
N ALA A 42 -2.06 -12.79 -2.10
CA ALA A 42 -1.84 -12.15 -3.39
C ALA A 42 -2.59 -12.93 -4.46
N LYS A 43 -2.50 -14.26 -4.37
CA LYS A 43 -3.20 -15.14 -5.29
C LYS A 43 -4.68 -14.79 -5.30
N LEU A 44 -5.30 -14.91 -4.13
CA LEU A 44 -6.71 -14.57 -3.99
C LEU A 44 -6.95 -13.14 -4.43
N GLY A 45 -6.01 -12.26 -4.06
CA GLY A 45 -6.11 -10.87 -4.45
C GLY A 45 -6.23 -10.74 -5.95
N GLY A 46 -5.21 -11.24 -6.66
CA GLY A 46 -5.24 -11.19 -8.11
C GLY A 46 -6.41 -11.97 -8.66
N GLU A 47 -6.54 -13.22 -8.22
CA GLU A 47 -7.64 -14.07 -8.66
C GLU A 47 -8.97 -13.35 -8.44
N ARG A 48 -9.08 -12.66 -7.31
CA ARG A 48 -10.27 -11.91 -6.98
C ARG A 48 -10.34 -10.65 -7.84
N LEU A 49 -9.19 -10.03 -8.04
CA LEU A 49 -9.10 -8.82 -8.85
C LEU A 49 -9.55 -9.11 -10.29
N LYS A 50 -9.09 -10.24 -10.82
CA LYS A 50 -9.45 -10.64 -12.18
C LYS A 50 -10.87 -11.19 -12.23
N SER A 51 -11.24 -11.95 -11.21
CA SER A 51 -12.57 -12.56 -11.13
C SER A 51 -13.66 -11.57 -11.55
N ARG A 52 -13.86 -10.54 -10.73
CA ARG A 52 -14.88 -9.53 -11.00
C ARG A 52 -14.78 -9.03 -12.44
N GLY A 53 -13.55 -8.84 -12.91
CA GLY A 53 -13.34 -8.35 -14.27
C GLY A 53 -12.60 -7.04 -14.31
N TYR A 54 -11.68 -6.85 -13.38
CA TYR A 54 -10.90 -5.62 -13.30
C TYR A 54 -9.55 -5.80 -13.98
N LYS A 55 -9.36 -5.13 -15.12
CA LYS A 55 -8.10 -5.22 -15.86
C LYS A 55 -7.20 -4.06 -15.49
N PHE A 56 -5.89 -4.26 -15.62
CA PHE A 56 -4.93 -3.24 -15.25
C PHE A 56 -4.17 -2.67 -16.44
N ASP A 57 -3.65 -1.46 -16.24
CA ASP A 57 -2.85 -0.77 -17.24
C ASP A 57 -1.47 -0.45 -16.67
N ILE A 58 -1.45 -0.05 -15.40
CA ILE A 58 -0.19 0.27 -14.72
C ILE A 58 -0.07 -0.47 -13.39
N ALA A 59 1.16 -0.75 -12.98
CA ALA A 59 1.40 -1.45 -11.72
C ALA A 59 2.50 -0.75 -10.91
N PHE A 60 2.20 -0.46 -9.65
CA PHE A 60 3.16 0.22 -8.77
C PHE A 60 3.43 -0.57 -7.51
N THR A 61 4.69 -0.90 -7.27
CA THR A 61 5.08 -1.65 -6.08
C THR A 61 6.17 -0.93 -5.28
N SER A 62 6.37 -1.37 -4.04
CA SER A 62 7.42 -0.79 -3.22
C SER A 62 8.77 -1.37 -3.64
N ALA A 63 9.85 -0.91 -3.02
CA ALA A 63 11.16 -1.44 -3.35
C ALA A 63 11.53 -2.61 -2.45
N LEU A 64 10.52 -3.29 -1.91
CA LEU A 64 10.74 -4.42 -1.03
C LEU A 64 10.48 -5.74 -1.75
N GLN A 65 11.34 -6.73 -1.49
CA GLN A 65 11.20 -8.04 -2.11
C GLN A 65 9.77 -8.55 -1.99
N ARG A 66 9.18 -8.36 -0.81
CA ARG A 66 7.81 -8.78 -0.57
C ARG A 66 6.90 -8.26 -1.67
N ALA A 67 6.86 -6.94 -1.81
CA ALA A 67 6.06 -6.31 -2.83
C ALA A 67 6.50 -6.79 -4.22
N GLN A 68 7.81 -6.99 -4.37
CA GLN A 68 8.35 -7.48 -5.64
C GLN A 68 7.77 -8.85 -5.91
N LYS A 69 7.69 -9.64 -4.85
CA LYS A 69 7.14 -10.98 -4.92
C LYS A 69 5.65 -10.90 -5.18
N THR A 70 4.97 -10.14 -4.34
CA THR A 70 3.54 -9.96 -4.46
C THR A 70 3.18 -9.46 -5.86
N CYS A 71 4.02 -8.60 -6.42
CA CYS A 71 3.79 -8.08 -7.76
C CYS A 71 3.73 -9.20 -8.78
N GLN A 72 4.87 -9.86 -8.98
CA GLN A 72 4.96 -10.96 -9.94
C GLN A 72 3.81 -11.94 -9.76
N ILE A 73 3.58 -12.35 -8.52
CA ILE A 73 2.50 -13.29 -8.21
C ILE A 73 1.15 -12.71 -8.64
N ILE A 74 0.74 -11.65 -7.96
CA ILE A 74 -0.53 -10.99 -8.26
C ILE A 74 -0.65 -10.71 -9.76
N LEU A 75 0.41 -10.13 -10.33
CA LEU A 75 0.42 -9.83 -11.76
C LEU A 75 0.31 -11.12 -12.56
N GLU A 76 1.26 -12.02 -12.36
CA GLU A 76 1.25 -13.30 -13.04
C GLU A 76 -0.07 -14.02 -12.80
N GLU A 77 -0.73 -13.66 -11.70
CA GLU A 77 -2.03 -14.26 -11.36
C GLU A 77 -3.14 -13.55 -12.11
N VAL A 78 -3.07 -12.22 -12.14
CA VAL A 78 -4.06 -11.42 -12.84
C VAL A 78 -4.10 -11.78 -14.32
N GLY A 79 -2.97 -12.28 -14.83
CA GLY A 79 -2.90 -12.67 -16.23
C GLY A 79 -2.43 -11.54 -17.14
N GLU A 80 -1.83 -10.52 -16.56
CA GLU A 80 -1.34 -9.39 -17.35
C GLU A 80 0.13 -9.08 -17.05
N PRO A 81 1.01 -10.10 -16.95
CA PRO A 81 2.42 -9.89 -16.68
C PRO A 81 3.01 -8.75 -17.51
N ASN A 82 2.66 -8.71 -18.80
CA ASN A 82 3.15 -7.67 -19.69
C ASN A 82 2.79 -6.28 -19.16
N LEU A 83 1.76 -6.22 -18.32
CA LEU A 83 1.32 -4.96 -17.73
C LEU A 83 2.50 -4.15 -17.22
N GLU A 84 2.41 -2.82 -17.34
CA GLU A 84 3.47 -1.95 -16.88
C GLU A 84 3.66 -2.08 -15.38
N THR A 85 4.62 -2.90 -14.98
CA THR A 85 4.91 -3.12 -13.56
C THR A 85 6.10 -2.27 -13.12
N ILE A 86 5.82 -1.28 -12.29
CA ILE A 86 6.84 -0.40 -11.78
C ILE A 86 6.82 -0.38 -10.25
N LYS A 87 7.87 0.15 -9.64
CA LYS A 87 7.95 0.21 -8.19
C LYS A 87 8.89 1.33 -7.75
N SER A 88 8.93 1.58 -6.45
CA SER A 88 9.78 2.65 -5.92
C SER A 88 10.21 2.37 -4.48
N GLU A 89 11.29 3.04 -4.07
CA GLU A 89 11.82 2.91 -2.72
C GLU A 89 11.00 3.76 -1.76
N LYS A 90 10.44 4.83 -2.29
CA LYS A 90 9.61 5.72 -1.51
C LYS A 90 8.31 5.03 -1.09
N LEU A 91 8.02 3.89 -1.71
CA LEU A 91 6.80 3.14 -1.41
C LEU A 91 7.06 2.09 -0.34
N ASN A 92 8.12 2.28 0.44
CA ASN A 92 8.44 1.34 1.50
C ASN A 92 7.79 1.77 2.82
N GLU A 93 7.42 0.78 3.63
CA GLU A 93 6.78 1.04 4.91
C GLU A 93 7.59 2.03 5.74
N ARG A 94 6.89 2.94 6.42
CA ARG A 94 7.53 3.93 7.26
C ARG A 94 8.57 3.28 8.18
N TYR A 95 9.75 3.88 8.25
CA TYR A 95 10.82 3.35 9.09
C TYR A 95 10.46 3.49 10.57
N TYR A 96 10.53 2.38 11.29
CA TYR A 96 10.19 2.37 12.71
C TYR A 96 11.42 2.65 13.58
N GLY A 97 12.45 3.23 12.99
CA GLY A 97 13.66 3.53 13.73
C GLY A 97 14.18 2.35 14.54
N ASP A 98 13.87 2.34 15.84
CA ASP A 98 14.32 1.26 16.72
C ASP A 98 13.20 0.27 17.02
N LEU A 99 12.02 0.49 16.43
CA LEU A 99 10.88 -0.40 16.65
C LEU A 99 10.88 -1.54 15.63
N GLN A 100 11.98 -1.72 14.93
CA GLN A 100 12.08 -2.78 13.92
C GLN A 100 12.27 -4.14 14.59
N GLY A 101 11.34 -5.04 14.32
CA GLY A 101 11.41 -6.38 14.90
C GLY A 101 10.84 -6.45 16.30
N LEU A 102 10.29 -5.34 16.79
CA LEU A 102 9.71 -5.30 18.12
C LEU A 102 8.46 -6.16 18.21
N ASN A 103 8.53 -7.20 19.02
CA ASN A 103 7.40 -8.10 19.20
C ASN A 103 6.19 -7.32 19.67
N LYS A 104 5.11 -7.36 18.87
CA LYS A 104 3.88 -6.65 19.20
C LYS A 104 3.53 -6.83 20.67
N ASP A 105 3.80 -8.03 21.19
CA ASP A 105 3.54 -8.32 22.59
C ASP A 105 4.43 -7.45 23.46
N ASP A 106 5.73 -7.49 23.19
CA ASP A 106 6.69 -6.67 23.92
C ASP A 106 6.35 -5.20 23.74
N ALA A 107 6.11 -4.82 22.49
CA ALA A 107 5.74 -3.45 22.17
C ALA A 107 4.50 -3.04 22.93
N ARG A 108 3.41 -3.79 22.72
CA ARG A 108 2.15 -3.52 23.40
C ARG A 108 2.32 -3.69 24.91
N LYS A 109 3.29 -4.51 25.29
CA LYS A 109 3.58 -4.77 26.70
C LYS A 109 4.26 -3.56 27.33
N LYS A 110 5.34 -3.10 26.70
CA LYS A 110 6.07 -1.95 27.20
C LYS A 110 5.82 -0.73 26.32
N TRP A 111 4.61 -0.18 26.43
CA TRP A 111 4.19 1.01 25.66
C TRP A 111 2.66 1.06 25.55
N GLY A 112 2.03 -0.10 25.70
CA GLY A 112 0.59 -0.18 25.62
C GLY A 112 0.01 0.47 24.38
N ALA A 113 -1.30 0.28 24.18
CA ALA A 113 -1.99 0.85 23.04
C ALA A 113 -1.58 2.29 22.80
N GLU A 114 -1.55 3.08 23.87
CA GLU A 114 -1.17 4.47 23.78
C GLU A 114 0.17 4.64 23.06
N GLN A 115 1.26 4.38 23.77
CA GLN A 115 2.59 4.54 23.19
C GLN A 115 2.71 3.72 21.91
N VAL A 116 2.35 2.44 21.96
CA VAL A 116 2.44 1.61 20.75
C VAL A 116 1.66 2.26 19.61
N GLN A 117 0.52 2.88 19.94
CA GLN A 117 -0.29 3.56 18.92
C GLN A 117 0.53 4.69 18.32
N ILE A 118 0.89 5.66 19.14
CA ILE A 118 1.70 6.77 18.67
C ILE A 118 2.97 6.27 18.01
N TRP A 119 3.37 5.04 18.33
CA TRP A 119 4.58 4.47 17.74
C TRP A 119 4.27 3.74 16.43
N ARG A 120 3.10 3.12 16.35
CA ARG A 120 2.70 2.37 15.15
C ARG A 120 1.92 3.24 14.16
N ARG A 121 1.07 4.12 14.69
CA ARG A 121 0.27 5.00 13.85
C ARG A 121 0.91 6.38 13.73
N SER A 122 0.71 7.23 14.74
CA SER A 122 1.28 8.58 14.74
C SER A 122 1.19 9.23 13.36
N TYR A 123 0.20 10.09 13.17
CA TYR A 123 0.02 10.78 11.89
C TYR A 123 1.27 11.56 11.50
N ASP A 124 1.82 12.33 12.44
CA ASP A 124 3.01 13.13 12.17
C ASP A 124 4.15 12.83 13.15
N ILE A 125 3.79 12.44 14.36
CA ILE A 125 4.79 12.14 15.40
C ILE A 125 5.46 10.79 15.14
N ALA A 126 6.45 10.78 14.26
CA ALA A 126 7.18 9.56 13.93
C ALA A 126 7.93 9.02 15.15
N PRO A 127 7.93 7.69 15.33
CA PRO A 127 8.61 7.06 16.47
C PRO A 127 10.10 7.39 16.53
N PRO A 128 10.82 6.82 17.50
CA PRO A 128 12.26 7.07 17.66
C PRO A 128 13.05 6.70 16.41
N ASN A 129 13.25 7.68 15.54
CA ASN A 129 13.99 7.47 14.28
C ASN A 129 13.09 6.82 13.24
N GLY A 130 13.25 7.25 11.99
CA GLY A 130 12.44 6.70 10.91
C GLY A 130 11.49 7.72 10.31
N GLU A 131 10.21 7.37 10.26
CA GLU A 131 9.20 8.25 9.70
C GLU A 131 7.86 8.06 10.39
N SER A 132 6.84 8.76 9.91
CA SER A 132 5.50 8.65 10.49
C SER A 132 4.46 8.37 9.40
N LEU A 133 3.98 9.44 8.78
CA LEU A 133 2.99 9.32 7.72
C LEU A 133 3.16 10.47 6.73
N LYS A 134 3.07 11.69 7.24
CA LYS A 134 3.23 12.88 6.42
C LYS A 134 4.57 12.81 5.68
N ASP A 135 5.59 12.31 6.37
CA ASP A 135 6.91 12.17 5.79
C ASP A 135 6.85 11.18 4.64
N THR A 136 6.48 9.94 4.98
CA THR A 136 6.33 8.90 3.98
C THR A 136 5.49 9.41 2.84
N ALA A 137 4.31 9.95 3.18
CA ALA A 137 3.44 10.52 2.16
C ALA A 137 4.20 11.51 1.31
N GLU A 138 4.71 12.56 1.96
CA GLU A 138 5.48 13.59 1.28
C GLU A 138 6.48 12.98 0.31
N ARG A 139 7.10 11.88 0.71
CA ARG A 139 8.07 11.21 -0.16
C ARG A 139 7.45 10.09 -0.98
N VAL A 140 6.18 9.78 -0.73
CA VAL A 140 5.49 8.72 -1.46
C VAL A 140 4.58 9.28 -2.58
N LEU A 141 4.13 10.51 -2.44
CA LEU A 141 3.26 11.08 -3.48
C LEU A 141 4.06 11.60 -4.69
N PRO A 142 5.29 12.10 -4.51
CA PRO A 142 6.10 12.61 -5.62
C PRO A 142 6.17 11.58 -6.73
N TYR A 143 6.49 10.33 -6.35
CA TYR A 143 6.56 9.25 -7.32
C TYR A 143 5.22 9.21 -8.05
N TYR A 144 4.15 9.24 -7.26
CA TYR A 144 2.81 9.22 -7.80
C TYR A 144 2.64 10.37 -8.77
N LYS A 145 2.56 11.59 -8.26
CA LYS A 145 2.41 12.74 -9.14
C LYS A 145 3.40 12.67 -10.31
N SER A 146 4.68 12.63 -9.99
CA SER A 146 5.74 12.58 -10.99
C SER A 146 5.58 11.43 -12.00
N THR A 147 5.67 10.19 -11.54
CA THR A 147 5.60 9.04 -12.45
C THR A 147 4.20 8.46 -12.63
N ILE A 148 3.17 9.13 -12.11
CA ILE A 148 1.82 8.61 -12.27
C ILE A 148 0.85 9.66 -12.84
N VAL A 149 1.30 10.91 -12.95
CA VAL A 149 0.44 11.95 -13.52
C VAL A 149 0.47 12.03 -15.06
N PRO A 150 1.35 11.28 -15.79
CA PRO A 150 1.39 11.36 -17.24
C PRO A 150 0.45 10.37 -17.93
N HIS A 151 0.48 9.11 -17.49
CA HIS A 151 -0.37 8.08 -18.09
C HIS A 151 -1.84 8.25 -17.67
N ILE A 152 -2.07 8.47 -16.39
CA ILE A 152 -3.44 8.65 -15.90
C ILE A 152 -4.14 9.79 -16.63
N LEU A 153 -3.35 10.67 -17.24
CA LEU A 153 -3.89 11.78 -17.99
C LEU A 153 -4.33 11.34 -19.39
N LYS A 154 -3.78 10.20 -19.84
CA LYS A 154 -4.12 9.67 -21.16
C LYS A 154 -5.36 8.79 -21.11
N GLY A 155 -5.49 8.00 -20.05
CA GLY A 155 -6.65 7.13 -19.92
C GLY A 155 -6.28 5.72 -19.51
N GLU A 156 -5.43 5.60 -18.49
CA GLU A 156 -5.02 4.29 -18.00
C GLU A 156 -5.20 4.20 -16.49
N LYS A 157 -5.48 3.00 -15.99
CA LYS A 157 -5.67 2.81 -14.56
C LYS A 157 -4.45 2.10 -13.97
N VAL A 158 -4.27 2.19 -12.66
CA VAL A 158 -3.05 1.62 -12.04
C VAL A 158 -3.25 0.75 -10.79
N LEU A 159 -2.24 -0.13 -10.58
CA LEU A 159 -2.16 -1.00 -9.41
C LEU A 159 -1.13 -0.44 -8.44
N ILE A 160 -1.35 -0.63 -7.15
CA ILE A 160 -0.40 -0.15 -6.16
C ILE A 160 -0.20 -1.16 -5.02
N ALA A 161 1.07 -1.46 -4.75
CA ALA A 161 1.42 -2.41 -3.70
C ALA A 161 2.62 -1.91 -2.89
N ALA A 162 2.34 -1.46 -1.67
CA ALA A 162 3.38 -0.96 -0.80
C ALA A 162 3.15 -1.40 0.65
N HIS A 163 2.55 -0.53 1.47
CA HIS A 163 2.29 -0.85 2.87
C HIS A 163 1.21 0.05 3.44
N GLY A 164 0.62 -0.39 4.55
CA GLY A 164 -0.43 0.39 5.19
C GLY A 164 -0.08 1.85 5.25
N ASN A 165 1.11 2.16 5.76
CA ASN A 165 1.58 3.54 5.85
C ASN A 165 1.64 4.17 4.47
N SER A 166 2.38 3.56 3.56
CA SER A 166 2.51 4.07 2.20
C SER A 166 1.13 4.34 1.60
N LEU A 167 0.30 3.31 1.52
CA LEU A 167 -1.04 3.46 0.98
C LEU A 167 -1.85 4.41 1.84
N ARG A 168 -1.62 4.38 3.14
CA ARG A 168 -2.33 5.29 4.04
C ARG A 168 -2.04 6.71 3.59
N ALA A 169 -0.75 7.03 3.54
CA ALA A 169 -0.31 8.34 3.10
C ALA A 169 -0.85 8.65 1.71
N LEU A 170 -0.65 7.72 0.78
CA LEU A 170 -1.12 7.94 -0.57
C LEU A 170 -2.63 8.13 -0.59
N ILE A 171 -3.36 7.21 0.01
CA ILE A 171 -4.81 7.31 0.06
C ILE A 171 -5.23 8.58 0.79
N MET A 172 -4.58 8.88 1.91
CA MET A 172 -4.90 10.09 2.67
C MET A 172 -4.80 11.31 1.76
N ASP A 173 -3.71 11.37 1.00
CA ASP A 173 -3.52 12.47 0.07
C ASP A 173 -4.42 12.30 -1.15
N LEU A 174 -4.72 11.04 -1.48
CA LEU A 174 -5.59 10.74 -2.61
C LEU A 174 -7.03 11.13 -2.29
N GLU A 175 -7.41 10.97 -1.03
CA GLU A 175 -8.76 11.32 -0.59
C GLU A 175 -8.80 12.70 0.03
N GLY A 176 -7.67 13.13 0.58
CA GLY A 176 -7.59 14.44 1.21
C GLY A 176 -7.86 14.38 2.69
N LEU A 177 -7.58 13.23 3.30
CA LEU A 177 -7.80 13.05 4.73
C LEU A 177 -7.02 14.07 5.54
N THR A 178 -7.10 13.96 6.86
CA THR A 178 -6.41 14.88 7.75
C THR A 178 -5.51 14.11 8.72
N GLY A 179 -5.15 14.76 9.83
CA GLY A 179 -4.30 14.12 10.81
C GLY A 179 -5.05 13.23 11.77
N ASP A 180 -6.29 13.61 12.07
CA ASP A 180 -7.13 12.83 12.99
C ASP A 180 -8.19 12.04 12.23
N GLN A 181 -7.93 11.76 10.96
CA GLN A 181 -8.86 11.01 10.14
C GLN A 181 -8.16 9.83 9.47
N ILE A 182 -7.15 10.14 8.66
CA ILE A 182 -6.40 9.10 7.97
C ILE A 182 -5.92 8.02 8.94
N VAL A 183 -5.72 8.42 10.19
CA VAL A 183 -5.27 7.50 11.22
C VAL A 183 -6.20 6.30 11.34
N LYS A 184 -7.43 6.46 10.83
CA LYS A 184 -8.41 5.38 10.89
C LYS A 184 -8.37 4.51 9.63
N ARG A 185 -8.00 5.11 8.50
CA ARG A 185 -7.93 4.37 7.24
C ARG A 185 -7.15 3.06 7.42
N GLU A 186 -7.80 1.95 7.13
CA GLU A 186 -7.17 0.64 7.25
C GLU A 186 -7.34 -0.18 5.98
N LEU A 187 -6.22 -0.67 5.44
CA LEU A 187 -6.26 -1.47 4.22
C LEU A 187 -5.88 -2.93 4.52
N ALA A 188 -6.81 -3.83 4.26
CA ALA A 188 -6.58 -5.26 4.50
C ALA A 188 -5.30 -5.71 3.82
N THR A 189 -5.01 -7.01 3.92
CA THR A 189 -3.81 -7.58 3.32
C THR A 189 -4.17 -8.68 2.33
N GLY A 190 -3.92 -8.43 1.05
CA GLY A 190 -4.23 -9.42 0.03
C GLY A 190 -5.44 -9.03 -0.80
N VAL A 191 -6.28 -8.15 -0.25
CA VAL A 191 -7.48 -7.71 -0.96
C VAL A 191 -7.20 -6.43 -1.75
N PRO A 192 -7.02 -6.54 -3.08
CA PRO A 192 -6.75 -5.39 -3.94
C PRO A 192 -7.94 -4.43 -4.02
N ILE A 193 -7.87 -3.34 -3.24
CA ILE A 193 -8.95 -2.35 -3.22
C ILE A 193 -8.73 -1.27 -4.28
N VAL A 194 -9.77 -0.92 -5.01
CA VAL A 194 -9.68 0.09 -6.06
C VAL A 194 -10.53 1.31 -5.77
N TYR A 195 -10.07 2.47 -6.24
CA TYR A 195 -10.83 3.71 -6.07
C TYR A 195 -10.87 4.51 -7.34
N HIS A 196 -12.01 5.17 -7.58
CA HIS A 196 -12.17 6.01 -8.75
C HIS A 196 -11.75 7.43 -8.42
N LEU A 197 -10.59 7.83 -8.94
CA LEU A 197 -10.06 9.16 -8.68
C LEU A 197 -10.00 10.00 -9.94
N ASP A 198 -9.66 11.27 -9.78
CA ASP A 198 -9.60 12.17 -10.92
C ASP A 198 -8.22 12.18 -11.56
N LYS A 199 -8.12 12.88 -12.68
CA LYS A 199 -6.86 12.98 -13.40
C LYS A 199 -5.82 13.75 -12.58
N ASP A 200 -6.26 14.43 -11.53
CA ASP A 200 -5.36 15.19 -10.67
C ASP A 200 -4.74 14.29 -9.60
N GLY A 201 -5.45 13.22 -9.27
CA GLY A 201 -4.96 12.30 -8.26
C GLY A 201 -5.81 12.31 -7.01
N LYS A 202 -7.05 12.78 -7.13
CA LYS A 202 -7.95 12.84 -5.99
C LYS A 202 -9.12 11.89 -6.19
N TYR A 203 -9.50 11.20 -5.12
CA TYR A 203 -10.61 10.25 -5.17
C TYR A 203 -11.91 10.94 -5.56
N VAL A 204 -12.65 10.34 -6.48
CA VAL A 204 -13.92 10.90 -6.92
C VAL A 204 -15.07 9.93 -6.65
N SER A 205 -14.75 8.74 -6.18
CA SER A 205 -15.76 7.73 -5.87
C SER A 205 -15.39 6.94 -4.63
N LYS A 206 -15.91 5.72 -4.51
CA LYS A 206 -15.62 4.88 -3.35
C LYS A 206 -14.71 3.71 -3.72
N GLU A 207 -14.17 3.06 -2.70
CA GLU A 207 -13.27 1.92 -2.90
C GLU A 207 -13.96 0.81 -3.69
N LEU A 208 -13.25 -0.30 -3.87
CA LEU A 208 -13.79 -1.44 -4.62
C LEU A 208 -13.02 -2.72 -4.31
N ILE A 209 -13.73 -3.72 -3.81
CA ILE A 209 -13.14 -5.01 -3.49
C ILE A 209 -14.01 -6.14 -4.00
N ASP A 210 -13.42 -7.34 -4.10
CA ASP A 210 -14.15 -8.52 -4.57
C ASP A 210 -14.87 -9.19 -3.42
N ASN A 211 -14.19 -9.35 -2.30
CA ASN A 211 -14.77 -9.99 -1.12
C ASN A 211 -15.95 -9.18 -0.59
N MET A 1 -10.66 0.95 -15.16
CA MET A 1 -10.26 1.39 -16.52
C MET A 1 -10.70 2.83 -16.78
N THR A 2 -9.78 3.77 -16.56
CA THR A 2 -10.07 5.18 -16.78
C THR A 2 -10.66 5.42 -18.16
N THR A 3 -10.92 6.68 -18.48
CA THR A 3 -11.50 7.04 -19.78
C THR A 3 -10.86 8.31 -20.32
N GLU A 4 -9.59 8.20 -20.70
CA GLU A 4 -8.87 9.35 -21.24
C GLU A 4 -8.85 10.51 -20.26
N ALA A 5 -9.91 11.32 -20.28
CA ALA A 5 -10.04 12.46 -19.39
C ALA A 5 -11.27 12.35 -18.51
N ALA A 6 -11.16 11.57 -17.44
CA ALA A 6 -12.28 11.38 -16.52
C ALA A 6 -11.82 10.64 -15.26
N PRO A 7 -12.74 10.38 -14.32
CA PRO A 7 -12.42 9.69 -13.07
C PRO A 7 -11.55 8.47 -13.31
N ASN A 8 -10.23 8.65 -13.17
CA ASN A 8 -9.28 7.55 -13.38
C ASN A 8 -9.57 6.41 -12.41
N LEU A 9 -8.62 5.49 -12.28
CA LEU A 9 -8.78 4.35 -11.39
C LEU A 9 -7.44 3.85 -10.87
N LEU A 10 -7.30 3.88 -9.55
CA LEU A 10 -6.09 3.45 -8.89
C LEU A 10 -6.38 2.34 -7.87
N VAL A 11 -5.80 1.16 -8.10
CA VAL A 11 -6.01 0.05 -7.20
C VAL A 11 -4.79 -0.14 -6.30
N LEU A 12 -5.05 -0.36 -5.01
CA LEU A 12 -3.98 -0.56 -4.04
C LEU A 12 -4.01 -1.99 -3.52
N THR A 13 -2.91 -2.71 -3.73
CA THR A 13 -2.82 -4.10 -3.27
C THR A 13 -1.72 -4.26 -2.24
N ARG A 14 -2.11 -4.35 -0.97
CA ARG A 14 -1.17 -4.52 0.12
C ARG A 14 -0.80 -5.99 0.28
N HIS A 15 0.50 -6.29 0.21
CA HIS A 15 0.99 -7.65 0.35
C HIS A 15 0.32 -8.36 1.53
N GLY A 16 0.14 -9.67 1.40
CA GLY A 16 -0.49 -10.44 2.46
C GLY A 16 0.30 -10.39 3.75
N GLU A 17 0.59 -11.55 4.32
CA GLU A 17 1.34 -11.63 5.57
C GLU A 17 2.68 -12.33 5.33
N SER A 18 3.72 -11.82 5.97
CA SER A 18 5.05 -12.39 5.83
C SER A 18 5.45 -13.13 7.11
N GLU A 19 6.59 -13.82 7.06
CA GLU A 19 7.08 -14.56 8.21
C GLU A 19 7.07 -13.70 9.47
N TRP A 20 7.16 -12.39 9.27
CA TRP A 20 7.15 -11.44 10.38
C TRP A 20 5.85 -11.56 11.18
N ASN A 21 4.83 -12.15 10.58
CA ASN A 21 3.54 -12.34 11.24
C ASN A 21 3.64 -13.47 12.26
N LYS A 22 4.14 -14.62 11.81
CA LYS A 22 4.29 -15.77 12.70
C LYS A 22 5.06 -15.39 13.95
N LEU A 23 6.03 -14.48 13.79
CA LEU A 23 6.84 -14.02 14.90
C LEU A 23 6.13 -12.89 15.64
N ASN A 24 5.26 -12.17 14.93
CA ASN A 24 4.51 -11.07 15.51
C ASN A 24 5.44 -9.93 15.92
N LEU A 25 6.12 -9.35 14.93
CA LEU A 25 7.04 -8.25 15.18
C LEU A 25 6.98 -7.21 14.05
N PHE A 26 7.70 -6.12 14.23
CA PHE A 26 7.73 -5.07 13.23
C PHE A 26 8.74 -5.41 12.13
N THR A 27 8.99 -4.46 11.23
CA THR A 27 9.93 -4.67 10.14
C THR A 27 10.74 -3.39 9.88
N GLY A 28 10.16 -2.47 9.11
CA GLY A 28 10.82 -1.24 8.79
C GLY A 28 11.08 -1.07 7.31
N TRP A 29 12.36 -1.03 6.93
CA TRP A 29 12.74 -0.88 5.53
C TRP A 29 13.25 -2.19 4.95
N LYS A 30 13.76 -3.06 5.82
CA LYS A 30 14.29 -4.35 5.39
C LYS A 30 13.28 -5.08 4.53
N ASP A 31 13.67 -6.25 4.02
CA ASP A 31 12.80 -7.04 3.17
C ASP A 31 12.60 -8.44 3.74
N PRO A 32 11.49 -8.66 4.47
CA PRO A 32 11.18 -9.95 5.07
C PRO A 32 10.69 -10.97 4.04
N ALA A 33 10.53 -12.22 4.46
CA ALA A 33 10.06 -13.28 3.57
C ALA A 33 8.56 -13.51 3.73
N LEU A 34 7.87 -13.63 2.61
CA LEU A 34 6.43 -13.86 2.60
C LEU A 34 6.11 -15.29 3.03
N SER A 35 4.85 -15.54 3.34
CA SER A 35 4.43 -16.88 3.76
C SER A 35 3.29 -17.40 2.90
N GLU A 36 2.91 -18.66 3.14
CA GLU A 36 1.82 -19.29 2.39
C GLU A 36 0.58 -18.41 2.41
N THR A 37 0.27 -17.85 3.58
CA THR A 37 -0.88 -16.97 3.71
C THR A 37 -0.67 -15.76 2.82
N GLY A 38 0.58 -15.29 2.77
CA GLY A 38 0.91 -14.16 1.94
C GLY A 38 0.77 -14.51 0.47
N ILE A 39 1.45 -15.59 0.06
CA ILE A 39 1.36 -16.04 -1.32
C ILE A 39 -0.11 -16.31 -1.66
N LYS A 40 -0.76 -17.10 -0.80
CA LYS A 40 -2.16 -17.41 -0.97
C LYS A 40 -2.97 -16.12 -0.97
N GLU A 41 -2.52 -15.17 -0.15
CA GLU A 41 -3.17 -13.87 -0.06
C GLU A 41 -3.02 -13.15 -1.40
N ALA A 42 -1.79 -13.14 -1.91
CA ALA A 42 -1.52 -12.51 -3.19
C ALA A 42 -2.33 -13.20 -4.28
N LYS A 43 -2.20 -14.53 -4.35
CA LYS A 43 -2.95 -15.32 -5.32
C LYS A 43 -4.44 -15.03 -5.14
N LEU A 44 -4.90 -15.11 -3.90
CA LEU A 44 -6.28 -14.82 -3.58
C LEU A 44 -6.62 -13.41 -4.03
N GLY A 45 -5.69 -12.48 -3.80
CA GLY A 45 -5.89 -11.11 -4.22
C GLY A 45 -6.05 -11.03 -5.72
N GLY A 46 -4.99 -11.39 -6.44
CA GLY A 46 -5.06 -11.37 -7.89
C GLY A 46 -6.26 -12.15 -8.39
N GLU A 47 -6.45 -13.35 -7.83
CA GLU A 47 -7.58 -14.18 -8.19
C GLU A 47 -8.87 -13.45 -7.91
N ARG A 48 -8.93 -12.80 -6.75
CA ARG A 48 -10.11 -12.03 -6.36
C ARG A 48 -10.25 -10.82 -7.27
N LEU A 49 -9.12 -10.29 -7.70
CA LEU A 49 -9.12 -9.14 -8.60
C LEU A 49 -9.61 -9.55 -9.98
N LYS A 50 -8.93 -10.54 -10.56
CA LYS A 50 -9.29 -11.05 -11.88
C LYS A 50 -10.68 -11.68 -11.87
N SER A 51 -10.92 -12.60 -10.94
CA SER A 51 -12.20 -13.28 -10.82
C SER A 51 -13.38 -12.32 -11.05
N ARG A 52 -13.18 -11.06 -10.69
CA ARG A 52 -14.24 -10.06 -10.85
C ARG A 52 -14.22 -9.47 -12.26
N GLY A 53 -13.02 -9.19 -12.77
CA GLY A 53 -12.89 -8.63 -14.10
C GLY A 53 -12.13 -7.31 -14.13
N TYR A 54 -11.49 -6.97 -13.00
CA TYR A 54 -10.73 -5.73 -12.93
C TYR A 54 -9.37 -5.89 -13.60
N LYS A 55 -9.19 -5.23 -14.74
CA LYS A 55 -7.94 -5.29 -15.47
C LYS A 55 -7.06 -4.10 -15.15
N PHE A 56 -5.77 -4.25 -15.41
CA PHE A 56 -4.80 -3.20 -15.14
C PHE A 56 -4.19 -2.61 -16.40
N ASP A 57 -3.72 -1.38 -16.28
CA ASP A 57 -3.06 -0.69 -17.38
C ASP A 57 -1.62 -0.41 -17.00
N ILE A 58 -1.43 0.03 -15.75
CA ILE A 58 -0.09 0.30 -15.24
C ILE A 58 0.02 -0.21 -13.79
N ALA A 59 1.20 -0.68 -13.39
CA ALA A 59 1.38 -1.22 -12.03
C ALA A 59 2.53 -0.54 -11.28
N PHE A 60 2.31 -0.36 -9.98
CA PHE A 60 3.32 0.27 -9.12
C PHE A 60 3.50 -0.53 -7.82
N THR A 61 4.74 -0.89 -7.52
CA THR A 61 5.03 -1.64 -6.32
C THR A 61 6.07 -0.92 -5.45
N SER A 62 6.38 -1.49 -4.31
CA SER A 62 7.39 -0.92 -3.42
C SER A 62 8.75 -1.47 -3.79
N ALA A 63 9.80 -0.98 -3.13
CA ALA A 63 11.14 -1.48 -3.40
C ALA A 63 11.50 -2.64 -2.49
N LEU A 64 10.48 -3.35 -2.00
CA LEU A 64 10.69 -4.49 -1.11
C LEU A 64 10.26 -5.80 -1.76
N GLN A 65 10.99 -6.87 -1.44
CA GLN A 65 10.70 -8.19 -1.97
C GLN A 65 9.23 -8.55 -1.81
N ARG A 66 8.71 -8.37 -0.60
CA ARG A 66 7.31 -8.68 -0.31
C ARG A 66 6.39 -8.20 -1.43
N ALA A 67 6.53 -6.93 -1.80
CA ALA A 67 5.72 -6.35 -2.86
C ALA A 67 6.28 -6.73 -4.22
N GLN A 68 7.60 -6.68 -4.33
CA GLN A 68 8.28 -7.03 -5.56
C GLN A 68 7.90 -8.45 -5.98
N LYS A 69 7.55 -9.26 -4.98
CA LYS A 69 7.13 -10.63 -5.20
C LYS A 69 5.62 -10.69 -5.28
N THR A 70 4.97 -10.14 -4.26
CA THR A 70 3.51 -10.12 -4.21
C THR A 70 2.93 -9.60 -5.52
N CYS A 71 3.64 -8.65 -6.15
CA CYS A 71 3.19 -8.09 -7.42
C CYS A 71 3.22 -9.15 -8.51
N GLN A 72 4.38 -9.79 -8.67
CA GLN A 72 4.54 -10.84 -9.67
C GLN A 72 3.43 -11.88 -9.54
N ILE A 73 3.24 -12.38 -8.31
CA ILE A 73 2.22 -13.38 -8.05
C ILE A 73 0.87 -12.92 -8.61
N ILE A 74 0.32 -11.86 -8.03
CA ILE A 74 -0.95 -11.33 -8.50
C ILE A 74 -0.89 -11.05 -9.99
N LEU A 75 0.24 -10.48 -10.43
CA LEU A 75 0.43 -10.18 -11.84
C LEU A 75 0.27 -11.45 -12.67
N GLU A 76 1.20 -12.38 -12.49
CA GLU A 76 1.16 -13.65 -13.21
C GLU A 76 -0.16 -14.36 -12.94
N GLU A 77 -0.74 -14.08 -11.77
CA GLU A 77 -2.01 -14.69 -11.39
C GLU A 77 -3.16 -14.08 -12.19
N VAL A 78 -3.12 -12.76 -12.37
CA VAL A 78 -4.16 -12.07 -13.12
C VAL A 78 -4.01 -12.28 -14.63
N GLY A 79 -2.95 -12.99 -15.03
CA GLY A 79 -2.73 -13.26 -16.43
C GLY A 79 -2.37 -12.02 -17.23
N GLU A 80 -1.72 -11.05 -16.58
CA GLU A 80 -1.32 -9.83 -17.26
C GLU A 80 0.08 -9.39 -16.85
N PRO A 81 1.09 -10.27 -16.97
CA PRO A 81 2.48 -9.93 -16.62
C PRO A 81 3.05 -8.86 -17.54
N ASN A 82 2.77 -8.99 -18.83
CA ASN A 82 3.25 -8.03 -19.82
C ASN A 82 2.96 -6.60 -19.38
N LEU A 83 1.91 -6.44 -18.59
CA LEU A 83 1.52 -5.11 -18.11
C LEU A 83 2.73 -4.38 -17.51
N GLU A 84 2.71 -3.06 -17.59
CA GLU A 84 3.80 -2.26 -17.06
C GLU A 84 3.77 -2.22 -15.53
N THR A 85 4.61 -3.04 -14.91
CA THR A 85 4.68 -3.08 -13.45
C THR A 85 5.97 -2.42 -12.99
N ILE A 86 5.85 -1.36 -12.18
CA ILE A 86 7.02 -0.66 -11.70
C ILE A 86 7.07 -0.65 -10.18
N LYS A 87 8.12 -0.06 -9.63
CA LYS A 87 8.28 0.00 -8.18
C LYS A 87 9.00 1.25 -7.74
N SER A 88 8.88 1.57 -6.45
CA SER A 88 9.53 2.75 -5.90
C SER A 88 10.10 2.46 -4.50
N GLU A 89 11.18 3.15 -4.17
CA GLU A 89 11.81 3.00 -2.86
C GLU A 89 11.04 3.79 -1.83
N LYS A 90 10.40 4.86 -2.29
CA LYS A 90 9.59 5.70 -1.42
C LYS A 90 8.24 5.04 -1.16
N LEU A 91 7.91 4.00 -1.93
CA LEU A 91 6.66 3.29 -1.75
C LEU A 91 6.76 2.26 -0.62
N ASN A 92 7.96 2.14 -0.03
CA ASN A 92 8.17 1.20 1.05
C ASN A 92 7.35 1.57 2.28
N GLU A 93 7.49 0.77 3.34
CA GLU A 93 6.77 1.02 4.58
C GLU A 93 7.48 2.07 5.42
N ARG A 94 6.70 2.86 6.17
CA ARG A 94 7.26 3.90 7.01
C ARG A 94 8.38 3.35 7.91
N TYR A 95 9.53 3.99 7.84
CA TYR A 95 10.68 3.58 8.65
C TYR A 95 10.28 3.51 10.12
N TYR A 96 10.45 2.34 10.73
CA TYR A 96 10.08 2.14 12.13
C TYR A 96 11.28 2.26 13.06
N GLY A 97 12.26 3.10 12.69
CA GLY A 97 13.44 3.31 13.51
C GLY A 97 13.87 2.09 14.32
N ASP A 98 14.00 2.28 15.62
CA ASP A 98 14.41 1.20 16.52
C ASP A 98 13.25 0.23 16.80
N LEU A 99 12.07 0.51 16.25
CA LEU A 99 10.90 -0.34 16.46
C LEU A 99 10.83 -1.44 15.40
N GLN A 100 11.92 -1.64 14.67
CA GLN A 100 11.97 -2.65 13.63
C GLN A 100 12.07 -4.05 14.23
N GLY A 101 11.06 -4.88 13.97
CA GLY A 101 11.08 -6.24 14.50
C GLY A 101 10.60 -6.33 15.93
N LEU A 102 10.11 -5.23 16.48
CA LEU A 102 9.63 -5.21 17.85
C LEU A 102 8.39 -6.09 17.97
N ASN A 103 8.47 -7.11 18.80
CA ASN A 103 7.35 -8.01 19.00
C ASN A 103 6.10 -7.22 19.38
N LYS A 104 5.11 -7.18 18.49
CA LYS A 104 3.87 -6.45 18.73
C LYS A 104 3.40 -6.65 20.17
N ASP A 105 3.61 -7.84 20.69
CA ASP A 105 3.24 -8.15 22.06
C ASP A 105 4.04 -7.28 23.02
N ASP A 106 5.35 -7.27 22.83
CA ASP A 106 6.23 -6.45 23.65
C ASP A 106 5.99 -4.98 23.35
N ALA A 107 5.88 -4.67 22.06
CA ALA A 107 5.63 -3.31 21.63
C ALA A 107 4.31 -2.80 22.21
N ARG A 108 3.31 -3.67 22.18
CA ARG A 108 1.99 -3.31 22.72
C ARG A 108 2.01 -3.44 24.25
N LYS A 109 2.86 -4.34 24.74
CA LYS A 109 3.00 -4.57 26.17
C LYS A 109 3.70 -3.39 26.84
N LYS A 110 4.83 -2.98 26.26
CA LYS A 110 5.58 -1.86 26.80
C LYS A 110 5.36 -0.61 25.96
N TRP A 111 4.15 -0.05 26.06
CA TRP A 111 3.75 1.16 25.31
C TRP A 111 2.23 1.20 25.14
N GLY A 112 1.59 0.03 25.23
CA GLY A 112 0.15 -0.06 25.09
C GLY A 112 -0.34 0.53 23.79
N ALA A 113 -1.59 0.21 23.45
CA ALA A 113 -2.21 0.71 22.24
C ALA A 113 -2.01 2.22 22.14
N GLU A 114 -2.01 2.90 23.28
CA GLU A 114 -1.83 4.34 23.32
C GLU A 114 -0.46 4.72 22.76
N GLN A 115 0.60 4.50 23.54
CA GLN A 115 1.93 4.82 23.08
C GLN A 115 2.20 4.16 21.73
N VAL A 116 1.83 2.87 21.64
CA VAL A 116 2.00 2.16 20.38
C VAL A 116 1.29 2.92 19.26
N GLN A 117 0.05 3.34 19.52
CA GLN A 117 -0.71 4.10 18.54
C GLN A 117 0.07 5.32 18.11
N ILE A 118 0.40 6.18 19.05
CA ILE A 118 1.16 7.37 18.74
C ILE A 118 2.54 6.99 18.17
N TRP A 119 2.93 5.73 18.36
CA TRP A 119 4.23 5.26 17.86
C TRP A 119 4.13 4.72 16.43
N ARG A 120 3.05 3.98 16.13
CA ARG A 120 2.89 3.39 14.80
C ARG A 120 1.71 4.00 14.03
N ARG A 121 0.68 4.41 14.76
CA ARG A 121 -0.51 5.00 14.14
C ARG A 121 -0.40 6.52 14.02
N SER A 122 0.52 7.11 14.79
CA SER A 122 0.72 8.57 14.78
C SER A 122 0.57 9.15 13.37
N TYR A 123 0.27 10.44 13.30
CA TYR A 123 0.09 11.10 12.01
C TYR A 123 1.38 11.76 11.52
N ASP A 124 1.96 12.61 12.36
CA ASP A 124 3.19 13.31 11.99
C ASP A 124 4.35 12.85 12.86
N ILE A 125 4.05 12.48 14.10
CA ILE A 125 5.07 12.01 15.02
C ILE A 125 5.48 10.58 14.70
N ALA A 126 6.77 10.29 14.84
CA ALA A 126 7.29 8.96 14.55
C ALA A 126 8.11 8.41 15.71
N PRO A 127 8.32 7.08 15.74
CA PRO A 127 9.10 6.44 16.80
C PRO A 127 10.59 6.74 16.70
N PRO A 128 11.38 6.33 17.70
CA PRO A 128 12.83 6.55 17.71
C PRO A 128 13.45 6.40 16.33
N ASN A 129 13.53 7.50 15.60
CA ASN A 129 14.08 7.51 14.26
C ASN A 129 13.12 6.84 13.28
N GLY A 130 13.20 7.24 12.02
CA GLY A 130 12.31 6.68 11.02
C GLY A 130 11.36 7.69 10.43
N GLU A 131 10.19 7.23 10.03
CA GLU A 131 9.18 8.10 9.44
C GLU A 131 7.84 7.93 10.15
N SER A 132 6.84 8.69 9.72
CA SER A 132 5.52 8.63 10.33
C SER A 132 4.43 8.46 9.26
N LEU A 133 3.96 9.57 8.73
CA LEU A 133 2.93 9.56 7.69
C LEU A 133 3.17 10.71 6.72
N LYS A 134 3.10 11.94 7.23
CA LYS A 134 3.33 13.11 6.41
C LYS A 134 4.66 12.98 5.68
N ASP A 135 5.65 12.46 6.39
CA ASP A 135 6.97 12.25 5.80
C ASP A 135 6.87 11.23 4.68
N THR A 136 6.32 10.05 5.02
CA THR A 136 6.13 9.00 4.03
C THR A 136 5.39 9.56 2.83
N ALA A 137 4.33 10.32 3.10
CA ALA A 137 3.58 10.94 2.03
C ALA A 137 4.47 11.93 1.28
N GLU A 138 5.16 12.78 2.04
CA GLU A 138 6.06 13.77 1.47
C GLU A 138 7.09 13.10 0.56
N ARG A 139 7.44 11.85 0.88
CA ARG A 139 8.42 11.12 0.07
C ARG A 139 7.73 10.14 -0.88
N VAL A 140 6.45 9.86 -0.65
CA VAL A 140 5.69 8.95 -1.50
C VAL A 140 4.88 9.72 -2.54
N LEU A 141 4.61 10.99 -2.26
CA LEU A 141 3.83 11.82 -3.16
C LEU A 141 4.62 12.26 -4.39
N PRO A 142 5.88 12.70 -4.21
CA PRO A 142 6.71 13.14 -5.33
C PRO A 142 6.77 12.08 -6.42
N TYR A 143 7.03 10.84 -6.02
CA TYR A 143 7.06 9.73 -6.96
C TYR A 143 5.70 9.65 -7.63
N TYR A 144 4.67 9.68 -6.78
CA TYR A 144 3.29 9.66 -7.25
C TYR A 144 3.08 10.75 -8.28
N LYS A 145 3.14 12.00 -7.84
CA LYS A 145 2.96 13.10 -8.75
C LYS A 145 3.91 12.99 -9.95
N SER A 146 5.20 13.12 -9.66
CA SER A 146 6.25 13.06 -10.67
C SER A 146 6.11 11.89 -11.65
N THR A 147 6.25 10.67 -11.16
CA THR A 147 6.21 9.51 -12.05
C THR A 147 4.87 8.77 -12.06
N ILE A 148 3.83 9.33 -11.46
CA ILE A 148 2.53 8.66 -11.47
C ILE A 148 1.39 9.60 -11.85
N VAL A 149 1.70 10.86 -12.10
CA VAL A 149 0.66 11.80 -12.50
C VAL A 149 0.50 11.93 -14.03
N PRO A 150 1.46 11.46 -14.87
CA PRO A 150 1.34 11.59 -16.32
C PRO A 150 0.41 10.55 -16.96
N HIS A 151 0.63 9.28 -16.63
CA HIS A 151 -0.18 8.20 -17.19
C HIS A 151 -1.63 8.28 -16.73
N ILE A 152 -1.83 8.57 -15.44
CA ILE A 152 -3.17 8.68 -14.88
C ILE A 152 -4.01 9.69 -15.65
N LEU A 153 -3.35 10.60 -16.35
CA LEU A 153 -4.04 11.62 -17.13
C LEU A 153 -4.17 11.21 -18.60
N LYS A 154 -3.37 10.23 -19.02
CA LYS A 154 -3.40 9.76 -20.40
C LYS A 154 -4.68 8.99 -20.68
N GLY A 155 -5.03 8.07 -19.79
CA GLY A 155 -6.23 7.28 -19.95
C GLY A 155 -6.02 5.83 -19.58
N GLU A 156 -5.33 5.60 -18.47
CA GLU A 156 -5.06 4.26 -17.98
C GLU A 156 -5.24 4.19 -16.47
N LYS A 157 -5.58 3.00 -15.97
CA LYS A 157 -5.76 2.81 -14.53
C LYS A 157 -4.51 2.16 -13.94
N VAL A 158 -4.32 2.24 -12.62
CA VAL A 158 -3.07 1.73 -12.04
C VAL A 158 -3.21 0.80 -10.84
N LEU A 159 -2.15 -0.02 -10.68
CA LEU A 159 -2.00 -0.96 -9.56
C LEU A 159 -0.98 -0.39 -8.60
N ILE A 160 -1.22 -0.51 -7.30
CA ILE A 160 -0.27 0.01 -6.32
C ILE A 160 -0.07 -0.97 -5.16
N ALA A 161 1.12 -1.54 -5.09
CA ALA A 161 1.44 -2.49 -4.03
C ALA A 161 2.61 -2.00 -3.17
N ALA A 162 2.31 -1.62 -1.94
CA ALA A 162 3.32 -1.13 -1.03
C ALA A 162 3.03 -1.55 0.41
N HIS A 163 2.41 -0.66 1.21
CA HIS A 163 2.09 -0.98 2.60
C HIS A 163 1.00 -0.07 3.13
N GLY A 164 0.40 -0.45 4.26
CA GLY A 164 -0.63 0.36 4.86
C GLY A 164 -0.20 1.81 4.98
N ASN A 165 1.09 2.00 5.22
CA ASN A 165 1.65 3.34 5.34
C ASN A 165 1.58 4.03 3.98
N SER A 166 2.21 3.43 2.97
CA SER A 166 2.18 3.99 1.63
C SER A 166 0.73 4.23 1.22
N LEU A 167 -0.11 3.23 1.48
CA LEU A 167 -1.53 3.33 1.17
C LEU A 167 -2.16 4.46 1.97
N ARG A 168 -1.84 4.51 3.27
CA ARG A 168 -2.34 5.56 4.14
C ARG A 168 -1.94 6.91 3.58
N ALA A 169 -0.64 7.09 3.37
CA ALA A 169 -0.12 8.32 2.82
C ALA A 169 -0.82 8.65 1.51
N LEU A 170 -0.75 7.71 0.56
CA LEU A 170 -1.38 7.90 -0.73
C LEU A 170 -2.87 8.18 -0.55
N ILE A 171 -3.60 7.19 -0.03
CA ILE A 171 -5.04 7.35 0.19
C ILE A 171 -5.35 8.67 0.89
N MET A 172 -4.68 8.94 2.01
CA MET A 172 -4.92 10.18 2.73
C MET A 172 -4.64 11.37 1.83
N ASP A 173 -3.59 11.26 1.03
CA ASP A 173 -3.24 12.34 0.10
C ASP A 173 -4.25 12.42 -1.03
N LEU A 174 -4.72 11.27 -1.47
CA LEU A 174 -5.71 11.20 -2.55
C LEU A 174 -7.06 11.66 -2.05
N GLU A 175 -7.40 11.28 -0.83
CA GLU A 175 -8.68 11.66 -0.23
C GLU A 175 -8.59 13.02 0.42
N GLY A 176 -7.37 13.45 0.76
CA GLY A 176 -7.18 14.73 1.40
C GLY A 176 -7.48 14.69 2.87
N LEU A 177 -7.36 13.51 3.47
CA LEU A 177 -7.62 13.34 4.89
C LEU A 177 -6.86 14.36 5.72
N THR A 178 -7.01 14.29 7.03
CA THR A 178 -6.34 15.21 7.93
C THR A 178 -5.36 14.47 8.85
N GLY A 179 -5.01 15.08 9.97
CA GLY A 179 -4.08 14.45 10.89
C GLY A 179 -4.76 13.51 11.86
N ASP A 180 -6.05 13.72 12.09
CA ASP A 180 -6.81 12.87 13.01
C ASP A 180 -8.02 12.25 12.33
N GLN A 181 -7.96 12.14 11.00
CA GLN A 181 -9.06 11.56 10.23
C GLN A 181 -8.58 10.45 9.30
N ILE A 182 -7.26 10.22 9.26
CA ILE A 182 -6.71 9.17 8.40
C ILE A 182 -6.33 7.95 9.22
N VAL A 183 -5.86 8.18 10.45
CA VAL A 183 -5.47 7.09 11.33
C VAL A 183 -6.53 6.00 11.37
N LYS A 184 -7.78 6.39 11.11
CA LYS A 184 -8.88 5.44 11.10
C LYS A 184 -8.88 4.60 9.83
N ARG A 185 -8.39 5.19 8.74
CA ARG A 185 -8.32 4.49 7.46
C ARG A 185 -7.57 3.17 7.61
N GLU A 186 -8.25 2.08 7.28
CA GLU A 186 -7.65 0.75 7.37
C GLU A 186 -7.68 0.04 6.02
N LEU A 187 -6.84 -0.97 5.87
CA LEU A 187 -6.76 -1.73 4.63
C LEU A 187 -6.43 -3.19 4.90
N ALA A 188 -7.08 -4.10 4.16
CA ALA A 188 -6.84 -5.52 4.33
C ALA A 188 -5.55 -5.94 3.64
N THR A 189 -5.06 -7.13 3.98
CA THR A 189 -3.82 -7.64 3.40
C THR A 189 -4.12 -8.69 2.34
N GLY A 190 -3.77 -8.39 1.10
CA GLY A 190 -4.02 -9.31 0.01
C GLY A 190 -5.13 -8.85 -0.92
N VAL A 191 -6.11 -8.16 -0.37
CA VAL A 191 -7.23 -7.65 -1.15
C VAL A 191 -6.87 -6.33 -1.84
N PRO A 192 -6.83 -6.32 -3.18
CA PRO A 192 -6.49 -5.12 -3.96
C PRO A 192 -7.59 -4.07 -3.94
N ILE A 193 -7.41 -3.04 -3.10
CA ILE A 193 -8.39 -1.96 -2.98
C ILE A 193 -8.43 -1.14 -4.28
N VAL A 194 -9.58 -0.52 -4.54
CA VAL A 194 -9.75 0.29 -5.74
C VAL A 194 -10.21 1.70 -5.39
N TYR A 195 -9.40 2.70 -5.78
CA TYR A 195 -9.73 4.09 -5.51
C TYR A 195 -10.17 4.81 -6.77
N HIS A 196 -11.41 5.27 -6.79
CA HIS A 196 -11.94 6.00 -7.93
C HIS A 196 -11.52 7.46 -7.85
N LEU A 197 -10.47 7.81 -8.58
CA LEU A 197 -9.94 9.17 -8.56
C LEU A 197 -10.38 9.98 -9.76
N ASP A 198 -10.39 11.30 -9.56
CA ASP A 198 -10.78 12.22 -10.62
C ASP A 198 -9.63 12.43 -11.60
N LYS A 199 -9.83 13.34 -12.55
CA LYS A 199 -8.80 13.63 -13.54
C LYS A 199 -7.61 14.37 -12.93
N ASP A 200 -7.70 14.74 -11.65
CA ASP A 200 -6.63 15.45 -10.98
C ASP A 200 -5.84 14.51 -10.07
N GLY A 201 -6.46 13.40 -9.68
CA GLY A 201 -5.80 12.44 -8.81
C GLY A 201 -6.39 12.42 -7.42
N LYS A 202 -7.67 12.76 -7.32
CA LYS A 202 -8.36 12.78 -6.04
C LYS A 202 -9.57 11.85 -6.05
N TYR A 203 -9.81 11.17 -4.93
CA TYR A 203 -10.93 10.26 -4.81
C TYR A 203 -12.23 10.93 -5.28
N VAL A 204 -13.11 10.15 -5.89
CA VAL A 204 -14.38 10.68 -6.39
C VAL A 204 -15.56 9.78 -6.00
N SER A 205 -15.30 8.73 -5.23
CA SER A 205 -16.35 7.82 -4.80
C SER A 205 -15.99 7.16 -3.48
N LYS A 206 -15.22 6.09 -3.54
CA LYS A 206 -14.81 5.38 -2.35
C LYS A 206 -14.02 4.12 -2.72
N GLU A 207 -13.44 3.48 -1.71
CA GLU A 207 -12.67 2.26 -1.94
C GLU A 207 -13.59 1.06 -2.14
N LEU A 208 -13.02 -0.06 -2.55
CA LEU A 208 -13.80 -1.27 -2.79
C LEU A 208 -12.91 -2.47 -3.13
N ILE A 209 -13.23 -3.61 -2.53
CA ILE A 209 -12.49 -4.84 -2.76
C ILE A 209 -13.34 -5.84 -3.53
N ASP A 210 -12.69 -6.84 -4.11
CA ASP A 210 -13.38 -7.87 -4.88
C ASP A 210 -14.44 -8.55 -4.01
N ASN A 211 -14.01 -9.14 -2.90
CA ASN A 211 -14.91 -9.82 -2.00
C ASN A 211 -15.99 -8.87 -1.49
N MET A 1 -6.89 -0.27 -17.32
CA MET A 1 -6.95 0.80 -18.35
C MET A 1 -8.27 1.57 -18.26
N THR A 2 -8.23 2.75 -17.65
CA THR A 2 -9.42 3.57 -17.50
C THR A 2 -9.77 4.25 -18.83
N THR A 3 -10.43 3.50 -19.71
CA THR A 3 -10.82 4.02 -21.02
C THR A 3 -11.36 5.44 -20.92
N GLU A 4 -12.26 5.65 -19.97
CA GLU A 4 -12.85 6.98 -19.76
C GLU A 4 -11.79 7.96 -19.27
N ALA A 5 -11.45 8.92 -20.12
CA ALA A 5 -10.46 9.92 -19.77
C ALA A 5 -10.97 10.87 -18.69
N ALA A 6 -11.26 10.33 -17.52
CA ALA A 6 -11.76 11.12 -16.41
C ALA A 6 -11.77 10.34 -15.10
N PRO A 7 -12.61 9.28 -15.02
CA PRO A 7 -12.71 8.45 -13.81
C PRO A 7 -11.56 7.45 -13.68
N ASN A 8 -10.35 7.94 -13.50
CA ASN A 8 -9.19 7.07 -13.35
C ASN A 8 -9.42 6.09 -12.20
N LEU A 9 -8.94 4.86 -12.35
CA LEU A 9 -9.12 3.86 -11.30
C LEU A 9 -7.77 3.43 -10.71
N LEU A 10 -7.72 3.43 -9.38
CA LEU A 10 -6.50 3.05 -8.66
C LEU A 10 -6.78 1.98 -7.63
N VAL A 11 -6.00 0.92 -7.65
CA VAL A 11 -6.18 -0.16 -6.68
C VAL A 11 -4.97 -0.26 -5.74
N LEU A 12 -5.26 -0.64 -4.50
CA LEU A 12 -4.22 -0.80 -3.48
C LEU A 12 -4.24 -2.23 -2.97
N THR A 13 -3.12 -2.93 -3.12
CA THR A 13 -3.03 -4.31 -2.68
C THR A 13 -1.81 -4.52 -1.78
N ARG A 14 -2.03 -4.45 -0.47
CA ARG A 14 -0.97 -4.65 0.49
C ARG A 14 -0.58 -6.12 0.59
N HIS A 15 0.70 -6.40 0.40
CA HIS A 15 1.20 -7.78 0.47
C HIS A 15 0.58 -8.52 1.64
N GLY A 16 0.48 -9.84 1.52
CA GLY A 16 -0.09 -10.63 2.60
C GLY A 16 0.70 -10.54 3.88
N GLU A 17 1.02 -11.67 4.48
CA GLU A 17 1.78 -11.71 5.72
C GLU A 17 3.20 -12.23 5.48
N SER A 18 4.16 -11.60 6.14
CA SER A 18 5.56 -11.99 6.01
C SER A 18 5.99 -12.87 7.18
N GLU A 19 7.12 -13.56 7.02
CA GLU A 19 7.64 -14.43 8.06
C GLU A 19 7.65 -13.71 9.41
N TRP A 20 8.01 -12.43 9.39
CA TRP A 20 8.05 -11.63 10.62
C TRP A 20 6.66 -11.56 11.25
N ASN A 21 5.63 -11.71 10.42
CA ASN A 21 4.26 -11.68 10.89
C ASN A 21 3.99 -12.86 11.80
N LYS A 22 4.58 -14.01 11.46
CA LYS A 22 4.42 -15.22 12.25
C LYS A 22 5.01 -15.02 13.64
N LEU A 23 6.24 -14.51 13.68
CA LEU A 23 6.92 -14.25 14.94
C LEU A 23 6.15 -13.22 15.77
N ASN A 24 5.39 -12.37 15.07
CA ASN A 24 4.58 -11.34 15.71
C ASN A 24 5.41 -10.13 16.11
N LEU A 25 6.02 -9.47 15.12
CA LEU A 25 6.82 -8.28 15.37
C LEU A 25 6.58 -7.23 14.29
N PHE A 26 7.03 -6.00 14.55
CA PHE A 26 6.87 -4.91 13.60
C PHE A 26 7.75 -5.12 12.38
N THR A 27 7.27 -4.65 11.23
CA THR A 27 8.01 -4.79 9.98
C THR A 27 9.08 -3.70 9.86
N GLY A 28 8.68 -2.51 9.44
CA GLY A 28 9.63 -1.42 9.29
C GLY A 28 10.22 -1.35 7.91
N TRP A 29 11.53 -1.11 7.84
CA TRP A 29 12.23 -1.02 6.56
C TRP A 29 12.89 -2.35 6.19
N LYS A 30 13.11 -3.20 7.20
CA LYS A 30 13.74 -4.50 6.98
C LYS A 30 13.06 -5.25 5.84
N ASP A 31 13.82 -6.10 5.16
CA ASP A 31 13.29 -6.88 4.04
C ASP A 31 13.14 -8.34 4.43
N PRO A 32 11.92 -8.76 4.82
CA PRO A 32 11.63 -10.13 5.21
C PRO A 32 11.28 -11.02 4.04
N ALA A 33 10.77 -12.22 4.33
CA ALA A 33 10.39 -13.16 3.29
C ALA A 33 8.92 -13.56 3.41
N LEU A 34 8.13 -13.24 2.39
CA LEU A 34 6.72 -13.57 2.38
C LEU A 34 6.50 -15.04 2.75
N SER A 35 5.27 -15.37 3.13
CA SER A 35 4.94 -16.74 3.51
C SER A 35 3.81 -17.30 2.64
N GLU A 36 3.48 -18.57 2.87
CA GLU A 36 2.42 -19.24 2.13
C GLU A 36 1.15 -18.40 2.15
N THR A 37 0.82 -17.89 3.32
CA THR A 37 -0.36 -17.05 3.47
C THR A 37 -0.19 -15.82 2.60
N GLY A 38 1.04 -15.33 2.55
CA GLY A 38 1.34 -14.18 1.72
C GLY A 38 1.16 -14.51 0.26
N ILE A 39 1.85 -15.54 -0.20
CA ILE A 39 1.73 -15.97 -1.58
C ILE A 39 0.27 -16.29 -1.88
N LYS A 40 -0.31 -17.12 -1.02
CA LYS A 40 -1.71 -17.49 -1.13
C LYS A 40 -2.56 -16.23 -1.12
N GLU A 41 -2.12 -15.25 -0.33
CA GLU A 41 -2.83 -13.98 -0.23
C GLU A 41 -2.70 -13.24 -1.56
N ALA A 42 -1.47 -13.17 -2.07
CA ALA A 42 -1.22 -12.51 -3.35
C ALA A 42 -2.01 -13.20 -4.45
N LYS A 43 -1.84 -14.53 -4.55
CA LYS A 43 -2.55 -15.32 -5.55
C LYS A 43 -4.05 -15.03 -5.44
N LEU A 44 -4.57 -15.19 -4.23
CA LEU A 44 -5.98 -14.93 -3.98
C LEU A 44 -6.29 -13.50 -4.38
N GLY A 45 -5.47 -12.56 -3.91
CA GLY A 45 -5.66 -11.17 -4.25
C GLY A 45 -5.79 -10.99 -5.75
N GLY A 46 -4.74 -11.39 -6.47
CA GLY A 46 -4.79 -11.29 -7.92
C GLY A 46 -5.99 -12.04 -8.47
N GLU A 47 -6.19 -13.25 -7.98
CA GLU A 47 -7.32 -14.08 -8.40
C GLU A 47 -8.61 -13.27 -8.25
N ARG A 48 -8.86 -12.79 -7.03
CA ARG A 48 -10.04 -11.98 -6.76
C ARG A 48 -10.01 -10.74 -7.63
N LEU A 49 -8.83 -10.16 -7.78
CA LEU A 49 -8.67 -8.95 -8.59
C LEU A 49 -9.17 -9.18 -10.01
N LYS A 50 -8.62 -10.18 -10.68
CA LYS A 50 -9.01 -10.48 -12.06
C LYS A 50 -10.31 -11.29 -12.13
N SER A 51 -10.65 -11.97 -11.04
CA SER A 51 -11.85 -12.80 -10.99
C SER A 51 -13.11 -11.96 -11.08
N ARG A 52 -13.30 -11.08 -10.11
CA ARG A 52 -14.49 -10.23 -10.08
C ARG A 52 -14.57 -9.34 -11.32
N GLY A 53 -13.46 -9.21 -12.04
CA GLY A 53 -13.46 -8.41 -13.24
C GLY A 53 -12.74 -7.08 -13.09
N TYR A 54 -11.47 -7.14 -12.70
CA TYR A 54 -10.67 -5.94 -12.53
C TYR A 54 -9.41 -6.00 -13.38
N LYS A 55 -9.21 -5.00 -14.23
CA LYS A 55 -8.04 -4.94 -15.10
C LYS A 55 -7.10 -3.85 -14.65
N PHE A 56 -5.91 -3.85 -15.20
CA PHE A 56 -4.89 -2.87 -14.82
C PHE A 56 -4.15 -2.29 -16.03
N ASP A 57 -3.89 -0.99 -15.96
CA ASP A 57 -3.14 -0.30 -16.99
C ASP A 57 -1.74 0.01 -16.46
N ILE A 58 -1.65 0.18 -15.13
CA ILE A 58 -0.38 0.45 -14.48
C ILE A 58 -0.31 -0.27 -13.12
N ALA A 59 0.91 -0.57 -12.67
CA ALA A 59 1.09 -1.24 -11.40
C ALA A 59 2.22 -0.62 -10.59
N PHE A 60 1.90 -0.20 -9.37
CA PHE A 60 2.89 0.43 -8.50
C PHE A 60 3.21 -0.44 -7.30
N THR A 61 4.45 -0.92 -7.22
CA THR A 61 4.86 -1.75 -6.10
C THR A 61 5.97 -1.10 -5.30
N SER A 62 6.25 -1.64 -4.13
CA SER A 62 7.33 -1.10 -3.30
C SER A 62 8.65 -1.71 -3.74
N ALA A 63 9.76 -1.18 -3.25
CA ALA A 63 11.07 -1.71 -3.61
C ALA A 63 11.48 -2.88 -2.73
N LEU A 64 10.51 -3.47 -2.02
CA LEU A 64 10.78 -4.59 -1.14
C LEU A 64 10.50 -5.92 -1.85
N GLN A 65 11.35 -6.91 -1.59
CA GLN A 65 11.20 -8.22 -2.21
C GLN A 65 9.76 -8.71 -2.10
N ARG A 66 9.19 -8.57 -0.91
CA ARG A 66 7.80 -8.96 -0.67
C ARG A 66 6.90 -8.41 -1.76
N ALA A 67 6.83 -7.10 -1.84
CA ALA A 67 6.02 -6.44 -2.86
C ALA A 67 6.47 -6.91 -4.25
N GLN A 68 7.79 -7.07 -4.40
CA GLN A 68 8.34 -7.54 -5.67
C GLN A 68 7.71 -8.87 -6.04
N LYS A 69 7.80 -9.81 -5.11
CA LYS A 69 7.21 -11.12 -5.30
C LYS A 69 5.71 -11.01 -5.43
N THR A 70 5.11 -10.21 -4.55
CA THR A 70 3.68 -9.99 -4.56
C THR A 70 3.23 -9.48 -5.93
N CYS A 71 4.09 -8.68 -6.56
CA CYS A 71 3.77 -8.13 -7.88
C CYS A 71 3.69 -9.24 -8.92
N GLN A 72 4.79 -9.95 -9.11
CA GLN A 72 4.84 -11.03 -10.09
C GLN A 72 3.67 -11.98 -9.89
N ILE A 73 3.45 -12.42 -8.65
CA ILE A 73 2.36 -13.32 -8.34
C ILE A 73 1.02 -12.70 -8.72
N ILE A 74 0.66 -11.62 -8.04
CA ILE A 74 -0.60 -10.93 -8.32
C ILE A 74 -0.73 -10.64 -9.82
N LEU A 75 0.34 -10.14 -10.43
CA LEU A 75 0.33 -9.85 -11.86
C LEU A 75 0.14 -11.14 -12.65
N GLU A 76 1.09 -12.05 -12.52
CA GLU A 76 1.03 -13.33 -13.20
C GLU A 76 -0.30 -14.02 -12.91
N GLU A 77 -0.90 -13.67 -11.77
CA GLU A 77 -2.18 -14.24 -11.37
C GLU A 77 -3.31 -13.53 -12.08
N VAL A 78 -3.23 -12.19 -12.09
CA VAL A 78 -4.24 -11.38 -12.76
C VAL A 78 -4.35 -11.77 -14.23
N GLY A 79 -3.31 -12.40 -14.75
CA GLY A 79 -3.31 -12.81 -16.15
C GLY A 79 -2.98 -11.67 -17.09
N GLU A 80 -2.36 -10.62 -16.55
CA GLU A 80 -1.99 -9.47 -17.36
C GLU A 80 -0.54 -9.03 -17.10
N PRO A 81 0.41 -9.98 -17.03
CA PRO A 81 1.82 -9.66 -16.79
C PRO A 81 2.27 -8.44 -17.60
N ASN A 82 1.90 -8.42 -18.87
CA ASN A 82 2.27 -7.30 -19.75
C ASN A 82 1.92 -5.97 -19.09
N LEU A 83 0.94 -6.00 -18.21
CA LEU A 83 0.49 -4.79 -17.50
C LEU A 83 1.69 -4.00 -16.97
N GLU A 84 1.75 -2.72 -17.31
CA GLU A 84 2.84 -1.85 -16.88
C GLU A 84 3.07 -1.98 -15.38
N THR A 85 4.09 -2.76 -15.00
CA THR A 85 4.41 -2.97 -13.60
C THR A 85 5.63 -2.15 -13.21
N ILE A 86 5.46 -1.27 -12.23
CA ILE A 86 6.53 -0.43 -11.75
C ILE A 86 6.50 -0.39 -10.22
N LYS A 87 7.59 0.08 -9.63
CA LYS A 87 7.69 0.15 -8.18
C LYS A 87 8.61 1.27 -7.75
N SER A 88 8.76 1.44 -6.43
CA SER A 88 9.64 2.49 -5.91
C SER A 88 10.15 2.18 -4.51
N GLU A 89 11.28 2.77 -4.15
CA GLU A 89 11.87 2.59 -2.84
C GLU A 89 11.15 3.45 -1.83
N LYS A 90 10.68 4.60 -2.30
CA LYS A 90 9.94 5.52 -1.46
C LYS A 90 8.56 4.95 -1.14
N LEU A 91 8.16 3.91 -1.86
CA LEU A 91 6.86 3.28 -1.64
C LEU A 91 6.96 2.16 -0.61
N ASN A 92 8.04 2.16 0.17
CA ASN A 92 8.26 1.14 1.18
C ASN A 92 7.48 1.47 2.46
N GLU A 93 7.58 0.59 3.44
CA GLU A 93 6.89 0.78 4.72
C GLU A 93 7.57 1.87 5.55
N ARG A 94 6.78 2.56 6.36
CA ARG A 94 7.30 3.63 7.21
C ARG A 94 8.46 3.12 8.07
N TYR A 95 9.64 3.69 7.86
CA TYR A 95 10.83 3.29 8.61
C TYR A 95 10.52 3.21 10.10
N TYR A 96 10.65 2.02 10.67
CA TYR A 96 10.39 1.80 12.09
C TYR A 96 11.70 1.58 12.84
N GLY A 97 12.55 2.62 12.85
CA GLY A 97 13.84 2.56 13.52
C GLY A 97 13.85 1.70 14.77
N ASP A 98 13.41 2.26 15.89
CA ASP A 98 13.40 1.54 17.16
C ASP A 98 12.25 0.53 17.23
N LEU A 99 11.32 0.61 16.29
CA LEU A 99 10.18 -0.31 16.28
C LEU A 99 10.40 -1.48 15.33
N GLN A 100 11.59 -1.57 14.74
CA GLN A 100 11.89 -2.64 13.81
C GLN A 100 12.16 -3.95 14.54
N GLY A 101 11.28 -4.93 14.32
CA GLY A 101 11.43 -6.22 14.97
C GLY A 101 10.72 -6.31 16.31
N LEU A 102 10.14 -5.20 16.76
CA LEU A 102 9.44 -5.17 18.02
C LEU A 102 8.23 -6.11 18.01
N ASN A 103 8.16 -6.98 19.01
CA ASN A 103 7.06 -7.92 19.12
C ASN A 103 5.78 -7.18 19.49
N LYS A 104 4.76 -7.29 18.63
CA LYS A 104 3.48 -6.63 18.85
C LYS A 104 3.07 -6.73 20.32
N ASP A 105 3.34 -7.89 20.92
CA ASP A 105 3.02 -8.12 22.33
C ASP A 105 3.82 -7.16 23.20
N ASP A 106 5.14 -7.14 23.00
CA ASP A 106 6.01 -6.26 23.76
C ASP A 106 5.67 -4.81 23.41
N ALA A 107 5.52 -4.55 22.11
CA ALA A 107 5.17 -3.22 21.64
C ALA A 107 3.86 -2.76 22.26
N ARG A 108 2.85 -3.61 22.18
CA ARG A 108 1.54 -3.30 22.75
C ARG A 108 1.60 -3.36 24.27
N LYS A 109 2.52 -4.17 24.79
CA LYS A 109 2.68 -4.31 26.23
C LYS A 109 3.37 -3.08 26.81
N LYS A 110 4.41 -2.62 26.15
CA LYS A 110 5.14 -1.44 26.60
C LYS A 110 4.88 -0.26 25.67
N TRP A 111 3.65 0.27 25.74
CA TRP A 111 3.20 1.41 24.91
C TRP A 111 1.68 1.37 24.74
N GLY A 112 1.10 0.18 24.91
CA GLY A 112 -0.33 0.03 24.76
C GLY A 112 -0.84 0.51 23.42
N ALA A 113 -2.07 0.12 23.10
CA ALA A 113 -2.69 0.52 21.85
C ALA A 113 -2.48 2.01 21.60
N GLU A 114 -2.66 2.81 22.65
CA GLU A 114 -2.48 4.25 22.54
C GLU A 114 -1.10 4.60 22.00
N GLN A 115 -0.08 4.48 22.85
CA GLN A 115 1.28 4.82 22.44
C GLN A 115 1.65 4.06 21.17
N VAL A 116 1.45 2.74 21.15
CA VAL A 116 1.79 1.98 19.96
C VAL A 116 1.03 2.55 18.75
N GLN A 117 -0.22 2.96 18.95
CA GLN A 117 -1.01 3.54 17.87
C GLN A 117 -0.34 4.81 17.38
N ILE A 118 -0.23 5.80 18.28
CA ILE A 118 0.43 7.05 17.92
C ILE A 118 1.84 6.78 17.42
N TRP A 119 2.39 5.62 17.77
CA TRP A 119 3.74 5.26 17.35
C TRP A 119 3.74 4.67 15.93
N ARG A 120 2.89 3.66 15.70
CA ARG A 120 2.82 3.01 14.39
C ARG A 120 1.94 3.79 13.42
N ARG A 121 0.83 4.33 13.93
CA ARG A 121 -0.09 5.09 13.10
C ARG A 121 0.27 6.57 13.08
N SER A 122 -0.26 7.35 14.02
CA SER A 122 0.03 8.79 14.07
C SER A 122 -0.13 9.42 12.68
N TYR A 123 0.22 10.69 12.58
CA TYR A 123 0.12 11.40 11.31
C TYR A 123 1.50 11.89 10.86
N ASP A 124 2.17 12.64 11.73
CA ASP A 124 3.49 13.18 11.41
C ASP A 124 4.54 12.66 12.40
N ILE A 125 4.10 12.34 13.60
CA ILE A 125 5.00 11.83 14.63
C ILE A 125 5.46 10.41 14.32
N ALA A 126 6.67 10.08 14.74
CA ALA A 126 7.22 8.75 14.50
C ALA A 126 8.00 8.24 15.72
N PRO A 127 8.18 6.91 15.82
CA PRO A 127 8.91 6.31 16.93
C PRO A 127 10.39 6.70 16.94
N PRO A 128 11.10 6.44 18.04
CA PRO A 128 12.53 6.77 18.15
C PRO A 128 13.28 6.38 16.89
N ASN A 129 13.42 7.33 15.97
CA ASN A 129 14.10 7.09 14.70
C ASN A 129 13.16 6.36 13.73
N GLY A 130 13.19 6.77 12.48
CA GLY A 130 12.32 6.13 11.49
C GLY A 130 11.58 7.15 10.65
N GLU A 131 10.39 6.77 10.20
CA GLU A 131 9.56 7.64 9.37
C GLU A 131 8.12 7.70 9.89
N SER A 132 7.31 8.53 9.24
CA SER A 132 5.91 8.68 9.61
C SER A 132 5.04 8.79 8.36
N LEU A 133 3.84 9.33 8.51
CA LEU A 133 2.93 9.48 7.38
C LEU A 133 3.38 10.62 6.47
N LYS A 134 3.46 11.83 7.01
CA LYS A 134 3.86 12.99 6.23
C LYS A 134 5.16 12.71 5.47
N ASP A 135 6.10 12.05 6.14
CA ASP A 135 7.37 11.70 5.52
C ASP A 135 7.13 10.74 4.36
N THR A 136 6.61 9.56 4.69
CA THR A 136 6.30 8.55 3.68
C THR A 136 5.52 9.18 2.54
N ALA A 137 4.46 9.90 2.87
CA ALA A 137 3.66 10.56 1.85
C ALA A 137 4.51 11.60 1.11
N GLU A 138 5.29 12.37 1.86
CA GLU A 138 6.15 13.39 1.29
C GLU A 138 7.20 12.76 0.38
N ARG A 139 7.66 11.56 0.73
CA ARG A 139 8.67 10.87 -0.07
C ARG A 139 8.02 9.95 -1.09
N VAL A 140 6.75 9.62 -0.88
CA VAL A 140 6.01 8.74 -1.79
C VAL A 140 5.30 9.56 -2.88
N LEU A 141 4.85 10.76 -2.51
CA LEU A 141 4.13 11.61 -3.46
C LEU A 141 5.01 12.00 -4.65
N PRO A 142 6.23 12.49 -4.40
CA PRO A 142 7.14 12.89 -5.47
C PRO A 142 7.16 11.86 -6.58
N TYR A 143 7.37 10.60 -6.20
CA TYR A 143 7.35 9.51 -7.16
C TYR A 143 6.03 9.56 -7.90
N TYR A 144 4.96 9.65 -7.10
CA TYR A 144 3.62 9.74 -7.64
C TYR A 144 3.53 10.91 -8.61
N LYS A 145 3.57 12.13 -8.09
CA LYS A 145 3.49 13.29 -8.95
C LYS A 145 4.47 13.16 -10.13
N SER A 146 5.73 12.94 -9.81
CA SER A 146 6.79 12.80 -10.81
C SER A 146 6.44 11.87 -11.95
N THR A 147 6.51 10.55 -11.70
CA THR A 147 6.25 9.60 -12.77
C THR A 147 4.88 8.93 -12.68
N ILE A 148 3.97 9.51 -11.91
CA ILE A 148 2.63 8.94 -11.81
C ILE A 148 1.54 9.96 -12.09
N VAL A 149 1.93 11.22 -12.34
CA VAL A 149 0.95 12.25 -12.64
C VAL A 149 0.60 12.38 -14.15
N PRO A 150 1.40 11.82 -15.09
CA PRO A 150 1.10 11.95 -16.52
C PRO A 150 0.01 11.00 -17.01
N HIS A 151 0.01 9.76 -16.56
CA HIS A 151 -1.00 8.79 -17.00
C HIS A 151 -2.29 8.89 -16.18
N ILE A 152 -2.16 8.94 -14.85
CA ILE A 152 -3.34 9.03 -14.00
C ILE A 152 -4.19 10.25 -14.37
N LEU A 153 -3.59 11.21 -15.05
CA LEU A 153 -4.30 12.41 -15.46
C LEU A 153 -5.03 12.19 -16.78
N LYS A 154 -4.34 11.57 -17.73
CA LYS A 154 -4.93 11.31 -19.04
C LYS A 154 -6.11 10.35 -18.93
N GLY A 155 -6.13 9.56 -17.86
CA GLY A 155 -7.21 8.61 -17.67
C GLY A 155 -6.72 7.18 -17.63
N GLU A 156 -5.60 6.96 -16.95
CA GLU A 156 -5.01 5.63 -16.85
C GLU A 156 -5.42 4.95 -15.53
N LYS A 157 -5.42 3.61 -15.54
CA LYS A 157 -5.79 2.82 -14.38
C LYS A 157 -4.53 2.24 -13.75
N VAL A 158 -4.43 2.26 -12.43
CA VAL A 158 -3.20 1.78 -11.79
C VAL A 158 -3.38 0.95 -10.51
N LEU A 159 -2.38 0.07 -10.26
CA LEU A 159 -2.32 -0.79 -9.08
C LEU A 159 -1.32 -0.21 -8.07
N ILE A 160 -1.48 -0.55 -6.80
CA ILE A 160 -0.57 -0.05 -5.77
C ILE A 160 -0.33 -1.11 -4.69
N ALA A 161 0.91 -1.60 -4.62
CA ALA A 161 1.28 -2.60 -3.64
C ALA A 161 2.52 -2.18 -2.86
N ALA A 162 2.31 -1.72 -1.63
CA ALA A 162 3.41 -1.29 -0.78
C ALA A 162 3.16 -1.66 0.68
N HIS A 163 2.58 -0.74 1.44
CA HIS A 163 2.30 -1.00 2.85
C HIS A 163 1.22 -0.06 3.37
N GLY A 164 0.64 -0.39 4.53
CA GLY A 164 -0.38 0.45 5.11
C GLY A 164 0.02 1.90 5.12
N ASN A 165 1.30 2.15 5.40
CA ASN A 165 1.83 3.50 5.42
C ASN A 165 1.79 4.09 4.02
N SER A 166 2.43 3.41 3.07
CA SER A 166 2.42 3.87 1.69
C SER A 166 0.98 4.09 1.24
N LEU A 167 0.12 3.13 1.57
CA LEU A 167 -1.30 3.22 1.23
C LEU A 167 -1.92 4.41 1.94
N ARG A 168 -1.61 4.54 3.24
CA ARG A 168 -2.13 5.64 4.03
C ARG A 168 -1.71 6.95 3.39
N ALA A 169 -0.41 7.06 3.12
CA ALA A 169 0.14 8.26 2.50
C ALA A 169 -0.53 8.50 1.15
N LEU A 170 -0.37 7.53 0.24
CA LEU A 170 -0.96 7.64 -1.08
C LEU A 170 -2.45 7.90 -1.00
N ILE A 171 -3.16 7.07 -0.23
CA ILE A 171 -4.60 7.23 -0.08
C ILE A 171 -4.94 8.60 0.53
N MET A 172 -4.32 8.93 1.66
CA MET A 172 -4.57 10.22 2.30
C MET A 172 -4.31 11.32 1.29
N ASP A 173 -3.26 11.16 0.50
CA ASP A 173 -2.92 12.12 -0.53
C ASP A 173 -3.92 12.02 -1.68
N LEU A 174 -4.47 10.82 -1.86
CA LEU A 174 -5.45 10.57 -2.91
C LEU A 174 -6.79 11.20 -2.55
N GLU A 175 -7.29 10.86 -1.37
CA GLU A 175 -8.56 11.39 -0.89
C GLU A 175 -8.38 12.81 -0.34
N GLY A 176 -7.17 13.13 0.09
CA GLY A 176 -6.90 14.44 0.63
C GLY A 176 -7.29 14.56 2.09
N LEU A 177 -7.28 13.43 2.79
CA LEU A 177 -7.63 13.41 4.21
C LEU A 177 -6.80 14.42 4.99
N THR A 178 -6.91 14.37 6.32
CA THR A 178 -6.17 15.28 7.18
C THR A 178 -5.36 14.51 8.21
N GLY A 179 -4.54 15.23 8.97
CA GLY A 179 -3.72 14.60 9.99
C GLY A 179 -4.52 14.00 11.12
N ASP A 180 -5.82 14.28 11.16
CA ASP A 180 -6.68 13.76 12.22
C ASP A 180 -7.88 13.00 11.65
N GLN A 181 -7.81 12.65 10.36
CA GLN A 181 -8.90 11.93 9.72
C GLN A 181 -8.38 10.82 8.80
N ILE A 182 -7.07 10.56 8.84
CA ILE A 182 -6.48 9.52 8.00
C ILE A 182 -6.06 8.32 8.83
N VAL A 183 -5.64 8.56 10.06
CA VAL A 183 -5.21 7.48 10.95
C VAL A 183 -6.27 6.38 11.02
N LYS A 184 -7.52 6.75 10.74
CA LYS A 184 -8.62 5.79 10.76
C LYS A 184 -8.52 4.84 9.57
N ARG A 185 -8.12 5.37 8.42
CA ARG A 185 -7.99 4.56 7.20
C ARG A 185 -7.15 3.32 7.48
N GLU A 186 -7.55 2.20 6.89
CA GLU A 186 -6.84 0.94 7.08
C GLU A 186 -6.97 0.05 5.84
N LEU A 187 -6.18 -1.01 5.79
CA LEU A 187 -6.20 -1.94 4.67
C LEU A 187 -5.74 -3.33 5.09
N ALA A 188 -6.44 -4.36 4.62
CA ALA A 188 -6.10 -5.73 4.95
C ALA A 188 -4.92 -6.22 4.12
N THR A 189 -4.20 -7.22 4.64
CA THR A 189 -3.05 -7.77 3.93
C THR A 189 -3.48 -8.87 2.98
N GLY A 190 -3.32 -8.62 1.68
CA GLY A 190 -3.69 -9.60 0.68
C GLY A 190 -5.03 -9.30 0.04
N VAL A 191 -5.47 -8.04 0.13
CA VAL A 191 -6.74 -7.63 -0.45
C VAL A 191 -6.57 -6.38 -1.30
N PRO A 192 -6.72 -6.48 -2.63
CA PRO A 192 -6.58 -5.34 -3.54
C PRO A 192 -7.79 -4.42 -3.52
N ILE A 193 -7.68 -3.32 -2.79
CA ILE A 193 -8.77 -2.35 -2.68
C ILE A 193 -8.76 -1.40 -3.88
N VAL A 194 -9.93 -0.88 -4.24
CA VAL A 194 -10.05 0.04 -5.38
C VAL A 194 -10.40 1.44 -4.92
N TYR A 195 -9.92 2.45 -5.66
CA TYR A 195 -10.23 3.84 -5.33
C TYR A 195 -10.61 4.61 -6.58
N HIS A 196 -11.90 4.91 -6.72
CA HIS A 196 -12.38 5.65 -7.88
C HIS A 196 -11.73 7.02 -7.93
N LEU A 197 -10.80 7.20 -8.86
CA LEU A 197 -10.08 8.47 -8.98
C LEU A 197 -10.56 9.27 -10.19
N ASP A 198 -10.42 10.58 -10.08
CA ASP A 198 -10.80 11.48 -11.16
C ASP A 198 -9.62 11.71 -12.09
N LYS A 199 -9.75 12.66 -13.01
CA LYS A 199 -8.68 12.97 -13.95
C LYS A 199 -7.51 13.68 -13.27
N ASP A 200 -7.61 13.93 -11.96
CA ASP A 200 -6.55 14.61 -11.22
C ASP A 200 -5.98 13.71 -10.13
N GLY A 201 -6.12 12.40 -10.30
CA GLY A 201 -5.62 11.47 -9.31
C GLY A 201 -6.25 11.68 -7.95
N LYS A 202 -7.53 12.04 -7.94
CA LYS A 202 -8.24 12.27 -6.69
C LYS A 202 -9.49 11.38 -6.62
N TYR A 203 -9.74 10.84 -5.43
CA TYR A 203 -10.89 9.96 -5.21
C TYR A 203 -12.19 10.67 -5.61
N VAL A 204 -13.12 9.90 -6.15
CA VAL A 204 -14.41 10.45 -6.57
C VAL A 204 -15.52 9.43 -6.36
N SER A 205 -15.28 8.50 -5.44
CA SER A 205 -16.26 7.46 -5.14
C SER A 205 -15.80 6.64 -3.95
N LYS A 206 -16.29 5.41 -3.84
CA LYS A 206 -15.91 4.55 -2.74
C LYS A 206 -14.97 3.44 -3.20
N GLU A 207 -14.50 2.65 -2.24
CA GLU A 207 -13.58 1.55 -2.54
C GLU A 207 -14.28 0.20 -2.43
N LEU A 208 -13.76 -0.78 -3.16
CA LEU A 208 -14.34 -2.12 -3.13
C LEU A 208 -13.27 -3.20 -3.03
N ILE A 209 -13.58 -4.23 -2.26
CA ILE A 209 -12.65 -5.34 -2.06
C ILE A 209 -13.29 -6.66 -2.54
N ASP A 210 -12.52 -7.73 -2.49
CA ASP A 210 -13.00 -9.04 -2.92
C ASP A 210 -13.95 -9.65 -1.89
N ASN A 211 -13.57 -9.57 -0.62
CA ASN A 211 -14.39 -10.11 0.46
C ASN A 211 -15.44 -9.11 0.91
N MET A 1 -13.35 2.10 -15.56
CA MET A 1 -11.92 1.84 -15.86
C MET A 1 -11.17 3.14 -16.12
N THR A 2 -10.28 3.50 -15.20
CA THR A 2 -9.49 4.71 -15.31
C THR A 2 -10.30 5.92 -15.79
N THR A 3 -9.60 7.05 -15.93
CA THR A 3 -10.22 8.29 -16.35
C THR A 3 -11.29 8.09 -17.42
N GLU A 4 -10.88 7.99 -18.68
CA GLU A 4 -11.84 7.83 -19.77
C GLU A 4 -12.92 8.89 -19.67
N ALA A 5 -12.57 10.01 -19.07
CA ALA A 5 -13.48 11.14 -18.86
C ALA A 5 -12.92 12.06 -17.80
N ALA A 6 -12.79 11.52 -16.60
CA ALA A 6 -12.27 12.26 -15.47
C ALA A 6 -11.95 11.33 -14.30
N PRO A 7 -12.98 10.69 -13.71
CA PRO A 7 -12.82 9.78 -12.58
C PRO A 7 -11.94 8.58 -12.92
N ASN A 8 -10.68 8.61 -12.48
CA ASN A 8 -9.76 7.50 -12.74
C ASN A 8 -9.94 6.42 -11.67
N LEU A 9 -9.18 5.33 -11.80
CA LEU A 9 -9.28 4.24 -10.83
C LEU A 9 -7.89 3.76 -10.40
N LEU A 10 -7.76 3.46 -9.12
CA LEU A 10 -6.49 3.02 -8.57
C LEU A 10 -6.65 1.77 -7.71
N VAL A 11 -6.02 0.65 -8.12
CA VAL A 11 -6.13 -0.56 -7.32
C VAL A 11 -4.87 -0.76 -6.48
N LEU A 12 -5.07 -0.96 -5.19
CA LEU A 12 -3.98 -1.15 -4.26
C LEU A 12 -3.96 -2.59 -3.75
N THR A 13 -2.81 -3.24 -3.88
CA THR A 13 -2.67 -4.62 -3.42
C THR A 13 -1.69 -4.71 -2.26
N ARG A 14 -2.18 -4.40 -1.07
CA ARG A 14 -1.35 -4.45 0.13
C ARG A 14 -0.94 -5.88 0.43
N HIS A 15 0.36 -6.15 0.36
CA HIS A 15 0.91 -7.48 0.61
C HIS A 15 0.23 -8.13 1.82
N GLY A 16 -0.04 -9.42 1.72
CA GLY A 16 -0.68 -10.14 2.81
C GLY A 16 0.14 -10.11 4.08
N GLU A 17 0.45 -11.28 4.61
CA GLU A 17 1.24 -11.39 5.83
C GLU A 17 2.60 -12.03 5.54
N SER A 18 3.66 -11.24 5.70
CA SER A 18 5.01 -11.74 5.46
C SER A 18 5.54 -12.50 6.66
N GLU A 19 6.75 -13.03 6.53
CA GLU A 19 7.38 -13.78 7.61
C GLU A 19 7.31 -13.02 8.93
N TRP A 20 7.66 -11.74 8.89
CA TRP A 20 7.63 -10.90 10.08
C TRP A 20 6.19 -10.63 10.52
N ASN A 21 5.28 -10.63 9.54
CA ASN A 21 3.87 -10.39 9.81
C ASN A 21 3.32 -11.45 10.78
N LYS A 22 3.39 -12.70 10.35
CA LYS A 22 2.90 -13.81 11.18
C LYS A 22 3.51 -13.75 12.56
N LEU A 23 4.81 -13.53 12.63
CA LEU A 23 5.52 -13.43 13.90
C LEU A 23 4.89 -12.38 14.80
N ASN A 24 4.17 -11.43 14.18
CA ASN A 24 3.50 -10.36 14.92
C ASN A 24 4.48 -9.28 15.36
N LEU A 25 5.45 -8.97 14.52
CA LEU A 25 6.44 -7.94 14.83
C LEU A 25 6.36 -6.81 13.82
N PHE A 26 6.98 -5.68 14.17
CA PHE A 26 6.98 -4.51 13.31
C PHE A 26 7.98 -4.69 12.17
N THR A 27 7.49 -4.60 10.93
CA THR A 27 8.34 -4.74 9.75
C THR A 27 9.38 -3.62 9.70
N GLY A 28 8.99 -2.47 9.12
CA GLY A 28 9.91 -1.36 9.03
C GLY A 28 10.33 -1.06 7.60
N TRP A 29 11.61 -1.30 7.31
CA TRP A 29 12.15 -1.06 5.98
C TRP A 29 12.69 -2.32 5.34
N LYS A 30 13.09 -3.29 6.16
CA LYS A 30 13.63 -4.55 5.65
C LYS A 30 12.62 -5.26 4.76
N ASP A 31 13.11 -6.18 3.93
CA ASP A 31 12.25 -6.93 3.03
C ASP A 31 12.00 -8.32 3.59
N PRO A 32 10.79 -8.59 4.10
CA PRO A 32 10.44 -9.88 4.67
C PRO A 32 9.77 -10.81 3.65
N ALA A 33 10.44 -11.90 3.32
CA ALA A 33 9.91 -12.86 2.37
C ALA A 33 8.47 -13.23 2.71
N LEU A 34 7.54 -12.80 1.87
CA LEU A 34 6.12 -13.08 2.08
C LEU A 34 5.88 -14.52 2.49
N SER A 35 4.82 -14.75 3.25
CA SER A 35 4.49 -16.10 3.72
C SER A 35 3.43 -16.75 2.83
N GLU A 36 3.12 -18.00 3.13
CA GLU A 36 2.12 -18.73 2.38
C GLU A 36 0.83 -17.94 2.28
N THR A 37 0.34 -17.47 3.43
CA THR A 37 -0.88 -16.68 3.47
C THR A 37 -0.72 -15.50 2.53
N GLY A 38 0.46 -14.91 2.55
CA GLY A 38 0.74 -13.81 1.66
C GLY A 38 0.65 -14.27 0.23
N ILE A 39 1.31 -15.40 -0.05
CA ILE A 39 1.28 -15.97 -1.39
C ILE A 39 -0.16 -16.26 -1.80
N LYS A 40 -0.86 -17.09 -1.03
CA LYS A 40 -2.25 -17.40 -1.33
C LYS A 40 -3.06 -16.12 -1.38
N GLU A 41 -2.74 -15.19 -0.48
CA GLU A 41 -3.43 -13.90 -0.45
C GLU A 41 -3.21 -13.17 -1.76
N ALA A 42 -1.95 -13.11 -2.19
CA ALA A 42 -1.60 -12.47 -3.46
C ALA A 42 -2.29 -13.21 -4.60
N LYS A 43 -2.06 -14.53 -4.64
CA LYS A 43 -2.67 -15.36 -5.67
C LYS A 43 -4.17 -15.12 -5.68
N LEU A 44 -4.77 -15.15 -4.49
CA LEU A 44 -6.19 -14.90 -4.35
C LEU A 44 -6.51 -13.51 -4.86
N GLY A 45 -5.75 -12.53 -4.37
CA GLY A 45 -5.95 -11.16 -4.81
C GLY A 45 -5.98 -11.08 -6.32
N GLY A 46 -4.94 -11.63 -6.96
CA GLY A 46 -4.89 -11.64 -8.41
C GLY A 46 -6.03 -12.45 -8.99
N GLU A 47 -6.14 -13.70 -8.54
CA GLU A 47 -7.19 -14.59 -8.99
C GLU A 47 -8.55 -13.90 -8.88
N ARG A 48 -8.72 -13.12 -7.82
CA ARG A 48 -9.95 -12.39 -7.61
C ARG A 48 -9.99 -11.18 -8.55
N LEU A 49 -8.94 -10.36 -8.50
CA LEU A 49 -8.85 -9.19 -9.36
C LEU A 49 -9.11 -9.58 -10.82
N LYS A 50 -8.74 -10.82 -11.16
CA LYS A 50 -8.93 -11.33 -12.51
C LYS A 50 -10.42 -11.49 -12.83
N SER A 51 -11.04 -12.51 -12.24
CA SER A 51 -12.46 -12.76 -12.44
C SER A 51 -13.29 -11.51 -12.18
N ARG A 52 -12.75 -10.63 -11.35
CA ARG A 52 -13.43 -9.38 -11.00
C ARG A 52 -13.81 -8.59 -12.24
N GLY A 53 -13.14 -8.88 -13.36
CA GLY A 53 -13.42 -8.17 -14.59
C GLY A 53 -12.58 -6.91 -14.69
N TYR A 54 -11.48 -6.89 -13.94
CA TYR A 54 -10.56 -5.76 -13.92
C TYR A 54 -9.23 -6.14 -14.58
N LYS A 55 -8.85 -5.41 -15.63
CA LYS A 55 -7.61 -5.69 -16.33
C LYS A 55 -6.63 -4.56 -16.10
N PHE A 56 -5.43 -4.90 -15.67
CA PHE A 56 -4.42 -3.91 -15.36
C PHE A 56 -3.61 -3.45 -16.56
N ASP A 57 -3.46 -2.12 -16.66
CA ASP A 57 -2.67 -1.49 -17.70
C ASP A 57 -1.28 -1.15 -17.15
N ILE A 58 -1.25 -0.71 -15.88
CA ILE A 58 0.02 -0.33 -15.24
C ILE A 58 0.04 -0.73 -13.74
N ALA A 59 1.22 -1.13 -13.24
CA ALA A 59 1.35 -1.52 -11.84
C ALA A 59 2.47 -0.76 -11.15
N PHE A 60 2.30 -0.51 -9.85
CA PHE A 60 3.29 0.23 -9.09
C PHE A 60 3.61 -0.45 -7.75
N THR A 61 4.88 -0.84 -7.58
CA THR A 61 5.32 -1.49 -6.35
C THR A 61 6.47 -0.72 -5.71
N SER A 62 6.72 -1.00 -4.43
CA SER A 62 7.80 -0.34 -3.70
C SER A 62 9.12 -1.05 -3.94
N ALA A 63 10.19 -0.55 -3.33
CA ALA A 63 11.51 -1.14 -3.47
C ALA A 63 11.61 -2.47 -2.70
N LEU A 64 10.70 -2.66 -1.74
CA LEU A 64 10.70 -3.88 -0.94
C LEU A 64 10.25 -5.09 -1.77
N GLN A 65 11.11 -6.10 -1.84
CA GLN A 65 10.82 -7.31 -2.60
C GLN A 65 9.43 -7.84 -2.28
N ARG A 66 9.00 -7.64 -1.04
CA ARG A 66 7.68 -8.10 -0.60
C ARG A 66 6.61 -7.78 -1.64
N ALA A 67 6.42 -6.49 -1.90
CA ALA A 67 5.42 -6.05 -2.88
C ALA A 67 5.79 -6.49 -4.29
N GLN A 68 7.09 -6.58 -4.57
CA GLN A 68 7.56 -7.00 -5.88
C GLN A 68 7.18 -8.44 -6.10
N LYS A 69 7.34 -9.21 -5.04
CA LYS A 69 7.01 -10.62 -5.04
C LYS A 69 5.49 -10.76 -4.97
N THR A 70 4.88 -9.88 -4.21
CA THR A 70 3.43 -9.88 -4.05
C THR A 70 2.75 -9.43 -5.34
N CYS A 71 3.45 -8.62 -6.14
CA CYS A 71 2.90 -8.14 -7.40
C CYS A 71 3.13 -9.15 -8.53
N GLN A 72 4.36 -9.66 -8.62
CA GLN A 72 4.71 -10.64 -9.64
C GLN A 72 3.71 -11.80 -9.61
N ILE A 73 3.51 -12.37 -8.43
CA ILE A 73 2.58 -13.47 -8.26
C ILE A 73 1.21 -13.09 -8.80
N ILE A 74 0.60 -12.09 -8.18
CA ILE A 74 -0.72 -11.63 -8.61
C ILE A 74 -0.72 -11.33 -10.11
N LEU A 75 0.36 -10.70 -10.58
CA LEU A 75 0.48 -10.36 -12.00
C LEU A 75 0.53 -11.64 -12.85
N GLU A 76 1.34 -12.59 -12.42
CA GLU A 76 1.47 -13.86 -13.15
C GLU A 76 0.24 -14.74 -12.92
N GLU A 77 -0.47 -14.49 -11.82
CA GLU A 77 -1.68 -15.25 -11.51
C GLU A 77 -2.88 -14.65 -12.23
N VAL A 78 -2.94 -13.32 -12.25
CA VAL A 78 -4.02 -12.61 -12.91
C VAL A 78 -4.02 -12.91 -14.41
N GLY A 79 -2.85 -13.26 -14.93
CA GLY A 79 -2.73 -13.57 -16.34
C GLY A 79 -2.30 -12.36 -17.16
N GLU A 80 -1.73 -11.37 -16.50
CA GLU A 80 -1.29 -10.17 -17.18
C GLU A 80 0.21 -9.90 -16.99
N PRO A 81 1.07 -10.94 -16.98
CA PRO A 81 2.51 -10.76 -16.82
C PRO A 81 3.05 -9.60 -17.65
N ASN A 82 2.62 -9.54 -18.91
CA ASN A 82 3.05 -8.47 -19.81
C ASN A 82 2.87 -7.11 -19.15
N LEU A 83 1.92 -7.03 -18.22
CA LEU A 83 1.64 -5.80 -17.49
C LEU A 83 2.94 -5.16 -16.99
N GLU A 84 2.97 -3.84 -16.93
CA GLU A 84 4.15 -3.13 -16.47
C GLU A 84 4.01 -2.73 -15.00
N THR A 85 4.87 -3.29 -14.17
CA THR A 85 4.85 -2.99 -12.74
C THR A 85 6.14 -2.27 -12.37
N ILE A 86 6.02 -1.05 -11.87
CA ILE A 86 7.19 -0.27 -11.51
C ILE A 86 7.59 -0.50 -10.05
N LYS A 87 8.85 -0.21 -9.74
CA LYS A 87 9.37 -0.37 -8.40
C LYS A 87 9.90 0.96 -7.87
N SER A 88 9.29 1.48 -6.80
CA SER A 88 9.74 2.75 -6.23
C SER A 88 10.27 2.57 -4.82
N GLU A 89 11.37 3.27 -4.53
CA GLU A 89 11.96 3.23 -3.21
C GLU A 89 11.19 4.17 -2.28
N LYS A 90 10.39 5.06 -2.89
CA LYS A 90 9.59 6.00 -2.12
C LYS A 90 8.31 5.32 -1.63
N LEU A 91 7.99 4.17 -2.23
CA LEU A 91 6.81 3.42 -1.84
C LEU A 91 7.14 2.38 -0.77
N ASN A 92 8.36 2.44 -0.23
CA ASN A 92 8.78 1.49 0.79
C ASN A 92 8.03 1.74 2.10
N GLU A 93 7.85 0.67 2.87
CA GLU A 93 7.15 0.78 4.15
C GLU A 93 7.79 1.83 5.05
N ARG A 94 6.98 2.45 5.90
CA ARG A 94 7.47 3.47 6.81
C ARG A 94 8.55 2.91 7.71
N TYR A 95 9.57 3.71 8.00
CA TYR A 95 10.66 3.28 8.86
C TYR A 95 10.19 3.24 10.32
N TYR A 96 10.41 2.10 10.98
CA TYR A 96 10.00 1.94 12.36
C TYR A 96 11.18 2.11 13.32
N GLY A 97 12.22 2.80 12.87
CA GLY A 97 13.39 3.03 13.70
C GLY A 97 13.81 1.82 14.49
N ASP A 98 13.99 1.99 15.80
CA ASP A 98 14.42 0.90 16.67
C ASP A 98 13.31 -0.14 16.86
N LEU A 99 12.11 0.15 16.35
CA LEU A 99 10.99 -0.78 16.47
C LEU A 99 10.94 -1.77 15.32
N GLN A 100 12.05 -1.89 14.59
CA GLN A 100 12.13 -2.81 13.46
C GLN A 100 12.16 -4.26 13.93
N GLY A 101 10.98 -4.83 14.16
CA GLY A 101 10.89 -6.20 14.61
C GLY A 101 10.26 -6.34 15.99
N LEU A 102 9.67 -5.25 16.48
CA LEU A 102 9.03 -5.25 17.79
C LEU A 102 7.69 -5.95 17.74
N ASN A 103 7.46 -6.87 18.66
CA ASN A 103 6.21 -7.59 18.73
C ASN A 103 5.09 -6.65 19.18
N LYS A 104 4.06 -6.51 18.33
CA LYS A 104 2.93 -5.64 18.64
C LYS A 104 2.51 -5.80 20.11
N ASP A 105 2.51 -7.04 20.58
CA ASP A 105 2.16 -7.33 21.96
C ASP A 105 3.15 -6.66 22.90
N ASP A 106 4.42 -7.04 22.77
CA ASP A 106 5.46 -6.46 23.61
C ASP A 106 5.45 -4.95 23.48
N ALA A 107 5.42 -4.48 22.22
CA ALA A 107 5.39 -3.05 21.95
C ALA A 107 4.18 -2.41 22.62
N ARG A 108 3.00 -2.98 22.39
CA ARG A 108 1.77 -2.47 22.98
C ARG A 108 1.67 -2.86 24.46
N LYS A 109 2.65 -3.64 24.94
CA LYS A 109 2.67 -4.07 26.32
C LYS A 109 3.61 -3.21 27.15
N LYS A 110 4.79 -2.94 26.60
CA LYS A 110 5.79 -2.13 27.28
C LYS A 110 5.49 -0.63 27.14
N TRP A 111 4.78 -0.27 26.09
CA TRP A 111 4.44 1.12 25.83
C TRP A 111 2.93 1.36 25.86
N GLY A 112 2.16 0.28 25.94
CA GLY A 112 0.71 0.41 25.98
C GLY A 112 0.16 1.02 24.71
N ALA A 113 -1.08 0.68 24.39
CA ALA A 113 -1.73 1.21 23.20
C ALA A 113 -1.58 2.72 23.11
N GLU A 114 -1.83 3.39 24.23
CA GLU A 114 -1.73 4.85 24.30
C GLU A 114 -0.38 5.32 23.75
N GLN A 115 0.69 4.96 24.45
CA GLN A 115 2.03 5.36 24.03
C GLN A 115 2.37 4.73 22.69
N VAL A 116 2.05 3.47 22.52
CA VAL A 116 2.35 2.82 21.25
C VAL A 116 1.66 3.53 20.10
N GLN A 117 0.32 3.56 20.13
CA GLN A 117 -0.47 4.20 19.05
C GLN A 117 0.26 5.39 18.43
N ILE A 118 0.48 6.45 19.20
CA ILE A 118 1.19 7.61 18.68
C ILE A 118 2.50 7.18 18.00
N TRP A 119 3.29 6.32 18.66
CA TRP A 119 4.53 5.84 18.02
C TRP A 119 4.19 4.96 16.81
N ARG A 120 3.02 4.34 16.90
CA ARG A 120 2.51 3.44 15.89
C ARG A 120 1.99 4.24 14.69
N ARG A 121 0.83 4.85 14.86
CA ARG A 121 0.20 5.62 13.79
C ARG A 121 0.68 7.07 13.75
N SER A 122 0.24 7.88 14.72
CA SER A 122 0.60 9.30 14.75
C SER A 122 0.40 9.95 13.39
N TYR A 123 0.75 11.22 13.28
CA TYR A 123 0.62 11.94 12.02
C TYR A 123 1.99 12.33 11.50
N ASP A 124 2.73 13.05 12.32
CA ASP A 124 4.07 13.50 11.97
C ASP A 124 5.12 12.88 12.87
N ILE A 125 4.74 12.62 14.12
CA ILE A 125 5.65 12.02 15.08
C ILE A 125 5.85 10.55 14.77
N ALA A 126 7.10 10.10 14.80
CA ALA A 126 7.41 8.72 14.51
C ALA A 126 8.28 8.08 15.59
N PRO A 127 8.50 6.76 15.50
CA PRO A 127 9.32 6.02 16.48
C PRO A 127 10.69 6.65 16.68
N PRO A 128 11.59 5.95 17.42
CA PRO A 128 12.93 6.44 17.68
C PRO A 128 13.93 6.01 16.60
N ASN A 129 13.82 6.68 15.43
CA ASN A 129 14.68 6.43 14.24
C ASN A 129 13.81 6.24 13.01
N GLY A 130 12.59 5.77 13.22
CA GLY A 130 11.67 5.53 12.12
C GLY A 130 11.10 6.81 11.53
N GLU A 131 10.24 6.63 10.53
CA GLU A 131 9.59 7.74 9.84
C GLU A 131 8.10 7.77 10.17
N SER A 132 7.43 8.88 9.85
CA SER A 132 6.01 9.01 10.12
C SER A 132 5.19 9.01 8.83
N LEU A 133 3.94 9.43 8.94
CA LEU A 133 3.05 9.47 7.78
C LEU A 133 3.39 10.65 6.87
N LYS A 134 3.37 11.86 7.42
CA LYS A 134 3.67 13.05 6.64
C LYS A 134 4.96 12.86 5.84
N ASP A 135 5.98 12.29 6.48
CA ASP A 135 7.25 12.03 5.80
C ASP A 135 7.03 11.04 4.66
N THR A 136 6.51 9.88 5.01
CA THR A 136 6.21 8.85 4.02
C THR A 136 5.44 9.47 2.87
N ALA A 137 4.44 10.26 3.20
CA ALA A 137 3.65 10.94 2.19
C ALA A 137 4.52 11.94 1.44
N GLU A 138 5.30 12.71 2.19
CA GLU A 138 6.20 13.71 1.61
C GLU A 138 7.14 13.08 0.60
N ARG A 139 7.55 11.85 0.85
CA ARG A 139 8.46 11.16 -0.06
C ARG A 139 7.69 10.27 -1.03
N VAL A 140 6.52 9.79 -0.62
CA VAL A 140 5.70 8.93 -1.47
C VAL A 140 4.96 9.75 -2.53
N LEU A 141 4.61 10.99 -2.19
CA LEU A 141 3.88 11.85 -3.12
C LEU A 141 4.71 12.26 -4.33
N PRO A 142 5.91 12.84 -4.13
CA PRO A 142 6.76 13.27 -5.23
C PRO A 142 6.84 12.19 -6.30
N TYR A 143 7.04 10.95 -5.87
CA TYR A 143 7.08 9.86 -6.82
C TYR A 143 5.71 9.76 -7.47
N TYR A 144 4.67 9.83 -6.64
CA TYR A 144 3.29 9.79 -7.12
C TYR A 144 3.12 10.79 -8.23
N LYS A 145 3.28 12.07 -7.89
CA LYS A 145 3.14 13.12 -8.89
C LYS A 145 4.17 12.92 -10.01
N SER A 146 5.44 12.82 -9.62
CA SER A 146 6.53 12.64 -10.57
C SER A 146 6.25 11.58 -11.63
N THR A 147 6.06 10.32 -11.21
CA THR A 147 5.85 9.25 -12.18
C THR A 147 4.57 8.46 -11.96
N ILE A 148 3.54 9.06 -11.37
CA ILE A 148 2.29 8.32 -11.17
C ILE A 148 1.05 9.13 -11.55
N VAL A 149 1.21 10.43 -11.81
CA VAL A 149 0.07 11.25 -12.20
C VAL A 149 -0.06 11.45 -13.72
N PRO A 150 0.94 11.08 -14.56
CA PRO A 150 0.84 11.29 -16.01
C PRO A 150 0.00 10.20 -16.68
N HIS A 151 -0.05 9.01 -16.09
CA HIS A 151 -0.83 7.92 -16.65
C HIS A 151 -2.30 8.03 -16.28
N ILE A 152 -2.58 8.41 -15.03
CA ILE A 152 -3.96 8.55 -14.59
C ILE A 152 -4.69 9.52 -15.50
N LEU A 153 -4.05 10.63 -15.81
CA LEU A 153 -4.63 11.64 -16.69
C LEU A 153 -4.71 11.13 -18.13
N LYS A 154 -3.84 10.18 -18.46
CA LYS A 154 -3.81 9.61 -19.81
C LYS A 154 -5.06 8.78 -20.09
N GLY A 155 -5.50 8.01 -19.08
CA GLY A 155 -6.68 7.18 -19.25
C GLY A 155 -6.41 5.71 -19.01
N GLU A 156 -5.47 5.42 -18.12
CA GLU A 156 -5.12 4.04 -17.80
C GLU A 156 -5.29 3.80 -16.30
N LYS A 157 -5.76 2.62 -15.91
CA LYS A 157 -5.96 2.31 -14.50
C LYS A 157 -4.63 1.82 -13.92
N VAL A 158 -4.41 1.92 -12.61
CA VAL A 158 -3.13 1.52 -12.06
C VAL A 158 -3.19 0.67 -10.78
N LEU A 159 -2.22 -0.25 -10.67
CA LEU A 159 -2.07 -1.12 -9.49
C LEU A 159 -1.02 -0.51 -8.55
N ILE A 160 -1.23 -0.62 -7.25
CA ILE A 160 -0.27 -0.11 -6.29
C ILE A 160 -0.04 -1.14 -5.18
N ALA A 161 1.20 -1.61 -5.08
CA ALA A 161 1.56 -2.60 -4.07
C ALA A 161 2.73 -2.11 -3.23
N ALA A 162 2.41 -1.39 -2.15
CA ALA A 162 3.44 -0.86 -1.27
C ALA A 162 3.23 -1.36 0.16
N HIS A 163 2.62 -0.54 1.02
CA HIS A 163 2.38 -0.91 2.40
C HIS A 163 1.29 -0.04 3.02
N GLY A 164 0.79 -0.45 4.19
CA GLY A 164 -0.23 0.33 4.86
C GLY A 164 0.16 1.78 4.98
N ASN A 165 1.40 2.02 5.43
CA ASN A 165 1.90 3.37 5.59
C ASN A 165 1.92 4.08 4.23
N SER A 166 2.58 3.46 3.25
CA SER A 166 2.64 4.03 1.92
C SER A 166 1.24 4.33 1.42
N LEU A 167 0.41 3.29 1.37
CA LEU A 167 -0.97 3.45 0.94
C LEU A 167 -1.66 4.50 1.80
N ARG A 168 -1.32 4.51 3.09
CA ARG A 168 -1.88 5.49 4.01
C ARG A 168 -1.48 6.89 3.55
N ALA A 169 -0.17 7.07 3.34
CA ALA A 169 0.35 8.34 2.89
C ALA A 169 -0.27 8.71 1.54
N LEU A 170 -0.48 7.71 0.70
CA LEU A 170 -1.08 7.93 -0.60
C LEU A 170 -2.55 8.31 -0.45
N ILE A 171 -3.31 7.43 0.20
CA ILE A 171 -4.74 7.69 0.42
C ILE A 171 -4.96 9.02 1.14
N MET A 172 -4.18 9.25 2.21
CA MET A 172 -4.32 10.49 2.98
C MET A 172 -4.27 11.70 2.05
N ASP A 173 -3.37 11.65 1.07
CA ASP A 173 -3.24 12.73 0.11
C ASP A 173 -4.25 12.58 -1.02
N LEU A 174 -4.42 11.36 -1.48
CA LEU A 174 -5.36 11.07 -2.55
C LEU A 174 -6.76 11.53 -2.14
N GLU A 175 -7.09 11.35 -0.87
CA GLU A 175 -8.40 11.77 -0.37
C GLU A 175 -8.29 13.09 0.39
N GLY A 176 -7.14 13.31 1.01
CA GLY A 176 -6.93 14.53 1.76
C GLY A 176 -7.47 14.46 3.18
N LEU A 177 -7.22 13.36 3.85
CA LEU A 177 -7.69 13.18 5.22
C LEU A 177 -7.20 14.31 6.12
N THR A 178 -7.30 14.12 7.42
CA THR A 178 -6.85 15.12 8.39
C THR A 178 -5.74 14.56 9.27
N GLY A 179 -5.53 15.18 10.43
CA GLY A 179 -4.49 14.72 11.33
C GLY A 179 -4.99 13.76 12.38
N ASP A 180 -6.28 13.41 12.32
CA ASP A 180 -6.87 12.49 13.29
C ASP A 180 -7.88 11.56 12.63
N GLN A 181 -7.87 11.50 11.29
CA GLN A 181 -8.79 10.65 10.55
C GLN A 181 -8.06 9.73 9.58
N ILE A 182 -6.73 9.86 9.49
CA ILE A 182 -5.95 9.03 8.60
C ILE A 182 -5.19 7.95 9.38
N VAL A 183 -5.15 8.10 10.70
CA VAL A 183 -4.48 7.14 11.55
C VAL A 183 -5.43 6.01 11.96
N LYS A 184 -6.55 5.91 11.24
CA LYS A 184 -7.55 4.87 11.51
C LYS A 184 -7.79 4.03 10.26
N ARG A 185 -7.76 4.68 9.10
CA ARG A 185 -7.98 3.99 7.83
C ARG A 185 -7.07 2.76 7.72
N GLU A 186 -7.52 1.77 6.97
CA GLU A 186 -6.75 0.53 6.79
C GLU A 186 -7.40 -0.35 5.73
N LEU A 187 -6.62 -1.27 5.16
CA LEU A 187 -7.13 -2.18 4.14
C LEU A 187 -7.03 -3.63 4.57
N ALA A 188 -7.34 -4.54 3.65
CA ALA A 188 -7.28 -5.97 3.93
C ALA A 188 -6.08 -6.61 3.24
N THR A 189 -5.03 -6.86 4.02
CA THR A 189 -3.82 -7.46 3.48
C THR A 189 -4.13 -8.73 2.69
N GLY A 190 -3.90 -8.66 1.38
CA GLY A 190 -4.15 -9.82 0.53
C GLY A 190 -5.18 -9.56 -0.55
N VAL A 191 -6.09 -8.62 -0.30
CA VAL A 191 -7.13 -8.30 -1.28
C VAL A 191 -6.86 -6.93 -1.92
N PRO A 192 -6.67 -6.90 -3.26
CA PRO A 192 -6.40 -5.66 -3.99
C PRO A 192 -7.58 -4.68 -3.93
N ILE A 193 -7.43 -3.62 -3.13
CA ILE A 193 -8.49 -2.62 -3.00
C ILE A 193 -8.51 -1.69 -4.20
N VAL A 194 -9.66 -1.07 -4.45
CA VAL A 194 -9.80 -0.15 -5.58
C VAL A 194 -10.32 1.21 -5.13
N TYR A 195 -9.58 2.27 -5.45
CA TYR A 195 -9.99 3.61 -5.06
C TYR A 195 -10.57 4.37 -6.25
N HIS A 196 -11.63 5.13 -6.00
CA HIS A 196 -12.27 5.92 -7.04
C HIS A 196 -11.69 7.33 -7.04
N LEU A 197 -10.78 7.59 -7.98
CA LEU A 197 -10.13 8.89 -8.07
C LEU A 197 -10.76 9.75 -9.16
N ASP A 198 -10.63 11.07 -8.97
CA ASP A 198 -11.16 12.03 -9.94
C ASP A 198 -10.13 12.26 -11.03
N LYS A 199 -10.39 13.23 -11.89
CA LYS A 199 -9.48 13.57 -12.98
C LYS A 199 -8.19 14.21 -12.46
N ASP A 200 -8.11 14.44 -11.14
CA ASP A 200 -6.92 15.07 -10.56
C ASP A 200 -6.24 14.13 -9.56
N GLY A 201 -6.50 12.84 -9.70
CA GLY A 201 -5.90 11.86 -8.80
C GLY A 201 -6.36 12.02 -7.37
N LYS A 202 -7.62 12.41 -7.19
CA LYS A 202 -8.17 12.58 -5.84
C LYS A 202 -9.38 11.68 -5.64
N TYR A 203 -9.49 11.11 -4.44
CA TYR A 203 -10.61 10.21 -4.12
C TYR A 203 -11.95 10.89 -4.43
N VAL A 204 -12.90 10.11 -4.94
CA VAL A 204 -14.22 10.62 -5.26
C VAL A 204 -15.29 9.61 -4.87
N SER A 205 -14.91 8.68 -3.99
CA SER A 205 -15.82 7.66 -3.52
C SER A 205 -15.12 6.82 -2.44
N LYS A 206 -15.55 5.58 -2.27
CA LYS A 206 -14.93 4.72 -1.28
C LYS A 206 -14.08 3.65 -1.93
N GLU A 207 -13.27 2.98 -1.13
CA GLU A 207 -12.40 1.92 -1.62
C GLU A 207 -12.81 0.59 -1.01
N LEU A 208 -13.13 -0.37 -1.86
CA LEU A 208 -13.54 -1.68 -1.39
C LEU A 208 -13.01 -2.80 -2.29
N ILE A 209 -13.26 -4.03 -1.87
CA ILE A 209 -12.83 -5.20 -2.60
C ILE A 209 -14.00 -5.83 -3.35
N ASP A 210 -13.69 -6.68 -4.32
CA ASP A 210 -14.72 -7.35 -5.11
C ASP A 210 -14.69 -8.85 -4.89
N ASN A 211 -13.56 -9.37 -4.42
CA ASN A 211 -13.41 -10.80 -4.17
C ASN A 211 -14.64 -11.37 -3.46
N MET A 1 -10.51 -0.57 -14.11
CA MET A 1 -10.15 -0.13 -15.49
C MET A 1 -11.05 1.00 -15.96
N THR A 2 -10.62 2.23 -15.73
CA THR A 2 -11.40 3.40 -16.13
C THR A 2 -11.74 3.34 -17.63
N THR A 3 -12.65 4.20 -18.05
CA THR A 3 -13.06 4.25 -19.45
C THR A 3 -12.26 5.30 -20.22
N GLU A 4 -11.07 5.63 -19.71
CA GLU A 4 -10.21 6.61 -20.36
C GLU A 4 -10.94 7.92 -20.57
N ALA A 5 -10.68 8.89 -19.70
CA ALA A 5 -11.30 10.20 -19.79
C ALA A 5 -10.94 11.08 -18.62
N ALA A 6 -11.49 10.75 -17.45
CA ALA A 6 -11.24 11.52 -16.25
C ALA A 6 -11.20 10.65 -14.99
N PRO A 7 -12.36 10.10 -14.56
CA PRO A 7 -12.43 9.26 -13.36
C PRO A 7 -11.60 7.98 -13.48
N ASN A 8 -10.28 8.14 -13.52
CA ASN A 8 -9.38 6.99 -13.61
C ASN A 8 -9.58 6.05 -12.43
N LEU A 9 -9.01 4.86 -12.52
CA LEU A 9 -9.14 3.88 -11.44
C LEU A 9 -7.78 3.53 -10.84
N LEU A 10 -7.74 3.50 -9.52
CA LEU A 10 -6.51 3.19 -8.80
C LEU A 10 -6.73 2.08 -7.79
N VAL A 11 -6.18 0.90 -8.04
CA VAL A 11 -6.35 -0.20 -7.11
C VAL A 11 -5.10 -0.37 -6.23
N LEU A 12 -5.32 -0.32 -4.92
CA LEU A 12 -4.23 -0.48 -3.97
C LEU A 12 -4.27 -1.88 -3.37
N THR A 13 -3.20 -2.63 -3.58
CA THR A 13 -3.14 -4.00 -3.06
C THR A 13 -1.93 -4.17 -2.15
N ARG A 14 -2.20 -4.51 -0.90
CA ARG A 14 -1.13 -4.72 0.08
C ARG A 14 -0.63 -6.16 0.03
N HIS A 15 0.69 -6.32 0.06
CA HIS A 15 1.30 -7.65 0.01
C HIS A 15 0.64 -8.57 1.03
N GLY A 16 1.07 -9.82 1.06
CA GLY A 16 0.51 -10.78 1.99
C GLY A 16 1.02 -10.57 3.40
N GLU A 17 1.59 -11.63 3.98
CA GLU A 17 2.13 -11.56 5.33
C GLU A 17 3.52 -12.18 5.38
N SER A 18 4.49 -11.37 5.81
CA SER A 18 5.87 -11.84 5.91
C SER A 18 6.04 -12.81 7.08
N GLU A 19 7.15 -13.54 7.08
CA GLU A 19 7.44 -14.49 8.13
C GLU A 19 7.35 -13.83 9.50
N TRP A 20 8.04 -12.69 9.66
CA TRP A 20 8.04 -11.97 10.91
C TRP A 20 6.62 -11.54 11.29
N ASN A 21 5.75 -11.42 10.29
CA ASN A 21 4.37 -11.03 10.52
C ASN A 21 3.68 -12.06 11.40
N LYS A 22 3.96 -13.33 11.15
CA LYS A 22 3.38 -14.41 11.93
C LYS A 22 3.93 -14.39 13.36
N LEU A 23 5.23 -14.14 13.48
CA LEU A 23 5.88 -14.08 14.78
C LEU A 23 5.25 -12.99 15.65
N ASN A 24 4.58 -12.03 15.01
CA ASN A 24 3.93 -10.94 15.73
C ASN A 24 4.94 -9.88 16.15
N LEU A 25 5.78 -9.46 15.21
CA LEU A 25 6.79 -8.44 15.49
C LEU A 25 6.86 -7.43 14.35
N PHE A 26 7.14 -6.18 14.70
CA PHE A 26 7.23 -5.11 13.71
C PHE A 26 8.25 -5.44 12.63
N THR A 27 8.08 -4.85 11.45
CA THR A 27 8.99 -5.09 10.34
C THR A 27 9.91 -3.89 10.14
N GLY A 28 9.38 -2.83 9.53
CA GLY A 28 10.18 -1.64 9.29
C GLY A 28 10.63 -1.51 7.85
N TRP A 29 11.94 -1.58 7.64
CA TRP A 29 12.51 -1.46 6.29
C TRP A 29 13.17 -2.77 5.87
N LYS A 30 13.63 -3.54 6.84
CA LYS A 30 14.28 -4.82 6.55
C LYS A 30 13.36 -5.72 5.73
N ASP A 31 13.76 -5.97 4.49
CA ASP A 31 12.99 -6.82 3.59
C ASP A 31 12.83 -8.23 4.17
N PRO A 32 11.62 -8.60 4.61
CA PRO A 32 11.36 -9.91 5.19
C PRO A 32 11.09 -10.97 4.13
N ALA A 33 10.61 -12.13 4.55
CA ALA A 33 10.32 -13.22 3.62
C ALA A 33 8.85 -13.62 3.69
N LEU A 34 8.15 -13.46 2.58
CA LEU A 34 6.73 -13.81 2.50
C LEU A 34 6.52 -15.29 2.78
N SER A 35 5.34 -15.63 3.29
CA SER A 35 5.01 -17.01 3.59
C SER A 35 3.89 -17.53 2.69
N GLU A 36 3.62 -18.84 2.79
CA GLU A 36 2.57 -19.46 1.98
C GLU A 36 1.28 -18.65 2.10
N THR A 37 0.99 -18.19 3.31
CA THR A 37 -0.20 -17.38 3.54
C THR A 37 -0.09 -16.11 2.73
N GLY A 38 1.15 -15.62 2.62
CA GLY A 38 1.41 -14.42 1.85
C GLY A 38 1.23 -14.71 0.38
N ILE A 39 1.92 -15.73 -0.11
CA ILE A 39 1.79 -16.14 -1.51
C ILE A 39 0.31 -16.41 -1.80
N LYS A 40 -0.29 -17.22 -0.93
CA LYS A 40 -1.70 -17.56 -1.05
C LYS A 40 -2.51 -16.28 -0.97
N GLU A 41 -2.07 -15.36 -0.12
CA GLU A 41 -2.74 -14.08 0.05
C GLU A 41 -2.64 -13.29 -1.24
N ALA A 42 -1.44 -13.25 -1.81
CA ALA A 42 -1.21 -12.54 -3.07
C ALA A 42 -2.03 -13.20 -4.17
N LYS A 43 -1.88 -14.52 -4.30
CA LYS A 43 -2.61 -15.27 -5.31
C LYS A 43 -4.11 -14.98 -5.15
N LEU A 44 -4.61 -15.16 -3.93
CA LEU A 44 -6.01 -14.90 -3.65
C LEU A 44 -6.31 -13.43 -3.94
N GLY A 45 -5.38 -12.56 -3.54
CA GLY A 45 -5.55 -11.14 -3.79
C GLY A 45 -5.73 -10.88 -5.27
N GLY A 46 -4.69 -11.16 -6.05
CA GLY A 46 -4.78 -10.96 -7.48
C GLY A 46 -5.94 -11.75 -8.07
N GLU A 47 -6.02 -13.03 -7.69
CA GLU A 47 -7.09 -13.89 -8.16
C GLU A 47 -8.44 -13.23 -7.90
N ARG A 48 -8.64 -12.78 -6.67
CA ARG A 48 -9.87 -12.10 -6.29
C ARG A 48 -9.96 -10.78 -7.03
N LEU A 49 -8.83 -10.11 -7.17
CA LEU A 49 -8.77 -8.83 -7.87
C LEU A 49 -9.26 -8.98 -9.31
N LYS A 50 -8.70 -9.96 -10.01
CA LYS A 50 -9.07 -10.22 -11.40
C LYS A 50 -10.38 -10.97 -11.51
N SER A 51 -10.54 -12.01 -10.69
CA SER A 51 -11.75 -12.83 -10.69
C SER A 51 -13.01 -11.96 -10.71
N ARG A 52 -13.16 -11.12 -9.68
CA ARG A 52 -14.32 -10.24 -9.58
C ARG A 52 -14.56 -9.49 -10.89
N GLY A 53 -13.49 -9.23 -11.62
CA GLY A 53 -13.61 -8.52 -12.88
C GLY A 53 -12.81 -7.24 -12.95
N TYR A 54 -11.85 -7.09 -12.03
CA TYR A 54 -11.01 -5.90 -12.00
C TYR A 54 -9.73 -6.14 -12.80
N LYS A 55 -9.53 -5.32 -13.84
CA LYS A 55 -8.34 -5.45 -14.68
C LYS A 55 -7.41 -4.28 -14.49
N PHE A 56 -6.14 -4.52 -14.80
CA PHE A 56 -5.12 -3.51 -14.63
C PHE A 56 -4.62 -2.90 -15.94
N ASP A 57 -4.10 -1.69 -15.80
CA ASP A 57 -3.52 -0.94 -16.91
C ASP A 57 -2.11 -0.50 -16.51
N ILE A 58 -1.98 -0.04 -15.27
CA ILE A 58 -0.70 0.41 -14.72
C ILE A 58 -0.41 -0.34 -13.41
N ALA A 59 0.88 -0.57 -13.12
CA ALA A 59 1.25 -1.28 -11.89
C ALA A 59 2.37 -0.58 -11.14
N PHE A 60 2.14 -0.29 -9.86
CA PHE A 60 3.12 0.38 -9.01
C PHE A 60 3.36 -0.39 -7.71
N THR A 61 4.55 -0.91 -7.54
CA THR A 61 4.90 -1.66 -6.33
C THR A 61 5.98 -0.94 -5.53
N SER A 62 6.25 -1.42 -4.32
CA SER A 62 7.29 -0.81 -3.49
C SER A 62 8.63 -1.45 -3.84
N ALA A 63 9.71 -0.97 -3.23
CA ALA A 63 11.03 -1.53 -3.49
C ALA A 63 11.35 -2.69 -2.56
N LEU A 64 10.32 -3.32 -2.01
CA LEU A 64 10.50 -4.45 -1.10
C LEU A 64 10.27 -5.77 -1.82
N GLN A 65 11.11 -6.75 -1.51
CA GLN A 65 11.01 -8.07 -2.12
C GLN A 65 9.57 -8.58 -2.04
N ARG A 66 8.91 -8.31 -0.91
CA ARG A 66 7.54 -8.72 -0.72
C ARG A 66 6.68 -8.15 -1.84
N ALA A 67 6.78 -6.84 -2.03
CA ALA A 67 6.04 -6.16 -3.08
C ALA A 67 6.48 -6.69 -4.43
N GLN A 68 7.78 -6.95 -4.57
CA GLN A 68 8.32 -7.48 -5.82
C GLN A 68 7.68 -8.83 -6.09
N LYS A 69 7.70 -9.67 -5.06
CA LYS A 69 7.10 -10.98 -5.12
C LYS A 69 5.62 -10.85 -5.40
N THR A 70 4.97 -10.04 -4.57
CA THR A 70 3.54 -9.79 -4.72
C THR A 70 3.23 -9.32 -6.13
N CYS A 71 4.12 -8.52 -6.69
CA CYS A 71 3.93 -8.01 -8.05
C CYS A 71 3.89 -9.15 -9.06
N GLN A 72 5.04 -9.79 -9.28
CA GLN A 72 5.14 -10.90 -10.22
C GLN A 72 3.98 -11.87 -10.05
N ILE A 73 3.75 -12.31 -8.82
CA ILE A 73 2.67 -13.24 -8.52
C ILE A 73 1.32 -12.63 -8.91
N ILE A 74 0.94 -11.55 -8.23
CA ILE A 74 -0.33 -10.89 -8.49
C ILE A 74 -0.49 -10.62 -10.00
N LEU A 75 0.54 -10.06 -10.61
CA LEU A 75 0.49 -9.78 -12.05
C LEU A 75 0.40 -11.07 -12.84
N GLU A 76 1.24 -12.04 -12.48
CA GLU A 76 1.25 -13.33 -13.14
C GLU A 76 -0.07 -14.06 -12.89
N GLU A 77 -0.76 -13.67 -11.81
CA GLU A 77 -2.04 -14.28 -11.47
C GLU A 77 -3.18 -13.54 -12.17
N VAL A 78 -3.12 -12.21 -12.16
CA VAL A 78 -4.13 -11.40 -12.82
C VAL A 78 -4.21 -11.75 -14.29
N GLY A 79 -3.06 -12.06 -14.89
CA GLY A 79 -3.03 -12.41 -16.30
C GLY A 79 -2.59 -11.25 -17.18
N GLU A 80 -1.96 -10.25 -16.57
CA GLU A 80 -1.50 -9.09 -17.31
C GLU A 80 -0.02 -8.76 -17.03
N PRO A 81 0.86 -9.78 -16.97
CA PRO A 81 2.29 -9.55 -16.71
C PRO A 81 2.87 -8.43 -17.58
N ASN A 82 2.68 -8.57 -18.89
CA ASN A 82 3.20 -7.58 -19.84
C ASN A 82 2.79 -6.16 -19.45
N LEU A 83 1.69 -6.04 -18.70
CA LEU A 83 1.20 -4.73 -18.26
C LEU A 83 2.33 -3.87 -17.70
N GLU A 84 2.12 -2.56 -17.67
CA GLU A 84 3.12 -1.65 -17.16
C GLU A 84 3.31 -1.85 -15.65
N THR A 85 4.31 -2.65 -15.31
CA THR A 85 4.63 -2.93 -13.92
C THR A 85 5.85 -2.14 -13.48
N ILE A 86 5.65 -1.26 -12.49
CA ILE A 86 6.73 -0.43 -11.99
C ILE A 86 6.69 -0.43 -10.46
N LYS A 87 7.76 0.07 -9.84
CA LYS A 87 7.82 0.12 -8.39
C LYS A 87 8.63 1.32 -7.91
N SER A 88 8.41 1.70 -6.66
CA SER A 88 9.11 2.85 -6.09
C SER A 88 9.83 2.49 -4.79
N GLU A 89 10.94 3.18 -4.55
CA GLU A 89 11.72 2.97 -3.33
C GLU A 89 11.07 3.68 -2.16
N LYS A 90 10.42 4.80 -2.46
CA LYS A 90 9.73 5.57 -1.45
C LYS A 90 8.40 4.91 -1.09
N LEU A 91 8.00 3.90 -1.89
CA LEU A 91 6.74 3.21 -1.64
C LEU A 91 6.89 2.20 -0.51
N ASN A 92 8.12 1.90 -0.12
CA ASN A 92 8.36 0.94 0.95
C ASN A 92 7.56 1.30 2.19
N GLU A 93 7.64 0.46 3.21
CA GLU A 93 6.92 0.69 4.46
C GLU A 93 7.62 1.73 5.33
N ARG A 94 6.85 2.46 6.11
CA ARG A 94 7.39 3.48 7.01
C ARG A 94 8.48 2.88 7.90
N TYR A 95 9.67 3.49 7.87
CA TYR A 95 10.79 3.02 8.67
C TYR A 95 10.46 3.10 10.16
N TYR A 96 10.74 2.02 10.89
CA TYR A 96 10.44 1.95 12.32
C TYR A 96 11.67 2.28 13.17
N GLY A 97 12.70 2.85 12.56
CA GLY A 97 13.91 3.20 13.29
C GLY A 97 14.40 2.08 14.19
N ASP A 98 14.07 2.17 15.48
CA ASP A 98 14.50 1.16 16.45
C ASP A 98 13.31 0.32 16.93
N LEU A 99 12.23 0.32 16.17
CA LEU A 99 11.04 -0.45 16.52
C LEU A 99 11.07 -1.81 15.83
N GLN A 100 11.79 -1.89 14.71
CA GLN A 100 11.90 -3.12 13.95
C GLN A 100 12.30 -4.28 14.86
N GLY A 101 11.42 -5.27 14.98
CA GLY A 101 11.71 -6.42 15.81
C GLY A 101 11.06 -6.32 17.17
N LEU A 102 10.06 -5.46 17.31
CA LEU A 102 9.36 -5.29 18.56
C LEU A 102 8.06 -6.09 18.57
N ASN A 103 8.06 -7.20 19.30
CA ASN A 103 6.88 -8.05 19.39
C ASN A 103 5.64 -7.21 19.68
N LYS A 104 4.64 -7.29 18.79
CA LYS A 104 3.41 -6.54 18.95
C LYS A 104 2.91 -6.65 20.39
N ASP A 105 3.14 -7.80 21.00
CA ASP A 105 2.74 -8.02 22.39
C ASP A 105 3.53 -7.09 23.30
N ASP A 106 4.85 -7.16 23.21
CA ASP A 106 5.71 -6.30 24.00
C ASP A 106 5.39 -4.85 23.67
N ALA A 107 5.34 -4.55 22.37
CA ALA A 107 5.02 -3.20 21.93
C ALA A 107 3.68 -2.77 22.50
N ARG A 108 2.64 -3.57 22.27
CA ARG A 108 1.32 -3.28 22.80
C ARG A 108 1.28 -3.46 24.32
N LYS A 109 2.35 -4.01 24.88
CA LYS A 109 2.43 -4.23 26.32
C LYS A 109 3.18 -3.09 26.99
N LYS A 110 4.06 -2.43 26.22
CA LYS A 110 4.83 -1.31 26.75
C LYS A 110 4.36 0.02 26.18
N TRP A 111 3.71 -0.04 25.03
CA TRP A 111 3.20 1.16 24.37
C TRP A 111 1.67 1.16 24.33
N GLY A 112 1.08 -0.02 24.47
CA GLY A 112 -0.36 -0.14 24.46
C GLY A 112 -0.98 0.47 23.22
N ALA A 113 -2.25 0.15 22.98
CA ALA A 113 -2.97 0.68 21.83
C ALA A 113 -2.71 2.18 21.67
N GLU A 114 -2.74 2.89 22.79
CA GLU A 114 -2.51 4.33 22.78
C GLU A 114 -1.14 4.66 22.19
N GLN A 115 -0.09 4.52 23.00
CA GLN A 115 1.26 4.83 22.55
C GLN A 115 1.54 4.11 21.23
N VAL A 116 1.20 2.83 21.16
CA VAL A 116 1.40 2.07 19.94
C VAL A 116 0.70 2.78 18.79
N GLN A 117 -0.59 3.07 18.95
CA GLN A 117 -1.35 3.77 17.91
C GLN A 117 -0.59 5.01 17.46
N ILE A 118 -0.34 5.92 18.39
CA ILE A 118 0.39 7.14 18.07
C ILE A 118 1.80 6.80 17.58
N TRP A 119 2.24 5.57 17.85
CA TRP A 119 3.57 5.14 17.42
C TRP A 119 3.55 4.60 15.99
N ARG A 120 2.85 3.47 15.81
CA ARG A 120 2.76 2.82 14.51
C ARG A 120 1.88 3.58 13.53
N ARG A 121 0.95 4.39 14.03
CA ARG A 121 0.05 5.15 13.17
C ARG A 121 0.39 6.64 13.18
N SER A 122 -0.10 7.38 14.17
CA SER A 122 0.19 8.82 14.26
C SER A 122 0.04 9.49 12.89
N TYR A 123 0.47 10.76 12.81
CA TYR A 123 0.39 11.50 11.55
C TYR A 123 1.78 12.02 11.18
N ASP A 124 2.40 12.74 12.11
CA ASP A 124 3.72 13.30 11.88
C ASP A 124 4.73 12.71 12.84
N ILE A 125 4.26 12.37 14.04
CA ILE A 125 5.12 11.79 15.07
C ILE A 125 5.34 10.30 14.81
N ALA A 126 6.60 9.88 14.77
CA ALA A 126 6.93 8.49 14.53
C ALA A 126 7.77 7.92 15.68
N PRO A 127 7.95 6.59 15.71
CA PRO A 127 8.73 5.91 16.75
C PRO A 127 10.21 6.30 16.69
N PRO A 128 11.00 5.88 17.68
CA PRO A 128 12.44 6.17 17.73
C PRO A 128 13.09 5.94 16.38
N ASN A 129 13.27 7.02 15.63
CA ASN A 129 13.88 6.94 14.30
C ASN A 129 12.90 6.29 13.32
N GLY A 130 13.00 6.66 12.06
CA GLY A 130 12.12 6.11 11.05
C GLY A 130 11.21 7.16 10.43
N GLU A 131 10.01 6.74 10.06
CA GLU A 131 9.04 7.65 9.45
C GLU A 131 7.68 7.50 10.10
N SER A 132 6.71 8.29 9.63
CA SER A 132 5.36 8.25 10.16
C SER A 132 4.34 8.18 9.04
N LEU A 133 3.99 9.35 8.50
CA LEU A 133 3.04 9.44 7.41
C LEU A 133 3.38 10.59 6.48
N LYS A 134 3.41 11.80 7.04
CA LYS A 134 3.74 12.98 6.25
C LYS A 134 5.10 12.76 5.56
N ASP A 135 6.00 12.08 6.25
CA ASP A 135 7.32 11.78 5.70
C ASP A 135 7.17 10.84 4.51
N THR A 136 6.58 9.67 4.77
CA THR A 136 6.36 8.70 3.71
C THR A 136 5.60 9.35 2.57
N ALA A 137 4.47 9.98 2.90
CA ALA A 137 3.68 10.67 1.90
C ALA A 137 4.53 11.72 1.19
N GLU A 138 5.33 12.44 1.97
CA GLU A 138 6.21 13.47 1.41
C GLU A 138 7.25 12.86 0.47
N ARG A 139 7.85 11.75 0.90
CA ARG A 139 8.87 11.09 0.07
C ARG A 139 8.23 10.18 -0.99
N VAL A 140 6.93 9.89 -0.83
CA VAL A 140 6.22 9.05 -1.77
C VAL A 140 5.47 9.89 -2.82
N LEU A 141 4.91 11.00 -2.38
CA LEU A 141 4.14 11.86 -3.27
C LEU A 141 4.88 12.22 -4.54
N PRO A 142 6.10 12.75 -4.43
CA PRO A 142 6.89 13.12 -5.60
C PRO A 142 6.89 12.01 -6.63
N TYR A 143 7.19 10.81 -6.18
CA TYR A 143 7.17 9.64 -7.05
C TYR A 143 5.77 9.50 -7.61
N TYR A 144 4.79 9.61 -6.73
CA TYR A 144 3.38 9.53 -7.11
C TYR A 144 3.10 10.58 -8.18
N LYS A 145 3.16 11.84 -7.79
CA LYS A 145 2.92 12.92 -8.73
C LYS A 145 3.80 12.76 -9.98
N SER A 146 5.11 12.88 -9.79
CA SER A 146 6.08 12.79 -10.87
C SER A 146 5.90 11.57 -11.78
N THR A 147 5.98 10.37 -11.21
CA THR A 147 5.89 9.15 -12.02
C THR A 147 4.49 8.54 -12.07
N ILE A 148 3.53 9.13 -11.39
CA ILE A 148 2.18 8.56 -11.40
C ILE A 148 1.10 9.56 -11.80
N VAL A 149 1.48 10.80 -12.04
CA VAL A 149 0.50 11.80 -12.45
C VAL A 149 0.37 11.96 -13.98
N PRO A 150 1.31 11.43 -14.81
CA PRO A 150 1.22 11.58 -16.27
C PRO A 150 0.23 10.60 -16.91
N HIS A 151 0.22 9.36 -16.45
CA HIS A 151 -0.69 8.35 -17.01
C HIS A 151 -2.11 8.52 -16.47
N ILE A 152 -2.24 8.68 -15.16
CA ILE A 152 -3.55 8.84 -14.55
C ILE A 152 -4.31 10.01 -15.17
N LEU A 153 -3.57 10.92 -15.80
CA LEU A 153 -4.17 12.09 -16.44
C LEU A 153 -4.65 11.76 -17.86
N LYS A 154 -4.18 10.64 -18.40
CA LYS A 154 -4.55 10.24 -19.76
C LYS A 154 -5.88 9.48 -19.74
N GLY A 155 -6.07 8.63 -18.76
CA GLY A 155 -7.29 7.86 -18.66
C GLY A 155 -7.04 6.37 -18.53
N GLU A 156 -6.19 5.99 -17.60
CA GLU A 156 -5.86 4.59 -17.39
C GLU A 156 -6.09 4.19 -15.93
N LYS A 157 -5.97 2.89 -15.65
CA LYS A 157 -6.15 2.39 -14.29
C LYS A 157 -4.81 1.97 -13.71
N VAL A 158 -4.64 2.17 -12.41
CA VAL A 158 -3.34 1.86 -11.79
C VAL A 158 -3.41 0.96 -10.55
N LEU A 159 -2.48 0.00 -10.54
CA LEU A 159 -2.33 -0.95 -9.44
C LEU A 159 -1.25 -0.41 -8.49
N ILE A 160 -1.51 -0.41 -7.20
CA ILE A 160 -0.52 0.08 -6.25
C ILE A 160 -0.29 -0.92 -5.12
N ALA A 161 0.97 -1.32 -4.95
CA ALA A 161 1.33 -2.28 -3.91
C ALA A 161 2.53 -1.79 -3.11
N ALA A 162 2.26 -1.41 -1.86
CA ALA A 162 3.31 -0.94 -0.96
C ALA A 162 3.01 -1.36 0.47
N HIS A 163 2.38 -0.48 1.25
CA HIS A 163 2.05 -0.78 2.64
C HIS A 163 0.97 0.17 3.16
N GLY A 164 0.43 -0.14 4.34
CA GLY A 164 -0.57 0.71 4.93
C GLY A 164 -0.10 2.15 4.97
N ASN A 165 1.16 2.35 5.34
CA ASN A 165 1.72 3.69 5.39
C ASN A 165 1.69 4.32 4.01
N SER A 166 2.32 3.66 3.04
CA SER A 166 2.32 4.17 1.68
C SER A 166 0.89 4.49 1.25
N LEU A 167 0.02 3.49 1.39
CA LEU A 167 -1.38 3.67 1.04
C LEU A 167 -1.96 4.85 1.80
N ARG A 168 -1.80 4.84 3.11
CA ARG A 168 -2.27 5.93 3.96
C ARG A 168 -1.78 7.25 3.39
N ALA A 169 -0.50 7.26 3.03
CA ALA A 169 0.12 8.45 2.45
C ALA A 169 -0.60 8.87 1.17
N LEU A 170 -0.59 7.99 0.16
CA LEU A 170 -1.26 8.31 -1.10
C LEU A 170 -2.72 8.60 -0.85
N ILE A 171 -3.41 7.60 -0.30
CA ILE A 171 -4.82 7.73 -0.03
C ILE A 171 -5.14 9.07 0.65
N MET A 172 -4.41 9.38 1.72
CA MET A 172 -4.62 10.63 2.43
C MET A 172 -4.26 11.82 1.53
N ASP A 173 -3.13 11.69 0.83
CA ASP A 173 -2.68 12.73 -0.08
C ASP A 173 -3.68 12.96 -1.19
N LEU A 174 -4.30 11.88 -1.65
CA LEU A 174 -5.29 11.96 -2.72
C LEU A 174 -6.64 12.39 -2.17
N GLU A 175 -7.07 11.72 -1.11
CA GLU A 175 -8.35 12.03 -0.48
C GLU A 175 -8.30 13.39 0.21
N GLY A 176 -7.09 13.82 0.58
CA GLY A 176 -6.92 15.10 1.24
C GLY A 176 -7.22 15.02 2.72
N LEU A 177 -7.17 13.81 3.27
CA LEU A 177 -7.43 13.59 4.68
C LEU A 177 -6.53 14.47 5.55
N THR A 178 -6.62 14.28 6.86
CA THR A 178 -5.81 15.04 7.79
C THR A 178 -5.13 14.13 8.80
N GLY A 179 -4.11 14.66 9.49
CA GLY A 179 -3.40 13.87 10.47
C GLY A 179 -4.31 13.20 11.47
N ASP A 180 -5.51 13.75 11.64
CA ASP A 180 -6.47 13.20 12.59
C ASP A 180 -7.68 12.59 11.86
N GLN A 181 -7.53 12.32 10.57
CA GLN A 181 -8.62 11.72 9.79
C GLN A 181 -8.10 10.67 8.81
N ILE A 182 -6.84 10.27 8.97
CA ILE A 182 -6.24 9.26 8.10
C ILE A 182 -5.89 8.02 8.89
N VAL A 183 -5.35 8.21 10.09
CA VAL A 183 -4.99 7.09 10.96
C VAL A 183 -6.17 6.14 11.11
N LYS A 184 -7.37 6.67 10.94
CA LYS A 184 -8.58 5.87 11.04
C LYS A 184 -8.61 4.78 9.98
N ARG A 185 -8.00 5.06 8.83
CA ARG A 185 -7.94 4.09 7.75
C ARG A 185 -7.40 2.76 8.24
N GLU A 186 -7.59 1.72 7.42
CA GLU A 186 -7.11 0.39 7.75
C GLU A 186 -7.31 -0.56 6.58
N LEU A 187 -6.28 -1.34 6.28
CA LEU A 187 -6.34 -2.29 5.16
C LEU A 187 -5.97 -3.70 5.60
N ALA A 188 -5.99 -4.63 4.65
CA ALA A 188 -5.66 -6.01 4.93
C ALA A 188 -4.47 -6.48 4.09
N THR A 189 -4.19 -7.77 4.14
CA THR A 189 -3.08 -8.34 3.38
C THR A 189 -3.60 -9.19 2.23
N GLY A 190 -3.34 -8.75 1.00
CA GLY A 190 -3.79 -9.48 -0.16
C GLY A 190 -4.99 -8.83 -0.82
N VAL A 191 -6.00 -8.51 -0.01
CA VAL A 191 -7.22 -7.88 -0.51
C VAL A 191 -6.91 -6.53 -1.15
N PRO A 192 -7.03 -6.42 -2.48
CA PRO A 192 -6.74 -5.18 -3.22
C PRO A 192 -7.93 -4.21 -3.20
N ILE A 193 -7.68 -2.99 -2.75
CA ILE A 193 -8.72 -1.97 -2.70
C ILE A 193 -8.73 -1.16 -4.00
N VAL A 194 -9.91 -0.66 -4.38
CA VAL A 194 -10.03 0.12 -5.61
C VAL A 194 -10.48 1.55 -5.31
N TYR A 195 -9.68 2.54 -5.71
CA TYR A 195 -10.04 3.93 -5.47
C TYR A 195 -10.39 4.64 -6.78
N HIS A 196 -11.49 5.37 -6.78
CA HIS A 196 -11.90 6.11 -7.97
C HIS A 196 -11.23 7.48 -8.00
N LEU A 197 -10.28 7.64 -8.92
CA LEU A 197 -9.54 8.90 -9.05
C LEU A 197 -10.04 9.73 -10.21
N ASP A 198 -10.01 11.05 -10.02
CA ASP A 198 -10.45 11.97 -11.07
C ASP A 198 -9.38 12.11 -12.15
N LYS A 199 -9.65 12.98 -13.11
CA LYS A 199 -8.73 13.22 -14.20
C LYS A 199 -7.39 13.78 -13.70
N ASP A 200 -7.37 14.24 -12.45
CA ASP A 200 -6.15 14.81 -11.88
C ASP A 200 -5.43 13.79 -11.01
N GLY A 201 -6.18 12.87 -10.42
CA GLY A 201 -5.58 11.86 -9.56
C GLY A 201 -6.06 11.97 -8.13
N LYS A 202 -7.31 12.41 -7.96
CA LYS A 202 -7.90 12.55 -6.65
C LYS A 202 -9.16 11.70 -6.51
N TYR A 203 -9.38 11.16 -5.31
CA TYR A 203 -10.54 10.30 -5.07
C TYR A 203 -11.82 11.00 -5.52
N VAL A 204 -12.73 10.23 -6.10
CA VAL A 204 -14.00 10.77 -6.57
C VAL A 204 -15.14 9.80 -6.30
N SER A 205 -14.92 8.91 -5.32
CA SER A 205 -15.90 7.92 -4.95
C SER A 205 -15.40 7.09 -3.78
N LYS A 206 -15.93 5.88 -3.62
CA LYS A 206 -15.50 5.02 -2.54
C LYS A 206 -14.68 3.84 -3.07
N GLU A 207 -14.13 3.06 -2.15
CA GLU A 207 -13.31 1.92 -2.52
C GLU A 207 -13.83 0.64 -1.88
N LEU A 208 -13.55 -0.50 -2.52
CA LEU A 208 -13.98 -1.78 -2.01
C LEU A 208 -13.03 -2.89 -2.41
N ILE A 209 -13.27 -4.08 -1.87
CA ILE A 209 -12.44 -5.24 -2.17
C ILE A 209 -13.20 -6.24 -3.04
N ASP A 210 -12.47 -7.09 -3.75
CA ASP A 210 -13.08 -8.08 -4.61
C ASP A 210 -13.59 -9.27 -3.81
N ASN A 211 -12.76 -9.76 -2.89
CA ASN A 211 -13.13 -10.89 -2.05
C ASN A 211 -14.39 -10.57 -1.24
N MET A 1 -9.19 -1.24 -17.22
CA MET A 1 -8.78 0.10 -16.72
C MET A 1 -9.90 1.12 -16.88
N THR A 2 -9.67 2.32 -16.37
CA THR A 2 -10.66 3.39 -16.46
C THR A 2 -11.12 3.59 -17.90
N THR A 3 -12.37 3.20 -18.17
CA THR A 3 -12.93 3.33 -19.51
C THR A 3 -12.65 4.71 -20.11
N GLU A 4 -13.32 5.72 -19.58
CA GLU A 4 -13.13 7.09 -20.05
C GLU A 4 -11.77 7.64 -19.62
N ALA A 5 -11.51 8.90 -19.95
CA ALA A 5 -10.25 9.53 -19.59
C ALA A 5 -10.45 10.59 -18.52
N ALA A 6 -10.89 10.17 -17.35
CA ALA A 6 -11.12 11.09 -16.24
C ALA A 6 -11.02 10.39 -14.89
N PRO A 7 -11.97 9.48 -14.58
CA PRO A 7 -11.96 8.75 -13.31
C PRO A 7 -11.01 7.55 -13.34
N ASN A 8 -9.71 7.81 -13.32
CA ASN A 8 -8.72 6.75 -13.35
C ASN A 8 -8.96 5.76 -12.20
N LEU A 9 -8.73 4.48 -12.46
CA LEU A 9 -8.93 3.45 -11.44
C LEU A 9 -7.62 3.05 -10.80
N LEU A 10 -7.62 2.97 -9.47
CA LEU A 10 -6.41 2.62 -8.73
C LEU A 10 -6.64 1.48 -7.74
N VAL A 11 -5.98 0.36 -7.96
CA VAL A 11 -6.11 -0.76 -7.05
C VAL A 11 -4.98 -0.74 -6.02
N LEU A 12 -5.34 -1.08 -4.78
CA LEU A 12 -4.38 -1.10 -3.70
C LEU A 12 -4.28 -2.51 -3.11
N THR A 13 -3.12 -3.13 -3.28
CA THR A 13 -2.90 -4.47 -2.77
C THR A 13 -1.78 -4.50 -1.73
N ARG A 14 -2.15 -4.70 -0.49
CA ARG A 14 -1.18 -4.76 0.60
C ARG A 14 -0.68 -6.18 0.78
N HIS A 15 0.63 -6.39 0.57
CA HIS A 15 1.24 -7.71 0.71
C HIS A 15 0.68 -8.43 1.93
N GLY A 16 0.14 -9.63 1.71
CA GLY A 16 -0.43 -10.42 2.79
C GLY A 16 0.33 -10.33 4.10
N GLU A 17 1.19 -11.30 4.35
CA GLU A 17 1.98 -11.32 5.58
C GLU A 17 3.35 -11.94 5.35
N SER A 18 4.37 -11.32 5.91
CA SER A 18 5.74 -11.81 5.77
C SER A 18 6.08 -12.76 6.91
N GLU A 19 7.23 -13.41 6.79
CA GLU A 19 7.68 -14.34 7.82
C GLU A 19 7.67 -13.68 9.19
N TRP A 20 8.15 -12.44 9.25
CA TRP A 20 8.19 -11.70 10.50
C TRP A 20 6.78 -11.46 11.01
N ASN A 21 5.83 -11.41 10.09
CA ASN A 21 4.43 -11.20 10.43
C ASN A 21 3.94 -12.35 11.31
N LYS A 22 4.36 -13.56 10.98
CA LYS A 22 3.97 -14.74 11.73
C LYS A 22 4.52 -14.65 13.16
N LEU A 23 5.77 -14.22 13.27
CA LEU A 23 6.41 -14.06 14.57
C LEU A 23 5.65 -13.05 15.42
N ASN A 24 4.95 -12.14 14.76
CA ASN A 24 4.17 -11.10 15.43
C ASN A 24 5.05 -9.95 15.89
N LEU A 25 5.94 -9.50 15.01
CA LEU A 25 6.83 -8.39 15.34
C LEU A 25 6.79 -7.32 14.26
N PHE A 26 6.97 -6.07 14.67
CA PHE A 26 6.97 -4.94 13.74
C PHE A 26 7.88 -5.21 12.55
N THR A 27 7.52 -4.66 11.39
CA THR A 27 8.30 -4.86 10.18
C THR A 27 9.37 -3.77 10.04
N GLY A 28 8.98 -2.61 9.51
CA GLY A 28 9.91 -1.52 9.33
C GLY A 28 10.51 -1.49 7.95
N TRP A 29 11.67 -0.84 7.83
CA TRP A 29 12.34 -0.73 6.54
C TRP A 29 12.98 -2.06 6.12
N LYS A 30 13.12 -2.97 7.09
CA LYS A 30 13.71 -4.28 6.81
C LYS A 30 12.92 -5.03 5.74
N ASP A 31 13.63 -5.83 4.95
CA ASP A 31 13.00 -6.61 3.88
C ASP A 31 12.83 -8.06 4.30
N PRO A 32 11.61 -8.47 4.69
CA PRO A 32 11.32 -9.84 5.12
C PRO A 32 11.00 -10.76 3.96
N ALA A 33 10.50 -11.95 4.27
CA ALA A 33 10.14 -12.92 3.24
C ALA A 33 8.67 -13.31 3.35
N LEU A 34 7.92 -13.05 2.29
CA LEU A 34 6.50 -13.37 2.26
C LEU A 34 6.25 -14.81 2.70
N SER A 35 5.01 -15.13 3.01
CA SER A 35 4.66 -16.47 3.45
C SER A 35 3.51 -17.06 2.61
N GLU A 36 3.16 -18.31 2.92
CA GLU A 36 2.09 -18.98 2.19
C GLU A 36 0.83 -18.14 2.19
N THR A 37 0.55 -17.50 3.34
CA THR A 37 -0.62 -16.64 3.44
C THR A 37 -0.46 -15.47 2.51
N GLY A 38 0.77 -14.95 2.44
CA GLY A 38 1.06 -13.85 1.54
C GLY A 38 0.89 -14.27 0.10
N ILE A 39 1.61 -15.33 -0.28
CA ILE A 39 1.51 -15.86 -1.64
C ILE A 39 0.05 -16.20 -1.92
N LYS A 40 -0.54 -16.96 -1.01
CA LYS A 40 -1.93 -17.35 -1.12
C LYS A 40 -2.79 -16.10 -1.24
N GLU A 41 -2.44 -15.09 -0.44
CA GLU A 41 -3.15 -13.82 -0.46
C GLU A 41 -3.02 -13.19 -1.84
N ALA A 42 -1.78 -13.10 -2.32
CA ALA A 42 -1.52 -12.54 -3.64
C ALA A 42 -2.28 -13.33 -4.70
N LYS A 43 -2.06 -14.64 -4.71
CA LYS A 43 -2.75 -15.52 -5.67
C LYS A 43 -4.24 -15.26 -5.63
N LEU A 44 -4.82 -15.43 -4.44
CA LEU A 44 -6.26 -15.20 -4.26
C LEU A 44 -6.60 -13.78 -4.71
N GLY A 45 -5.87 -12.81 -4.18
CA GLY A 45 -6.09 -11.42 -4.56
C GLY A 45 -6.15 -11.27 -6.06
N GLY A 46 -5.09 -11.67 -6.74
CA GLY A 46 -5.07 -11.60 -8.18
C GLY A 46 -6.19 -12.40 -8.79
N GLU A 47 -6.34 -13.64 -8.30
CA GLU A 47 -7.40 -14.53 -8.77
C GLU A 47 -8.76 -13.83 -8.66
N ARG A 48 -8.95 -13.13 -7.54
CA ARG A 48 -10.20 -12.41 -7.32
C ARG A 48 -10.21 -11.13 -8.16
N LEU A 49 -9.04 -10.50 -8.27
CA LEU A 49 -8.91 -9.28 -9.05
C LEU A 49 -9.24 -9.52 -10.52
N LYS A 50 -8.72 -10.62 -11.06
CA LYS A 50 -8.96 -10.96 -12.46
C LYS A 50 -10.28 -11.71 -12.63
N SER A 51 -10.78 -12.30 -11.54
CA SER A 51 -12.03 -13.05 -11.59
C SER A 51 -13.24 -12.11 -11.57
N ARG A 52 -13.36 -11.32 -10.50
CA ARG A 52 -14.47 -10.39 -10.35
C ARG A 52 -14.70 -9.60 -11.64
N GLY A 53 -13.64 -9.42 -12.42
CA GLY A 53 -13.76 -8.69 -13.67
C GLY A 53 -13.06 -7.35 -13.62
N TYR A 54 -11.78 -7.38 -13.23
CA TYR A 54 -10.98 -6.17 -13.15
C TYR A 54 -9.66 -6.35 -13.88
N LYS A 55 -9.37 -5.44 -14.82
CA LYS A 55 -8.13 -5.52 -15.59
C LYS A 55 -7.13 -4.47 -15.12
N PHE A 56 -5.85 -4.78 -15.31
CA PHE A 56 -4.78 -3.89 -14.88
C PHE A 56 -3.93 -3.40 -16.05
N ASP A 57 -3.58 -2.12 -16.02
CA ASP A 57 -2.75 -1.50 -17.06
C ASP A 57 -1.41 -1.08 -16.43
N ILE A 58 -1.49 -0.53 -15.23
CA ILE A 58 -0.30 -0.10 -14.49
C ILE A 58 -0.24 -0.84 -13.14
N ALA A 59 0.96 -1.14 -12.69
CA ALA A 59 1.13 -1.83 -11.41
C ALA A 59 2.21 -1.17 -10.57
N PHE A 60 1.80 -0.43 -9.55
CA PHE A 60 2.75 0.25 -8.67
C PHE A 60 3.08 -0.59 -7.44
N THR A 61 4.36 -0.84 -7.23
CA THR A 61 4.79 -1.62 -6.07
C THR A 61 5.96 -0.95 -5.37
N SER A 62 6.18 -1.29 -4.11
CA SER A 62 7.30 -0.72 -3.36
C SER A 62 8.60 -1.32 -3.85
N ALA A 63 9.72 -0.86 -3.29
CA ALA A 63 11.02 -1.39 -3.68
C ALA A 63 11.40 -2.61 -2.84
N LEU A 64 10.41 -3.23 -2.19
CA LEU A 64 10.66 -4.39 -1.36
C LEU A 64 10.31 -5.68 -2.08
N GLN A 65 11.16 -6.70 -1.90
CA GLN A 65 10.94 -7.99 -2.54
C GLN A 65 9.51 -8.47 -2.33
N ARG A 66 8.98 -8.20 -1.14
CA ARG A 66 7.62 -8.60 -0.81
C ARG A 66 6.66 -8.10 -1.89
N ALA A 67 6.50 -6.79 -1.96
CA ALA A 67 5.64 -6.19 -2.96
C ALA A 67 6.07 -6.64 -4.35
N GLN A 68 7.40 -6.77 -4.53
CA GLN A 68 7.93 -7.22 -5.81
C GLN A 68 7.32 -8.57 -6.15
N LYS A 69 7.36 -9.46 -5.17
CA LYS A 69 6.79 -10.79 -5.33
C LYS A 69 5.28 -10.70 -5.45
N THR A 70 4.70 -9.86 -4.60
CA THR A 70 3.27 -9.66 -4.62
C THR A 70 2.81 -9.15 -5.98
N CYS A 71 3.74 -8.52 -6.71
CA CYS A 71 3.42 -8.01 -8.04
C CYS A 71 3.52 -9.10 -9.09
N GLN A 72 4.74 -9.59 -9.32
CA GLN A 72 4.97 -10.65 -10.31
C GLN A 72 3.91 -11.73 -10.23
N ILE A 73 3.70 -12.26 -9.02
CA ILE A 73 2.70 -13.30 -8.82
C ILE A 73 1.31 -12.82 -9.21
N ILE A 74 0.79 -11.84 -8.47
CA ILE A 74 -0.52 -11.29 -8.75
C ILE A 74 -0.68 -10.93 -10.23
N LEU A 75 0.32 -10.22 -10.77
CA LEU A 75 0.29 -9.82 -12.16
C LEU A 75 0.35 -11.06 -13.06
N GLU A 76 1.33 -11.92 -12.81
CA GLU A 76 1.48 -13.15 -13.58
C GLU A 76 0.24 -14.02 -13.42
N GLU A 77 -0.48 -13.81 -12.31
CA GLU A 77 -1.70 -14.57 -12.05
C GLU A 77 -2.87 -13.91 -12.77
N VAL A 78 -2.90 -12.59 -12.76
CA VAL A 78 -3.96 -11.85 -13.43
C VAL A 78 -3.98 -12.19 -14.92
N GLY A 79 -2.82 -12.57 -15.44
CA GLY A 79 -2.72 -12.93 -16.85
C GLY A 79 -2.43 -11.73 -17.74
N GLU A 80 -1.89 -10.67 -17.15
CA GLU A 80 -1.58 -9.46 -17.90
C GLU A 80 -0.24 -8.84 -17.48
N PRO A 81 0.85 -9.62 -17.49
CA PRO A 81 2.18 -9.11 -17.10
C PRO A 81 2.67 -8.02 -18.06
N ASN A 82 2.12 -8.02 -19.27
CA ASN A 82 2.50 -7.04 -20.29
C ASN A 82 2.26 -5.61 -19.81
N LEU A 83 1.30 -5.44 -18.91
CA LEU A 83 0.99 -4.12 -18.38
C LEU A 83 2.24 -3.42 -17.87
N GLU A 84 2.07 -2.25 -17.28
CA GLU A 84 3.19 -1.50 -16.74
C GLU A 84 3.49 -1.89 -15.30
N THR A 85 4.51 -2.72 -15.12
CA THR A 85 4.90 -3.15 -13.78
C THR A 85 5.83 -2.11 -13.17
N ILE A 86 5.22 -1.13 -12.52
CA ILE A 86 5.96 -0.03 -11.91
C ILE A 86 6.26 -0.28 -10.42
N LYS A 87 7.47 0.09 -10.01
CA LYS A 87 7.88 -0.06 -8.63
C LYS A 87 8.53 1.22 -8.12
N SER A 88 8.41 1.49 -6.83
CA SER A 88 8.99 2.71 -6.26
C SER A 88 9.68 2.43 -4.92
N GLU A 89 10.78 3.15 -4.69
CA GLU A 89 11.52 3.02 -3.45
C GLU A 89 10.84 3.84 -2.36
N LYS A 90 10.19 4.92 -2.78
CA LYS A 90 9.47 5.78 -1.85
C LYS A 90 8.18 5.12 -1.39
N LEU A 91 7.84 3.97 -1.98
CA LEU A 91 6.62 3.26 -1.61
C LEU A 91 6.90 2.25 -0.50
N ASN A 92 8.08 2.33 0.11
CA ASN A 92 8.45 1.42 1.19
C ASN A 92 7.79 1.83 2.50
N GLU A 93 7.70 0.89 3.44
CA GLU A 93 7.10 1.15 4.74
C GLU A 93 7.89 2.20 5.51
N ARG A 94 7.20 2.98 6.33
CA ARG A 94 7.84 4.02 7.13
C ARG A 94 8.86 3.40 8.10
N TYR A 95 10.07 3.93 8.08
CA TYR A 95 11.14 3.44 8.96
C TYR A 95 10.65 3.42 10.40
N TYR A 96 10.88 2.30 11.10
CA TYR A 96 10.45 2.15 12.48
C TYR A 96 11.59 2.34 13.46
N GLY A 97 12.66 3.01 13.04
CA GLY A 97 13.79 3.25 13.91
C GLY A 97 14.19 2.04 14.74
N ASP A 98 13.69 1.99 15.98
CA ASP A 98 14.00 0.88 16.88
C ASP A 98 12.78 -0.02 17.14
N LEU A 99 11.62 0.37 16.62
CA LEU A 99 10.41 -0.42 16.78
C LEU A 99 10.39 -1.61 15.82
N GLN A 100 11.44 -1.75 15.01
CA GLN A 100 11.51 -2.84 14.06
C GLN A 100 11.84 -4.15 14.76
N GLY A 101 10.93 -5.12 14.66
CA GLY A 101 11.15 -6.41 15.30
C GLY A 101 10.47 -6.52 16.65
N LEU A 102 9.82 -5.44 17.08
CA LEU A 102 9.13 -5.42 18.35
C LEU A 102 7.85 -6.24 18.29
N ASN A 103 7.72 -7.20 19.20
CA ASN A 103 6.54 -8.05 19.24
C ASN A 103 5.29 -7.22 19.53
N LYS A 104 4.30 -7.35 18.66
CA LYS A 104 3.04 -6.60 18.82
C LYS A 104 2.57 -6.67 20.27
N ASP A 105 2.75 -7.82 20.89
CA ASP A 105 2.35 -8.00 22.28
C ASP A 105 3.19 -7.11 23.18
N ASP A 106 4.51 -7.27 23.11
CA ASP A 106 5.41 -6.45 23.91
C ASP A 106 5.16 -4.98 23.62
N ALA A 107 5.09 -4.65 22.33
CA ALA A 107 4.84 -3.27 21.91
C ALA A 107 3.48 -2.80 22.41
N ARG A 108 2.45 -3.62 22.19
CA ARG A 108 1.11 -3.28 22.64
C ARG A 108 0.97 -3.51 24.15
N LYS A 109 2.02 -4.01 24.78
CA LYS A 109 2.00 -4.26 26.22
C LYS A 109 2.82 -3.21 26.96
N LYS A 110 3.91 -2.76 26.34
CA LYS A 110 4.77 -1.76 26.94
C LYS A 110 4.41 -0.35 26.46
N TRP A 111 3.79 -0.27 25.29
CA TRP A 111 3.39 1.01 24.71
C TRP A 111 1.87 1.10 24.53
N GLY A 112 1.19 -0.05 24.66
CA GLY A 112 -0.25 -0.08 24.52
C GLY A 112 -0.75 0.54 23.23
N ALA A 113 -1.99 0.22 22.88
CA ALA A 113 -2.60 0.74 21.67
C ALA A 113 -2.38 2.25 21.58
N GLU A 114 -2.43 2.91 22.73
CA GLU A 114 -2.24 4.36 22.79
C GLU A 114 -0.85 4.74 22.28
N GLN A 115 0.17 4.54 23.11
CA GLN A 115 1.53 4.87 22.72
C GLN A 115 1.86 4.19 21.39
N VAL A 116 1.48 2.91 21.28
CA VAL A 116 1.70 2.18 20.05
C VAL A 116 1.08 2.94 18.88
N GLN A 117 -0.20 3.32 19.03
CA GLN A 117 -0.90 4.07 18.00
C GLN A 117 -0.09 5.29 17.61
N ILE A 118 0.22 6.14 18.59
CA ILE A 118 1.00 7.34 18.32
C ILE A 118 2.42 6.95 17.90
N TRP A 119 2.80 5.71 18.14
CA TRP A 119 4.13 5.23 17.77
C TRP A 119 4.18 4.71 16.34
N ARG A 120 3.12 4.01 15.91
CA ARG A 120 3.08 3.43 14.57
C ARG A 120 1.98 4.06 13.71
N ARG A 121 0.87 4.43 14.32
CA ARG A 121 -0.24 5.02 13.58
C ARG A 121 -0.14 6.54 13.53
N SER A 122 0.72 7.14 14.36
CA SER A 122 0.89 8.60 14.37
C SER A 122 0.86 9.17 12.96
N TYR A 123 0.60 10.48 12.85
CA TYR A 123 0.54 11.12 11.54
C TYR A 123 1.82 11.89 11.23
N ASP A 124 2.27 12.73 12.16
CA ASP A 124 3.47 13.52 11.96
C ASP A 124 4.59 13.06 12.88
N ILE A 125 4.20 12.62 14.06
CA ILE A 125 5.16 12.14 15.05
C ILE A 125 5.60 10.72 14.74
N ALA A 126 6.90 10.46 14.88
CA ALA A 126 7.44 9.14 14.62
C ALA A 126 8.12 8.56 15.86
N PRO A 127 8.32 7.24 15.89
CA PRO A 127 8.95 6.56 17.03
C PRO A 127 10.46 6.78 17.08
N PRO A 128 11.10 6.39 18.19
CA PRO A 128 12.56 6.54 18.35
C PRO A 128 13.30 6.18 17.09
N ASN A 129 13.62 7.18 16.28
CA ASN A 129 14.33 6.97 15.02
C ASN A 129 13.37 6.42 13.96
N GLY A 130 13.71 6.62 12.70
CA GLY A 130 12.85 6.14 11.62
C GLY A 130 12.28 7.26 10.79
N GLU A 131 11.05 7.06 10.32
CA GLU A 131 10.37 8.03 9.49
C GLU A 131 8.92 8.21 9.95
N SER A 132 8.27 9.26 9.46
CA SER A 132 6.89 9.53 9.81
C SER A 132 6.01 9.60 8.57
N LEU A 133 4.69 9.58 8.78
CA LEU A 133 3.74 9.64 7.68
C LEU A 133 4.06 10.80 6.73
N LYS A 134 4.15 12.01 7.30
CA LYS A 134 4.46 13.19 6.51
C LYS A 134 5.66 12.94 5.60
N ASP A 135 6.76 12.48 6.21
CA ASP A 135 7.96 12.18 5.44
C ASP A 135 7.63 11.21 4.33
N THR A 136 6.95 10.12 4.73
CA THR A 136 6.53 9.11 3.76
C THR A 136 5.78 9.79 2.63
N ALA A 137 4.61 10.34 2.93
CA ALA A 137 3.83 11.03 1.92
C ALA A 137 4.71 11.98 1.11
N GLU A 138 5.44 12.85 1.80
CA GLU A 138 6.32 13.80 1.13
C GLU A 138 7.36 13.11 0.25
N ARG A 139 7.74 11.87 0.61
CA ARG A 139 8.73 11.13 -0.17
C ARG A 139 8.08 10.25 -1.23
N VAL A 140 6.89 9.73 -0.93
CA VAL A 140 6.17 8.86 -1.86
C VAL A 140 5.31 9.68 -2.83
N LEU A 141 4.77 10.80 -2.36
CA LEU A 141 3.91 11.64 -3.18
C LEU A 141 4.58 12.03 -4.49
N PRO A 142 5.85 12.45 -4.47
CA PRO A 142 6.56 12.83 -5.69
C PRO A 142 6.42 11.76 -6.75
N TYR A 143 6.59 10.51 -6.33
CA TYR A 143 6.44 9.40 -7.24
C TYR A 143 5.01 9.42 -7.76
N TYR A 144 4.06 9.41 -6.85
CA TYR A 144 2.66 9.47 -7.20
C TYR A 144 2.40 10.61 -8.18
N LYS A 145 2.74 11.83 -7.80
CA LYS A 145 2.52 12.94 -8.70
C LYS A 145 3.31 12.71 -9.98
N SER A 146 4.60 13.03 -9.94
CA SER A 146 5.48 12.87 -11.10
C SER A 146 5.21 11.59 -11.90
N THR A 147 5.17 10.46 -11.20
CA THR A 147 4.99 9.16 -11.87
C THR A 147 3.53 8.77 -12.13
N ILE A 148 2.63 9.01 -11.18
CA ILE A 148 1.23 8.60 -11.37
C ILE A 148 0.35 9.69 -12.01
N VAL A 149 0.90 10.86 -12.29
CA VAL A 149 0.09 11.92 -12.91
C VAL A 149 0.04 11.83 -14.46
N PRO A 150 0.98 11.13 -15.14
CA PRO A 150 0.97 11.05 -16.60
C PRO A 150 -0.04 10.03 -17.16
N HIS A 151 -0.01 8.81 -16.61
CA HIS A 151 -0.91 7.76 -17.08
C HIS A 151 -2.36 8.02 -16.67
N ILE A 152 -2.57 8.61 -15.50
CA ILE A 152 -3.92 8.90 -15.04
C ILE A 152 -4.55 10.00 -15.86
N LEU A 153 -3.76 11.04 -16.14
CA LEU A 153 -4.25 12.17 -16.94
C LEU A 153 -4.77 11.69 -18.29
N LYS A 154 -4.26 10.55 -18.74
CA LYS A 154 -4.68 9.98 -20.02
C LYS A 154 -5.89 9.07 -19.84
N GLY A 155 -6.04 8.51 -18.64
CA GLY A 155 -7.16 7.64 -18.37
C GLY A 155 -6.75 6.19 -18.23
N GLU A 156 -5.74 5.93 -17.40
CA GLU A 156 -5.25 4.58 -17.18
C GLU A 156 -5.58 4.11 -15.76
N LYS A 157 -5.47 2.81 -15.53
CA LYS A 157 -5.76 2.24 -14.22
C LYS A 157 -4.48 1.65 -13.62
N VAL A 158 -4.33 1.70 -12.29
CA VAL A 158 -3.09 1.21 -11.69
C VAL A 158 -3.22 0.42 -10.39
N LEU A 159 -2.30 -0.54 -10.21
CA LEU A 159 -2.20 -1.34 -9.00
C LEU A 159 -1.29 -0.62 -8.00
N ILE A 160 -1.43 -0.93 -6.73
CA ILE A 160 -0.59 -0.31 -5.73
C ILE A 160 -0.24 -1.27 -4.60
N ALA A 161 1.03 -1.67 -4.54
CA ALA A 161 1.51 -2.59 -3.52
C ALA A 161 2.69 -2.00 -2.75
N ALA A 162 2.41 -1.54 -1.54
CA ALA A 162 3.45 -0.96 -0.69
C ALA A 162 3.24 -1.35 0.77
N HIS A 163 2.67 -0.45 1.57
CA HIS A 163 2.43 -0.75 2.99
C HIS A 163 1.39 0.19 3.57
N GLY A 164 0.79 -0.22 4.69
CA GLY A 164 -0.22 0.60 5.34
C GLY A 164 0.23 2.05 5.43
N ASN A 165 1.51 2.25 5.72
CA ASN A 165 2.08 3.58 5.80
C ASN A 165 2.02 4.25 4.42
N SER A 166 2.66 3.63 3.44
CA SER A 166 2.66 4.16 2.08
C SER A 166 1.23 4.46 1.64
N LEU A 167 0.36 3.46 1.78
CA LEU A 167 -1.04 3.63 1.41
C LEU A 167 -1.69 4.67 2.30
N ARG A 168 -1.27 4.70 3.56
CA ARG A 168 -1.81 5.70 4.49
C ARG A 168 -1.51 7.08 3.95
N ALA A 169 -0.23 7.32 3.67
CA ALA A 169 0.20 8.58 3.11
C ALA A 169 -0.46 8.80 1.75
N LEU A 170 -0.43 7.77 0.91
CA LEU A 170 -1.04 7.86 -0.40
C LEU A 170 -2.51 8.26 -0.24
N ILE A 171 -3.25 7.45 0.52
CA ILE A 171 -4.66 7.74 0.75
C ILE A 171 -4.79 9.12 1.39
N MET A 172 -3.85 9.44 2.31
CA MET A 172 -3.85 10.75 2.96
C MET A 172 -3.90 11.83 1.87
N ASP A 173 -2.95 11.76 0.94
CA ASP A 173 -2.89 12.73 -0.14
C ASP A 173 -4.04 12.51 -1.12
N LEU A 174 -4.43 11.25 -1.30
CA LEU A 174 -5.51 10.91 -2.20
C LEU A 174 -6.84 11.47 -1.70
N GLU A 175 -7.01 11.47 -0.38
CA GLU A 175 -8.24 11.98 0.22
C GLU A 175 -8.01 13.31 0.95
N GLY A 176 -6.79 13.83 0.86
CA GLY A 176 -6.49 15.10 1.53
C GLY A 176 -6.93 15.09 2.97
N LEU A 177 -6.50 14.06 3.70
CA LEU A 177 -6.85 13.92 5.11
C LEU A 177 -6.52 15.19 5.90
N THR A 178 -6.66 15.12 7.22
CA THR A 178 -6.38 16.27 8.08
C THR A 178 -5.31 15.95 9.10
N GLY A 179 -5.40 14.76 9.64
CA GLY A 179 -4.45 14.31 10.64
C GLY A 179 -5.02 13.24 11.54
N ASP A 180 -6.23 13.47 12.02
CA ASP A 180 -6.91 12.52 12.89
C ASP A 180 -7.74 11.53 12.07
N GLN A 181 -8.09 11.92 10.84
CA GLN A 181 -8.88 11.08 9.96
C GLN A 181 -8.00 10.04 9.27
N ILE A 182 -6.72 10.36 9.12
CA ILE A 182 -5.78 9.46 8.48
C ILE A 182 -5.31 8.36 9.44
N VAL A 183 -5.03 8.78 10.67
CA VAL A 183 -4.58 7.86 11.71
C VAL A 183 -5.59 6.73 11.93
N LYS A 184 -6.82 6.94 11.50
CA LYS A 184 -7.87 5.94 11.64
C LYS A 184 -7.97 5.05 10.41
N ARG A 185 -7.73 5.64 9.23
CA ARG A 185 -7.79 4.89 7.97
C ARG A 185 -6.99 3.60 8.08
N GLU A 186 -7.45 2.57 7.38
CA GLU A 186 -6.77 1.28 7.39
C GLU A 186 -7.16 0.45 6.18
N LEU A 187 -6.29 -0.48 5.79
CA LEU A 187 -6.55 -1.35 4.65
C LEU A 187 -6.45 -2.82 5.03
N ALA A 188 -6.69 -3.69 4.05
CA ALA A 188 -6.63 -5.13 4.29
C ALA A 188 -5.34 -5.72 3.74
N THR A 189 -4.93 -6.85 4.30
CA THR A 189 -3.71 -7.52 3.85
C THR A 189 -4.03 -8.68 2.93
N GLY A 190 -3.62 -8.57 1.67
CA GLY A 190 -3.88 -9.61 0.70
C GLY A 190 -4.96 -9.24 -0.29
N VAL A 191 -6.10 -8.80 0.22
CA VAL A 191 -7.22 -8.41 -0.63
C VAL A 191 -6.99 -7.02 -1.23
N PRO A 192 -6.72 -6.94 -2.55
CA PRO A 192 -6.48 -5.67 -3.24
C PRO A 192 -7.74 -4.80 -3.30
N ILE A 193 -7.69 -3.66 -2.62
CA ILE A 193 -8.83 -2.74 -2.60
C ILE A 193 -8.73 -1.72 -3.73
N VAL A 194 -9.81 -1.58 -4.49
CA VAL A 194 -9.85 -0.66 -5.62
C VAL A 194 -10.32 0.74 -5.19
N TYR A 195 -9.74 1.77 -5.79
CA TYR A 195 -10.13 3.14 -5.48
C TYR A 195 -10.38 3.94 -6.75
N HIS A 196 -11.47 4.69 -6.78
CA HIS A 196 -11.79 5.51 -7.93
C HIS A 196 -11.06 6.84 -7.84
N LEU A 197 -10.18 7.08 -8.81
CA LEU A 197 -9.38 8.31 -8.82
C LEU A 197 -9.73 9.19 -10.01
N ASP A 198 -9.45 10.47 -9.87
CA ASP A 198 -9.71 11.43 -10.95
C ASP A 198 -8.52 11.52 -11.88
N LYS A 199 -8.63 12.38 -12.88
CA LYS A 199 -7.55 12.56 -13.84
C LYS A 199 -6.38 13.34 -13.24
N ASP A 200 -6.54 13.80 -12.00
CA ASP A 200 -5.48 14.56 -11.33
C ASP A 200 -4.74 13.70 -10.31
N GLY A 201 -5.34 12.57 -9.92
CA GLY A 201 -4.72 11.70 -8.95
C GLY A 201 -5.34 11.84 -7.58
N LYS A 202 -6.66 11.81 -7.53
CA LYS A 202 -7.38 11.94 -6.27
C LYS A 202 -8.65 11.09 -6.28
N TYR A 203 -9.01 10.57 -5.11
CA TYR A 203 -10.20 9.74 -4.98
C TYR A 203 -11.42 10.48 -5.52
N VAL A 204 -12.32 9.75 -6.17
CA VAL A 204 -13.53 10.35 -6.73
C VAL A 204 -14.75 9.46 -6.50
N SER A 205 -14.60 8.47 -5.62
CA SER A 205 -15.69 7.55 -5.31
C SER A 205 -15.33 6.71 -4.09
N LYS A 206 -15.97 5.56 -3.94
CA LYS A 206 -15.70 4.68 -2.82
C LYS A 206 -14.93 3.44 -3.27
N GLU A 207 -14.24 2.82 -2.33
CA GLU A 207 -13.45 1.63 -2.62
C GLU A 207 -14.31 0.37 -2.51
N LEU A 208 -13.76 -0.76 -2.96
CA LEU A 208 -14.47 -2.03 -2.91
C LEU A 208 -13.56 -3.19 -3.24
N ILE A 209 -13.78 -4.27 -2.52
CA ILE A 209 -12.99 -5.46 -2.66
C ILE A 209 -13.70 -6.51 -3.52
N ASP A 210 -12.98 -7.58 -3.86
CA ASP A 210 -13.53 -8.65 -4.67
C ASP A 210 -14.53 -9.48 -3.87
N ASN A 211 -14.19 -9.75 -2.61
CA ASN A 211 -15.05 -10.52 -1.73
C ASN A 211 -16.26 -9.70 -1.28
N MET A 1 -12.28 3.44 -13.42
CA MET A 1 -11.93 2.53 -14.54
C MET A 1 -11.59 3.33 -15.79
N THR A 2 -10.31 3.32 -16.17
CA THR A 2 -9.84 4.03 -17.36
C THR A 2 -10.83 3.93 -18.51
N THR A 3 -10.95 5.02 -19.27
CA THR A 3 -11.86 5.07 -20.40
C THR A 3 -11.60 6.31 -21.25
N GLU A 4 -10.33 6.67 -21.39
CA GLU A 4 -9.94 7.83 -22.18
C GLU A 4 -10.32 9.13 -21.46
N ALA A 5 -9.35 9.71 -20.77
CA ALA A 5 -9.59 10.96 -20.03
C ALA A 5 -10.84 10.85 -19.17
N ALA A 6 -10.67 10.42 -17.93
CA ALA A 6 -11.79 10.28 -17.00
C ALA A 6 -11.34 9.66 -15.68
N PRO A 7 -12.26 9.48 -14.73
CA PRO A 7 -11.96 8.89 -13.43
C PRO A 7 -11.04 7.68 -13.53
N ASN A 8 -9.77 7.88 -13.21
CA ASN A 8 -8.79 6.80 -13.28
C ASN A 8 -8.97 5.84 -12.09
N LEU A 9 -8.74 4.56 -12.33
CA LEU A 9 -8.88 3.56 -11.29
C LEU A 9 -7.52 3.16 -10.73
N LEU A 10 -7.44 3.07 -9.40
CA LEU A 10 -6.21 2.72 -8.71
C LEU A 10 -6.42 1.54 -7.78
N VAL A 11 -5.80 0.40 -8.09
CA VAL A 11 -5.92 -0.77 -7.25
C VAL A 11 -4.87 -0.78 -6.15
N LEU A 12 -5.31 -1.02 -4.93
CA LEU A 12 -4.41 -1.07 -3.78
C LEU A 12 -4.31 -2.50 -3.27
N THR A 13 -3.18 -3.14 -3.57
CA THR A 13 -2.98 -4.52 -3.15
C THR A 13 -1.79 -4.65 -2.21
N ARG A 14 -2.01 -4.35 -0.94
CA ARG A 14 -0.94 -4.45 0.06
C ARG A 14 -0.62 -5.90 0.35
N HIS A 15 0.66 -6.26 0.25
CA HIS A 15 1.09 -7.63 0.52
C HIS A 15 0.39 -8.20 1.76
N GLY A 16 -0.03 -9.45 1.67
CA GLY A 16 -0.73 -10.08 2.79
C GLY A 16 -0.01 -9.91 4.12
N GLU A 17 0.64 -10.97 4.57
CA GLU A 17 1.35 -10.94 5.84
C GLU A 17 2.71 -11.61 5.73
N SER A 18 3.75 -10.92 6.20
CA SER A 18 5.10 -11.44 6.16
C SER A 18 5.34 -12.40 7.32
N GLU A 19 6.31 -13.30 7.16
CA GLU A 19 6.63 -14.27 8.19
C GLU A 19 6.83 -13.57 9.54
N TRP A 20 7.32 -12.34 9.50
CA TRP A 20 7.54 -11.57 10.71
C TRP A 20 6.22 -11.29 11.41
N ASN A 21 5.15 -11.21 10.63
CA ASN A 21 3.83 -10.96 11.17
C ASN A 21 3.43 -12.10 12.11
N LYS A 22 3.75 -13.32 11.72
CA LYS A 22 3.45 -14.49 12.53
C LYS A 22 4.15 -14.38 13.88
N LEU A 23 5.43 -14.02 13.84
CA LEU A 23 6.21 -13.87 15.06
C LEU A 23 5.60 -12.80 15.96
N ASN A 24 4.83 -11.90 15.37
CA ASN A 24 4.17 -10.83 16.10
C ASN A 24 5.15 -9.70 16.44
N LEU A 25 5.96 -9.30 15.47
CA LEU A 25 6.94 -8.24 15.68
C LEU A 25 6.83 -7.19 14.58
N PHE A 26 7.06 -5.92 14.94
CA PHE A 26 6.99 -4.82 13.99
C PHE A 26 7.84 -5.11 12.76
N THR A 27 7.50 -4.48 11.64
CA THR A 27 8.23 -4.67 10.41
C THR A 27 9.40 -3.69 10.30
N GLY A 28 9.10 -2.48 9.83
CA GLY A 28 10.14 -1.47 9.69
C GLY A 28 10.57 -1.28 8.25
N TRP A 29 11.87 -1.46 8.00
CA TRP A 29 12.41 -1.31 6.65
C TRP A 29 13.02 -2.62 6.14
N LYS A 30 13.26 -3.56 7.05
CA LYS A 30 13.84 -4.85 6.67
C LYS A 30 12.99 -5.53 5.61
N ASP A 31 13.60 -6.47 4.90
CA ASP A 31 12.90 -7.22 3.85
C ASP A 31 12.68 -8.67 4.27
N PRO A 32 11.51 -8.98 4.84
CA PRO A 32 11.18 -10.34 5.29
C PRO A 32 10.72 -11.22 4.13
N ALA A 33 10.24 -12.42 4.46
CA ALA A 33 9.77 -13.35 3.45
C ALA A 33 8.26 -13.55 3.54
N LEU A 34 7.57 -13.28 2.44
CA LEU A 34 6.12 -13.43 2.39
C LEU A 34 5.69 -14.79 2.93
N SER A 35 4.50 -14.85 3.50
CA SER A 35 3.98 -16.09 4.06
C SER A 35 2.92 -16.71 3.15
N GLU A 36 2.49 -17.93 3.48
CA GLU A 36 1.48 -18.63 2.71
C GLU A 36 0.25 -17.75 2.54
N THR A 37 -0.13 -17.06 3.61
CA THR A 37 -1.27 -16.17 3.57
C THR A 37 -0.98 -15.05 2.59
N GLY A 38 0.26 -14.59 2.59
CA GLY A 38 0.67 -13.55 1.68
C GLY A 38 0.62 -14.03 0.26
N ILE A 39 1.32 -15.14 -0.02
CA ILE A 39 1.32 -15.72 -1.34
C ILE A 39 -0.12 -16.04 -1.74
N LYS A 40 -0.82 -16.71 -0.83
CA LYS A 40 -2.21 -17.05 -1.04
C LYS A 40 -3.00 -15.76 -1.27
N GLU A 41 -2.61 -14.71 -0.54
CA GLU A 41 -3.26 -13.42 -0.68
C GLU A 41 -2.98 -12.84 -2.06
N ALA A 42 -1.72 -12.97 -2.48
CA ALA A 42 -1.31 -12.49 -3.79
C ALA A 42 -2.02 -13.28 -4.88
N LYS A 43 -1.80 -14.59 -4.89
CA LYS A 43 -2.45 -15.47 -5.86
C LYS A 43 -3.95 -15.25 -5.85
N LEU A 44 -4.56 -15.54 -4.69
CA LEU A 44 -5.99 -15.35 -4.53
C LEU A 44 -6.36 -13.92 -4.90
N GLY A 45 -5.53 -12.97 -4.47
CA GLY A 45 -5.78 -11.58 -4.79
C GLY A 45 -5.87 -11.38 -6.28
N GLY A 46 -4.80 -11.74 -6.99
CA GLY A 46 -4.81 -11.59 -8.43
C GLY A 46 -5.93 -12.40 -9.06
N GLU A 47 -5.97 -13.68 -8.71
CA GLU A 47 -7.01 -14.57 -9.22
C GLU A 47 -8.38 -13.97 -8.92
N ARG A 48 -8.49 -13.31 -7.77
CA ARG A 48 -9.73 -12.68 -7.36
C ARG A 48 -9.91 -11.36 -8.08
N LEU A 49 -8.79 -10.73 -8.44
CA LEU A 49 -8.81 -9.46 -9.15
C LEU A 49 -9.22 -9.67 -10.61
N LYS A 50 -8.69 -10.73 -11.21
CA LYS A 50 -8.99 -11.04 -12.61
C LYS A 50 -10.28 -11.82 -12.75
N SER A 51 -10.44 -12.88 -11.96
CA SER A 51 -11.63 -13.72 -12.00
C SER A 51 -12.91 -12.89 -12.14
N ARG A 52 -12.91 -11.71 -11.53
CA ARG A 52 -14.07 -10.83 -11.57
C ARG A 52 -14.14 -10.11 -12.92
N GLY A 53 -13.02 -9.55 -13.36
CA GLY A 53 -12.99 -8.85 -14.62
C GLY A 53 -12.10 -7.61 -14.58
N TYR A 54 -11.69 -7.21 -13.38
CA TYR A 54 -10.84 -6.03 -13.24
C TYR A 54 -9.53 -6.21 -14.02
N LYS A 55 -9.38 -5.44 -15.09
CA LYS A 55 -8.18 -5.51 -15.92
C LYS A 55 -7.20 -4.43 -15.52
N PHE A 56 -5.91 -4.69 -15.73
CA PHE A 56 -4.88 -3.74 -15.35
C PHE A 56 -4.09 -3.20 -16.53
N ASP A 57 -3.74 -1.91 -16.44
CA ASP A 57 -2.94 -1.24 -17.45
C ASP A 57 -1.60 -0.86 -16.84
N ILE A 58 -1.65 -0.20 -15.69
CA ILE A 58 -0.44 0.20 -14.97
C ILE A 58 -0.33 -0.55 -13.65
N ALA A 59 0.89 -0.73 -13.17
CA ALA A 59 1.13 -1.42 -11.90
C ALA A 59 2.22 -0.74 -11.10
N PHE A 60 1.97 -0.52 -9.81
CA PHE A 60 2.96 0.14 -8.95
C PHE A 60 3.27 -0.70 -7.72
N THR A 61 4.53 -1.07 -7.55
CA THR A 61 4.94 -1.85 -6.39
C THR A 61 6.07 -1.17 -5.62
N SER A 62 6.25 -1.58 -4.37
CA SER A 62 7.33 -1.02 -3.56
C SER A 62 8.66 -1.61 -3.98
N ALA A 63 9.75 -1.11 -3.42
CA ALA A 63 11.08 -1.64 -3.74
C ALA A 63 11.47 -2.79 -2.80
N LEU A 64 10.47 -3.39 -2.16
CA LEU A 64 10.72 -4.49 -1.24
C LEU A 64 10.42 -5.84 -1.89
N GLN A 65 11.24 -6.84 -1.58
CA GLN A 65 11.07 -8.17 -2.14
C GLN A 65 9.63 -8.64 -1.99
N ARG A 66 9.07 -8.46 -0.80
CA ARG A 66 7.69 -8.84 -0.52
C ARG A 66 6.78 -8.33 -1.63
N ALA A 67 6.77 -7.01 -1.80
CA ALA A 67 5.96 -6.39 -2.83
C ALA A 67 6.38 -6.91 -4.19
N GLN A 68 7.69 -7.09 -4.38
CA GLN A 68 8.21 -7.62 -5.65
C GLN A 68 7.56 -8.96 -5.93
N LYS A 69 7.67 -9.85 -4.94
CA LYS A 69 7.08 -11.18 -5.05
C LYS A 69 5.58 -11.06 -5.19
N THR A 70 5.00 -10.18 -4.38
CA THR A 70 3.56 -9.95 -4.41
C THR A 70 3.14 -9.42 -5.77
N CYS A 71 4.08 -8.79 -6.47
CA CYS A 71 3.80 -8.22 -7.79
C CYS A 71 3.72 -9.32 -8.85
N GLN A 72 4.86 -9.94 -9.13
CA GLN A 72 4.93 -11.01 -10.13
C GLN A 72 3.78 -11.99 -9.98
N ILE A 73 3.54 -12.44 -8.75
CA ILE A 73 2.46 -13.37 -8.46
C ILE A 73 1.12 -12.82 -8.95
N ILE A 74 0.71 -11.70 -8.37
CA ILE A 74 -0.55 -11.07 -8.73
C ILE A 74 -0.56 -10.68 -10.21
N LEU A 75 0.51 -10.05 -10.67
CA LEU A 75 0.62 -9.62 -12.07
C LEU A 75 0.55 -10.83 -12.98
N GLU A 76 1.25 -11.91 -12.61
CA GLU A 76 1.25 -13.13 -13.39
C GLU A 76 -0.07 -13.88 -13.18
N GLU A 77 -0.68 -13.66 -12.02
CA GLU A 77 -1.95 -14.30 -11.70
C GLU A 77 -3.08 -13.64 -12.50
N VAL A 78 -3.23 -12.33 -12.35
CA VAL A 78 -4.26 -11.61 -13.08
C VAL A 78 -4.16 -11.89 -14.57
N GLY A 79 -2.94 -12.19 -15.02
CA GLY A 79 -2.72 -12.49 -16.42
C GLY A 79 -2.46 -11.25 -17.25
N GLU A 80 -1.81 -10.26 -16.66
CA GLU A 80 -1.50 -9.02 -17.37
C GLU A 80 -0.19 -8.40 -16.88
N PRO A 81 0.93 -9.13 -16.94
CA PRO A 81 2.22 -8.62 -16.51
C PRO A 81 2.86 -7.71 -17.56
N ASN A 82 2.59 -8.01 -18.83
CA ASN A 82 3.14 -7.24 -19.93
C ASN A 82 2.93 -5.74 -19.71
N LEU A 83 1.81 -5.40 -19.08
CA LEU A 83 1.48 -4.00 -18.81
C LEU A 83 2.65 -3.32 -18.08
N GLU A 84 2.45 -2.07 -17.68
CA GLU A 84 3.49 -1.33 -16.97
C GLU A 84 3.56 -1.74 -15.51
N THR A 85 4.45 -2.68 -15.19
CA THR A 85 4.63 -3.14 -13.83
C THR A 85 5.73 -2.34 -13.15
N ILE A 86 5.40 -1.12 -12.77
CA ILE A 86 6.35 -0.22 -12.15
C ILE A 86 6.43 -0.37 -10.62
N LYS A 87 7.44 0.28 -10.04
CA LYS A 87 7.63 0.25 -8.61
C LYS A 87 8.53 1.39 -8.15
N SER A 88 8.81 1.44 -6.85
CA SER A 88 9.66 2.50 -6.31
C SER A 88 10.13 2.23 -4.89
N GLU A 89 11.21 2.89 -4.50
CA GLU A 89 11.78 2.75 -3.16
C GLU A 89 10.97 3.58 -2.17
N LYS A 90 10.45 4.70 -2.66
CA LYS A 90 9.63 5.58 -1.83
C LYS A 90 8.32 4.89 -1.45
N LEU A 91 8.02 3.76 -2.11
CA LEU A 91 6.80 3.02 -1.83
C LEU A 91 7.02 1.97 -0.76
N ASN A 92 8.10 2.12 0.01
CA ASN A 92 8.42 1.17 1.07
C ASN A 92 7.79 1.59 2.38
N GLU A 93 7.51 0.60 3.24
CA GLU A 93 6.90 0.86 4.53
C GLU A 93 7.74 1.85 5.35
N ARG A 94 7.06 2.66 6.16
CA ARG A 94 7.74 3.64 6.99
C ARG A 94 8.73 2.96 7.95
N TYR A 95 9.97 3.44 7.96
CA TYR A 95 10.99 2.87 8.83
C TYR A 95 10.53 2.96 10.29
N TYR A 96 10.90 1.97 11.09
CA TYR A 96 10.51 1.93 12.49
C TYR A 96 11.69 2.22 13.42
N GLY A 97 12.75 2.80 12.89
CA GLY A 97 13.92 3.12 13.70
C GLY A 97 14.34 1.99 14.62
N ASP A 98 14.08 2.16 15.92
CA ASP A 98 14.43 1.16 16.92
C ASP A 98 13.32 0.15 17.17
N LEU A 99 12.16 0.36 16.53
CA LEU A 99 11.02 -0.55 16.69
C LEU A 99 11.06 -1.66 15.65
N GLN A 100 12.22 -1.90 15.06
CA GLN A 100 12.37 -2.93 14.05
C GLN A 100 12.37 -4.32 14.67
N GLY A 101 11.27 -5.05 14.49
CA GLY A 101 11.17 -6.39 15.03
C GLY A 101 10.65 -6.40 16.46
N LEU A 102 10.05 -5.30 16.89
CA LEU A 102 9.52 -5.21 18.23
C LEU A 102 8.26 -6.05 18.38
N ASN A 103 8.30 -7.02 19.28
CA ASN A 103 7.15 -7.89 19.51
C ASN A 103 5.93 -7.05 19.86
N LYS A 104 4.89 -7.12 19.02
CA LYS A 104 3.66 -6.36 19.23
C LYS A 104 3.25 -6.41 20.70
N ASP A 105 3.44 -7.57 21.32
CA ASP A 105 3.10 -7.76 22.72
C ASP A 105 3.99 -6.87 23.59
N ASP A 106 5.29 -7.02 23.44
CA ASP A 106 6.23 -6.21 24.19
C ASP A 106 6.01 -4.74 23.89
N ALA A 107 5.91 -4.43 22.59
CA ALA A 107 5.68 -3.06 22.15
C ALA A 107 4.37 -2.54 22.73
N ARG A 108 3.30 -3.33 22.56
CA ARG A 108 1.99 -2.95 23.08
C ARG A 108 1.96 -3.09 24.60
N LYS A 109 2.98 -3.73 25.17
CA LYS A 109 3.05 -3.91 26.62
C LYS A 109 3.89 -2.80 27.26
N LYS A 110 4.94 -2.38 26.57
CA LYS A 110 5.83 -1.34 27.07
C LYS A 110 5.39 0.05 26.61
N TRP A 111 4.51 0.11 25.61
CA TRP A 111 4.04 1.39 25.08
C TRP A 111 2.50 1.44 25.02
N GLY A 112 1.85 0.35 25.39
CA GLY A 112 0.39 0.32 25.39
C GLY A 112 -0.21 0.69 24.06
N ALA A 113 -1.47 0.31 23.86
CA ALA A 113 -2.17 0.61 22.63
C ALA A 113 -2.03 2.08 22.28
N GLU A 114 -2.09 2.93 23.31
CA GLU A 114 -1.96 4.36 23.13
C GLU A 114 -0.63 4.73 22.48
N GLN A 115 0.46 4.63 23.24
CA GLN A 115 1.76 4.98 22.71
C GLN A 115 2.06 4.18 21.44
N VAL A 116 1.86 2.86 21.49
CA VAL A 116 2.10 2.05 20.31
C VAL A 116 1.25 2.55 19.15
N GLN A 117 0.03 3.02 19.45
CA GLN A 117 -0.84 3.55 18.42
C GLN A 117 -0.21 4.80 17.82
N ILE A 118 -0.01 5.81 18.65
CA ILE A 118 0.63 7.05 18.18
C ILE A 118 2.02 6.74 17.62
N TRP A 119 2.56 5.59 17.98
CA TRP A 119 3.89 5.19 17.51
C TRP A 119 3.79 4.48 16.15
N ARG A 120 2.81 3.60 16.02
CA ARG A 120 2.62 2.82 14.80
C ARG A 120 1.75 3.55 13.78
N ARG A 121 0.89 4.45 14.26
CA ARG A 121 0.00 5.18 13.37
C ARG A 121 0.33 6.68 13.35
N SER A 122 -0.12 7.44 14.35
CA SER A 122 0.14 8.87 14.40
C SER A 122 -0.07 9.52 13.04
N TYR A 123 0.29 10.80 12.92
CA TYR A 123 0.14 11.52 11.66
C TYR A 123 1.48 12.07 11.20
N ASP A 124 2.14 12.82 12.07
CA ASP A 124 3.44 13.42 11.74
C ASP A 124 4.53 12.89 12.65
N ILE A 125 4.17 12.51 13.86
CA ILE A 125 5.12 12.00 14.83
C ILE A 125 5.53 10.57 14.49
N ALA A 126 6.82 10.27 14.66
CA ALA A 126 7.33 8.94 14.37
C ALA A 126 8.10 8.38 15.56
N PRO A 127 8.24 7.04 15.64
CA PRO A 127 8.96 6.38 16.73
C PRO A 127 10.45 6.67 16.72
N PRO A 128 11.16 6.34 17.80
CA PRO A 128 12.61 6.57 17.89
C PRO A 128 13.30 6.21 16.58
N ASN A 129 13.54 7.21 15.75
CA ASN A 129 14.17 7.00 14.45
C ASN A 129 13.18 6.34 13.49
N GLY A 130 13.35 6.62 12.21
CA GLY A 130 12.44 6.05 11.23
C GLY A 130 11.78 7.10 10.36
N GLU A 131 10.56 6.82 9.93
CA GLU A 131 9.81 7.74 9.09
C GLU A 131 8.44 8.03 9.69
N SER A 132 7.69 8.92 9.04
CA SER A 132 6.36 9.28 9.51
C SER A 132 5.41 9.47 8.33
N LEU A 133 4.11 9.53 8.63
CA LEU A 133 3.11 9.71 7.59
C LEU A 133 3.46 10.87 6.67
N LYS A 134 3.58 12.06 7.26
CA LYS A 134 3.93 13.25 6.47
C LYS A 134 5.18 13.00 5.64
N ASP A 135 6.21 12.45 6.29
CA ASP A 135 7.47 12.14 5.60
C ASP A 135 7.21 11.17 4.45
N THR A 136 6.74 9.97 4.80
CA THR A 136 6.43 8.96 3.80
C THR A 136 5.55 9.56 2.71
N ALA A 137 4.49 10.24 3.13
CA ALA A 137 3.59 10.88 2.19
C ALA A 137 4.39 11.86 1.32
N GLU A 138 5.20 12.67 1.98
CA GLU A 138 6.03 13.67 1.31
C GLU A 138 7.13 13.04 0.46
N ARG A 139 7.52 11.81 0.77
CA ARG A 139 8.57 11.14 0.01
C ARG A 139 7.96 10.22 -1.04
N VAL A 140 6.74 9.77 -0.79
CA VAL A 140 6.04 8.90 -1.71
C VAL A 140 5.27 9.71 -2.77
N LEU A 141 4.60 10.78 -2.34
CA LEU A 141 3.83 11.60 -3.27
C LEU A 141 4.61 11.96 -4.52
N PRO A 142 5.87 12.40 -4.37
CA PRO A 142 6.71 12.75 -5.52
C PRO A 142 6.65 11.67 -6.58
N TYR A 143 6.78 10.42 -6.14
CA TYR A 143 6.70 9.29 -7.04
C TYR A 143 5.33 9.33 -7.70
N TYR A 144 4.31 9.47 -6.86
CA TYR A 144 2.94 9.55 -7.34
C TYR A 144 2.83 10.66 -8.36
N LYS A 145 2.98 11.89 -7.91
CA LYS A 145 2.90 13.01 -8.84
C LYS A 145 3.81 12.78 -10.05
N SER A 146 5.11 12.63 -9.79
CA SER A 146 6.10 12.41 -10.83
C SER A 146 5.75 11.28 -11.81
N THR A 147 5.69 10.04 -11.33
CA THR A 147 5.43 8.92 -12.21
C THR A 147 3.97 8.46 -12.26
N ILE A 148 3.07 9.17 -11.59
CA ILE A 148 1.66 8.78 -11.63
C ILE A 148 0.76 9.92 -12.12
N VAL A 149 1.26 11.16 -12.10
CA VAL A 149 0.45 12.27 -12.57
C VAL A 149 0.29 12.32 -14.11
N PRO A 150 1.26 11.78 -14.90
CA PRO A 150 1.15 11.82 -16.35
C PRO A 150 0.26 10.72 -16.93
N HIS A 151 0.00 9.66 -16.15
CA HIS A 151 -0.84 8.57 -16.62
C HIS A 151 -2.26 8.67 -16.07
N ILE A 152 -2.42 9.28 -14.91
CA ILE A 152 -3.75 9.44 -14.32
C ILE A 152 -4.55 10.46 -15.11
N LEU A 153 -3.85 11.43 -15.69
CA LEU A 153 -4.49 12.46 -16.49
C LEU A 153 -5.19 11.84 -17.70
N LYS A 154 -4.64 10.73 -18.16
CA LYS A 154 -5.20 10.01 -19.31
C LYS A 154 -6.39 9.16 -18.88
N GLY A 155 -6.44 8.82 -17.60
CA GLY A 155 -7.53 8.00 -17.10
C GLY A 155 -7.14 6.56 -16.86
N GLU A 156 -5.98 6.16 -17.39
CA GLU A 156 -5.48 4.80 -17.24
C GLU A 156 -5.72 4.27 -15.83
N LYS A 157 -5.87 2.95 -15.70
CA LYS A 157 -6.09 2.34 -14.41
C LYS A 157 -4.77 1.74 -13.92
N VAL A 158 -4.49 1.87 -12.62
CA VAL A 158 -3.21 1.39 -12.10
C VAL A 158 -3.27 0.55 -10.80
N LEU A 159 -2.30 -0.38 -10.70
CA LEU A 159 -2.13 -1.24 -9.51
C LEU A 159 -1.21 -0.57 -8.51
N ILE A 160 -1.35 -0.92 -7.25
CA ILE A 160 -0.49 -0.37 -6.21
C ILE A 160 -0.27 -1.36 -5.08
N ALA A 161 0.97 -1.83 -4.97
CA ALA A 161 1.35 -2.78 -3.94
C ALA A 161 2.59 -2.31 -3.18
N ALA A 162 2.37 -1.80 -1.97
CA ALA A 162 3.46 -1.32 -1.15
C ALA A 162 3.26 -1.70 0.31
N HIS A 163 2.66 -0.82 1.11
CA HIS A 163 2.43 -1.08 2.52
C HIS A 163 1.39 -0.15 3.09
N GLY A 164 0.82 -0.52 4.24
CA GLY A 164 -0.18 0.31 4.88
C GLY A 164 0.25 1.77 4.88
N ASN A 165 1.44 2.03 5.39
CA ASN A 165 1.97 3.39 5.42
C ASN A 165 1.91 4.00 4.01
N SER A 166 2.51 3.31 3.05
CA SER A 166 2.51 3.79 1.66
C SER A 166 1.11 4.18 1.22
N LEU A 167 0.21 3.18 1.17
CA LEU A 167 -1.17 3.45 0.76
C LEU A 167 -1.82 4.45 1.71
N ARG A 168 -1.45 4.37 2.99
CA ARG A 168 -1.98 5.29 3.98
C ARG A 168 -1.67 6.72 3.54
N ALA A 169 -0.38 6.99 3.37
CA ALA A 169 0.05 8.30 2.92
C ALA A 169 -0.59 8.61 1.59
N LEU A 170 -0.62 7.61 0.70
CA LEU A 170 -1.23 7.79 -0.61
C LEU A 170 -2.68 8.21 -0.45
N ILE A 171 -3.50 7.33 0.14
CA ILE A 171 -4.90 7.65 0.37
C ILE A 171 -5.01 8.96 1.14
N MET A 172 -4.11 9.13 2.10
CA MET A 172 -4.07 10.36 2.90
C MET A 172 -4.01 11.56 1.97
N ASP A 173 -3.01 11.58 1.10
CA ASP A 173 -2.85 12.66 0.14
C ASP A 173 -3.99 12.66 -0.87
N LEU A 174 -4.21 11.50 -1.49
CA LEU A 174 -5.27 11.36 -2.48
C LEU A 174 -6.59 11.89 -1.94
N GLU A 175 -6.97 11.40 -0.76
CA GLU A 175 -8.21 11.83 -0.12
C GLU A 175 -8.04 13.19 0.54
N GLY A 176 -6.79 13.54 0.85
CA GLY A 176 -6.52 14.82 1.49
C GLY A 176 -7.00 14.85 2.93
N LEU A 177 -6.94 13.71 3.60
CA LEU A 177 -7.36 13.61 4.98
C LEU A 177 -6.60 14.60 5.85
N THR A 178 -6.76 14.48 7.17
CA THR A 178 -6.09 15.36 8.12
C THR A 178 -5.11 14.57 8.98
N GLY A 179 -4.78 15.10 10.15
CA GLY A 179 -3.85 14.42 11.03
C GLY A 179 -4.53 13.75 12.21
N ASP A 180 -5.86 13.65 12.16
CA ASP A 180 -6.62 13.02 13.23
C ASP A 180 -7.84 12.28 12.68
N GLN A 181 -7.88 12.05 11.37
CA GLN A 181 -9.00 11.36 10.74
C GLN A 181 -8.53 10.34 9.70
N ILE A 182 -7.22 10.13 9.61
CA ILE A 182 -6.68 9.17 8.64
C ILE A 182 -6.15 7.93 9.34
N VAL A 183 -5.72 8.08 10.59
CA VAL A 183 -5.19 6.96 11.34
C VAL A 183 -6.22 5.84 11.50
N LYS A 184 -7.50 6.18 11.25
CA LYS A 184 -8.57 5.19 11.36
C LYS A 184 -8.69 4.37 10.08
N ARG A 185 -8.40 5.01 8.94
CA ARG A 185 -8.46 4.35 7.64
C ARG A 185 -7.76 2.98 7.70
N GLU A 186 -8.10 2.10 6.77
CA GLU A 186 -7.51 0.77 6.73
C GLU A 186 -7.77 0.11 5.38
N LEU A 187 -6.78 -0.56 4.83
CA LEU A 187 -6.91 -1.23 3.53
C LEU A 187 -6.52 -2.70 3.61
N ALA A 188 -6.94 -3.35 4.69
CA ALA A 188 -6.65 -4.77 4.90
C ALA A 188 -5.23 -5.15 4.45
N THR A 189 -5.01 -6.44 4.24
CA THR A 189 -3.72 -6.94 3.79
C THR A 189 -3.90 -8.11 2.83
N GLY A 190 -3.56 -7.89 1.58
CA GLY A 190 -3.70 -8.94 0.58
C GLY A 190 -4.85 -8.68 -0.37
N VAL A 191 -5.94 -8.13 0.16
CA VAL A 191 -7.11 -7.82 -0.65
C VAL A 191 -6.81 -6.69 -1.63
N PRO A 192 -6.97 -6.93 -2.94
CA PRO A 192 -6.72 -5.92 -3.98
C PRO A 192 -7.77 -4.82 -4.00
N ILE A 193 -7.58 -3.82 -3.14
CA ILE A 193 -8.52 -2.70 -3.06
C ILE A 193 -8.50 -1.90 -4.36
N VAL A 194 -9.51 -1.05 -4.55
CA VAL A 194 -9.60 -0.24 -5.74
C VAL A 194 -10.21 1.13 -5.44
N TYR A 195 -9.44 2.19 -5.68
CA TYR A 195 -9.93 3.54 -5.44
C TYR A 195 -10.32 4.24 -6.73
N HIS A 196 -11.49 4.86 -6.72
CA HIS A 196 -11.97 5.58 -7.89
C HIS A 196 -11.42 7.00 -7.87
N LEU A 197 -10.36 7.24 -8.64
CA LEU A 197 -9.73 8.55 -8.68
C LEU A 197 -10.12 9.32 -9.93
N ASP A 198 -10.04 10.65 -9.84
CA ASP A 198 -10.37 11.51 -10.96
C ASP A 198 -9.19 11.67 -11.91
N LYS A 199 -9.37 12.49 -12.93
CA LYS A 199 -8.32 12.73 -13.91
C LYS A 199 -7.18 13.57 -13.33
N ASP A 200 -7.35 14.05 -12.10
CA ASP A 200 -6.33 14.88 -11.45
C ASP A 200 -5.52 14.05 -10.45
N GLY A 201 -6.07 12.92 -10.02
CA GLY A 201 -5.38 12.08 -9.05
C GLY A 201 -6.00 12.16 -7.68
N LYS A 202 -7.30 12.40 -7.64
CA LYS A 202 -8.02 12.50 -6.37
C LYS A 202 -9.17 11.51 -6.33
N TYR A 203 -9.45 10.99 -5.15
CA TYR A 203 -10.53 10.03 -4.96
C TYR A 203 -11.86 10.65 -5.39
N VAL A 204 -12.75 9.82 -5.92
CA VAL A 204 -14.05 10.29 -6.38
C VAL A 204 -15.15 9.29 -6.00
N SER A 205 -14.80 8.35 -5.12
CA SER A 205 -15.73 7.33 -4.66
C SER A 205 -15.16 6.61 -3.45
N LYS A 206 -15.56 5.36 -3.23
CA LYS A 206 -15.05 4.61 -2.10
C LYS A 206 -14.35 3.33 -2.54
N GLU A 207 -13.32 2.94 -1.80
CA GLU A 207 -12.56 1.73 -2.12
C GLU A 207 -13.49 0.55 -2.33
N LEU A 208 -12.94 -0.54 -2.85
CA LEU A 208 -13.74 -1.74 -3.10
C LEU A 208 -12.86 -2.97 -3.29
N ILE A 209 -13.39 -4.12 -2.89
CA ILE A 209 -12.67 -5.38 -3.00
C ILE A 209 -13.49 -6.39 -3.80
N ASP A 210 -12.81 -7.43 -4.28
CA ASP A 210 -13.45 -8.47 -5.06
C ASP A 210 -13.90 -9.62 -4.15
N ASN A 211 -13.09 -9.92 -3.14
CA ASN A 211 -13.40 -10.99 -2.20
C ASN A 211 -14.82 -10.84 -1.67
N MET A 1 -9.45 0.25 -16.33
CA MET A 1 -9.13 1.34 -17.27
C MET A 1 -9.95 2.59 -16.95
N THR A 2 -9.72 3.16 -15.77
CA THR A 2 -10.44 4.37 -15.34
C THR A 2 -11.94 4.26 -15.63
N THR A 3 -12.36 4.73 -16.82
CA THR A 3 -13.77 4.68 -17.20
C THR A 3 -14.02 5.56 -18.42
N GLU A 4 -13.83 6.86 -18.25
CA GLU A 4 -14.03 7.81 -19.35
C GLU A 4 -12.84 8.76 -19.48
N ALA A 5 -12.73 9.71 -18.54
CA ALA A 5 -11.64 10.67 -18.56
C ALA A 5 -11.67 11.56 -17.32
N ALA A 6 -12.07 11.00 -16.19
CA ALA A 6 -12.13 11.75 -14.94
C ALA A 6 -12.10 10.82 -13.73
N PRO A 7 -13.02 9.85 -13.64
CA PRO A 7 -13.07 8.91 -12.51
C PRO A 7 -12.00 7.83 -12.60
N ASN A 8 -10.74 8.24 -12.75
CA ASN A 8 -9.64 7.29 -12.84
C ASN A 8 -9.70 6.29 -11.68
N LEU A 9 -9.31 5.05 -11.97
CA LEU A 9 -9.33 4.01 -10.94
C LEU A 9 -7.92 3.61 -10.52
N LEU A 10 -7.74 3.41 -9.22
CA LEU A 10 -6.44 3.04 -8.67
C LEU A 10 -6.57 1.84 -7.73
N VAL A 11 -5.83 0.76 -8.01
CA VAL A 11 -5.88 -0.43 -7.17
C VAL A 11 -4.54 -0.66 -6.47
N LEU A 12 -4.60 -1.04 -5.21
CA LEU A 12 -3.40 -1.29 -4.43
C LEU A 12 -3.40 -2.69 -3.84
N THR A 13 -2.31 -3.43 -4.09
CA THR A 13 -2.19 -4.80 -3.58
C THR A 13 -1.35 -4.83 -2.32
N ARG A 14 -2.00 -4.94 -1.18
CA ARG A 14 -1.31 -4.98 0.10
C ARG A 14 -0.87 -6.42 0.41
N HIS A 15 0.43 -6.66 0.32
CA HIS A 15 0.98 -7.98 0.60
C HIS A 15 0.32 -8.62 1.82
N GLY A 16 -0.26 -9.81 1.62
CA GLY A 16 -0.93 -10.50 2.70
C GLY A 16 -0.20 -10.41 4.03
N GLU A 17 0.60 -11.41 4.33
CA GLU A 17 1.37 -11.43 5.58
C GLU A 17 2.73 -12.09 5.37
N SER A 18 3.78 -11.37 5.75
CA SER A 18 5.13 -11.88 5.62
C SER A 18 5.51 -12.71 6.84
N GLU A 19 6.64 -13.40 6.76
CA GLU A 19 7.10 -14.24 7.87
C GLU A 19 7.05 -13.47 9.19
N TRP A 20 7.61 -12.27 9.19
CA TRP A 20 7.63 -11.44 10.40
C TRP A 20 6.20 -11.10 10.83
N ASN A 21 5.34 -10.86 9.85
CA ASN A 21 3.94 -10.53 10.13
C ASN A 21 3.30 -11.61 10.99
N LYS A 22 3.53 -12.87 10.59
CA LYS A 22 2.98 -14.00 11.33
C LYS A 22 3.38 -13.92 12.80
N LEU A 23 4.66 -13.65 13.04
CA LEU A 23 5.17 -13.54 14.40
C LEU A 23 4.52 -12.36 15.14
N ASN A 24 3.98 -11.42 14.37
CA ASN A 24 3.31 -10.25 14.94
C ASN A 24 4.32 -9.22 15.43
N LEU A 25 5.35 -8.96 14.63
CA LEU A 25 6.37 -7.98 14.98
C LEU A 25 6.38 -6.83 13.97
N PHE A 26 6.79 -5.65 14.42
CA PHE A 26 6.84 -4.49 13.56
C PHE A 26 7.73 -4.75 12.35
N THR A 27 7.25 -4.37 11.17
CA THR A 27 7.99 -4.57 9.93
C THR A 27 9.08 -3.51 9.77
N GLY A 28 8.71 -2.37 9.19
CA GLY A 28 9.68 -1.31 8.97
C GLY A 28 10.26 -1.31 7.57
N TRP A 29 11.55 -1.01 7.48
CA TRP A 29 12.23 -0.98 6.19
C TRP A 29 12.87 -2.33 5.85
N LYS A 30 13.06 -3.17 6.87
CA LYS A 30 13.65 -4.48 6.67
C LYS A 30 12.96 -5.24 5.55
N ASP A 31 13.67 -6.18 4.93
CA ASP A 31 13.12 -6.96 3.84
C ASP A 31 12.80 -8.38 4.29
N PRO A 32 11.55 -8.64 4.69
CA PRO A 32 11.12 -9.96 5.15
C PRO A 32 10.81 -10.91 3.99
N ALA A 33 10.18 -12.04 4.31
CA ALA A 33 9.83 -13.03 3.30
C ALA A 33 8.34 -13.37 3.35
N LEU A 34 7.64 -13.08 2.27
CA LEU A 34 6.20 -13.37 2.20
C LEU A 34 5.91 -14.80 2.61
N SER A 35 4.67 -15.06 3.03
CA SER A 35 4.27 -16.38 3.46
C SER A 35 3.19 -16.97 2.55
N GLU A 36 2.88 -18.25 2.76
CA GLU A 36 1.87 -18.94 1.98
C GLU A 36 0.57 -18.13 1.98
N THR A 37 0.24 -17.54 3.12
CA THR A 37 -0.95 -16.72 3.23
C THR A 37 -0.80 -15.53 2.32
N GLY A 38 0.39 -14.94 2.34
CA GLY A 38 0.67 -13.81 1.48
C GLY A 38 0.55 -14.19 0.03
N ILE A 39 1.27 -15.24 -0.36
CA ILE A 39 1.22 -15.73 -1.73
C ILE A 39 -0.21 -16.10 -2.08
N LYS A 40 -0.79 -16.98 -1.27
CA LYS A 40 -2.17 -17.41 -1.48
C LYS A 40 -3.07 -16.20 -1.53
N GLU A 41 -2.74 -15.20 -0.70
CA GLU A 41 -3.50 -13.96 -0.65
C GLU A 41 -3.32 -13.21 -1.96
N ALA A 42 -2.08 -13.10 -2.39
CA ALA A 42 -1.78 -12.42 -3.65
C ALA A 42 -2.50 -13.11 -4.79
N LYS A 43 -2.30 -14.42 -4.89
CA LYS A 43 -2.96 -15.21 -5.93
C LYS A 43 -4.46 -14.97 -5.89
N LEU A 44 -5.04 -15.18 -4.70
CA LEU A 44 -6.46 -14.95 -4.51
C LEU A 44 -6.80 -13.52 -4.89
N GLY A 45 -5.98 -12.58 -4.44
CA GLY A 45 -6.19 -11.19 -4.78
C GLY A 45 -6.25 -11.01 -6.29
N GLY A 46 -5.19 -11.42 -6.97
CA GLY A 46 -5.17 -11.31 -8.42
C GLY A 46 -6.34 -12.06 -9.03
N GLU A 47 -6.56 -13.28 -8.55
CA GLU A 47 -7.66 -14.10 -9.03
C GLU A 47 -8.99 -13.37 -8.82
N ARG A 48 -9.11 -12.72 -7.67
CA ARG A 48 -10.32 -11.97 -7.34
C ARG A 48 -10.36 -10.67 -8.14
N LEU A 49 -9.17 -10.12 -8.40
CA LEU A 49 -9.05 -8.89 -9.16
C LEU A 49 -9.29 -9.15 -10.65
N LYS A 50 -8.92 -10.34 -11.10
CA LYS A 50 -9.10 -10.72 -12.49
C LYS A 50 -10.51 -11.26 -12.74
N SER A 51 -10.87 -12.31 -12.02
CA SER A 51 -12.19 -12.93 -12.16
C SER A 51 -13.30 -11.88 -12.17
N ARG A 52 -13.07 -10.78 -11.46
CA ARG A 52 -14.05 -9.70 -11.39
C ARG A 52 -14.18 -8.99 -12.74
N GLY A 53 -13.13 -9.08 -13.55
CA GLY A 53 -13.16 -8.44 -14.86
C GLY A 53 -12.43 -7.10 -14.85
N TYR A 54 -11.60 -6.88 -13.83
CA TYR A 54 -10.85 -5.64 -13.70
C TYR A 54 -9.44 -5.80 -14.27
N LYS A 55 -9.21 -5.19 -15.43
CA LYS A 55 -7.90 -5.27 -16.08
C LYS A 55 -7.00 -4.15 -15.60
N PHE A 56 -5.71 -4.31 -15.83
CA PHE A 56 -4.74 -3.31 -15.41
C PHE A 56 -3.89 -2.79 -16.55
N ASP A 57 -3.63 -1.48 -16.53
CA ASP A 57 -2.83 -0.82 -17.53
C ASP A 57 -1.42 -0.55 -16.99
N ILE A 58 -1.34 -0.13 -15.72
CA ILE A 58 -0.06 0.16 -15.08
C ILE A 58 0.00 -0.43 -13.65
N ALA A 59 1.21 -0.78 -13.21
CA ALA A 59 1.41 -1.36 -11.89
C ALA A 59 2.57 -0.68 -11.16
N PHE A 60 2.42 -0.53 -9.84
CA PHE A 60 3.45 0.12 -9.04
C PHE A 60 3.81 -0.71 -7.80
N THR A 61 5.10 -1.01 -7.65
CA THR A 61 5.56 -1.77 -6.49
C THR A 61 6.68 -1.03 -5.77
N SER A 62 6.90 -1.38 -4.50
CA SER A 62 7.95 -0.76 -3.71
C SER A 62 9.26 -1.51 -3.88
N ALA A 63 10.37 -0.85 -3.59
CA ALA A 63 11.68 -1.47 -3.71
C ALA A 63 11.73 -2.80 -2.97
N LEU A 64 10.85 -2.96 -1.98
CA LEU A 64 10.79 -4.17 -1.18
C LEU A 64 10.31 -5.36 -2.02
N GLN A 65 10.94 -6.51 -1.81
CA GLN A 65 10.59 -7.73 -2.54
C GLN A 65 9.17 -8.19 -2.23
N ARG A 66 8.71 -7.93 -1.01
CA ARG A 66 7.37 -8.32 -0.61
C ARG A 66 6.33 -7.90 -1.66
N ALA A 67 6.28 -6.59 -1.91
CA ALA A 67 5.32 -6.04 -2.86
C ALA A 67 5.71 -6.37 -4.31
N GLN A 68 7.01 -6.37 -4.61
CA GLN A 68 7.46 -6.67 -5.97
C GLN A 68 7.16 -8.14 -6.26
N LYS A 69 7.30 -8.94 -5.24
CA LYS A 69 7.02 -10.37 -5.31
C LYS A 69 5.52 -10.57 -5.30
N THR A 70 4.87 -9.89 -4.36
CA THR A 70 3.42 -9.98 -4.21
C THR A 70 2.75 -9.50 -5.51
N CYS A 71 3.32 -8.47 -6.12
CA CYS A 71 2.79 -7.94 -7.37
C CYS A 71 3.08 -8.89 -8.52
N GLN A 72 4.30 -9.42 -8.55
CA GLN A 72 4.71 -10.36 -9.59
C GLN A 72 3.76 -11.54 -9.63
N ILE A 73 3.46 -12.10 -8.46
CA ILE A 73 2.56 -13.23 -8.36
C ILE A 73 1.19 -12.86 -8.93
N ILE A 74 0.56 -11.87 -8.31
CA ILE A 74 -0.75 -11.41 -8.77
C ILE A 74 -0.69 -11.07 -10.26
N LEU A 75 0.37 -10.38 -10.66
CA LEU A 75 0.55 -10.02 -12.06
C LEU A 75 0.66 -11.27 -12.91
N GLU A 76 1.51 -12.20 -12.46
CA GLU A 76 1.69 -13.46 -13.17
C GLU A 76 0.41 -14.29 -13.10
N GLU A 77 -0.41 -14.04 -12.08
CA GLU A 77 -1.66 -14.74 -11.91
C GLU A 77 -2.73 -14.09 -12.77
N VAL A 78 -2.67 -12.77 -12.87
CA VAL A 78 -3.64 -12.01 -13.67
C VAL A 78 -3.51 -12.41 -15.13
N GLY A 79 -2.32 -12.84 -15.53
CA GLY A 79 -2.10 -13.25 -16.90
C GLY A 79 -1.68 -12.10 -17.80
N GLU A 80 -1.14 -11.04 -17.20
CA GLU A 80 -0.70 -9.88 -17.97
C GLU A 80 0.64 -9.34 -17.47
N PRO A 81 1.62 -10.22 -17.19
CA PRO A 81 2.94 -9.78 -16.72
C PRO A 81 3.48 -8.62 -17.55
N ASN A 82 3.14 -8.60 -18.83
CA ASN A 82 3.59 -7.54 -19.73
C ASN A 82 3.24 -6.17 -19.17
N LEU A 83 2.24 -6.12 -18.29
CA LEU A 83 1.81 -4.86 -17.68
C LEU A 83 3.01 -4.04 -17.20
N GLU A 84 2.85 -2.73 -17.16
CA GLU A 84 3.92 -1.85 -16.72
C GLU A 84 3.97 -1.78 -15.20
N THR A 85 4.74 -2.67 -14.61
CA THR A 85 4.90 -2.72 -13.16
C THR A 85 6.18 -2.02 -12.76
N ILE A 86 6.04 -0.83 -12.18
CA ILE A 86 7.20 -0.06 -11.76
C ILE A 86 7.60 -0.38 -10.32
N LYS A 87 8.88 -0.14 -10.01
CA LYS A 87 9.39 -0.38 -8.66
C LYS A 87 9.94 0.91 -8.07
N SER A 88 9.34 1.37 -6.99
CA SER A 88 9.78 2.61 -6.34
C SER A 88 10.34 2.33 -4.96
N GLU A 89 11.48 2.94 -4.66
CA GLU A 89 12.10 2.80 -3.35
C GLU A 89 11.38 3.69 -2.34
N LYS A 90 10.72 4.73 -2.85
CA LYS A 90 9.99 5.64 -2.00
C LYS A 90 8.65 5.04 -1.56
N LEU A 91 8.26 3.94 -2.20
CA LEU A 91 7.00 3.27 -1.87
C LEU A 91 7.18 2.26 -0.74
N ASN A 92 8.42 1.98 -0.37
CA ASN A 92 8.71 1.03 0.69
C ASN A 92 7.86 1.31 1.92
N GLU A 93 7.97 0.45 2.93
CA GLU A 93 7.21 0.61 4.15
C GLU A 93 7.84 1.66 5.07
N ARG A 94 7.02 2.32 5.86
CA ARG A 94 7.50 3.36 6.78
C ARG A 94 8.61 2.82 7.68
N TYR A 95 9.77 3.47 7.63
CA TYR A 95 10.91 3.06 8.45
C TYR A 95 10.55 3.18 9.93
N TYR A 96 10.56 2.05 10.64
CA TYR A 96 10.21 2.03 12.05
C TYR A 96 11.45 2.14 12.95
N GLY A 97 12.40 2.96 12.54
CA GLY A 97 13.63 3.15 13.32
C GLY A 97 14.13 1.89 13.99
N ASP A 98 14.15 1.90 15.32
CA ASP A 98 14.61 0.75 16.09
C ASP A 98 13.45 -0.15 16.51
N LEU A 99 12.25 0.16 16.01
CA LEU A 99 11.07 -0.65 16.34
C LEU A 99 11.02 -1.90 15.46
N GLN A 100 11.71 -1.86 14.34
CA GLN A 100 11.75 -2.98 13.42
C GLN A 100 12.04 -4.29 14.15
N GLY A 101 10.98 -4.97 14.58
CA GLY A 101 11.15 -6.23 15.29
C GLY A 101 10.61 -6.19 16.70
N LEU A 102 9.55 -5.40 16.92
CA LEU A 102 8.94 -5.30 18.23
C LEU A 102 7.48 -5.74 18.17
N ASN A 103 7.18 -6.85 18.84
CA ASN A 103 5.83 -7.37 18.87
C ASN A 103 4.85 -6.31 19.36
N LYS A 104 3.78 -6.11 18.59
CA LYS A 104 2.76 -5.13 18.95
C LYS A 104 2.32 -5.32 20.39
N ASP A 105 2.33 -6.56 20.86
CA ASP A 105 1.96 -6.85 22.23
C ASP A 105 2.95 -6.20 23.19
N ASP A 106 4.23 -6.47 22.97
CA ASP A 106 5.27 -5.88 23.78
C ASP A 106 5.26 -4.38 23.60
N ALA A 107 5.23 -3.93 22.34
CA ALA A 107 5.17 -2.52 22.04
C ALA A 107 3.96 -1.89 22.72
N ARG A 108 2.83 -2.59 22.63
CA ARG A 108 1.59 -2.13 23.24
C ARG A 108 1.69 -2.27 24.76
N LYS A 109 2.54 -3.20 25.19
CA LYS A 109 2.76 -3.45 26.61
C LYS A 109 3.77 -2.47 27.19
N LYS A 110 4.60 -1.90 26.32
CA LYS A 110 5.63 -0.95 26.75
C LYS A 110 5.07 0.45 26.97
N TRP A 111 4.85 1.19 25.88
CA TRP A 111 4.34 2.55 25.97
C TRP A 111 2.80 2.59 25.98
N GLY A 112 2.18 1.46 26.23
CA GLY A 112 0.73 1.39 26.27
C GLY A 112 0.07 1.92 25.01
N ALA A 113 -1.20 1.56 24.83
CA ALA A 113 -1.98 1.99 23.68
C ALA A 113 -1.85 3.49 23.46
N GLU A 114 -1.96 4.25 24.55
CA GLU A 114 -1.85 5.70 24.48
C GLU A 114 -0.67 6.12 23.62
N GLN A 115 0.54 5.95 24.14
CA GLN A 115 1.72 6.29 23.38
C GLN A 115 1.81 5.43 22.14
N VAL A 116 1.59 4.13 22.30
CA VAL A 116 1.64 3.19 21.17
C VAL A 116 0.87 3.75 19.97
N GLN A 117 -0.43 4.02 20.13
CA GLN A 117 -1.24 4.56 19.04
C GLN A 117 -0.50 5.64 18.24
N ILE A 118 0.07 6.60 18.96
CA ILE A 118 0.82 7.69 18.34
C ILE A 118 2.27 7.29 18.05
N TRP A 119 2.71 6.20 18.66
CA TRP A 119 4.06 5.68 18.51
C TRP A 119 4.15 4.69 17.37
N ARG A 120 3.01 4.11 16.98
CA ARG A 120 2.98 3.16 15.89
C ARG A 120 2.20 3.72 14.69
N ARG A 121 1.07 4.37 14.96
CA ARG A 121 0.26 4.95 13.90
C ARG A 121 0.68 6.40 13.63
N SER A 122 0.29 7.31 14.53
CA SER A 122 0.64 8.73 14.40
C SER A 122 0.42 9.24 12.98
N TYR A 123 0.82 10.48 12.73
CA TYR A 123 0.68 11.08 11.41
C TYR A 123 1.98 11.78 11.00
N ASP A 124 2.46 12.67 11.86
CA ASP A 124 3.70 13.41 11.60
C ASP A 124 4.80 12.90 12.51
N ILE A 125 4.43 12.58 13.74
CA ILE A 125 5.37 12.06 14.72
C ILE A 125 5.68 10.59 14.44
N ALA A 126 6.84 10.12 14.87
CA ALA A 126 7.22 8.74 14.64
C ALA A 126 8.04 8.16 15.80
N PRO A 127 8.34 6.85 15.72
CA PRO A 127 9.14 6.16 16.74
C PRO A 127 10.56 6.72 16.79
N PRO A 128 11.52 6.00 17.43
CA PRO A 128 12.91 6.43 17.52
C PRO A 128 13.64 6.21 16.20
N ASN A 129 13.76 7.27 15.41
CA ASN A 129 14.43 7.18 14.11
C ASN A 129 13.55 6.46 13.10
N GLY A 130 13.89 6.60 11.82
CA GLY A 130 13.12 5.94 10.79
C GLY A 130 12.38 6.93 9.89
N GLU A 131 11.07 7.03 10.08
CA GLU A 131 10.25 7.91 9.27
C GLU A 131 8.79 7.86 9.73
N SER A 132 8.05 8.93 9.45
CA SER A 132 6.65 8.99 9.83
C SER A 132 5.76 8.91 8.58
N LEU A 133 4.47 9.18 8.76
CA LEU A 133 3.54 9.12 7.64
C LEU A 133 3.70 10.31 6.71
N LYS A 134 3.63 11.52 7.27
CA LYS A 134 3.78 12.73 6.46
C LYS A 134 5.05 12.64 5.62
N ASP A 135 6.13 12.16 6.22
CA ASP A 135 7.39 12.01 5.52
C ASP A 135 7.21 10.94 4.44
N THR A 136 6.64 9.81 4.86
CA THR A 136 6.38 8.71 3.93
C THR A 136 5.60 9.25 2.74
N ALA A 137 4.58 10.04 3.02
CA ALA A 137 3.79 10.64 1.97
C ALA A 137 4.64 11.64 1.19
N GLU A 138 5.43 12.43 1.93
CA GLU A 138 6.29 13.43 1.30
C GLU A 138 7.31 12.76 0.39
N ARG A 139 7.68 11.52 0.70
CA ARG A 139 8.64 10.79 -0.11
C ARG A 139 7.95 9.83 -1.07
N VAL A 140 6.71 9.47 -0.76
CA VAL A 140 5.93 8.57 -1.61
C VAL A 140 5.12 9.36 -2.64
N LEU A 141 4.48 10.42 -2.18
CA LEU A 141 3.66 11.26 -3.05
C LEU A 141 4.41 11.72 -4.29
N PRO A 142 5.66 12.17 -4.14
CA PRO A 142 6.46 12.63 -5.28
C PRO A 142 6.38 11.64 -6.42
N TYR A 143 6.60 10.37 -6.13
CA TYR A 143 6.51 9.34 -7.15
C TYR A 143 5.12 9.41 -7.77
N TYR A 144 4.12 9.51 -6.90
CA TYR A 144 2.74 9.61 -7.30
C TYR A 144 2.56 10.81 -8.23
N LYS A 145 2.67 12.00 -7.67
CA LYS A 145 2.50 13.22 -8.46
C LYS A 145 3.44 13.23 -9.68
N SER A 146 4.71 12.93 -9.44
CA SER A 146 5.72 12.95 -10.50
C SER A 146 5.50 11.91 -11.59
N THR A 147 5.52 10.63 -11.22
CA THR A 147 5.38 9.58 -12.24
C THR A 147 4.02 8.89 -12.22
N ILE A 148 3.04 9.42 -11.49
CA ILE A 148 1.73 8.80 -11.46
C ILE A 148 0.60 9.79 -11.78
N VAL A 149 0.94 11.07 -11.93
CA VAL A 149 -0.06 12.07 -12.26
C VAL A 149 -0.33 12.20 -13.78
N PRO A 150 0.59 11.76 -14.68
CA PRO A 150 0.37 11.89 -16.12
C PRO A 150 -0.60 10.86 -16.69
N HIS A 151 -0.26 9.58 -16.57
CA HIS A 151 -1.12 8.52 -17.11
C HIS A 151 -2.53 8.60 -16.53
N ILE A 152 -2.62 8.83 -15.22
CA ILE A 152 -3.92 8.93 -14.56
C ILE A 152 -4.77 10.00 -15.23
N LEU A 153 -4.13 10.92 -15.94
CA LEU A 153 -4.84 12.00 -16.63
C LEU A 153 -5.31 11.54 -18.01
N LYS A 154 -4.66 10.51 -18.55
CA LYS A 154 -5.02 9.99 -19.86
C LYS A 154 -6.28 9.13 -19.79
N GLY A 155 -6.30 8.19 -18.86
CA GLY A 155 -7.46 7.32 -18.71
C GLY A 155 -7.07 5.89 -18.42
N GLU A 156 -6.08 5.70 -17.56
CA GLU A 156 -5.61 4.38 -17.19
C GLU A 156 -5.63 4.21 -15.67
N LYS A 157 -5.87 2.98 -15.20
CA LYS A 157 -5.89 2.72 -13.77
C LYS A 157 -4.53 2.18 -13.34
N VAL A 158 -4.25 2.16 -12.05
CA VAL A 158 -2.95 1.69 -11.60
C VAL A 158 -2.98 0.72 -10.43
N LEU A 159 -2.07 -0.26 -10.49
CA LEU A 159 -1.89 -1.24 -9.42
C LEU A 159 -0.83 -0.70 -8.46
N ILE A 160 -0.99 -0.92 -7.16
CA ILE A 160 0.00 -0.43 -6.21
C ILE A 160 0.29 -1.43 -5.10
N ALA A 161 1.49 -2.00 -5.13
CA ALA A 161 1.92 -2.96 -4.13
C ALA A 161 2.91 -2.29 -3.17
N ALA A 162 2.40 -1.77 -2.06
CA ALA A 162 3.24 -1.10 -1.08
C ALA A 162 2.98 -1.63 0.34
N HIS A 163 2.47 -0.78 1.24
CA HIS A 163 2.19 -1.22 2.61
C HIS A 163 1.13 -0.35 3.26
N GLY A 164 0.65 -0.76 4.42
CA GLY A 164 -0.35 0.00 5.13
C GLY A 164 0.04 1.46 5.25
N ASN A 165 1.29 1.70 5.67
CA ASN A 165 1.78 3.06 5.83
C ASN A 165 1.77 3.78 4.50
N SER A 166 2.48 3.23 3.51
CA SER A 166 2.53 3.84 2.18
C SER A 166 1.10 4.06 1.70
N LEU A 167 0.30 3.00 1.80
CA LEU A 167 -1.11 3.05 1.42
C LEU A 167 -1.78 4.19 2.16
N ARG A 168 -1.55 4.23 3.48
CA ARG A 168 -2.11 5.30 4.30
C ARG A 168 -1.69 6.64 3.76
N ALA A 169 -0.36 6.82 3.64
CA ALA A 169 0.20 8.06 3.12
C ALA A 169 -0.47 8.41 1.80
N LEU A 170 -0.84 7.37 1.05
CA LEU A 170 -1.50 7.56 -0.23
C LEU A 170 -2.97 7.93 -0.01
N ILE A 171 -3.72 7.04 0.63
CA ILE A 171 -5.13 7.28 0.91
C ILE A 171 -5.33 8.66 1.55
N MET A 172 -4.57 8.94 2.61
CA MET A 172 -4.68 10.23 3.28
C MET A 172 -4.48 11.36 2.26
N ASP A 173 -3.53 11.16 1.35
CA ASP A 173 -3.26 12.13 0.31
C ASP A 173 -4.39 12.15 -0.71
N LEU A 174 -4.59 11.01 -1.38
CA LEU A 174 -5.65 10.90 -2.38
C LEU A 174 -6.99 11.35 -1.78
N GLU A 175 -7.34 10.74 -0.66
CA GLU A 175 -8.59 11.07 0.04
C GLU A 175 -8.51 12.46 0.66
N GLY A 176 -7.30 12.88 1.00
CA GLY A 176 -7.09 14.18 1.61
C GLY A 176 -7.32 14.15 3.10
N LEU A 177 -7.20 12.97 3.69
CA LEU A 177 -7.39 12.81 5.13
C LEU A 177 -6.06 12.84 5.86
N THR A 178 -6.12 12.70 7.20
CA THR A 178 -4.94 12.71 8.10
C THR A 178 -5.19 13.61 9.31
N GLY A 179 -4.10 13.86 10.05
CA GLY A 179 -4.16 14.71 11.22
C GLY A 179 -5.05 14.17 12.32
N ASP A 180 -5.52 12.93 12.17
CA ASP A 180 -6.38 12.30 13.16
C ASP A 180 -7.20 11.17 12.54
N GLN A 181 -7.44 11.26 11.24
CA GLN A 181 -8.24 10.27 10.53
C GLN A 181 -7.38 9.20 9.86
N ILE A 182 -6.09 9.47 9.70
CA ILE A 182 -5.21 8.49 9.05
C ILE A 182 -4.61 7.53 10.08
N VAL A 183 -5.15 7.56 11.29
CA VAL A 183 -4.69 6.67 12.35
C VAL A 183 -5.72 5.58 12.62
N LYS A 184 -6.62 5.38 11.67
CA LYS A 184 -7.67 4.36 11.79
C LYS A 184 -7.86 3.61 10.47
N ARG A 185 -7.85 4.36 9.36
CA ARG A 185 -8.01 3.76 8.03
C ARG A 185 -7.15 2.49 7.89
N GLU A 186 -7.61 1.57 7.04
CA GLU A 186 -6.89 0.32 6.81
C GLU A 186 -7.49 -0.44 5.64
N LEU A 187 -6.93 -1.61 5.35
CA LEU A 187 -7.43 -2.44 4.26
C LEU A 187 -7.38 -3.92 4.62
N ALA A 188 -7.61 -4.77 3.63
CA ALA A 188 -7.59 -6.21 3.84
C ALA A 188 -6.31 -6.82 3.29
N THR A 189 -5.33 -7.02 4.16
CA THR A 189 -4.04 -7.59 3.76
C THR A 189 -4.24 -8.83 2.90
N GLY A 190 -3.92 -8.70 1.62
CA GLY A 190 -4.07 -9.83 0.71
C GLY A 190 -4.93 -9.48 -0.50
N VAL A 191 -6.07 -8.85 -0.25
CA VAL A 191 -6.96 -8.46 -1.34
C VAL A 191 -6.64 -7.05 -1.83
N PRO A 192 -6.33 -6.90 -3.13
CA PRO A 192 -5.98 -5.59 -3.70
C PRO A 192 -7.07 -4.55 -3.48
N ILE A 193 -6.75 -3.54 -2.69
CA ILE A 193 -7.70 -2.48 -2.41
C ILE A 193 -7.90 -1.62 -3.64
N VAL A 194 -9.15 -1.22 -3.89
CA VAL A 194 -9.46 -0.41 -5.07
C VAL A 194 -9.85 1.00 -4.69
N TYR A 195 -9.74 1.93 -5.63
CA TYR A 195 -10.13 3.31 -5.34
C TYR A 195 -10.74 3.98 -6.57
N HIS A 196 -11.47 5.05 -6.31
CA HIS A 196 -12.09 5.83 -7.36
C HIS A 196 -11.48 7.22 -7.35
N LEU A 197 -10.49 7.45 -8.21
CA LEU A 197 -9.81 8.74 -8.23
C LEU A 197 -10.22 9.60 -9.42
N ASP A 198 -9.92 10.88 -9.29
CA ASP A 198 -10.22 11.84 -10.33
C ASP A 198 -9.15 11.79 -11.42
N LYS A 199 -9.20 12.73 -12.35
CA LYS A 199 -8.23 12.77 -13.43
C LYS A 199 -6.85 13.21 -12.93
N ASP A 200 -6.72 13.52 -11.64
CA ASP A 200 -5.46 13.95 -11.07
C ASP A 200 -4.93 12.94 -10.05
N GLY A 201 -5.43 11.70 -10.13
CA GLY A 201 -4.99 10.67 -9.20
C GLY A 201 -5.31 11.00 -7.75
N LYS A 202 -6.56 11.37 -7.50
CA LYS A 202 -7.00 11.72 -6.17
C LYS A 202 -8.39 11.19 -5.92
N TYR A 203 -8.63 10.71 -4.70
CA TYR A 203 -9.92 10.15 -4.32
C TYR A 203 -11.05 10.99 -4.89
N VAL A 204 -11.95 10.31 -5.55
CA VAL A 204 -13.04 10.97 -6.22
C VAL A 204 -14.40 10.50 -5.72
N SER A 205 -14.42 9.78 -4.60
CA SER A 205 -15.66 9.29 -4.02
C SER A 205 -15.38 8.28 -2.91
N LYS A 206 -15.31 7.02 -3.28
CA LYS A 206 -15.03 5.96 -2.32
C LYS A 206 -14.81 4.62 -3.03
N GLU A 207 -13.97 3.79 -2.45
CA GLU A 207 -13.67 2.48 -3.00
C GLU A 207 -12.51 1.83 -2.24
N LEU A 208 -12.50 0.51 -2.19
CA LEU A 208 -11.47 -0.22 -1.47
C LEU A 208 -11.51 -1.72 -1.68
N ILE A 209 -12.14 -2.18 -2.75
CA ILE A 209 -12.17 -3.62 -3.02
C ILE A 209 -13.15 -3.96 -4.14
N ASP A 210 -12.98 -5.16 -4.69
CA ASP A 210 -13.84 -5.65 -5.76
C ASP A 210 -14.60 -6.88 -5.27
N ASN A 211 -13.98 -7.67 -4.40
CA ASN A 211 -14.60 -8.87 -3.86
C ASN A 211 -15.13 -9.76 -4.99
N MET A 1 -10.15 -0.23 -15.75
CA MET A 1 -9.89 0.50 -17.03
C MET A 1 -10.54 1.87 -17.03
N THR A 2 -9.83 2.88 -16.52
CA THR A 2 -10.38 4.23 -16.48
C THR A 2 -10.61 4.78 -17.89
N THR A 3 -9.56 4.74 -18.70
CA THR A 3 -9.64 5.24 -20.07
C THR A 3 -10.06 6.72 -20.09
N GLU A 4 -9.50 7.47 -21.03
CA GLU A 4 -9.81 8.89 -21.16
C GLU A 4 -9.13 9.68 -20.05
N ALA A 5 -8.89 10.96 -20.30
CA ALA A 5 -8.24 11.82 -19.32
C ALA A 5 -9.27 12.51 -18.42
N ALA A 6 -9.98 11.72 -17.63
CA ALA A 6 -10.98 12.27 -16.73
C ALA A 6 -11.23 11.35 -15.53
N PRO A 7 -11.92 10.21 -15.73
CA PRO A 7 -12.23 9.27 -14.65
C PRO A 7 -11.12 8.25 -14.40
N ASN A 8 -10.00 8.72 -13.86
CA ASN A 8 -8.88 7.83 -13.57
C ASN A 8 -9.20 6.97 -12.36
N LEU A 9 -8.35 5.98 -12.08
CA LEU A 9 -8.60 5.11 -10.94
C LEU A 9 -7.34 4.37 -10.53
N LEU A 10 -7.35 3.88 -9.29
CA LEU A 10 -6.19 3.17 -8.76
C LEU A 10 -6.57 2.04 -7.84
N VAL A 11 -5.82 0.94 -7.93
CA VAL A 11 -6.03 -0.19 -7.06
C VAL A 11 -4.83 -0.39 -6.15
N LEU A 12 -5.10 -0.73 -4.90
CA LEU A 12 -4.04 -0.96 -3.93
C LEU A 12 -4.16 -2.35 -3.34
N THR A 13 -3.10 -3.14 -3.49
CA THR A 13 -3.07 -4.49 -2.97
C THR A 13 -2.11 -4.59 -1.79
N ARG A 14 -2.67 -4.55 -0.59
CA ARG A 14 -1.89 -4.62 0.63
C ARG A 14 -1.34 -6.03 0.86
N HIS A 15 -0.02 -6.17 0.75
CA HIS A 15 0.62 -7.46 0.96
C HIS A 15 0.09 -8.10 2.24
N GLY A 16 -0.27 -9.38 2.16
CA GLY A 16 -0.80 -10.08 3.31
C GLY A 16 0.10 -10.00 4.52
N GLU A 17 0.57 -11.15 4.98
CA GLU A 17 1.44 -11.21 6.15
C GLU A 17 2.77 -11.86 5.80
N SER A 18 3.87 -11.24 6.21
CA SER A 18 5.20 -11.75 5.95
C SER A 18 5.69 -12.66 7.08
N GLU A 19 6.68 -13.48 6.79
CA GLU A 19 7.22 -14.39 7.79
C GLU A 19 7.26 -13.74 9.17
N TRP A 20 7.86 -12.56 9.25
CA TRP A 20 7.96 -11.83 10.50
C TRP A 20 6.58 -11.44 11.00
N ASN A 21 5.68 -11.13 10.08
CA ASN A 21 4.32 -10.76 10.44
C ASN A 21 3.63 -11.91 11.17
N LYS A 22 4.02 -13.13 10.81
CA LYS A 22 3.46 -14.32 11.43
C LYS A 22 3.96 -14.46 12.86
N LEU A 23 5.28 -14.54 13.03
CA LEU A 23 5.87 -14.66 14.34
C LEU A 23 5.15 -13.75 15.32
N ASN A 24 5.43 -12.45 15.24
CA ASN A 24 4.80 -11.47 16.11
C ASN A 24 5.65 -10.22 16.28
N LEU A 25 6.35 -9.80 15.22
CA LEU A 25 7.19 -8.60 15.31
C LEU A 25 6.82 -7.58 14.24
N PHE A 26 7.47 -6.42 14.32
CA PHE A 26 7.23 -5.34 13.39
C PHE A 26 8.12 -5.47 12.15
N THR A 27 7.72 -4.85 11.05
CA THR A 27 8.49 -4.90 9.81
C THR A 27 9.43 -3.69 9.72
N GLY A 28 9.12 -2.75 8.82
CA GLY A 28 9.96 -1.57 8.68
C GLY A 28 10.53 -1.42 7.28
N TRP A 29 11.60 -0.64 7.17
CA TRP A 29 12.23 -0.39 5.88
C TRP A 29 12.88 -1.66 5.32
N LYS A 30 12.98 -2.68 6.16
CA LYS A 30 13.59 -3.94 5.75
C LYS A 30 12.67 -4.71 4.80
N ASP A 31 13.21 -5.77 4.20
CA ASP A 31 12.45 -6.58 3.26
C ASP A 31 12.36 -8.03 3.76
N PRO A 32 11.17 -8.47 4.19
CA PRO A 32 10.95 -9.82 4.68
C PRO A 32 10.37 -10.74 3.62
N ALA A 33 10.55 -12.04 3.81
CA ALA A 33 10.02 -13.02 2.87
C ALA A 33 8.57 -13.34 3.18
N LEU A 34 7.66 -12.81 2.35
CA LEU A 34 6.24 -13.04 2.55
C LEU A 34 5.98 -14.48 2.95
N SER A 35 4.77 -14.74 3.47
CA SER A 35 4.41 -16.07 3.91
C SER A 35 3.22 -16.62 3.12
N GLU A 36 2.85 -17.86 3.43
CA GLU A 36 1.74 -18.52 2.77
C GLU A 36 0.53 -17.60 2.74
N THR A 37 0.03 -17.26 3.92
CA THR A 37 -1.12 -16.36 4.00
C THR A 37 -0.90 -15.18 3.07
N GLY A 38 0.33 -14.65 3.10
CA GLY A 38 0.67 -13.54 2.24
C GLY A 38 0.53 -13.90 0.77
N ILE A 39 1.31 -14.87 0.33
CA ILE A 39 1.21 -15.31 -1.06
C ILE A 39 -0.22 -15.71 -1.35
N LYS A 40 -0.73 -16.64 -0.55
CA LYS A 40 -2.10 -17.08 -0.69
C LYS A 40 -2.96 -15.84 -0.80
N GLU A 41 -2.67 -14.86 0.05
CA GLU A 41 -3.37 -13.60 0.03
C GLU A 41 -3.12 -12.92 -1.30
N ALA A 42 -1.88 -13.02 -1.78
CA ALA A 42 -1.54 -12.43 -3.07
C ALA A 42 -2.33 -13.12 -4.16
N LYS A 43 -2.20 -14.45 -4.23
CA LYS A 43 -2.91 -15.24 -5.21
C LYS A 43 -4.41 -14.94 -5.11
N LEU A 44 -4.94 -15.03 -3.89
CA LEU A 44 -6.35 -14.73 -3.67
C LEU A 44 -6.61 -13.29 -4.05
N GLY A 45 -5.69 -12.40 -3.69
CA GLY A 45 -5.84 -11.01 -4.03
C GLY A 45 -5.95 -10.85 -5.54
N GLY A 46 -4.90 -11.26 -6.25
CA GLY A 46 -4.93 -11.18 -7.69
C GLY A 46 -6.08 -12.00 -8.24
N GLU A 47 -6.25 -13.21 -7.70
CA GLU A 47 -7.33 -14.09 -8.11
C GLU A 47 -8.65 -13.37 -7.95
N ARG A 48 -8.81 -12.73 -6.79
CA ARG A 48 -10.00 -11.95 -6.50
C ARG A 48 -10.03 -10.74 -7.44
N LEU A 49 -8.83 -10.24 -7.72
CA LEU A 49 -8.65 -9.11 -8.61
C LEU A 49 -9.14 -9.45 -10.02
N LYS A 50 -8.56 -10.51 -10.58
CA LYS A 50 -8.92 -10.96 -11.92
C LYS A 50 -10.28 -11.66 -11.92
N SER A 51 -10.49 -12.54 -10.96
CA SER A 51 -11.74 -13.29 -10.86
C SER A 51 -12.93 -12.40 -11.23
N ARG A 52 -12.88 -11.15 -10.81
CA ARG A 52 -13.96 -10.20 -11.10
C ARG A 52 -13.87 -9.70 -12.53
N GLY A 53 -12.68 -9.28 -12.94
CA GLY A 53 -12.49 -8.78 -14.28
C GLY A 53 -11.87 -7.39 -14.30
N TYR A 54 -11.03 -7.12 -13.30
CA TYR A 54 -10.37 -5.82 -13.21
C TYR A 54 -8.96 -5.90 -13.80
N LYS A 55 -8.79 -5.33 -15.00
CA LYS A 55 -7.50 -5.34 -15.69
C LYS A 55 -6.65 -4.17 -15.28
N PHE A 56 -5.34 -4.34 -15.39
CA PHE A 56 -4.40 -3.31 -14.99
C PHE A 56 -3.52 -2.81 -16.13
N ASP A 57 -3.07 -1.56 -15.99
CA ASP A 57 -2.19 -0.94 -16.95
C ASP A 57 -0.88 -0.53 -16.26
N ILE A 58 -0.99 -0.15 -14.99
CA ILE A 58 0.17 0.27 -14.21
C ILE A 58 0.28 -0.52 -12.90
N ALA A 59 1.51 -0.89 -12.56
CA ALA A 59 1.77 -1.63 -11.33
C ALA A 59 2.80 -0.89 -10.48
N PHE A 60 2.39 -0.53 -9.26
CA PHE A 60 3.27 0.21 -8.37
C PHE A 60 3.68 -0.62 -7.14
N THR A 61 4.96 -1.01 -7.08
CA THR A 61 5.44 -1.78 -5.93
C THR A 61 6.61 -1.08 -5.24
N SER A 62 6.79 -1.41 -3.97
CA SER A 62 7.88 -0.83 -3.19
C SER A 62 9.20 -1.51 -3.54
N ALA A 63 10.31 -0.90 -3.16
CA ALA A 63 11.61 -1.49 -3.45
C ALA A 63 11.82 -2.77 -2.63
N LEU A 64 10.89 -3.04 -1.72
CA LEU A 64 10.97 -4.23 -0.87
C LEU A 64 10.32 -5.43 -1.55
N GLN A 65 11.05 -6.53 -1.62
CA GLN A 65 10.54 -7.74 -2.25
C GLN A 65 9.07 -7.96 -1.93
N ARG A 66 8.73 -7.92 -0.65
CA ARG A 66 7.35 -8.12 -0.19
C ARG A 66 6.34 -7.71 -1.28
N ALA A 67 6.25 -6.39 -1.50
CA ALA A 67 5.33 -5.85 -2.48
C ALA A 67 5.63 -6.38 -3.88
N GLN A 68 6.90 -6.67 -4.16
CA GLN A 68 7.27 -7.21 -5.45
C GLN A 68 6.76 -8.63 -5.52
N LYS A 69 7.29 -9.45 -4.63
CA LYS A 69 6.87 -10.82 -4.53
C LYS A 69 5.36 -10.86 -4.56
N THR A 70 4.76 -9.93 -3.82
CA THR A 70 3.31 -9.82 -3.76
C THR A 70 2.74 -9.45 -5.13
N CYS A 71 3.21 -8.32 -5.67
CA CYS A 71 2.75 -7.86 -6.97
C CYS A 71 3.07 -8.89 -8.05
N GLN A 72 4.34 -9.27 -8.16
CA GLN A 72 4.74 -10.26 -9.15
C GLN A 72 3.73 -11.40 -9.20
N ILE A 73 3.41 -11.94 -8.03
CA ILE A 73 2.44 -13.03 -7.93
C ILE A 73 1.07 -12.58 -8.45
N ILE A 74 0.41 -11.69 -7.72
CA ILE A 74 -0.89 -11.20 -8.13
C ILE A 74 -0.85 -10.82 -9.60
N LEU A 75 0.23 -10.15 -10.01
CA LEU A 75 0.40 -9.75 -11.40
C LEU A 75 0.50 -10.99 -12.27
N GLU A 76 1.36 -11.92 -11.87
CA GLU A 76 1.53 -13.17 -12.61
C GLU A 76 0.25 -13.98 -12.55
N GLU A 77 -0.56 -13.73 -11.52
CA GLU A 77 -1.82 -14.43 -11.36
C GLU A 77 -2.92 -13.73 -12.14
N VAL A 78 -2.85 -12.40 -12.17
CA VAL A 78 -3.83 -11.61 -12.90
C VAL A 78 -3.61 -11.76 -14.40
N GLY A 79 -2.35 -11.79 -14.81
CA GLY A 79 -2.02 -11.95 -16.22
C GLY A 79 -1.70 -10.64 -16.91
N GLU A 80 -1.50 -9.59 -16.12
CA GLU A 80 -1.18 -8.29 -16.69
C GLU A 80 0.26 -7.86 -16.40
N PRO A 81 1.20 -8.78 -16.10
CA PRO A 81 2.60 -8.41 -15.84
C PRO A 81 3.16 -7.52 -16.93
N ASN A 82 2.89 -7.89 -18.18
CA ASN A 82 3.36 -7.14 -19.33
C ASN A 82 3.09 -5.65 -19.13
N LEU A 83 2.02 -5.32 -18.42
CA LEU A 83 1.67 -3.94 -18.16
C LEU A 83 2.85 -3.18 -17.56
N GLU A 84 2.65 -1.91 -17.24
CA GLU A 84 3.70 -1.09 -16.66
C GLU A 84 3.92 -1.45 -15.19
N THR A 85 4.94 -2.27 -14.94
CA THR A 85 5.27 -2.68 -13.58
C THR A 85 6.36 -1.79 -13.02
N ILE A 86 6.12 -1.18 -11.86
CA ILE A 86 7.09 -0.29 -11.27
C ILE A 86 7.41 -0.66 -9.82
N LYS A 87 8.69 -0.55 -9.48
CA LYS A 87 9.16 -0.85 -8.13
C LYS A 87 9.95 0.32 -7.57
N SER A 88 9.38 1.03 -6.60
CA SER A 88 10.05 2.19 -6.01
C SER A 88 10.35 1.99 -4.53
N GLU A 89 11.46 2.55 -4.08
CA GLU A 89 11.83 2.46 -2.67
C GLU A 89 11.03 3.50 -1.89
N LYS A 90 10.42 4.43 -2.62
CA LYS A 90 9.60 5.47 -2.00
C LYS A 90 8.27 4.90 -1.55
N LEU A 91 7.96 3.69 -2.02
CA LEU A 91 6.73 3.02 -1.65
C LEU A 91 6.96 2.09 -0.47
N ASN A 92 8.03 2.32 0.27
CA ASN A 92 8.36 1.51 1.43
C ASN A 92 7.53 1.92 2.64
N GLU A 93 7.31 0.97 3.55
CA GLU A 93 6.53 1.23 4.76
C GLU A 93 7.27 2.20 5.68
N ARG A 94 6.51 2.97 6.46
CA ARG A 94 7.11 3.93 7.38
C ARG A 94 8.24 3.29 8.18
N TYR A 95 9.44 3.85 8.07
CA TYR A 95 10.58 3.32 8.82
C TYR A 95 10.22 3.12 10.28
N TYR A 96 10.38 1.89 10.77
CA TYR A 96 10.05 1.58 12.16
C TYR A 96 11.28 1.70 13.05
N GLY A 97 11.93 2.87 13.01
CA GLY A 97 13.12 3.15 13.82
C GLY A 97 13.61 1.94 14.62
N ASP A 98 13.52 2.05 15.94
CA ASP A 98 13.97 0.98 16.82
C ASP A 98 12.91 -0.10 16.95
N LEU A 99 11.72 0.16 16.42
CA LEU A 99 10.64 -0.81 16.49
C LEU A 99 10.76 -1.86 15.38
N GLN A 100 11.89 -1.82 14.68
CA GLN A 100 12.13 -2.76 13.59
C GLN A 100 12.40 -4.16 14.14
N GLY A 101 11.42 -5.05 13.99
CA GLY A 101 11.57 -6.41 14.47
C GLY A 101 11.04 -6.60 15.87
N LEU A 102 10.48 -5.53 16.43
CA LEU A 102 9.94 -5.56 17.78
C LEU A 102 8.70 -6.45 17.85
N ASN A 103 8.68 -7.34 18.83
CA ASN A 103 7.56 -8.23 19.02
C ASN A 103 6.31 -7.44 19.34
N LYS A 104 5.34 -7.43 18.42
CA LYS A 104 4.10 -6.70 18.61
C LYS A 104 3.70 -6.71 20.07
N ASP A 105 3.79 -7.90 20.68
CA ASP A 105 3.46 -8.06 22.08
C ASP A 105 4.43 -7.27 22.93
N ASP A 106 5.71 -7.58 22.82
CA ASP A 106 6.73 -6.86 23.57
C ASP A 106 6.59 -5.36 23.34
N ALA A 107 6.49 -4.99 22.06
CA ALA A 107 6.33 -3.58 21.69
C ALA A 107 5.05 -3.03 22.30
N ARG A 108 3.96 -3.78 22.16
CA ARG A 108 2.68 -3.36 22.72
C ARG A 108 2.57 -3.81 24.18
N LYS A 109 3.69 -4.27 24.73
CA LYS A 109 3.74 -4.71 26.12
C LYS A 109 4.60 -3.76 26.93
N LYS A 110 5.77 -3.44 26.40
CA LYS A 110 6.67 -2.52 27.04
C LYS A 110 6.48 -1.12 26.46
N TRP A 111 5.23 -0.80 26.15
CA TRP A 111 4.90 0.49 25.55
C TRP A 111 3.42 0.53 25.13
N GLY A 112 2.91 -0.63 24.72
CA GLY A 112 1.51 -0.78 24.32
C GLY A 112 1.01 0.15 23.22
N ALA A 113 -0.32 0.17 23.12
CA ALA A 113 -1.04 0.97 22.14
C ALA A 113 -0.53 2.40 22.09
N GLU A 114 -0.57 3.07 23.24
CA GLU A 114 -0.11 4.44 23.33
C GLU A 114 1.08 4.64 22.40
N GLN A 115 2.04 3.72 22.50
CA GLN A 115 3.24 3.77 21.67
C GLN A 115 2.95 3.27 20.26
N VAL A 116 2.69 1.97 20.16
CA VAL A 116 2.47 1.37 18.85
C VAL A 116 1.49 2.21 18.03
N GLN A 117 0.45 2.70 18.67
CA GLN A 117 -0.54 3.54 18.00
C GLN A 117 0.14 4.78 17.43
N ILE A 118 0.53 5.68 18.32
CA ILE A 118 1.21 6.91 17.92
C ILE A 118 2.38 6.63 17.01
N TRP A 119 2.88 5.40 17.02
CA TRP A 119 4.00 5.03 16.16
C TRP A 119 3.50 4.51 14.81
N ARG A 120 2.82 3.36 14.87
CA ARG A 120 2.30 2.72 13.67
C ARG A 120 1.17 3.54 13.03
N ARG A 121 0.34 4.16 13.86
CA ARG A 121 -0.78 4.95 13.36
C ARG A 121 -0.42 6.43 13.24
N SER A 122 -0.73 7.21 14.27
CA SER A 122 -0.45 8.65 14.26
C SER A 122 -0.68 9.23 12.86
N TYR A 123 -0.14 10.43 12.61
CA TYR A 123 -0.31 11.07 11.31
C TYR A 123 0.93 11.86 10.90
N ASP A 124 1.62 12.46 11.87
CA ASP A 124 2.80 13.26 11.55
C ASP A 124 4.00 12.87 12.41
N ILE A 125 3.78 12.03 13.42
CA ILE A 125 4.85 11.60 14.30
C ILE A 125 5.27 10.17 13.97
N ALA A 126 6.45 9.76 14.42
CA ALA A 126 6.94 8.42 14.13
C ALA A 126 7.72 7.82 15.30
N PRO A 127 7.78 6.48 15.36
CA PRO A 127 8.49 5.75 16.40
C PRO A 127 9.91 6.26 16.59
N PRO A 128 10.65 5.69 17.56
CA PRO A 128 12.03 6.09 17.81
C PRO A 128 12.86 6.09 16.54
N ASN A 129 12.82 7.20 15.82
CA ASN A 129 13.55 7.33 14.56
C ASN A 129 12.82 6.62 13.44
N GLY A 130 13.04 7.07 12.21
CA GLY A 130 12.39 6.46 11.07
C GLY A 130 11.55 7.44 10.29
N GLU A 131 10.26 7.14 10.14
CA GLU A 131 9.35 8.00 9.40
C GLU A 131 7.94 7.94 9.96
N SER A 132 7.10 8.89 9.55
CA SER A 132 5.72 8.95 10.00
C SER A 132 4.77 8.76 8.83
N LEU A 133 3.82 9.68 8.64
CA LEU A 133 2.88 9.58 7.54
C LEU A 133 3.16 10.66 6.50
N LYS A 134 2.96 11.92 6.89
CA LYS A 134 3.20 13.04 5.99
C LYS A 134 4.57 12.89 5.30
N ASP A 135 5.57 12.46 6.06
CA ASP A 135 6.91 12.25 5.54
C ASP A 135 6.84 11.18 4.45
N THR A 136 6.60 9.95 4.88
CA THR A 136 6.48 8.84 3.96
C THR A 136 5.57 9.24 2.81
N ALA A 137 4.48 9.94 3.11
CA ALA A 137 3.57 10.38 2.07
C ALA A 137 4.31 11.29 1.11
N GLU A 138 4.94 12.31 1.67
CA GLU A 138 5.73 13.25 0.88
C GLU A 138 6.94 12.55 0.29
N ARG A 139 7.21 11.35 0.80
CA ARG A 139 8.34 10.55 0.35
C ARG A 139 7.85 9.28 -0.36
N VAL A 140 6.53 9.14 -0.44
CA VAL A 140 5.91 7.97 -1.06
C VAL A 140 5.00 8.37 -2.20
N LEU A 141 4.51 9.59 -2.17
CA LEU A 141 3.61 10.05 -3.21
C LEU A 141 4.31 10.86 -4.33
N PRO A 142 5.62 11.22 -4.20
CA PRO A 142 6.30 11.94 -5.29
C PRO A 142 6.33 11.06 -6.52
N TYR A 143 6.74 9.80 -6.31
CA TYR A 143 6.74 8.84 -7.40
C TYR A 143 5.36 8.87 -8.02
N TYR A 144 4.36 8.82 -7.13
CA TYR A 144 2.97 8.88 -7.52
C TYR A 144 2.73 10.11 -8.38
N LYS A 145 2.61 11.25 -7.72
CA LYS A 145 2.37 12.48 -8.44
C LYS A 145 3.28 12.57 -9.67
N SER A 146 4.56 12.29 -9.45
CA SER A 146 5.57 12.35 -10.50
C SER A 146 5.27 11.42 -11.68
N THR A 147 5.32 10.11 -11.46
CA THR A 147 5.12 9.15 -12.56
C THR A 147 3.69 8.57 -12.62
N ILE A 148 2.83 8.92 -11.69
CA ILE A 148 1.47 8.39 -11.71
C ILE A 148 0.46 9.37 -12.29
N VAL A 149 0.76 10.66 -12.19
CA VAL A 149 -0.13 11.67 -12.72
C VAL A 149 -0.03 11.81 -14.24
N PRO A 150 1.04 11.28 -14.90
CA PRO A 150 1.19 11.38 -16.34
C PRO A 150 0.50 10.25 -17.09
N HIS A 151 0.43 9.06 -16.48
CA HIS A 151 -0.23 7.92 -17.14
C HIS A 151 -1.71 7.86 -16.78
N ILE A 152 -2.02 8.14 -15.52
CA ILE A 152 -3.42 8.14 -15.09
C ILE A 152 -4.20 9.23 -15.83
N LEU A 153 -3.49 10.27 -16.22
CA LEU A 153 -4.08 11.38 -16.94
C LEU A 153 -4.25 11.05 -18.42
N LYS A 154 -3.40 10.16 -18.93
CA LYS A 154 -3.46 9.76 -20.33
C LYS A 154 -4.70 8.90 -20.58
N GLY A 155 -5.20 8.28 -19.52
CA GLY A 155 -6.37 7.43 -19.64
C GLY A 155 -6.08 5.99 -19.30
N GLU A 156 -5.31 5.78 -18.23
CA GLU A 156 -4.95 4.44 -17.79
C GLU A 156 -5.27 4.24 -16.31
N LYS A 157 -5.41 2.99 -15.90
CA LYS A 157 -5.71 2.68 -14.52
C LYS A 157 -4.46 2.07 -13.86
N VAL A 158 -4.37 2.10 -12.53
CA VAL A 158 -3.15 1.60 -11.87
C VAL A 158 -3.35 0.67 -10.66
N LEU A 159 -2.29 -0.12 -10.38
CA LEU A 159 -2.23 -1.03 -9.22
C LEU A 159 -1.11 -0.58 -8.29
N ILE A 160 -1.33 -0.69 -7.00
CA ILE A 160 -0.33 -0.31 -6.02
C ILE A 160 -0.13 -1.38 -4.96
N ALA A 161 1.13 -1.68 -4.71
CA ALA A 161 1.51 -2.68 -3.71
C ALA A 161 2.65 -2.15 -2.86
N ALA A 162 2.31 -1.37 -1.85
CA ALA A 162 3.31 -0.78 -0.97
C ALA A 162 3.11 -1.22 0.48
N HIS A 163 2.45 -0.38 1.26
CA HIS A 163 2.20 -0.69 2.68
C HIS A 163 1.16 0.24 3.27
N GLY A 164 0.56 -0.19 4.36
CA GLY A 164 -0.44 0.63 5.02
C GLY A 164 0.01 2.07 5.06
N ASN A 165 1.20 2.30 5.61
CA ASN A 165 1.75 3.64 5.68
C ASN A 165 1.77 4.28 4.31
N SER A 166 2.57 3.73 3.40
CA SER A 166 2.66 4.26 2.05
C SER A 166 1.25 4.55 1.54
N LEU A 167 0.39 3.53 1.61
CA LEU A 167 -0.98 3.68 1.18
C LEU A 167 -1.64 4.82 1.94
N ARG A 168 -1.80 4.67 3.25
CA ARG A 168 -2.39 5.73 4.06
C ARG A 168 -1.84 7.07 3.60
N ALA A 169 -0.50 7.15 3.59
CA ALA A 169 0.20 8.35 3.15
C ALA A 169 -0.28 8.76 1.76
N LEU A 170 -0.45 7.77 0.90
CA LEU A 170 -0.89 8.02 -0.46
C LEU A 170 -2.38 8.38 -0.48
N ILE A 171 -3.19 7.49 0.07
CA ILE A 171 -4.62 7.70 0.11
C ILE A 171 -4.95 9.03 0.81
N MET A 172 -4.33 9.29 1.96
CA MET A 172 -4.58 10.54 2.66
C MET A 172 -4.41 11.70 1.70
N ASP A 173 -3.34 11.65 0.90
CA ASP A 173 -3.08 12.69 -0.08
C ASP A 173 -4.00 12.51 -1.27
N LEU A 174 -4.30 11.26 -1.60
CA LEU A 174 -5.16 10.94 -2.72
C LEU A 174 -6.61 11.36 -2.42
N GLU A 175 -6.98 11.29 -1.15
CA GLU A 175 -8.33 11.66 -0.73
C GLU A 175 -8.33 13.03 -0.05
N GLY A 176 -7.16 13.43 0.42
CA GLY A 176 -7.05 14.72 1.10
C GLY A 176 -7.50 14.65 2.54
N LEU A 177 -7.19 13.55 3.20
CA LEU A 177 -7.57 13.37 4.60
C LEU A 177 -7.16 14.60 5.43
N THR A 178 -7.40 14.53 6.73
CA THR A 178 -7.08 15.64 7.62
C THR A 178 -6.19 15.18 8.78
N GLY A 179 -5.67 13.97 8.67
CA GLY A 179 -4.81 13.43 9.71
C GLY A 179 -5.59 12.71 10.79
N ASP A 180 -6.70 13.30 11.21
CA ASP A 180 -7.53 12.70 12.26
C ASP A 180 -8.54 11.73 11.67
N GLN A 181 -8.83 11.90 10.38
CA GLN A 181 -9.78 11.03 9.68
C GLN A 181 -9.04 10.02 8.81
N ILE A 182 -7.71 10.02 8.89
CA ILE A 182 -6.91 9.09 8.10
C ILE A 182 -6.40 7.94 8.96
N VAL A 183 -6.41 8.12 10.27
CA VAL A 183 -5.96 7.08 11.18
C VAL A 183 -7.07 6.08 11.46
N LYS A 184 -8.17 6.22 10.73
CA LYS A 184 -9.31 5.32 10.89
C LYS A 184 -9.76 4.75 9.55
N ARG A 185 -9.09 5.16 8.47
CA ARG A 185 -9.42 4.68 7.12
C ARG A 185 -9.24 3.19 6.99
N GLU A 186 -8.53 2.68 7.95
CA GLU A 186 -8.21 1.26 8.05
C GLU A 186 -7.83 0.68 6.70
N LEU A 187 -7.45 -0.59 6.69
CA LEU A 187 -7.07 -1.24 5.46
C LEU A 187 -7.44 -2.72 5.51
N ALA A 188 -7.04 -3.47 4.49
CA ALA A 188 -7.33 -4.89 4.43
C ALA A 188 -6.15 -5.67 3.86
N THR A 189 -5.30 -6.16 4.74
CA THR A 189 -4.12 -6.92 4.33
C THR A 189 -4.51 -8.04 3.36
N GLY A 190 -4.11 -7.89 2.10
CA GLY A 190 -4.42 -8.90 1.10
C GLY A 190 -5.35 -8.40 0.01
N VAL A 191 -6.59 -8.09 0.37
CA VAL A 191 -7.57 -7.60 -0.59
C VAL A 191 -7.10 -6.32 -1.28
N PRO A 192 -7.17 -6.28 -2.62
CA PRO A 192 -6.76 -5.11 -3.40
C PRO A 192 -7.87 -4.08 -3.53
N ILE A 193 -7.75 -2.98 -2.77
CA ILE A 193 -8.76 -1.93 -2.81
C ILE A 193 -8.62 -1.06 -4.06
N VAL A 194 -9.75 -0.53 -4.52
CA VAL A 194 -9.76 0.29 -5.73
C VAL A 194 -10.39 1.67 -5.49
N TYR A 195 -9.72 2.73 -5.94
CA TYR A 195 -10.26 4.08 -5.79
C TYR A 195 -10.44 4.73 -7.15
N HIS A 196 -11.65 5.21 -7.42
CA HIS A 196 -11.92 5.90 -8.65
C HIS A 196 -11.44 7.34 -8.51
N LEU A 197 -10.55 7.78 -9.38
CA LEU A 197 -10.00 9.13 -9.29
C LEU A 197 -10.28 9.99 -10.50
N ASP A 198 -10.11 11.28 -10.28
CA ASP A 198 -10.34 12.27 -11.33
C ASP A 198 -9.15 12.35 -12.26
N LYS A 199 -9.16 13.34 -13.14
CA LYS A 199 -8.07 13.52 -14.10
C LYS A 199 -6.80 13.98 -13.40
N ASP A 200 -6.90 14.23 -12.09
CA ASP A 200 -5.74 14.68 -11.32
C ASP A 200 -5.30 13.61 -10.33
N GLY A 201 -5.70 12.37 -10.57
CA GLY A 201 -5.33 11.28 -9.70
C GLY A 201 -5.81 11.49 -8.28
N LYS A 202 -7.04 12.00 -8.14
CA LYS A 202 -7.62 12.26 -6.84
C LYS A 202 -8.97 11.56 -6.73
N TYR A 203 -9.29 11.06 -5.52
CA TYR A 203 -10.54 10.39 -5.28
C TYR A 203 -11.64 11.03 -6.07
N VAL A 204 -12.40 10.21 -6.74
CA VAL A 204 -13.45 10.67 -7.58
C VAL A 204 -14.70 9.82 -7.40
N SER A 205 -14.66 8.88 -6.47
CA SER A 205 -15.78 8.00 -6.20
C SER A 205 -15.63 7.33 -4.83
N LYS A 206 -15.74 6.00 -4.79
CA LYS A 206 -15.60 5.28 -3.52
C LYS A 206 -14.73 4.03 -3.68
N GLU A 207 -14.17 3.59 -2.56
CA GLU A 207 -13.31 2.41 -2.56
C GLU A 207 -14.13 1.13 -2.57
N LEU A 208 -13.58 0.06 -3.16
CA LEU A 208 -14.28 -1.22 -3.23
C LEU A 208 -13.33 -2.38 -3.49
N ILE A 209 -13.66 -3.52 -2.88
CA ILE A 209 -12.87 -4.73 -3.02
C ILE A 209 -13.55 -5.72 -3.97
N ASP A 210 -12.81 -6.74 -4.38
CA ASP A 210 -13.32 -7.78 -5.26
C ASP A 210 -14.24 -8.73 -4.51
N ASN A 211 -13.74 -9.27 -3.40
CA ASN A 211 -14.50 -10.20 -2.58
C ASN A 211 -14.87 -11.46 -3.37
N MET A 1 -8.45 1.36 -18.02
CA MET A 1 -9.93 1.46 -17.88
C MET A 1 -10.40 2.91 -17.99
N THR A 2 -9.75 3.81 -17.24
CA THR A 2 -10.13 5.22 -17.29
C THR A 2 -10.03 5.77 -18.70
N THR A 3 -11.10 5.61 -19.48
CA THR A 3 -11.12 6.09 -20.85
C THR A 3 -11.75 7.48 -20.93
N GLU A 4 -12.63 7.78 -20.00
CA GLU A 4 -13.29 9.08 -19.96
C GLU A 4 -12.27 10.22 -19.94
N ALA A 5 -11.05 9.91 -19.52
CA ALA A 5 -9.98 10.90 -19.46
C ALA A 5 -10.17 11.85 -18.29
N ALA A 6 -10.74 11.33 -17.20
CA ALA A 6 -10.97 12.14 -16.02
C ALA A 6 -10.91 11.29 -14.75
N PRO A 7 -11.90 10.41 -14.53
CA PRO A 7 -11.93 9.55 -13.34
C PRO A 7 -10.94 8.39 -13.43
N ASN A 8 -9.65 8.68 -13.27
CA ASN A 8 -8.63 7.65 -13.33
C ASN A 8 -8.93 6.53 -12.34
N LEU A 9 -8.68 5.29 -12.75
CA LEU A 9 -8.93 4.15 -11.89
C LEU A 9 -7.63 3.63 -11.28
N LEU A 10 -7.59 3.67 -9.94
CA LEU A 10 -6.42 3.24 -9.20
C LEU A 10 -6.77 2.14 -8.20
N VAL A 11 -6.15 0.97 -8.35
CA VAL A 11 -6.39 -0.12 -7.43
C VAL A 11 -5.16 -0.35 -6.55
N LEU A 12 -5.38 -0.44 -5.24
CA LEU A 12 -4.30 -0.66 -4.30
C LEU A 12 -4.35 -2.08 -3.75
N THR A 13 -3.20 -2.59 -3.33
CA THR A 13 -3.13 -3.94 -2.78
C THR A 13 -1.96 -4.11 -1.83
N ARG A 14 -2.26 -4.34 -0.56
CA ARG A 14 -1.22 -4.53 0.45
C ARG A 14 -0.75 -5.98 0.46
N HIS A 15 0.56 -6.17 0.37
CA HIS A 15 1.15 -7.52 0.37
C HIS A 15 0.51 -8.38 1.46
N GLY A 16 0.79 -9.68 1.41
CA GLY A 16 0.25 -10.59 2.38
C GLY A 16 0.85 -10.39 3.76
N GLU A 17 1.16 -11.50 4.42
CA GLU A 17 1.74 -11.44 5.75
C GLU A 17 3.14 -12.08 5.75
N SER A 18 4.16 -11.25 5.97
CA SER A 18 5.53 -11.73 5.98
C SER A 18 5.74 -12.72 7.12
N GLU A 19 6.88 -13.42 7.08
CA GLU A 19 7.21 -14.40 8.11
C GLU A 19 7.31 -13.73 9.48
N TRP A 20 7.98 -12.59 9.53
CA TRP A 20 8.14 -11.86 10.79
C TRP A 20 6.77 -11.49 11.36
N ASN A 21 5.80 -11.32 10.48
CA ASN A 21 4.44 -10.98 10.90
C ASN A 21 3.86 -12.08 11.76
N LYS A 22 4.20 -13.33 11.42
CA LYS A 22 3.72 -14.48 12.18
C LYS A 22 4.33 -14.49 13.58
N LEU A 23 5.64 -14.24 13.64
CA LEU A 23 6.35 -14.22 14.92
C LEU A 23 5.79 -13.12 15.82
N ASN A 24 5.13 -12.13 15.22
CA ASN A 24 4.54 -11.02 15.96
C ASN A 24 5.61 -10.01 16.37
N LEU A 25 6.43 -9.58 15.41
CA LEU A 25 7.47 -8.61 15.69
C LEU A 25 7.52 -7.54 14.61
N PHE A 26 7.78 -6.30 15.02
CA PHE A 26 7.84 -5.18 14.09
C PHE A 26 8.81 -5.47 12.94
N THR A 27 8.49 -4.94 11.77
CA THR A 27 9.32 -5.14 10.59
C THR A 27 10.05 -3.86 10.20
N GLY A 28 9.38 -3.00 9.45
CA GLY A 28 9.98 -1.75 9.03
C GLY A 28 10.61 -1.84 7.65
N TRP A 29 11.56 -0.95 7.38
CA TRP A 29 12.24 -0.93 6.10
C TRP A 29 12.81 -2.30 5.74
N LYS A 30 13.04 -3.12 6.77
CA LYS A 30 13.58 -4.46 6.57
C LYS A 30 12.83 -5.20 5.46
N ASP A 31 13.46 -6.23 4.91
CA ASP A 31 12.85 -7.02 3.84
C ASP A 31 12.61 -8.46 4.28
N PRO A 32 11.41 -8.75 4.80
CA PRO A 32 11.05 -10.08 5.26
C PRO A 32 10.62 -10.99 4.11
N ALA A 33 10.03 -12.14 4.46
CA ALA A 33 9.57 -13.09 3.45
C ALA A 33 8.08 -13.36 3.59
N LEU A 34 7.35 -13.23 2.48
CA LEU A 34 5.92 -13.47 2.48
C LEU A 34 5.59 -14.90 2.89
N SER A 35 4.39 -15.12 3.39
CA SER A 35 3.96 -16.45 3.83
C SER A 35 2.90 -17.04 2.90
N GLU A 36 2.70 -18.34 3.01
CA GLU A 36 1.71 -19.04 2.19
C GLU A 36 0.39 -18.30 2.21
N THR A 37 0.03 -17.78 3.38
CA THR A 37 -1.20 -17.01 3.51
C THR A 37 -1.10 -15.78 2.64
N GLY A 38 0.09 -15.18 2.65
CA GLY A 38 0.33 -14.02 1.83
C GLY A 38 0.25 -14.38 0.36
N ILE A 39 1.03 -15.39 -0.03
CA ILE A 39 1.00 -15.86 -1.42
C ILE A 39 -0.44 -16.20 -1.77
N LYS A 40 -1.05 -17.03 -0.92
CA LYS A 40 -2.43 -17.42 -1.10
C LYS A 40 -3.29 -16.17 -1.20
N GLU A 41 -2.94 -15.17 -0.40
CA GLU A 41 -3.64 -13.89 -0.41
C GLU A 41 -3.42 -13.22 -1.76
N ALA A 42 -2.18 -13.28 -2.23
CA ALA A 42 -1.83 -12.70 -3.53
C ALA A 42 -2.63 -13.40 -4.62
N LYS A 43 -2.52 -14.72 -4.67
CA LYS A 43 -3.26 -15.50 -5.66
C LYS A 43 -4.74 -15.16 -5.57
N LEU A 44 -5.28 -15.23 -4.35
CA LEU A 44 -6.67 -14.91 -4.11
C LEU A 44 -6.95 -13.49 -4.59
N GLY A 45 -6.06 -12.57 -4.23
CA GLY A 45 -6.22 -11.20 -4.66
C GLY A 45 -6.27 -11.09 -6.16
N GLY A 46 -5.16 -11.46 -6.82
CA GLY A 46 -5.12 -11.42 -8.27
C GLY A 46 -6.26 -12.21 -8.88
N GLU A 47 -6.40 -13.46 -8.44
CA GLU A 47 -7.46 -14.33 -8.94
C GLU A 47 -8.82 -13.68 -8.71
N ARG A 48 -9.00 -13.07 -7.55
CA ARG A 48 -10.25 -12.39 -7.21
C ARG A 48 -10.44 -11.17 -8.10
N LEU A 49 -9.47 -10.26 -8.07
CA LEU A 49 -9.54 -9.05 -8.89
C LEU A 49 -9.73 -9.43 -10.35
N LYS A 50 -8.96 -10.42 -10.80
CA LYS A 50 -9.04 -10.88 -12.19
C LYS A 50 -10.36 -11.57 -12.46
N SER A 51 -10.79 -12.43 -11.54
CA SER A 51 -12.04 -13.16 -11.69
C SER A 51 -13.18 -12.23 -12.11
N ARG A 52 -13.33 -11.13 -11.39
CA ARG A 52 -14.39 -10.16 -11.68
C ARG A 52 -14.22 -9.60 -13.09
N GLY A 53 -12.98 -9.47 -13.54
CA GLY A 53 -12.71 -8.95 -14.86
C GLY A 53 -11.98 -7.62 -14.83
N TYR A 54 -11.40 -7.28 -13.69
CA TYR A 54 -10.66 -6.03 -13.54
C TYR A 54 -9.25 -6.16 -14.08
N LYS A 55 -9.01 -5.54 -15.23
CA LYS A 55 -7.69 -5.60 -15.86
C LYS A 55 -6.86 -4.40 -15.45
N PHE A 56 -5.55 -4.54 -15.60
CA PHE A 56 -4.62 -3.48 -15.22
C PHE A 56 -3.82 -2.95 -16.40
N ASP A 57 -3.48 -1.67 -16.33
CA ASP A 57 -2.69 -1.02 -17.37
C ASP A 57 -1.36 -0.60 -16.77
N ILE A 58 -1.39 -0.18 -15.51
CA ILE A 58 -0.18 0.24 -14.81
C ILE A 58 -0.05 -0.52 -13.48
N ALA A 59 1.13 -1.07 -13.22
CA ALA A 59 1.36 -1.81 -11.98
C ALA A 59 2.41 -1.11 -11.13
N PHE A 60 1.97 -0.56 -10.00
CA PHE A 60 2.85 0.15 -9.09
C PHE A 60 3.04 -0.62 -7.78
N THR A 61 4.29 -0.85 -7.41
CA THR A 61 4.57 -1.55 -6.16
C THR A 61 5.65 -0.84 -5.37
N SER A 62 5.95 -1.34 -4.18
CA SER A 62 6.99 -0.75 -3.37
C SER A 62 8.33 -1.33 -3.81
N ALA A 63 9.43 -0.79 -3.29
CA ALA A 63 10.74 -1.30 -3.64
C ALA A 63 11.15 -2.45 -2.72
N LEU A 64 10.17 -3.11 -2.10
CA LEU A 64 10.44 -4.23 -1.19
C LEU A 64 10.11 -5.57 -1.84
N GLN A 65 10.97 -6.55 -1.60
CA GLN A 65 10.79 -7.89 -2.16
C GLN A 65 9.38 -8.39 -1.90
N ARG A 66 8.81 -8.03 -0.77
CA ARG A 66 7.46 -8.45 -0.43
C ARG A 66 6.50 -7.96 -1.51
N ALA A 67 6.66 -6.69 -1.88
CA ALA A 67 5.84 -6.09 -2.90
C ALA A 67 6.24 -6.61 -4.28
N GLN A 68 7.55 -6.75 -4.49
CA GLN A 68 8.04 -7.26 -5.77
C GLN A 68 7.56 -8.70 -5.94
N LYS A 69 7.49 -9.39 -4.81
CA LYS A 69 7.03 -10.76 -4.78
C LYS A 69 5.52 -10.80 -4.93
N THR A 70 4.86 -9.96 -4.14
CA THR A 70 3.41 -9.87 -4.18
C THR A 70 2.93 -9.25 -5.49
N CYS A 71 3.86 -8.71 -6.28
CA CYS A 71 3.52 -8.10 -7.57
C CYS A 71 3.54 -9.14 -8.69
N GLN A 72 4.71 -9.74 -8.91
CA GLN A 72 4.87 -10.74 -9.95
C GLN A 72 3.80 -11.82 -9.82
N ILE A 73 3.67 -12.38 -8.63
CA ILE A 73 2.68 -13.42 -8.37
C ILE A 73 1.31 -13.00 -8.89
N ILE A 74 0.71 -12.01 -8.23
CA ILE A 74 -0.59 -11.51 -8.64
C ILE A 74 -0.58 -11.12 -10.11
N LEU A 75 0.46 -10.40 -10.52
CA LEU A 75 0.59 -9.98 -11.92
C LEU A 75 0.51 -11.18 -12.84
N GLU A 76 1.22 -12.25 -12.47
CA GLU A 76 1.21 -13.48 -13.26
C GLU A 76 -0.09 -14.24 -13.04
N GLU A 77 -0.66 -14.09 -11.84
CA GLU A 77 -1.90 -14.75 -11.51
C GLU A 77 -3.05 -14.16 -12.32
N VAL A 78 -3.18 -12.85 -12.29
CA VAL A 78 -4.23 -12.16 -13.03
C VAL A 78 -4.09 -12.43 -14.52
N GLY A 79 -2.88 -12.74 -14.96
CA GLY A 79 -2.63 -13.03 -16.36
C GLY A 79 -2.42 -11.78 -17.19
N GLU A 80 -1.83 -10.75 -16.60
CA GLU A 80 -1.57 -9.51 -17.31
C GLU A 80 -0.35 -8.78 -16.77
N PRO A 81 0.83 -9.44 -16.76
CA PRO A 81 2.06 -8.83 -16.27
C PRO A 81 2.71 -7.94 -17.32
N ASN A 82 2.40 -8.21 -18.59
CA ASN A 82 2.95 -7.45 -19.69
C ASN A 82 2.76 -5.95 -19.46
N LEU A 83 1.72 -5.60 -18.72
CA LEU A 83 1.43 -4.21 -18.43
C LEU A 83 2.56 -3.58 -17.59
N GLU A 84 2.81 -2.30 -17.82
CA GLU A 84 3.87 -1.59 -17.12
C GLU A 84 3.86 -1.88 -15.62
N THR A 85 4.86 -2.62 -15.15
CA THR A 85 4.98 -2.96 -13.74
C THR A 85 6.21 -2.30 -13.14
N ILE A 86 5.99 -1.28 -12.32
CA ILE A 86 7.08 -0.55 -11.70
C ILE A 86 6.89 -0.48 -10.18
N LYS A 87 7.98 -0.23 -9.47
CA LYS A 87 7.92 -0.14 -8.03
C LYS A 87 8.66 1.11 -7.54
N SER A 88 8.27 1.61 -6.37
CA SER A 88 8.91 2.79 -5.81
C SER A 88 9.51 2.52 -4.43
N GLU A 89 10.65 3.14 -4.17
CA GLU A 89 11.32 2.99 -2.89
C GLU A 89 10.66 3.86 -1.85
N LYS A 90 10.09 4.97 -2.32
CA LYS A 90 9.38 5.89 -1.43
C LYS A 90 8.02 5.30 -1.04
N LEU A 91 7.59 4.27 -1.75
CA LEU A 91 6.31 3.63 -1.45
C LEU A 91 6.48 2.55 -0.38
N ASN A 92 7.62 2.53 0.28
CA ASN A 92 7.88 1.54 1.32
C ASN A 92 7.18 1.92 2.62
N GLU A 93 7.09 0.98 3.55
CA GLU A 93 6.44 1.21 4.83
C GLU A 93 7.25 2.18 5.68
N ARG A 94 6.55 3.03 6.43
CA ARG A 94 7.20 4.01 7.30
C ARG A 94 8.26 3.32 8.17
N TYR A 95 9.42 3.96 8.29
CA TYR A 95 10.52 3.41 9.09
C TYR A 95 10.12 3.33 10.56
N TYR A 96 10.39 2.20 11.19
CA TYR A 96 10.06 2.00 12.59
C TYR A 96 11.24 2.31 13.50
N GLY A 97 12.21 3.06 12.98
CA GLY A 97 13.37 3.42 13.78
C GLY A 97 13.94 2.25 14.55
N ASP A 98 13.85 2.33 15.88
CA ASP A 98 14.38 1.27 16.75
C ASP A 98 13.28 0.31 17.20
N LEU A 99 12.13 0.35 16.52
CA LEU A 99 11.02 -0.54 16.87
C LEU A 99 11.09 -1.84 16.07
N GLN A 100 11.77 -1.78 14.92
CA GLN A 100 11.91 -2.95 14.06
C GLN A 100 12.50 -4.13 14.84
N GLY A 101 11.75 -5.22 14.91
CA GLY A 101 12.21 -6.39 15.62
C GLY A 101 11.75 -6.42 17.06
N LEU A 102 10.65 -5.72 17.35
CA LEU A 102 10.10 -5.67 18.69
C LEU A 102 8.77 -6.41 18.75
N ASN A 103 8.70 -7.41 19.63
CA ASN A 103 7.49 -8.19 19.79
C ASN A 103 6.33 -7.29 20.24
N LYS A 104 5.22 -7.37 19.51
CA LYS A 104 4.04 -6.56 19.83
C LYS A 104 3.74 -6.61 21.32
N ASP A 105 3.94 -7.78 21.92
CA ASP A 105 3.71 -7.95 23.35
C ASP A 105 4.60 -7.01 24.14
N ASP A 106 5.89 -7.02 23.81
CA ASP A 106 6.85 -6.15 24.48
C ASP A 106 6.58 -4.71 24.09
N ALA A 107 6.39 -4.50 22.79
CA ALA A 107 6.11 -3.16 22.27
C ALA A 107 4.85 -2.60 22.92
N ARG A 108 3.85 -3.44 23.10
CA ARG A 108 2.61 -3.03 23.72
C ARG A 108 2.75 -3.01 25.25
N LYS A 109 3.49 -3.99 25.77
CA LYS A 109 3.72 -4.07 27.20
C LYS A 109 4.54 -2.88 27.68
N LYS A 110 5.49 -2.45 26.85
CA LYS A 110 6.34 -1.32 27.19
C LYS A 110 6.04 -0.13 26.27
N TRP A 111 4.82 0.43 26.42
CA TRP A 111 4.36 1.59 25.62
C TRP A 111 2.83 1.57 25.49
N GLY A 112 2.23 0.40 25.73
CA GLY A 112 0.79 0.27 25.65
C GLY A 112 0.23 0.70 24.31
N ALA A 113 -0.99 0.26 24.03
CA ALA A 113 -1.66 0.61 22.79
C ALA A 113 -1.56 2.10 22.53
N GLU A 114 -1.56 2.87 23.61
CA GLU A 114 -1.45 4.32 23.51
C GLU A 114 -0.13 4.73 22.87
N GLN A 115 0.95 4.64 23.64
CA GLN A 115 2.26 5.00 23.12
C GLN A 115 2.55 4.21 21.85
N VAL A 116 2.20 2.92 21.88
CA VAL A 116 2.40 2.08 20.71
C VAL A 116 1.63 2.66 19.52
N GLN A 117 0.35 2.99 19.74
CA GLN A 117 -0.47 3.56 18.68
C GLN A 117 0.21 4.81 18.15
N ILE A 118 0.39 5.81 19.01
CA ILE A 118 1.06 7.03 18.59
C ILE A 118 2.42 6.70 17.98
N TRP A 119 2.96 5.54 18.33
CA TRP A 119 4.26 5.12 17.79
C TRP A 119 4.11 4.52 16.39
N ARG A 120 3.47 3.37 16.31
CA ARG A 120 3.27 2.67 15.05
C ARG A 120 2.27 3.37 14.14
N ARG A 121 1.24 3.97 14.72
CA ARG A 121 0.22 4.65 13.93
C ARG A 121 0.56 6.14 13.77
N SER A 122 0.09 6.97 14.70
CA SER A 122 0.35 8.41 14.64
C SER A 122 0.09 8.95 13.24
N TYR A 123 0.43 10.21 13.02
CA TYR A 123 0.22 10.84 11.72
C TYR A 123 1.48 11.60 11.28
N ASP A 124 1.95 12.50 12.13
CA ASP A 124 3.12 13.31 11.83
C ASP A 124 4.34 12.84 12.62
N ILE A 125 4.11 12.31 13.81
CA ILE A 125 5.20 11.83 14.66
C ILE A 125 5.71 10.48 14.16
N ALA A 126 6.83 10.05 14.70
CA ALA A 126 7.42 8.77 14.31
C ALA A 126 8.28 8.19 15.42
N PRO A 127 8.50 6.86 15.40
CA PRO A 127 9.33 6.17 16.40
C PRO A 127 10.79 6.61 16.32
N PRO A 128 11.52 6.49 17.43
CA PRO A 128 12.94 6.86 17.48
C PRO A 128 13.72 6.34 16.28
N ASN A 129 14.05 7.24 15.36
CA ASN A 129 14.80 6.90 14.14
C ASN A 129 13.85 6.58 12.98
N GLY A 130 12.65 6.12 13.31
CA GLY A 130 11.69 5.80 12.28
C GLY A 130 11.06 7.03 11.66
N GLU A 131 10.24 6.83 10.63
CA GLU A 131 9.57 7.94 9.96
C GLU A 131 8.07 7.96 10.28
N SER A 132 7.38 8.96 9.76
CA SER A 132 5.94 9.08 9.99
C SER A 132 5.18 8.98 8.69
N LEU A 133 3.90 9.38 8.73
CA LEU A 133 3.06 9.33 7.54
C LEU A 133 3.36 10.51 6.61
N LYS A 134 3.28 11.72 7.16
CA LYS A 134 3.55 12.92 6.38
C LYS A 134 4.90 12.80 5.68
N ASP A 135 5.91 12.35 6.43
CA ASP A 135 7.24 12.17 5.85
C ASP A 135 7.13 11.24 4.65
N THR A 136 6.58 10.04 4.89
CA THR A 136 6.38 9.07 3.84
C THR A 136 5.60 9.71 2.70
N ALA A 137 4.35 10.08 2.98
CA ALA A 137 3.50 10.73 2.00
C ALA A 137 4.27 11.81 1.25
N GLU A 138 5.07 12.58 1.99
CA GLU A 138 5.88 13.64 1.41
C GLU A 138 6.99 13.08 0.53
N ARG A 139 7.69 12.05 1.01
CA ARG A 139 8.78 11.46 0.24
C ARG A 139 8.26 10.50 -0.83
N VAL A 140 6.96 10.19 -0.79
CA VAL A 140 6.37 9.29 -1.79
C VAL A 140 5.50 10.04 -2.78
N LEU A 141 4.82 11.08 -2.33
CA LEU A 141 3.94 11.84 -3.20
C LEU A 141 4.64 12.23 -4.50
N PRO A 142 5.86 12.74 -4.44
CA PRO A 142 6.61 13.13 -5.63
C PRO A 142 6.58 12.01 -6.66
N TYR A 143 6.89 10.80 -6.19
CA TYR A 143 6.86 9.63 -7.06
C TYR A 143 5.46 9.51 -7.64
N TYR A 144 4.47 9.61 -6.75
CA TYR A 144 3.07 9.56 -7.14
C TYR A 144 2.81 10.64 -8.18
N LYS A 145 2.85 11.89 -7.77
CA LYS A 145 2.61 12.98 -8.70
C LYS A 145 3.50 12.85 -9.95
N SER A 146 4.80 12.99 -9.75
CA SER A 146 5.78 12.92 -10.83
C SER A 146 5.63 11.68 -11.72
N THR A 147 5.74 10.48 -11.14
CA THR A 147 5.70 9.26 -11.96
C THR A 147 4.31 8.62 -12.01
N ILE A 148 3.29 9.25 -11.45
CA ILE A 148 1.96 8.67 -11.50
C ILE A 148 0.88 9.66 -11.95
N VAL A 149 1.26 10.91 -12.17
CA VAL A 149 0.29 11.90 -12.63
C VAL A 149 0.21 12.01 -14.17
N PRO A 150 1.21 11.50 -14.95
CA PRO A 150 1.17 11.60 -16.41
C PRO A 150 0.27 10.56 -17.08
N HIS A 151 0.46 9.28 -16.75
CA HIS A 151 -0.34 8.22 -17.35
C HIS A 151 -1.79 8.29 -16.93
N ILE A 152 -2.03 8.53 -15.65
CA ILE A 152 -3.39 8.62 -15.12
C ILE A 152 -4.22 9.60 -15.96
N LEU A 153 -3.54 10.54 -16.61
CA LEU A 153 -4.22 11.53 -17.44
C LEU A 153 -4.42 11.00 -18.86
N LYS A 154 -3.55 10.09 -19.27
CA LYS A 154 -3.63 9.50 -20.60
C LYS A 154 -4.91 8.70 -20.78
N GLY A 155 -5.39 8.11 -19.69
CA GLY A 155 -6.60 7.32 -19.75
C GLY A 155 -6.36 5.85 -19.41
N GLU A 156 -5.46 5.61 -18.48
CA GLU A 156 -5.14 4.24 -18.07
C GLU A 156 -5.37 4.07 -16.57
N LYS A 157 -5.62 2.83 -16.15
CA LYS A 157 -5.84 2.54 -14.74
C LYS A 157 -4.61 1.84 -14.16
N VAL A 158 -4.41 1.90 -12.84
CA VAL A 158 -3.21 1.30 -12.26
C VAL A 158 -3.42 0.47 -10.97
N LEU A 159 -2.35 -0.25 -10.61
CA LEU A 159 -2.27 -1.07 -9.40
C LEU A 159 -1.26 -0.45 -8.44
N ILE A 160 -1.54 -0.45 -7.15
CA ILE A 160 -0.60 0.10 -6.18
C ILE A 160 -0.42 -0.86 -5.01
N ALA A 161 0.80 -1.39 -4.87
CA ALA A 161 1.09 -2.32 -3.79
C ALA A 161 2.31 -1.88 -2.99
N ALA A 162 2.07 -1.46 -1.76
CA ALA A 162 3.14 -1.01 -0.89
C ALA A 162 2.88 -1.40 0.57
N HIS A 163 2.25 -0.50 1.33
CA HIS A 163 1.94 -0.76 2.73
C HIS A 163 0.85 0.17 3.23
N GLY A 164 0.22 -0.20 4.35
CA GLY A 164 -0.82 0.62 4.92
C GLY A 164 -0.40 2.07 5.01
N ASN A 165 0.83 2.30 5.46
CA ASN A 165 1.35 3.65 5.58
C ASN A 165 1.40 4.32 4.22
N SER A 166 2.07 3.69 3.26
CA SER A 166 2.15 4.23 1.92
C SER A 166 0.74 4.50 1.41
N LEU A 167 -0.11 3.48 1.50
CA LEU A 167 -1.50 3.60 1.08
C LEU A 167 -2.15 4.76 1.81
N ARG A 168 -1.94 4.81 3.12
CA ARG A 168 -2.49 5.89 3.92
C ARG A 168 -2.01 7.22 3.37
N ALA A 169 -0.70 7.29 3.11
CA ALA A 169 -0.10 8.49 2.55
C ALA A 169 -0.81 8.90 1.26
N LEU A 170 -0.82 7.99 0.28
CA LEU A 170 -1.50 8.29 -0.98
C LEU A 170 -2.98 8.48 -0.75
N ILE A 171 -3.64 7.41 -0.29
CA ILE A 171 -5.06 7.45 -0.05
C ILE A 171 -5.48 8.74 0.67
N MET A 172 -4.67 9.20 1.63
CA MET A 172 -4.99 10.43 2.33
C MET A 172 -4.63 11.64 1.48
N ASP A 173 -3.43 11.63 0.91
CA ASP A 173 -3.00 12.73 0.05
C ASP A 173 -3.90 12.85 -1.17
N LEU A 174 -4.54 11.74 -1.53
CA LEU A 174 -5.44 11.72 -2.67
C LEU A 174 -6.88 11.95 -2.23
N GLU A 175 -7.35 11.14 -1.28
CA GLU A 175 -8.70 11.28 -0.77
C GLU A 175 -8.87 12.63 -0.06
N GLY A 176 -7.77 13.14 0.48
CA GLY A 176 -7.81 14.42 1.17
C GLY A 176 -8.19 14.27 2.63
N LEU A 177 -7.61 13.29 3.30
CA LEU A 177 -7.88 13.05 4.71
C LEU A 177 -7.09 14.01 5.58
N THR A 178 -7.14 13.80 6.89
CA THR A 178 -6.42 14.64 7.84
C THR A 178 -5.63 13.81 8.82
N GLY A 179 -4.95 14.48 9.75
CA GLY A 179 -4.15 13.78 10.73
C GLY A 179 -4.98 12.90 11.66
N ASP A 180 -6.13 13.42 12.08
CA ASP A 180 -7.01 12.66 12.99
C ASP A 180 -8.04 11.85 12.21
N GLN A 181 -7.75 11.58 10.94
CA GLN A 181 -8.66 10.80 10.10
C GLN A 181 -7.92 9.68 9.40
N ILE A 182 -6.92 10.04 8.60
CA ILE A 182 -6.13 9.04 7.87
C ILE A 182 -5.58 8.00 8.84
N VAL A 183 -5.35 8.42 10.08
CA VAL A 183 -4.84 7.53 11.11
C VAL A 183 -5.89 6.49 11.52
N LYS A 184 -7.11 6.65 11.03
CA LYS A 184 -8.20 5.73 11.36
C LYS A 184 -8.53 4.82 10.18
N ARG A 185 -8.17 5.24 8.97
CA ARG A 185 -8.44 4.46 7.77
C ARG A 185 -7.97 3.01 7.96
N GLU A 186 -8.18 2.18 6.95
CA GLU A 186 -7.75 0.79 7.03
C GLU A 186 -7.80 0.12 5.65
N LEU A 187 -7.09 -0.99 5.53
CA LEU A 187 -7.05 -1.73 4.27
C LEU A 187 -7.03 -3.24 4.52
N ALA A 188 -6.97 -4.02 3.45
CA ALA A 188 -6.94 -5.47 3.56
C ALA A 188 -5.66 -6.04 2.98
N THR A 189 -5.22 -7.16 3.54
CA THR A 189 -3.99 -7.82 3.08
C THR A 189 -4.33 -8.96 2.12
N GLY A 190 -3.95 -8.80 0.86
CA GLY A 190 -4.22 -9.82 -0.14
C GLY A 190 -5.23 -9.39 -1.17
N VAL A 191 -6.28 -8.71 -0.73
CA VAL A 191 -7.32 -8.23 -1.63
C VAL A 191 -7.02 -6.81 -2.11
N PRO A 192 -7.09 -6.57 -3.43
CA PRO A 192 -6.81 -5.26 -4.01
C PRO A 192 -8.02 -4.33 -3.98
N ILE A 193 -7.84 -3.14 -3.38
CA ILE A 193 -8.92 -2.17 -3.29
C ILE A 193 -8.90 -1.23 -4.49
N VAL A 194 -10.06 -0.75 -4.91
CA VAL A 194 -10.15 0.14 -6.07
C VAL A 194 -10.55 1.56 -5.66
N TYR A 195 -9.82 2.54 -6.16
CA TYR A 195 -10.10 3.94 -5.88
C TYR A 195 -10.46 4.69 -7.15
N HIS A 196 -11.61 5.34 -7.16
CA HIS A 196 -12.03 6.11 -8.33
C HIS A 196 -11.47 7.53 -8.25
N LEU A 197 -10.24 7.69 -8.73
CA LEU A 197 -9.58 9.00 -8.71
C LEU A 197 -9.92 9.82 -9.93
N ASP A 198 -9.65 11.11 -9.85
CA ASP A 198 -9.89 12.04 -10.95
C ASP A 198 -8.64 12.22 -11.78
N LYS A 199 -8.68 13.15 -12.72
CA LYS A 199 -7.54 13.41 -13.59
C LYS A 199 -6.47 14.24 -12.86
N ASP A 200 -6.71 14.56 -11.59
CA ASP A 200 -5.76 15.34 -10.81
C ASP A 200 -5.21 14.55 -9.62
N GLY A 201 -5.49 13.24 -9.60
CA GLY A 201 -5.01 12.41 -8.51
C GLY A 201 -5.81 12.59 -7.24
N LYS A 202 -7.14 12.67 -7.37
CA LYS A 202 -8.01 12.84 -6.22
C LYS A 202 -9.22 11.91 -6.31
N TYR A 203 -9.65 11.41 -5.15
CA TYR A 203 -10.79 10.50 -5.10
C TYR A 203 -12.05 11.18 -5.64
N VAL A 204 -12.84 10.41 -6.38
CA VAL A 204 -14.07 10.92 -6.96
C VAL A 204 -15.19 9.89 -6.89
N SER A 205 -15.07 8.98 -5.93
CA SER A 205 -16.06 7.93 -5.74
C SER A 205 -15.70 7.07 -4.53
N LYS A 206 -16.23 5.87 -4.47
CA LYS A 206 -15.96 4.96 -3.36
C LYS A 206 -15.09 3.79 -3.81
N GLU A 207 -14.56 3.06 -2.84
CA GLU A 207 -13.71 1.92 -3.14
C GLU A 207 -14.38 0.61 -2.72
N LEU A 208 -13.80 -0.50 -3.15
CA LEU A 208 -14.33 -1.81 -2.83
C LEU A 208 -13.45 -2.93 -3.41
N ILE A 209 -13.63 -4.13 -2.88
CA ILE A 209 -12.86 -5.28 -3.33
C ILE A 209 -13.67 -6.11 -4.33
N ASP A 210 -12.98 -6.81 -5.22
CA ASP A 210 -13.65 -7.64 -6.22
C ASP A 210 -14.33 -8.82 -5.55
N ASN A 211 -13.62 -9.48 -4.64
CA ASN A 211 -14.16 -10.63 -3.92
C ASN A 211 -14.86 -11.60 -4.87
N MET A 1 -10.40 1.07 -15.22
CA MET A 1 -10.07 1.39 -16.63
C MET A 1 -10.59 2.77 -17.03
N THR A 2 -9.88 3.81 -16.61
CA THR A 2 -10.28 5.18 -16.93
C THR A 2 -10.11 5.46 -18.42
N THR A 3 -11.23 5.63 -19.12
CA THR A 3 -11.21 5.91 -20.54
C THR A 3 -11.75 7.30 -20.84
N GLU A 4 -11.69 8.18 -19.84
CA GLU A 4 -12.17 9.55 -20.00
C GLU A 4 -11.12 10.57 -19.60
N ALA A 5 -9.87 10.11 -19.46
CA ALA A 5 -8.77 10.98 -19.08
C ALA A 5 -9.13 11.87 -17.89
N ALA A 6 -10.06 11.41 -17.07
CA ALA A 6 -10.48 12.18 -15.91
C ALA A 6 -10.52 11.31 -14.65
N PRO A 7 -11.49 10.40 -14.52
CA PRO A 7 -11.60 9.53 -13.34
C PRO A 7 -10.62 8.36 -13.39
N ASN A 8 -9.34 8.63 -13.13
CA ASN A 8 -8.34 7.57 -13.16
C ASN A 8 -8.65 6.51 -12.10
N LEU A 9 -8.51 5.24 -12.48
CA LEU A 9 -8.79 4.13 -11.57
C LEU A 9 -7.49 3.61 -10.95
N LEU A 10 -7.46 3.58 -9.63
CA LEU A 10 -6.28 3.12 -8.90
C LEU A 10 -6.61 1.96 -7.97
N VAL A 11 -5.98 0.82 -8.23
CA VAL A 11 -6.19 -0.34 -7.38
C VAL A 11 -5.00 -0.57 -6.44
N LEU A 12 -5.28 -0.52 -5.15
CA LEU A 12 -4.25 -0.72 -4.14
C LEU A 12 -4.30 -2.15 -3.62
N THR A 13 -3.15 -2.82 -3.60
CA THR A 13 -3.08 -4.19 -3.13
C THR A 13 -1.90 -4.39 -2.19
N ARG A 14 -2.18 -4.39 -0.89
CA ARG A 14 -1.16 -4.58 0.12
C ARG A 14 -0.80 -6.05 0.25
N HIS A 15 0.49 -6.36 0.15
CA HIS A 15 0.96 -7.74 0.27
C HIS A 15 0.26 -8.47 1.41
N GLY A 16 0.00 -9.76 1.22
CA GLY A 16 -0.68 -10.54 2.24
C GLY A 16 -0.01 -10.44 3.61
N GLU A 17 0.69 -11.50 4.00
CA GLU A 17 1.38 -11.53 5.28
C GLU A 17 2.77 -12.17 5.14
N SER A 18 3.74 -11.61 5.84
CA SER A 18 5.10 -12.13 5.80
C SER A 18 5.40 -12.95 7.05
N GLU A 19 6.51 -13.69 7.00
CA GLU A 19 6.91 -14.53 8.13
C GLU A 19 6.91 -13.73 9.43
N TRP A 20 7.07 -12.40 9.31
CA TRP A 20 7.08 -11.53 10.46
C TRP A 20 5.77 -11.62 11.23
N ASN A 21 4.70 -11.99 10.51
CA ASN A 21 3.39 -12.13 11.12
C ASN A 21 3.40 -13.25 12.16
N LYS A 22 4.17 -14.30 11.88
CA LYS A 22 4.28 -15.43 12.79
C LYS A 22 5.02 -15.03 14.06
N LEU A 23 6.15 -14.35 13.88
CA LEU A 23 6.95 -13.90 15.01
C LEU A 23 6.24 -12.78 15.78
N ASN A 24 5.37 -12.07 15.08
CA ASN A 24 4.62 -10.97 15.68
C ASN A 24 5.52 -9.79 16.01
N LEU A 25 6.28 -9.33 15.02
CA LEU A 25 7.18 -8.20 15.21
C LEU A 25 6.87 -7.10 14.21
N PHE A 26 7.70 -6.06 14.20
CA PHE A 26 7.51 -4.95 13.29
C PHE A 26 8.33 -5.14 12.00
N THR A 27 8.22 -4.21 11.07
CA THR A 27 8.96 -4.30 9.81
C THR A 27 9.91 -3.12 9.64
N GLY A 28 9.39 -2.01 9.13
CA GLY A 28 10.21 -0.83 8.93
C GLY A 28 10.70 -0.72 7.50
N TRP A 29 11.99 -1.02 7.30
CA TRP A 29 12.58 -0.95 5.97
C TRP A 29 13.08 -2.32 5.52
N LYS A 30 13.52 -3.14 6.47
CA LYS A 30 14.02 -4.47 6.17
C LYS A 30 13.08 -5.22 5.24
N ASP A 31 13.64 -6.10 4.43
CA ASP A 31 12.85 -6.89 3.49
C ASP A 31 12.67 -8.33 4.00
N PRO A 32 11.53 -8.62 4.65
CA PRO A 32 11.25 -9.96 5.17
C PRO A 32 10.79 -10.92 4.09
N ALA A 33 10.29 -12.08 4.51
CA ALA A 33 9.83 -13.09 3.56
C ALA A 33 8.31 -13.27 3.63
N LEU A 34 7.71 -13.65 2.52
CA LEU A 34 6.27 -13.86 2.45
C LEU A 34 5.91 -15.28 2.89
N SER A 35 4.62 -15.53 3.11
CA SER A 35 4.17 -16.85 3.52
C SER A 35 3.08 -17.38 2.60
N GLU A 36 2.71 -18.64 2.82
CA GLU A 36 1.66 -19.28 2.02
C GLU A 36 0.41 -18.42 2.00
N THR A 37 0.07 -17.86 3.16
CA THR A 37 -1.10 -17.00 3.27
C THR A 37 -0.87 -15.77 2.42
N GLY A 38 0.38 -15.32 2.38
CA GLY A 38 0.73 -14.17 1.58
C GLY A 38 0.62 -14.50 0.11
N ILE A 39 1.33 -15.54 -0.31
CA ILE A 39 1.27 -15.98 -1.71
C ILE A 39 -0.18 -16.28 -2.06
N LYS A 40 -0.82 -17.07 -1.21
CA LYS A 40 -2.22 -17.43 -1.38
C LYS A 40 -3.04 -16.14 -1.44
N GLU A 41 -2.70 -15.21 -0.55
CA GLU A 41 -3.37 -13.92 -0.51
C GLU A 41 -3.21 -13.21 -1.84
N ALA A 42 -1.97 -13.14 -2.31
CA ALA A 42 -1.68 -12.51 -3.59
C ALA A 42 -2.46 -13.22 -4.69
N LYS A 43 -2.33 -14.54 -4.74
CA LYS A 43 -3.04 -15.34 -5.73
C LYS A 43 -4.53 -15.04 -5.65
N LEU A 44 -5.11 -15.27 -4.48
CA LEU A 44 -6.52 -15.01 -4.26
C LEU A 44 -6.83 -13.57 -4.64
N GLY A 45 -5.92 -12.66 -4.27
CA GLY A 45 -6.09 -11.27 -4.60
C GLY A 45 -6.20 -11.06 -6.09
N GLY A 46 -5.14 -11.44 -6.81
CA GLY A 46 -5.15 -11.32 -8.25
C GLY A 46 -6.31 -12.08 -8.85
N GLU A 47 -6.43 -13.35 -8.46
CA GLU A 47 -7.53 -14.19 -8.95
C GLU A 47 -8.86 -13.51 -8.65
N ARG A 48 -8.93 -12.88 -7.48
CA ARG A 48 -10.14 -12.17 -7.08
C ARG A 48 -10.33 -10.94 -7.95
N LEU A 49 -9.26 -10.16 -8.10
CA LEU A 49 -9.31 -8.96 -8.93
C LEU A 49 -9.66 -9.34 -10.36
N LYS A 50 -8.79 -10.10 -10.99
CA LYS A 50 -9.00 -10.54 -12.36
C LYS A 50 -10.37 -11.20 -12.52
N SER A 51 -10.77 -11.97 -11.52
CA SER A 51 -12.06 -12.65 -11.54
C SER A 51 -13.18 -11.69 -11.89
N ARG A 52 -13.40 -10.69 -11.03
CA ARG A 52 -14.44 -9.70 -11.25
C ARG A 52 -14.36 -9.12 -12.65
N GLY A 53 -13.16 -9.14 -13.22
CA GLY A 53 -12.95 -8.61 -14.55
C GLY A 53 -12.25 -7.27 -14.55
N TYR A 54 -11.37 -7.07 -13.57
CA TYR A 54 -10.63 -5.82 -13.46
C TYR A 54 -9.24 -5.96 -14.08
N LYS A 55 -9.04 -5.30 -15.21
CA LYS A 55 -7.75 -5.34 -15.89
C LYS A 55 -6.89 -4.17 -15.48
N PHE A 56 -5.60 -4.30 -15.72
CA PHE A 56 -4.64 -3.27 -15.35
C PHE A 56 -3.96 -2.62 -16.54
N ASP A 57 -3.51 -1.39 -16.33
CA ASP A 57 -2.78 -0.62 -17.33
C ASP A 57 -1.41 -0.29 -16.78
N ILE A 58 -1.40 0.11 -15.51
CA ILE A 58 -0.16 0.43 -14.81
C ILE A 58 -0.09 -0.31 -13.48
N ALA A 59 1.11 -0.60 -13.01
CA ALA A 59 1.29 -1.29 -11.74
C ALA A 59 2.42 -0.67 -10.94
N PHE A 60 2.16 -0.38 -9.67
CA PHE A 60 3.16 0.23 -8.79
C PHE A 60 3.37 -0.59 -7.53
N THR A 61 4.59 -1.06 -7.34
CA THR A 61 4.90 -1.84 -6.15
C THR A 61 5.95 -1.15 -5.30
N SER A 62 6.19 -1.67 -4.11
CA SER A 62 7.20 -1.09 -3.23
C SER A 62 8.57 -1.61 -3.66
N ALA A 63 9.62 -1.08 -3.05
CA ALA A 63 10.98 -1.53 -3.37
C ALA A 63 11.40 -2.71 -2.49
N LEU A 64 10.43 -3.52 -2.06
CA LEU A 64 10.71 -4.67 -1.21
C LEU A 64 10.38 -5.99 -1.92
N GLN A 65 11.17 -7.01 -1.63
CA GLN A 65 10.97 -8.32 -2.24
C GLN A 65 9.51 -8.76 -2.11
N ARG A 66 8.95 -8.56 -0.91
CA ARG A 66 7.56 -8.92 -0.64
C ARG A 66 6.66 -8.41 -1.76
N ALA A 67 6.62 -7.09 -1.90
CA ALA A 67 5.81 -6.47 -2.93
C ALA A 67 6.27 -6.96 -4.30
N GLN A 68 7.59 -7.14 -4.45
CA GLN A 68 8.13 -7.64 -5.72
C GLN A 68 7.48 -8.97 -6.04
N LYS A 69 7.55 -9.89 -5.09
CA LYS A 69 6.96 -11.20 -5.24
C LYS A 69 5.45 -11.08 -5.38
N THR A 70 4.86 -10.30 -4.49
CA THR A 70 3.42 -10.08 -4.50
C THR A 70 2.98 -9.58 -5.87
N CYS A 71 3.83 -8.76 -6.50
CA CYS A 71 3.53 -8.23 -7.83
C CYS A 71 3.60 -9.32 -8.88
N GLN A 72 4.76 -9.97 -8.97
CA GLN A 72 4.95 -11.04 -9.94
C GLN A 72 3.83 -12.07 -9.83
N ILE A 73 3.58 -12.54 -8.62
CA ILE A 73 2.52 -13.51 -8.38
C ILE A 73 1.19 -12.98 -8.89
N ILE A 74 0.71 -11.91 -8.25
CA ILE A 74 -0.56 -11.30 -8.64
C ILE A 74 -0.59 -11.04 -10.15
N LEU A 75 0.53 -10.54 -10.67
CA LEU A 75 0.65 -10.26 -12.10
C LEU A 75 0.51 -11.55 -12.91
N GLU A 76 1.40 -12.50 -12.64
CA GLU A 76 1.37 -13.78 -13.34
C GLU A 76 0.06 -14.50 -13.07
N GLU A 77 -0.58 -14.17 -11.95
CA GLU A 77 -1.85 -14.79 -11.59
C GLU A 77 -2.99 -14.13 -12.35
N VAL A 78 -3.06 -12.80 -12.27
CA VAL A 78 -4.09 -12.05 -12.96
C VAL A 78 -4.09 -12.41 -14.45
N GLY A 79 -2.95 -12.86 -14.94
CA GLY A 79 -2.85 -13.24 -16.34
C GLY A 79 -2.47 -12.07 -17.24
N GLU A 80 -1.89 -11.03 -16.66
CA GLU A 80 -1.48 -9.86 -17.42
C GLU A 80 -0.09 -9.38 -17.02
N PRO A 81 0.94 -10.26 -17.10
CA PRO A 81 2.31 -9.90 -16.75
C PRO A 81 2.84 -8.76 -17.60
N ASN A 82 2.51 -8.79 -18.89
CA ASN A 82 2.95 -7.75 -19.82
C ASN A 82 2.66 -6.36 -19.27
N LEU A 83 1.65 -6.28 -18.40
CA LEU A 83 1.25 -5.01 -17.79
C LEU A 83 2.46 -4.24 -17.30
N GLU A 84 2.36 -2.92 -17.26
CA GLU A 84 3.45 -2.08 -16.80
C GLU A 84 3.58 -2.14 -15.28
N THR A 85 4.42 -3.06 -14.81
CA THR A 85 4.62 -3.22 -13.38
C THR A 85 5.89 -2.50 -12.95
N ILE A 86 5.72 -1.47 -12.12
CA ILE A 86 6.85 -0.69 -11.64
C ILE A 86 6.89 -0.69 -10.11
N LYS A 87 8.00 -0.19 -9.56
CA LYS A 87 8.15 -0.14 -8.13
C LYS A 87 8.78 1.17 -7.67
N SER A 88 8.62 1.48 -6.39
CA SER A 88 9.19 2.69 -5.83
C SER A 88 9.88 2.42 -4.49
N GLU A 89 10.94 3.17 -4.22
CA GLU A 89 11.67 3.03 -2.97
C GLU A 89 10.90 3.73 -1.86
N LYS A 90 10.23 4.82 -2.22
CA LYS A 90 9.42 5.56 -1.29
C LYS A 90 8.09 4.85 -1.04
N LEU A 91 7.80 3.82 -1.83
CA LEU A 91 6.57 3.07 -1.67
C LEU A 91 6.68 2.09 -0.51
N ASN A 92 7.91 1.84 -0.06
CA ASN A 92 8.14 0.94 1.06
C ASN A 92 7.32 1.35 2.27
N GLU A 93 7.56 0.71 3.41
CA GLU A 93 6.83 1.03 4.62
C GLU A 93 7.49 2.19 5.36
N ARG A 94 6.79 2.71 6.35
CA ARG A 94 7.31 3.82 7.15
C ARG A 94 8.41 3.32 8.10
N TYR A 95 9.59 3.92 7.98
CA TYR A 95 10.71 3.54 8.84
C TYR A 95 10.29 3.53 10.30
N TYR A 96 10.62 2.45 11.00
CA TYR A 96 10.27 2.33 12.41
C TYR A 96 11.46 2.58 13.31
N GLY A 97 12.48 3.26 12.78
CA GLY A 97 13.66 3.55 13.57
C GLY A 97 14.21 2.33 14.28
N ASP A 98 14.39 2.46 15.59
CA ASP A 98 14.90 1.36 16.39
C ASP A 98 13.77 0.47 16.92
N LEU A 99 12.59 0.60 16.33
CA LEU A 99 11.44 -0.19 16.74
C LEU A 99 11.17 -1.32 15.75
N GLN A 100 11.45 -1.07 14.47
CA GLN A 100 11.23 -2.07 13.42
C GLN A 100 11.69 -3.46 13.87
N GLY A 101 10.86 -4.45 13.58
CA GLY A 101 11.19 -5.82 13.95
C GLY A 101 10.90 -6.14 15.40
N LEU A 102 10.36 -5.18 16.15
CA LEU A 102 10.05 -5.38 17.56
C LEU A 102 8.70 -6.08 17.69
N ASN A 103 8.56 -6.86 18.76
CA ASN A 103 7.34 -7.60 19.02
C ASN A 103 6.16 -6.64 19.30
N LYS A 104 5.14 -6.70 18.45
CA LYS A 104 3.96 -5.86 18.61
C LYS A 104 3.47 -5.91 20.05
N ASP A 105 3.36 -7.11 20.59
CA ASP A 105 2.93 -7.28 21.96
C ASP A 105 3.91 -6.56 22.88
N ASP A 106 5.19 -6.65 22.56
CA ASP A 106 6.22 -5.97 23.33
C ASP A 106 5.95 -4.48 23.27
N ALA A 107 5.83 -3.96 22.05
CA ALA A 107 5.54 -2.54 21.86
C ALA A 107 4.26 -2.18 22.60
N ARG A 108 3.19 -2.89 22.25
CA ARG A 108 1.89 -2.68 22.87
C ARG A 108 1.97 -2.92 24.38
N LYS A 109 3.00 -3.65 24.81
CA LYS A 109 3.20 -3.95 26.22
C LYS A 109 3.95 -2.80 26.89
N LYS A 110 5.15 -2.52 26.41
CA LYS A 110 5.98 -1.44 26.95
C LYS A 110 5.74 -0.16 26.15
N TRP A 111 4.54 0.40 26.31
CA TRP A 111 4.11 1.62 25.62
C TRP A 111 2.59 1.70 25.53
N GLY A 112 1.94 0.54 25.66
CA GLY A 112 0.48 0.49 25.60
C GLY A 112 -0.07 1.09 24.32
N ALA A 113 -1.34 0.76 24.04
CA ALA A 113 -2.01 1.27 22.86
C ALA A 113 -1.76 2.76 22.71
N GLU A 114 -1.68 3.46 23.83
CA GLU A 114 -1.44 4.89 23.82
C GLU A 114 -0.11 5.21 23.14
N GLN A 115 0.99 5.02 23.88
CA GLN A 115 2.31 5.30 23.32
C GLN A 115 2.48 4.57 21.99
N VAL A 116 2.10 3.30 21.98
CA VAL A 116 2.19 2.50 20.76
C VAL A 116 1.43 3.20 19.63
N GLN A 117 0.19 3.61 19.90
CA GLN A 117 -0.61 4.31 18.90
C GLN A 117 0.15 5.50 18.38
N ILE A 118 0.57 6.38 19.27
CA ILE A 118 1.34 7.56 18.87
C ILE A 118 2.68 7.15 18.27
N TRP A 119 3.07 5.88 18.46
CA TRP A 119 4.33 5.39 17.94
C TRP A 119 4.14 4.76 16.56
N ARG A 120 3.02 4.07 16.35
CA ARG A 120 2.77 3.40 15.07
C ARG A 120 1.63 4.06 14.28
N ARG A 121 0.60 4.52 14.98
CA ARG A 121 -0.54 5.14 14.34
C ARG A 121 -0.36 6.65 14.18
N SER A 122 0.59 7.23 14.92
CA SER A 122 0.87 8.68 14.84
C SER A 122 0.74 9.19 13.40
N TYR A 123 0.36 10.46 13.26
CA TYR A 123 0.19 11.06 11.94
C TYR A 123 1.43 11.86 11.51
N ASP A 124 1.95 12.68 12.40
CA ASP A 124 3.13 13.51 12.09
C ASP A 124 4.33 13.08 12.89
N ILE A 125 4.09 12.65 14.13
CA ILE A 125 5.16 12.21 15.00
C ILE A 125 5.61 10.80 14.62
N ALA A 126 6.89 10.51 14.87
CA ALA A 126 7.44 9.20 14.55
C ALA A 126 8.35 8.69 15.65
N PRO A 127 8.46 7.35 15.78
CA PRO A 127 9.31 6.72 16.80
C PRO A 127 10.76 7.15 16.67
N PRO A 128 11.55 6.98 17.75
CA PRO A 128 12.97 7.35 17.73
C PRO A 128 13.68 6.77 16.51
N ASN A 129 13.96 7.63 15.52
CA ASN A 129 14.62 7.23 14.28
C ASN A 129 13.60 6.84 13.21
N GLY A 130 12.41 6.45 13.65
CA GLY A 130 11.36 6.06 12.73
C GLY A 130 10.82 7.22 11.92
N GLU A 131 9.77 6.95 11.15
CA GLU A 131 9.15 7.96 10.30
C GLU A 131 7.66 8.10 10.63
N SER A 132 7.01 9.08 10.02
CA SER A 132 5.59 9.31 10.24
C SER A 132 4.83 9.26 8.92
N LEU A 133 3.61 9.80 8.91
CA LEU A 133 2.79 9.80 7.71
C LEU A 133 3.22 10.90 6.75
N LYS A 134 3.16 12.14 7.22
CA LYS A 134 3.54 13.30 6.40
C LYS A 134 4.90 13.05 5.72
N ASP A 135 5.83 12.44 6.45
CA ASP A 135 7.13 12.13 5.89
C ASP A 135 6.99 11.12 4.77
N THR A 136 6.61 9.90 5.14
CA THR A 136 6.40 8.83 4.17
C THR A 136 5.62 9.36 2.97
N ALA A 137 4.51 10.02 3.25
CA ALA A 137 3.71 10.61 2.19
C ALA A 137 4.56 11.62 1.43
N GLU A 138 5.13 12.57 2.16
CA GLU A 138 5.97 13.59 1.57
C GLU A 138 7.02 12.97 0.63
N ARG A 139 7.37 11.71 0.88
CA ARG A 139 8.34 11.02 0.04
C ARG A 139 7.66 10.00 -0.88
N VAL A 140 6.40 9.68 -0.59
CA VAL A 140 5.63 8.74 -1.41
C VAL A 140 4.79 9.48 -2.45
N LEU A 141 4.51 10.75 -2.19
CA LEU A 141 3.69 11.55 -3.09
C LEU A 141 4.46 11.98 -4.33
N PRO A 142 5.70 12.47 -4.17
CA PRO A 142 6.51 12.90 -5.32
C PRO A 142 6.52 11.83 -6.40
N TYR A 143 6.80 10.59 -5.99
CA TYR A 143 6.79 9.47 -6.91
C TYR A 143 5.42 9.40 -7.56
N TYR A 144 4.40 9.52 -6.71
CA TYR A 144 3.02 9.51 -7.16
C TYR A 144 2.82 10.60 -8.20
N LYS A 145 2.92 11.84 -7.77
CA LYS A 145 2.75 12.95 -8.70
C LYS A 145 3.68 12.81 -9.91
N SER A 146 4.98 12.85 -9.64
CA SER A 146 6.00 12.76 -10.67
C SER A 146 5.82 11.57 -11.62
N THR A 147 5.88 10.36 -11.08
CA THR A 147 5.79 9.16 -11.93
C THR A 147 4.39 8.57 -12.02
N ILE A 148 3.39 9.24 -11.47
CA ILE A 148 2.03 8.69 -11.55
C ILE A 148 0.98 9.73 -11.93
N VAL A 149 1.39 10.97 -12.11
CA VAL A 149 0.44 12.00 -12.52
C VAL A 149 0.35 12.17 -14.06
N PRO A 150 1.30 11.65 -14.87
CA PRO A 150 1.26 11.81 -16.32
C PRO A 150 0.31 10.83 -17.02
N HIS A 151 0.42 9.54 -16.69
CA HIS A 151 -0.43 8.52 -17.30
C HIS A 151 -1.89 8.66 -16.88
N ILE A 152 -2.11 8.91 -15.59
CA ILE A 152 -3.47 9.06 -15.07
C ILE A 152 -4.25 10.09 -15.89
N LEU A 153 -3.52 11.00 -16.54
CA LEU A 153 -4.15 12.04 -17.35
C LEU A 153 -4.37 11.55 -18.79
N LYS A 154 -3.69 10.47 -19.16
CA LYS A 154 -3.82 9.91 -20.50
C LYS A 154 -5.10 9.08 -20.64
N GLY A 155 -5.47 8.39 -19.57
CA GLY A 155 -6.66 7.57 -19.59
C GLY A 155 -6.37 6.11 -19.29
N GLU A 156 -5.60 5.86 -18.24
CA GLU A 156 -5.24 4.50 -17.85
C GLU A 156 -5.44 4.31 -16.35
N LYS A 157 -5.59 3.04 -15.92
CA LYS A 157 -5.77 2.74 -14.52
C LYS A 157 -4.50 2.08 -13.97
N VAL A 158 -4.29 2.17 -12.65
CA VAL A 158 -3.04 1.64 -12.06
C VAL A 158 -3.21 0.76 -10.82
N LEU A 159 -2.23 -0.13 -10.65
CA LEU A 159 -2.14 -1.02 -9.49
C LEU A 159 -1.16 -0.43 -8.49
N ILE A 160 -1.39 -0.65 -7.21
CA ILE A 160 -0.47 -0.13 -6.19
C ILE A 160 -0.30 -1.09 -5.03
N ALA A 161 0.87 -1.70 -4.97
CA ALA A 161 1.19 -2.66 -3.91
C ALA A 161 2.35 -2.15 -3.05
N ALA A 162 2.03 -1.69 -1.85
CA ALA A 162 3.06 -1.18 -0.95
C ALA A 162 2.86 -1.67 0.49
N HIS A 163 2.27 -0.84 1.35
CA HIS A 163 2.05 -1.21 2.75
C HIS A 163 1.00 -0.32 3.40
N GLY A 164 0.70 -0.63 4.66
CA GLY A 164 -0.27 0.17 5.40
C GLY A 164 0.11 1.64 5.37
N ASN A 165 1.36 1.93 5.68
CA ASN A 165 1.83 3.31 5.69
C ASN A 165 1.74 3.91 4.29
N SER A 166 2.38 3.28 3.31
CA SER A 166 2.33 3.78 1.95
C SER A 166 0.88 3.99 1.54
N LEU A 167 0.06 2.98 1.85
CA LEU A 167 -1.36 3.03 1.56
C LEU A 167 -2.00 4.20 2.29
N ARG A 168 -1.74 4.29 3.59
CA ARG A 168 -2.26 5.38 4.40
C ARG A 168 -1.87 6.71 3.78
N ALA A 169 -0.57 6.88 3.54
CA ALA A 169 -0.06 8.09 2.94
C ALA A 169 -0.74 8.36 1.60
N LEU A 170 -0.59 7.40 0.68
CA LEU A 170 -1.19 7.52 -0.64
C LEU A 170 -2.69 7.80 -0.54
N ILE A 171 -3.41 6.92 0.18
CA ILE A 171 -4.84 7.08 0.34
C ILE A 171 -5.17 8.42 1.00
N MET A 172 -4.50 8.74 2.11
CA MET A 172 -4.76 10.00 2.79
C MET A 172 -4.54 11.16 1.83
N ASP A 173 -3.46 11.08 1.05
CA ASP A 173 -3.15 12.10 0.07
C ASP A 173 -4.14 12.03 -1.09
N LEU A 174 -4.62 10.82 -1.35
CA LEU A 174 -5.56 10.59 -2.43
C LEU A 174 -6.96 11.08 -2.05
N GLU A 175 -7.34 10.87 -0.80
CA GLU A 175 -8.65 11.27 -0.31
C GLU A 175 -8.58 12.67 0.33
N GLY A 176 -7.38 13.08 0.73
CA GLY A 176 -7.22 14.37 1.36
C GLY A 176 -7.52 14.32 2.85
N LEU A 177 -7.34 13.14 3.44
CA LEU A 177 -7.60 12.95 4.86
C LEU A 177 -6.87 13.99 5.70
N THR A 178 -6.94 13.83 7.01
CA THR A 178 -6.30 14.75 7.94
C THR A 178 -5.38 14.00 8.91
N GLY A 179 -5.10 14.60 10.05
CA GLY A 179 -4.25 13.97 11.03
C GLY A 179 -5.02 13.08 11.99
N ASP A 180 -6.27 13.43 12.23
CA ASP A 180 -7.12 12.65 13.14
C ASP A 180 -8.17 11.85 12.37
N GLN A 181 -7.90 11.60 11.09
CA GLN A 181 -8.82 10.85 10.25
C GLN A 181 -8.10 9.67 9.61
N ILE A 182 -7.08 9.95 8.81
CA ILE A 182 -6.32 8.91 8.15
C ILE A 182 -5.85 7.86 9.16
N VAL A 183 -5.45 8.34 10.33
CA VAL A 183 -4.99 7.46 11.40
C VAL A 183 -6.02 6.37 11.69
N LYS A 184 -7.27 6.63 11.33
CA LYS A 184 -8.35 5.68 11.56
C LYS A 184 -8.48 4.71 10.37
N ARG A 185 -8.09 5.16 9.18
CA ARG A 185 -8.18 4.33 7.99
C ARG A 185 -7.58 2.95 8.24
N GLU A 186 -8.15 1.93 7.61
CA GLU A 186 -7.66 0.56 7.76
C GLU A 186 -7.85 -0.21 6.46
N LEU A 187 -6.82 -0.97 6.07
CA LEU A 187 -6.88 -1.75 4.84
C LEU A 187 -6.67 -3.24 5.12
N ALA A 188 -6.79 -4.05 4.08
CA ALA A 188 -6.62 -5.49 4.20
C ALA A 188 -5.25 -5.92 3.68
N THR A 189 -5.10 -7.22 3.44
CA THR A 189 -3.84 -7.76 2.93
C THR A 189 -4.09 -8.79 1.83
N GLY A 190 -3.70 -8.45 0.61
CA GLY A 190 -3.90 -9.35 -0.50
C GLY A 190 -5.09 -8.97 -1.36
N VAL A 191 -6.05 -8.28 -0.76
CA VAL A 191 -7.24 -7.86 -1.48
C VAL A 191 -7.04 -6.50 -2.15
N PRO A 192 -6.86 -6.49 -3.49
CA PRO A 192 -6.65 -5.24 -4.24
C PRO A 192 -7.88 -4.33 -4.24
N ILE A 193 -7.80 -3.25 -3.47
CA ILE A 193 -8.91 -2.30 -3.39
C ILE A 193 -8.83 -1.27 -4.52
N VAL A 194 -9.97 -0.98 -5.14
CA VAL A 194 -10.04 -0.03 -6.24
C VAL A 194 -10.53 1.34 -5.78
N TYR A 195 -9.72 2.37 -6.02
CA TYR A 195 -10.11 3.72 -5.64
C TYR A 195 -10.38 4.56 -6.88
N HIS A 196 -11.61 5.02 -7.03
CA HIS A 196 -11.98 5.85 -8.17
C HIS A 196 -11.37 7.23 -8.03
N LEU A 197 -10.22 7.44 -8.67
CA LEU A 197 -9.52 8.71 -8.60
C LEU A 197 -9.86 9.61 -9.79
N ASP A 198 -9.67 10.91 -9.59
CA ASP A 198 -9.92 11.89 -10.63
C ASP A 198 -8.63 12.18 -11.39
N LYS A 199 -8.66 13.19 -12.26
CA LYS A 199 -7.49 13.56 -13.03
C LYS A 199 -6.37 14.14 -12.16
N ASP A 200 -6.64 14.33 -10.87
CA ASP A 200 -5.64 14.87 -9.95
C ASP A 200 -5.27 13.86 -8.88
N GLY A 201 -5.33 12.58 -9.24
CA GLY A 201 -4.99 11.53 -8.29
C GLY A 201 -5.79 11.64 -7.01
N LYS A 202 -6.97 12.24 -7.10
CA LYS A 202 -7.83 12.42 -5.93
C LYS A 202 -9.04 11.50 -6.02
N TYR A 203 -9.43 10.94 -4.87
CA TYR A 203 -10.58 10.04 -4.80
C TYR A 203 -11.84 10.73 -5.31
N VAL A 204 -12.72 9.96 -5.93
CA VAL A 204 -13.98 10.50 -6.45
C VAL A 204 -15.10 9.47 -6.32
N SER A 205 -14.89 8.46 -5.46
CA SER A 205 -15.87 7.42 -5.24
C SER A 205 -15.48 6.60 -4.00
N LYS A 206 -15.89 5.33 -3.95
CA LYS A 206 -15.56 4.49 -2.81
C LYS A 206 -14.79 3.25 -3.24
N GLU A 207 -14.02 2.70 -2.31
CA GLU A 207 -13.22 1.51 -2.57
C GLU A 207 -14.06 0.41 -3.22
N LEU A 208 -13.39 -0.64 -3.66
CA LEU A 208 -14.07 -1.76 -4.31
C LEU A 208 -13.22 -3.02 -4.31
N ILE A 209 -13.67 -4.01 -3.55
CA ILE A 209 -12.96 -5.27 -3.44
C ILE A 209 -13.81 -6.41 -4.03
N ASP A 210 -13.17 -7.52 -4.34
CA ASP A 210 -13.86 -8.68 -4.91
C ASP A 210 -14.70 -9.37 -3.85
N ASN A 211 -14.06 -9.74 -2.74
CA ASN A 211 -14.74 -10.41 -1.65
C ASN A 211 -15.89 -9.56 -1.11
N MET A 1 -9.93 0.40 -14.00
CA MET A 1 -10.53 0.59 -15.35
C MET A 1 -10.96 2.04 -15.57
N THR A 2 -9.98 2.93 -15.68
CA THR A 2 -10.25 4.36 -15.89
C THR A 2 -11.36 4.55 -16.92
N THR A 3 -12.38 5.32 -16.56
CA THR A 3 -13.50 5.58 -17.45
C THR A 3 -13.03 5.98 -18.84
N GLU A 4 -12.49 7.19 -18.96
CA GLU A 4 -11.99 7.68 -20.24
C GLU A 4 -10.55 8.16 -20.13
N ALA A 5 -10.35 9.26 -19.40
CA ALA A 5 -9.02 9.81 -19.21
C ALA A 5 -8.93 10.57 -17.88
N ALA A 6 -9.87 11.47 -17.65
CA ALA A 6 -9.89 12.26 -16.42
C ALA A 6 -10.12 11.36 -15.21
N PRO A 7 -11.31 10.74 -15.10
CA PRO A 7 -11.64 9.85 -13.99
C PRO A 7 -10.83 8.56 -14.00
N ASN A 8 -9.54 8.68 -13.71
CA ASN A 8 -8.64 7.53 -13.70
C ASN A 8 -8.98 6.60 -12.54
N LEU A 9 -8.51 5.36 -12.63
CA LEU A 9 -8.75 4.38 -11.58
C LEU A 9 -7.43 3.90 -10.99
N LEU A 10 -7.46 3.46 -9.73
CA LEU A 10 -6.24 3.00 -9.08
C LEU A 10 -6.51 1.88 -8.08
N VAL A 11 -5.80 0.76 -8.24
CA VAL A 11 -5.96 -0.34 -7.31
C VAL A 11 -4.89 -0.32 -6.23
N LEU A 12 -5.33 -0.20 -4.99
CA LEU A 12 -4.43 -0.19 -3.85
C LEU A 12 -4.42 -1.56 -3.19
N THR A 13 -3.23 -2.08 -2.94
CA THR A 13 -3.10 -3.39 -2.32
C THR A 13 -1.91 -3.45 -1.38
N ARG A 14 -1.95 -4.40 -0.45
CA ARG A 14 -0.87 -4.58 0.51
C ARG A 14 -0.48 -6.04 0.60
N HIS A 15 0.83 -6.30 0.60
CA HIS A 15 1.33 -7.68 0.68
C HIS A 15 0.53 -8.49 1.69
N GLY A 16 -0.05 -9.59 1.21
CA GLY A 16 -0.86 -10.45 2.06
C GLY A 16 -0.32 -10.62 3.46
N GLU A 17 0.90 -11.12 3.57
CA GLU A 17 1.53 -11.32 4.87
C GLU A 17 2.98 -11.76 4.72
N SER A 18 3.80 -11.43 5.70
CA SER A 18 5.21 -11.79 5.68
C SER A 18 5.58 -12.60 6.92
N GLU A 19 6.74 -13.23 6.89
CA GLU A 19 7.21 -14.04 8.01
C GLU A 19 7.13 -13.26 9.32
N TRP A 20 7.18 -11.92 9.21
CA TRP A 20 7.11 -11.06 10.38
C TRP A 20 5.77 -11.22 11.09
N ASN A 21 4.76 -11.64 10.33
CA ASN A 21 3.42 -11.84 10.88
C ASN A 21 3.41 -13.03 11.84
N LYS A 22 3.91 -14.17 11.38
CA LYS A 22 3.96 -15.36 12.20
C LYS A 22 4.64 -15.07 13.53
N LEU A 23 5.71 -14.28 13.47
CA LEU A 23 6.45 -13.90 14.66
C LEU A 23 5.71 -12.82 15.45
N ASN A 24 4.89 -12.05 14.75
CA ASN A 24 4.12 -10.98 15.36
C ASN A 24 5.03 -9.85 15.84
N LEU A 25 5.85 -9.35 14.92
CA LEU A 25 6.77 -8.26 15.24
C LEU A 25 6.77 -7.20 14.15
N PHE A 26 7.34 -6.05 14.47
CA PHE A 26 7.42 -4.94 13.53
C PHE A 26 8.44 -5.23 12.43
N THR A 27 8.31 -4.54 11.29
CA THR A 27 9.22 -4.74 10.18
C THR A 27 9.91 -3.41 9.82
N GLY A 28 9.15 -2.48 9.28
CA GLY A 28 9.69 -1.19 8.92
C GLY A 28 10.38 -1.19 7.56
N TRP A 29 11.58 -0.63 7.52
CA TRP A 29 12.35 -0.55 6.28
C TRP A 29 12.85 -1.92 5.84
N LYS A 30 13.44 -2.66 6.78
CA LYS A 30 13.97 -3.99 6.49
C LYS A 30 13.02 -4.80 5.62
N ASP A 31 13.56 -5.51 4.65
CA ASP A 31 12.75 -6.32 3.74
C ASP A 31 12.59 -7.75 4.26
N PRO A 32 11.40 -8.10 4.76
CA PRO A 32 11.12 -9.44 5.28
C PRO A 32 10.87 -10.45 4.17
N ALA A 33 10.36 -11.62 4.54
CA ALA A 33 10.08 -12.67 3.56
C ALA A 33 8.60 -13.07 3.59
N LEU A 34 7.92 -12.90 2.47
CA LEU A 34 6.50 -13.24 2.37
C LEU A 34 6.25 -14.65 2.90
N SER A 35 4.98 -15.02 3.01
CA SER A 35 4.60 -16.34 3.50
C SER A 35 3.46 -16.93 2.69
N GLU A 36 3.09 -18.16 3.01
CA GLU A 36 2.01 -18.85 2.31
C GLU A 36 0.76 -17.98 2.31
N THR A 37 0.49 -17.32 3.44
CA THR A 37 -0.66 -16.44 3.55
C THR A 37 -0.51 -15.31 2.57
N GLY A 38 0.71 -14.79 2.48
CA GLY A 38 1.00 -13.72 1.55
C GLY A 38 0.84 -14.19 0.13
N ILE A 39 1.59 -15.26 -0.21
CA ILE A 39 1.50 -15.83 -1.55
C ILE A 39 0.05 -16.18 -1.86
N LYS A 40 -0.56 -16.96 -0.97
CA LYS A 40 -1.96 -17.34 -1.13
C LYS A 40 -2.80 -16.08 -1.25
N GLU A 41 -2.48 -15.09 -0.41
CA GLU A 41 -3.19 -13.82 -0.44
C GLU A 41 -3.07 -13.20 -1.82
N ALA A 42 -1.84 -13.16 -2.33
CA ALA A 42 -1.58 -12.62 -3.66
C ALA A 42 -2.37 -13.41 -4.69
N LYS A 43 -2.19 -14.73 -4.66
CA LYS A 43 -2.90 -15.61 -5.58
C LYS A 43 -4.40 -15.33 -5.51
N LEU A 44 -4.95 -15.46 -4.31
CA LEU A 44 -6.36 -15.19 -4.09
C LEU A 44 -6.69 -13.80 -4.57
N GLY A 45 -5.82 -12.84 -4.23
CA GLY A 45 -6.02 -11.48 -4.66
C GLY A 45 -6.13 -11.40 -6.17
N GLY A 46 -5.17 -12.03 -6.85
CA GLY A 46 -5.19 -12.05 -8.30
C GLY A 46 -6.42 -12.78 -8.82
N GLU A 47 -6.60 -14.01 -8.35
CA GLU A 47 -7.75 -14.80 -8.73
C GLU A 47 -9.03 -14.04 -8.44
N ARG A 48 -8.98 -13.24 -7.37
CA ARG A 48 -10.12 -12.42 -6.97
C ARG A 48 -10.25 -11.22 -7.91
N LEU A 49 -9.12 -10.57 -8.18
CA LEU A 49 -9.09 -9.41 -9.06
C LEU A 49 -9.54 -9.81 -10.47
N LYS A 50 -8.97 -10.90 -10.98
CA LYS A 50 -9.30 -11.38 -12.32
C LYS A 50 -10.70 -12.02 -12.36
N SER A 51 -11.06 -12.71 -11.28
CA SER A 51 -12.36 -13.37 -11.20
C SER A 51 -13.49 -12.44 -11.63
N ARG A 52 -13.68 -11.37 -10.86
CA ARG A 52 -14.73 -10.41 -11.16
C ARG A 52 -14.63 -9.91 -12.60
N GLY A 53 -13.59 -9.14 -12.88
CA GLY A 53 -13.39 -8.61 -14.21
C GLY A 53 -12.66 -7.28 -14.21
N TYR A 54 -11.53 -7.23 -13.51
CA TYR A 54 -10.74 -6.02 -13.42
C TYR A 54 -9.37 -6.22 -14.06
N LYS A 55 -9.12 -5.53 -15.17
CA LYS A 55 -7.84 -5.64 -15.87
C LYS A 55 -6.93 -4.49 -15.50
N PHE A 56 -5.63 -4.74 -15.54
CA PHE A 56 -4.65 -3.73 -15.18
C PHE A 56 -3.83 -3.23 -16.36
N ASP A 57 -3.35 -2.01 -16.23
CA ASP A 57 -2.51 -1.39 -17.26
C ASP A 57 -1.13 -1.08 -16.69
N ILE A 58 -1.09 -0.76 -15.40
CA ILE A 58 0.17 -0.45 -14.73
C ILE A 58 0.16 -0.97 -13.28
N ALA A 59 1.35 -1.22 -12.75
CA ALA A 59 1.48 -1.72 -11.38
C ALA A 59 2.56 -0.94 -10.62
N PHE A 60 2.20 -0.44 -9.45
CA PHE A 60 3.14 0.32 -8.63
C PHE A 60 3.49 -0.43 -7.34
N THR A 61 4.74 -0.86 -7.23
CA THR A 61 5.18 -1.59 -6.06
C THR A 61 6.31 -0.87 -5.31
N SER A 62 6.56 -1.27 -4.08
CA SER A 62 7.62 -0.66 -3.29
C SER A 62 8.95 -1.36 -3.54
N ALA A 63 10.04 -0.66 -3.28
CA ALA A 63 11.37 -1.23 -3.49
C ALA A 63 11.49 -2.58 -2.80
N LEU A 64 10.67 -2.81 -1.77
CA LEU A 64 10.70 -4.06 -1.02
C LEU A 64 10.21 -5.23 -1.87
N GLN A 65 10.95 -6.33 -1.83
CA GLN A 65 10.61 -7.52 -2.60
C GLN A 65 9.18 -7.97 -2.33
N ARG A 66 8.75 -7.84 -1.07
CA ARG A 66 7.39 -8.23 -0.68
C ARG A 66 6.37 -7.85 -1.75
N ALA A 67 6.20 -6.55 -1.93
CA ALA A 67 5.26 -6.05 -2.92
C ALA A 67 5.61 -6.59 -4.30
N GLN A 68 6.91 -6.69 -4.58
CA GLN A 68 7.38 -7.20 -5.87
C GLN A 68 6.85 -8.62 -6.07
N LYS A 69 7.04 -9.44 -5.04
CA LYS A 69 6.56 -10.81 -5.07
C LYS A 69 5.05 -10.83 -5.10
N THR A 70 4.45 -10.04 -4.22
CA THR A 70 3.00 -9.94 -4.14
C THR A 70 2.44 -9.41 -5.45
N CYS A 71 3.26 -8.66 -6.19
CA CYS A 71 2.85 -8.10 -7.47
C CYS A 71 2.98 -9.12 -8.59
N GLN A 72 4.16 -9.71 -8.71
CA GLN A 72 4.40 -10.71 -9.74
C GLN A 72 3.34 -11.80 -9.69
N ILE A 73 3.09 -12.31 -8.50
CA ILE A 73 2.10 -13.36 -8.30
C ILE A 73 0.72 -12.89 -8.77
N ILE A 74 0.22 -11.81 -8.17
CA ILE A 74 -1.07 -11.27 -8.55
C ILE A 74 -1.10 -10.93 -10.04
N LEU A 75 -0.05 -10.26 -10.51
CA LEU A 75 0.04 -9.91 -11.92
C LEU A 75 0.04 -11.17 -12.78
N GLU A 76 1.06 -12.01 -12.59
CA GLU A 76 1.14 -13.25 -13.33
C GLU A 76 -0.14 -14.07 -13.11
N GLU A 77 -0.79 -13.83 -11.98
CA GLU A 77 -2.02 -14.53 -11.65
C GLU A 77 -3.18 -14.02 -12.52
N VAL A 78 -3.41 -12.70 -12.47
CA VAL A 78 -4.48 -12.11 -13.27
C VAL A 78 -4.32 -12.47 -14.73
N GLY A 79 -3.07 -12.69 -15.15
CA GLY A 79 -2.81 -13.06 -16.53
C GLY A 79 -2.55 -11.85 -17.42
N GLU A 80 -1.91 -10.82 -16.86
CA GLU A 80 -1.61 -9.62 -17.63
C GLU A 80 -0.32 -8.96 -17.15
N PRO A 81 0.81 -9.69 -17.16
CA PRO A 81 2.10 -9.15 -16.74
C PRO A 81 2.66 -8.13 -17.72
N ASN A 82 2.18 -8.19 -18.97
CA ASN A 82 2.62 -7.29 -20.02
C ASN A 82 2.47 -5.82 -19.59
N LEU A 83 1.47 -5.55 -18.76
CA LEU A 83 1.21 -4.20 -18.29
C LEU A 83 2.49 -3.54 -17.78
N GLU A 84 2.41 -2.27 -17.39
CA GLU A 84 3.57 -1.56 -16.87
C GLU A 84 3.78 -1.86 -15.40
N THR A 85 4.71 -2.77 -15.10
CA THR A 85 5.01 -3.13 -13.72
C THR A 85 6.15 -2.25 -13.21
N ILE A 86 5.81 -1.26 -12.40
CA ILE A 86 6.79 -0.34 -11.87
C ILE A 86 6.76 -0.31 -10.34
N LYS A 87 7.85 0.17 -9.75
CA LYS A 87 7.96 0.25 -8.31
C LYS A 87 8.75 1.48 -7.89
N SER A 88 8.70 1.80 -6.60
CA SER A 88 9.42 2.96 -6.08
C SER A 88 10.07 2.66 -4.74
N GLU A 89 11.17 3.36 -4.47
CA GLU A 89 11.90 3.18 -3.22
C GLU A 89 11.15 3.91 -2.11
N LYS A 90 10.51 5.02 -2.47
CA LYS A 90 9.75 5.81 -1.54
C LYS A 90 8.43 5.10 -1.19
N LEU A 91 8.10 4.05 -1.94
CA LEU A 91 6.87 3.31 -1.70
C LEU A 91 7.07 2.26 -0.62
N ASN A 92 8.24 2.27 0.04
CA ASN A 92 8.52 1.30 1.09
C ASN A 92 7.74 1.63 2.36
N GLU A 93 7.64 0.67 3.26
CA GLU A 93 6.93 0.85 4.51
C GLU A 93 7.64 1.88 5.39
N ARG A 94 6.85 2.66 6.12
CA ARG A 94 7.40 3.69 7.00
C ARG A 94 8.49 3.12 7.90
N TYR A 95 9.52 3.92 8.15
CA TYR A 95 10.63 3.51 9.01
C TYR A 95 10.14 3.34 10.46
N TYR A 96 10.48 2.23 11.08
CA TYR A 96 10.07 1.97 12.46
C TYR A 96 11.23 2.04 13.44
N GLY A 97 12.18 2.93 13.17
CA GLY A 97 13.34 3.09 14.03
C GLY A 97 13.88 1.78 14.58
N ASP A 98 13.88 1.66 15.90
CA ASP A 98 14.38 0.46 16.57
C ASP A 98 13.24 -0.51 16.90
N LEU A 99 12.07 -0.26 16.33
CA LEU A 99 10.91 -1.12 16.56
C LEU A 99 10.89 -2.28 15.58
N GLN A 100 11.54 -2.09 14.44
CA GLN A 100 11.61 -3.12 13.41
C GLN A 100 12.04 -4.45 14.00
N GLY A 101 11.06 -5.31 14.32
CA GLY A 101 11.36 -6.60 14.89
C GLY A 101 10.68 -6.81 16.22
N LEU A 102 10.34 -5.70 16.88
CA LEU A 102 9.69 -5.75 18.18
C LEU A 102 8.32 -6.41 18.07
N ASN A 103 8.03 -7.30 19.01
CA ASN A 103 6.76 -8.00 19.04
C ASN A 103 5.66 -7.06 19.52
N LYS A 104 4.56 -7.00 18.74
CA LYS A 104 3.44 -6.13 19.10
C LYS A 104 3.10 -6.24 20.58
N ASP A 105 3.28 -7.44 21.12
CA ASP A 105 3.02 -7.68 22.54
C ASP A 105 4.00 -6.89 23.40
N ASP A 106 5.29 -7.16 23.19
CA ASP A 106 6.33 -6.45 23.92
C ASP A 106 6.26 -4.96 23.62
N ALA A 107 6.03 -4.64 22.35
CA ALA A 107 5.92 -3.24 21.93
C ALA A 107 4.71 -2.59 22.57
N ARG A 108 3.57 -3.30 22.52
CA ARG A 108 2.34 -2.80 23.12
C ARG A 108 2.37 -2.96 24.64
N LYS A 109 3.33 -3.73 25.14
CA LYS A 109 3.46 -3.96 26.58
C LYS A 109 4.49 -3.00 27.17
N LYS A 110 5.53 -2.69 26.39
CA LYS A 110 6.58 -1.79 26.84
C LYS A 110 6.12 -0.33 26.74
N TRP A 111 5.81 0.10 25.53
CA TRP A 111 5.37 1.47 25.30
C TRP A 111 3.85 1.60 25.45
N GLY A 112 3.19 0.50 25.82
CA GLY A 112 1.75 0.53 25.99
C GLY A 112 1.02 0.92 24.73
N ALA A 113 -0.18 0.37 24.56
CA ALA A 113 -0.99 0.67 23.39
C ALA A 113 -1.14 2.17 23.22
N GLU A 114 -1.21 2.87 24.36
CA GLU A 114 -1.33 4.32 24.35
C GLU A 114 -0.21 4.96 23.56
N GLN A 115 1.03 4.68 23.95
CA GLN A 115 2.19 5.21 23.24
C GLN A 115 2.36 4.50 21.91
N VAL A 116 2.30 3.17 21.94
CA VAL A 116 2.44 2.39 20.71
C VAL A 116 1.47 2.92 19.65
N GLN A 117 0.22 3.13 20.05
CA GLN A 117 -0.80 3.66 19.15
C GLN A 117 -0.26 4.92 18.48
N ILE A 118 -0.25 6.01 19.23
CA ILE A 118 0.25 7.28 18.72
C ILE A 118 1.63 7.08 18.06
N TRP A 119 2.36 6.08 18.52
CA TRP A 119 3.68 5.79 17.96
C TRP A 119 3.60 5.26 16.53
N ARG A 120 2.70 4.30 16.30
CA ARG A 120 2.56 3.70 14.97
C ARG A 120 1.31 4.17 14.21
N ARG A 121 0.44 4.91 14.89
CA ARG A 121 -0.79 5.39 14.25
C ARG A 121 -0.75 6.88 13.97
N SER A 122 -0.15 7.67 14.86
CA SER A 122 -0.06 9.12 14.68
C SER A 122 0.21 9.50 13.22
N TYR A 123 -0.09 10.75 12.87
CA TYR A 123 0.11 11.23 11.51
C TYR A 123 1.51 11.81 11.31
N ASP A 124 1.98 12.59 12.27
CA ASP A 124 3.29 13.21 12.17
C ASP A 124 4.31 12.54 13.08
N ILE A 125 3.86 12.13 14.26
CA ILE A 125 4.74 11.48 15.22
C ILE A 125 5.29 10.17 14.66
N ALA A 126 6.52 9.85 15.05
CA ALA A 126 7.17 8.62 14.60
C ALA A 126 7.90 7.96 15.77
N PRO A 127 7.89 6.62 15.81
CA PRO A 127 8.56 5.86 16.87
C PRO A 127 10.03 6.24 17.02
N PRO A 128 10.71 5.74 18.07
CA PRO A 128 12.12 6.03 18.32
C PRO A 128 12.96 5.87 17.06
N ASN A 129 13.19 6.98 16.36
CA ASN A 129 13.97 6.97 15.12
C ASN A 129 13.16 6.38 13.98
N GLY A 130 13.52 6.75 12.76
CA GLY A 130 12.82 6.25 11.59
C GLY A 130 12.17 7.36 10.78
N GLU A 131 10.86 7.24 10.56
CA GLU A 131 10.12 8.22 9.78
C GLU A 131 8.66 8.28 10.23
N SER A 132 7.90 9.18 9.62
CA SER A 132 6.49 9.34 9.95
C SER A 132 5.64 9.40 8.69
N LEU A 133 4.32 9.46 8.86
CA LEU A 133 3.41 9.51 7.73
C LEU A 133 3.73 10.70 6.83
N LYS A 134 3.88 11.88 7.44
CA LYS A 134 4.19 13.09 6.68
C LYS A 134 5.38 12.85 5.76
N ASP A 135 6.45 12.27 6.30
CA ASP A 135 7.63 11.99 5.51
C ASP A 135 7.29 11.02 4.39
N THR A 136 6.69 9.89 4.77
CA THR A 136 6.29 8.88 3.81
C THR A 136 5.44 9.53 2.71
N ALA A 137 4.38 10.21 3.13
CA ALA A 137 3.52 10.88 2.18
C ALA A 137 4.33 11.89 1.35
N GLU A 138 5.09 12.72 2.06
CA GLU A 138 5.91 13.75 1.43
C GLU A 138 7.03 13.16 0.55
N ARG A 139 7.38 11.89 0.78
CA ARG A 139 8.43 11.26 0.00
C ARG A 139 7.82 10.36 -1.08
N VAL A 140 6.65 9.81 -0.78
CA VAL A 140 5.95 8.94 -1.72
C VAL A 140 5.14 9.74 -2.74
N LEU A 141 4.63 10.90 -2.33
CA LEU A 141 3.82 11.72 -3.23
C LEU A 141 4.58 12.13 -4.48
N PRO A 142 5.80 12.65 -4.33
CA PRO A 142 6.62 13.07 -5.46
C PRO A 142 6.63 12.01 -6.55
N TYR A 143 6.88 10.77 -6.16
CA TYR A 143 6.86 9.66 -7.09
C TYR A 143 5.48 9.59 -7.72
N TYR A 144 4.47 9.81 -6.89
CA TYR A 144 3.10 9.79 -7.34
C TYR A 144 2.87 10.93 -8.33
N LYS A 145 2.91 12.15 -7.83
CA LYS A 145 2.72 13.32 -8.68
C LYS A 145 3.64 13.26 -9.90
N SER A 146 4.89 12.88 -9.68
CA SER A 146 5.87 12.82 -10.76
C SER A 146 5.66 11.64 -11.72
N THR A 147 5.70 10.42 -11.19
CA THR A 147 5.58 9.23 -12.04
C THR A 147 4.17 8.66 -12.11
N ILE A 148 3.18 9.32 -11.52
CA ILE A 148 1.83 8.80 -11.57
C ILE A 148 0.83 9.81 -12.15
N VAL A 149 1.22 11.07 -12.25
CA VAL A 149 0.32 12.08 -12.81
C VAL A 149 0.21 12.02 -14.34
N PRO A 150 1.25 11.53 -15.08
CA PRO A 150 1.19 11.48 -16.54
C PRO A 150 0.44 10.27 -17.09
N HIS A 151 0.64 9.10 -16.48
CA HIS A 151 -0.02 7.88 -16.94
C HIS A 151 -1.49 7.82 -16.52
N ILE A 152 -1.86 8.62 -15.53
CA ILE A 152 -3.24 8.64 -15.05
C ILE A 152 -4.12 9.49 -15.97
N LEU A 153 -3.49 10.41 -16.69
CA LEU A 153 -4.22 11.29 -17.61
C LEU A 153 -4.30 10.69 -19.01
N LYS A 154 -3.37 9.79 -19.31
CA LYS A 154 -3.32 9.14 -20.62
C LYS A 154 -4.57 8.29 -20.85
N GLY A 155 -5.20 7.86 -19.77
CA GLY A 155 -6.39 7.04 -19.88
C GLY A 155 -6.14 5.59 -19.51
N GLU A 156 -5.32 5.39 -18.48
CA GLU A 156 -4.97 4.06 -18.01
C GLU A 156 -5.20 3.93 -16.51
N LYS A 157 -5.32 2.70 -16.03
CA LYS A 157 -5.51 2.46 -14.61
C LYS A 157 -4.25 1.82 -14.04
N VAL A 158 -4.05 1.88 -12.72
CA VAL A 158 -2.82 1.33 -12.14
C VAL A 158 -3.01 0.62 -10.81
N LEU A 159 -2.08 -0.30 -10.54
CA LEU A 159 -2.05 -1.07 -9.29
C LEU A 159 -1.07 -0.44 -8.32
N ILE A 160 -1.26 -0.67 -7.04
CA ILE A 160 -0.36 -0.12 -6.05
C ILE A 160 -0.18 -1.08 -4.88
N ALA A 161 0.97 -1.75 -4.86
CA ALA A 161 1.29 -2.70 -3.81
C ALA A 161 2.48 -2.22 -2.97
N ALA A 162 2.18 -1.62 -1.83
CA ALA A 162 3.22 -1.12 -0.94
C ALA A 162 2.97 -1.56 0.50
N HIS A 163 2.37 -0.69 1.31
CA HIS A 163 2.09 -1.02 2.71
C HIS A 163 1.01 -0.10 3.27
N GLY A 164 0.56 -0.41 4.49
CA GLY A 164 -0.44 0.40 5.13
C GLY A 164 -0.08 1.86 5.13
N ASN A 165 1.11 2.17 5.65
CA ASN A 165 1.58 3.55 5.69
C ASN A 165 1.63 4.12 4.28
N SER A 166 2.26 3.39 3.36
CA SER A 166 2.35 3.85 1.98
C SER A 166 0.95 4.16 1.45
N LEU A 167 0.07 3.15 1.52
CA LEU A 167 -1.31 3.33 1.09
C LEU A 167 -1.95 4.45 1.88
N ARG A 168 -1.59 4.56 3.15
CA ARG A 168 -2.11 5.62 4.01
C ARG A 168 -1.70 6.97 3.45
N ALA A 169 -0.38 7.20 3.40
CA ALA A 169 0.16 8.43 2.88
C ALA A 169 -0.40 8.71 1.49
N LEU A 170 -0.59 7.65 0.72
CA LEU A 170 -1.14 7.78 -0.62
C LEU A 170 -2.63 8.11 -0.56
N ILE A 171 -3.42 7.15 -0.11
CA ILE A 171 -4.86 7.32 0.01
C ILE A 171 -5.21 8.61 0.74
N MET A 172 -4.55 8.86 1.88
CA MET A 172 -4.81 10.07 2.66
C MET A 172 -4.67 11.30 1.78
N ASP A 173 -3.56 11.39 1.06
CA ASP A 173 -3.30 12.52 0.18
C ASP A 173 -4.20 12.44 -1.04
N LEU A 174 -4.47 11.22 -1.50
CA LEU A 174 -5.33 11.00 -2.64
C LEU A 174 -6.75 11.43 -2.32
N GLU A 175 -7.18 11.17 -1.09
CA GLU A 175 -8.51 11.52 -0.65
C GLU A 175 -8.54 12.96 -0.14
N GLY A 176 -7.62 13.27 0.77
CA GLY A 176 -7.55 14.61 1.32
C GLY A 176 -7.84 14.65 2.80
N LEU A 177 -7.70 13.50 3.46
CA LEU A 177 -7.95 13.40 4.89
C LEU A 177 -6.92 14.21 5.67
N THR A 178 -6.97 14.10 6.99
CA THR A 178 -6.05 14.84 7.86
C THR A 178 -5.40 13.91 8.88
N GLY A 179 -4.42 14.43 9.60
CA GLY A 179 -3.73 13.63 10.60
C GLY A 179 -4.66 13.10 11.66
N ASP A 180 -5.70 13.88 11.96
CA ASP A 180 -6.68 13.48 12.97
C ASP A 180 -7.91 12.84 12.32
N GLN A 181 -7.76 12.41 11.07
CA GLN A 181 -8.87 11.78 10.36
C GLN A 181 -8.37 10.67 9.42
N ILE A 182 -7.14 10.21 9.64
CA ILE A 182 -6.56 9.15 8.82
C ILE A 182 -5.89 8.10 9.69
N VAL A 183 -6.45 7.87 10.88
CA VAL A 183 -5.91 6.89 11.81
C VAL A 183 -6.87 5.72 11.99
N LYS A 184 -7.78 5.55 11.04
CA LYS A 184 -8.76 4.46 11.09
C LYS A 184 -9.11 3.98 9.69
N ARG A 185 -8.20 4.22 8.74
CA ARG A 185 -8.41 3.80 7.36
C ARG A 185 -7.74 2.46 7.08
N GLU A 186 -7.58 1.68 8.13
CA GLU A 186 -6.96 0.36 8.03
C GLU A 186 -7.62 -0.46 6.94
N LEU A 187 -6.80 -1.16 6.16
CA LEU A 187 -7.30 -1.99 5.07
C LEU A 187 -6.96 -3.46 5.31
N ALA A 188 -7.21 -4.30 4.31
CA ALA A 188 -6.93 -5.72 4.41
C ALA A 188 -5.64 -6.08 3.70
N THR A 189 -4.93 -7.08 4.23
CA THR A 189 -3.67 -7.52 3.65
C THR A 189 -3.92 -8.47 2.47
N GLY A 190 -3.57 -8.02 1.28
CA GLY A 190 -3.77 -8.84 0.09
C GLY A 190 -4.86 -8.31 -0.81
N VAL A 191 -6.10 -8.34 -0.33
CA VAL A 191 -7.24 -7.87 -1.10
C VAL A 191 -6.97 -6.49 -1.71
N PRO A 192 -6.70 -6.44 -3.03
CA PRO A 192 -6.43 -5.18 -3.72
C PRO A 192 -7.70 -4.37 -3.96
N ILE A 193 -7.77 -3.19 -3.35
CA ILE A 193 -8.94 -2.33 -3.48
C ILE A 193 -8.79 -1.37 -4.67
N VAL A 194 -9.90 -1.09 -5.35
CA VAL A 194 -9.88 -0.19 -6.51
C VAL A 194 -10.50 1.16 -6.18
N TYR A 195 -9.70 2.22 -6.25
CA TYR A 195 -10.18 3.56 -5.96
C TYR A 195 -10.39 4.38 -7.23
N HIS A 196 -11.53 5.03 -7.32
CA HIS A 196 -11.83 5.87 -8.47
C HIS A 196 -11.17 7.24 -8.30
N LEU A 197 -10.30 7.62 -9.23
CA LEU A 197 -9.61 8.89 -9.15
C LEU A 197 -9.93 9.79 -10.34
N ASP A 198 -9.74 11.09 -10.13
CA ASP A 198 -9.98 12.07 -11.18
C ASP A 198 -8.72 12.33 -11.98
N LYS A 199 -8.82 13.26 -12.92
CA LYS A 199 -7.69 13.60 -13.76
C LYS A 199 -6.55 14.23 -12.96
N ASP A 200 -6.84 14.60 -11.71
CA ASP A 200 -5.83 15.22 -10.85
C ASP A 200 -5.33 14.22 -9.80
N GLY A 201 -5.46 12.94 -10.10
CA GLY A 201 -5.02 11.91 -9.18
C GLY A 201 -5.69 12.01 -7.82
N LYS A 202 -6.96 12.33 -7.82
CA LYS A 202 -7.73 12.46 -6.57
C LYS A 202 -8.96 11.58 -6.61
N TYR A 203 -9.27 10.94 -5.48
CA TYR A 203 -10.43 10.07 -5.38
C TYR A 203 -11.68 10.76 -5.92
N VAL A 204 -12.59 9.98 -6.49
CA VAL A 204 -13.83 10.50 -7.04
C VAL A 204 -14.96 9.48 -6.93
N SER A 205 -14.79 8.52 -6.02
CA SER A 205 -15.78 7.48 -5.81
C SER A 205 -15.46 6.69 -4.55
N LYS A 206 -15.93 5.45 -4.47
CA LYS A 206 -15.67 4.62 -3.31
C LYS A 206 -14.87 3.37 -3.67
N GLU A 207 -14.34 2.71 -2.65
CA GLU A 207 -13.53 1.50 -2.84
C GLU A 207 -14.35 0.41 -3.52
N LEU A 208 -13.67 -0.69 -3.87
CA LEU A 208 -14.33 -1.81 -4.52
C LEU A 208 -13.45 -3.05 -4.53
N ILE A 209 -13.81 -4.01 -3.68
CA ILE A 209 -13.07 -5.26 -3.59
C ILE A 209 -13.88 -6.41 -4.19
N ASP A 210 -13.19 -7.50 -4.51
CA ASP A 210 -13.84 -8.66 -5.09
C ASP A 210 -14.55 -9.49 -4.02
N ASN A 211 -13.84 -9.76 -2.93
CA ASN A 211 -14.38 -10.53 -1.83
C ASN A 211 -15.49 -9.76 -1.11
N MET A 1 -9.81 1.25 -14.13
CA MET A 1 -10.00 1.39 -15.59
C MET A 1 -10.45 2.79 -15.96
N THR A 2 -9.59 3.77 -15.70
CA THR A 2 -9.91 5.17 -16.02
C THR A 2 -10.51 5.29 -17.41
N THR A 3 -11.42 6.24 -17.57
CA THR A 3 -12.05 6.47 -18.87
C THR A 3 -11.30 7.53 -19.66
N GLU A 4 -10.23 8.06 -19.08
CA GLU A 4 -9.42 9.08 -19.72
C GLU A 4 -10.24 10.35 -19.95
N ALA A 5 -10.24 11.23 -18.96
CA ALA A 5 -10.99 12.48 -19.05
C ALA A 5 -11.08 13.18 -17.70
N ALA A 6 -11.65 12.49 -16.71
CA ALA A 6 -11.79 13.07 -15.38
C ALA A 6 -11.61 12.03 -14.28
N PRO A 7 -12.60 11.13 -14.10
CA PRO A 7 -12.54 10.10 -13.05
C PRO A 7 -11.65 8.91 -13.40
N ASN A 8 -10.35 9.03 -13.14
CA ASN A 8 -9.43 7.93 -13.39
C ASN A 8 -9.73 6.77 -12.45
N LEU A 9 -8.87 5.75 -12.45
CA LEU A 9 -9.09 4.60 -11.59
C LEU A 9 -7.77 4.03 -11.05
N LEU A 10 -7.70 3.90 -9.73
CA LEU A 10 -6.52 3.38 -9.07
C LEU A 10 -6.89 2.28 -8.10
N VAL A 11 -6.18 1.15 -8.17
CA VAL A 11 -6.45 0.06 -7.26
C VAL A 11 -5.26 -0.21 -6.35
N LEU A 12 -5.55 -0.39 -5.07
CA LEU A 12 -4.51 -0.65 -4.09
C LEU A 12 -4.64 -2.06 -3.52
N THR A 13 -3.54 -2.80 -3.53
CA THR A 13 -3.54 -4.16 -3.02
C THR A 13 -2.39 -4.38 -2.03
N ARG A 14 -2.71 -4.39 -0.75
CA ARG A 14 -1.71 -4.60 0.29
C ARG A 14 -1.20 -6.03 0.27
N HIS A 15 -0.08 -6.27 0.94
CA HIS A 15 0.51 -7.60 1.00
C HIS A 15 -0.01 -8.35 2.21
N GLY A 16 -0.48 -9.58 1.99
CA GLY A 16 -1.01 -10.38 3.08
C GLY A 16 -0.25 -10.17 4.38
N GLU A 17 0.74 -11.03 4.61
CA GLU A 17 1.55 -10.95 5.82
C GLU A 17 2.90 -11.63 5.60
N SER A 18 3.96 -11.01 6.14
CA SER A 18 5.30 -11.57 6.01
C SER A 18 5.57 -12.60 7.10
N GLU A 19 6.57 -13.43 6.88
CA GLU A 19 6.94 -14.46 7.85
C GLU A 19 7.03 -13.86 9.26
N TRP A 20 7.74 -12.75 9.38
CA TRP A 20 7.89 -12.08 10.67
C TRP A 20 6.53 -11.69 11.21
N ASN A 21 5.59 -11.44 10.31
CA ASN A 21 4.25 -11.07 10.70
C ASN A 21 3.61 -12.16 11.56
N LYS A 22 3.84 -13.41 11.16
CA LYS A 22 3.32 -14.55 11.89
C LYS A 22 3.91 -14.61 13.28
N LEU A 23 5.23 -14.48 13.36
CA LEU A 23 5.92 -14.51 14.65
C LEU A 23 5.46 -13.36 15.53
N ASN A 24 4.94 -12.32 14.90
CA ASN A 24 4.44 -11.14 15.62
C ASN A 24 5.55 -10.13 15.89
N LEU A 25 6.27 -9.75 14.84
CA LEU A 25 7.34 -8.77 14.98
C LEU A 25 7.21 -7.68 13.93
N PHE A 26 7.79 -6.52 14.19
CA PHE A 26 7.74 -5.41 13.25
C PHE A 26 8.77 -5.63 12.14
N THR A 27 8.50 -5.05 10.97
CA THR A 27 9.41 -5.19 9.84
C THR A 27 10.22 -3.91 9.62
N GLY A 28 9.55 -2.88 9.13
CA GLY A 28 10.22 -1.61 8.89
C GLY A 28 10.62 -1.44 7.44
N TRP A 29 11.92 -1.29 7.20
CA TRP A 29 12.43 -1.10 5.84
C TRP A 29 13.02 -2.40 5.29
N LYS A 30 13.55 -3.23 6.18
CA LYS A 30 14.15 -4.49 5.78
C LYS A 30 13.13 -5.39 5.08
N ASP A 31 13.42 -5.76 3.83
CA ASP A 31 12.53 -6.61 3.06
C ASP A 31 12.45 -8.01 3.67
N PRO A 32 11.24 -8.48 3.99
CA PRO A 32 11.02 -9.78 4.58
C PRO A 32 10.67 -10.85 3.53
N ALA A 33 10.23 -12.01 4.01
CA ALA A 33 9.85 -13.11 3.14
C ALA A 33 8.39 -13.49 3.36
N LEU A 34 7.53 -13.09 2.42
CA LEU A 34 6.10 -13.37 2.52
C LEU A 34 5.86 -14.76 3.08
N SER A 35 4.64 -15.00 3.55
CA SER A 35 4.28 -16.30 4.11
C SER A 35 3.06 -16.89 3.42
N GLU A 36 2.65 -18.07 3.85
CA GLU A 36 1.49 -18.74 3.27
C GLU A 36 0.36 -17.74 3.12
N THR A 37 -0.15 -17.25 4.26
CA THR A 37 -1.21 -16.28 4.24
C THR A 37 -0.92 -15.22 3.19
N GLY A 38 0.33 -14.75 3.18
CA GLY A 38 0.73 -13.77 2.20
C GLY A 38 0.52 -14.31 0.81
N ILE A 39 1.11 -15.48 0.54
CA ILE A 39 0.97 -16.13 -0.75
C ILE A 39 -0.51 -16.36 -1.05
N LYS A 40 -1.17 -17.12 -0.17
CA LYS A 40 -2.60 -17.39 -0.34
C LYS A 40 -3.37 -16.09 -0.43
N GLU A 41 -2.88 -15.06 0.25
CA GLU A 41 -3.51 -13.76 0.22
C GLU A 41 -3.30 -13.15 -1.16
N ALA A 42 -2.04 -13.12 -1.59
CA ALA A 42 -1.72 -12.60 -2.91
C ALA A 42 -2.45 -13.40 -3.97
N LYS A 43 -2.28 -14.72 -3.92
CA LYS A 43 -2.95 -15.60 -4.86
C LYS A 43 -4.44 -15.28 -4.87
N LEU A 44 -5.04 -15.29 -3.68
CA LEU A 44 -6.45 -14.97 -3.55
C LEU A 44 -6.72 -13.59 -4.12
N GLY A 45 -5.92 -12.61 -3.70
CA GLY A 45 -6.09 -11.26 -4.20
C GLY A 45 -6.01 -11.25 -5.71
N GLY A 46 -4.90 -11.75 -6.24
CA GLY A 46 -4.74 -11.82 -7.68
C GLY A 46 -5.87 -12.58 -8.32
N GLU A 47 -6.08 -13.81 -7.85
CA GLU A 47 -7.16 -14.64 -8.37
C GLU A 47 -8.48 -13.91 -8.21
N ARG A 48 -8.61 -13.16 -7.12
CA ARG A 48 -9.82 -12.39 -6.86
C ARG A 48 -9.93 -11.26 -7.87
N LEU A 49 -8.85 -10.51 -8.05
CA LEU A 49 -8.83 -9.41 -9.00
C LEU A 49 -8.95 -9.93 -10.42
N LYS A 50 -8.23 -11.00 -10.73
CA LYS A 50 -8.26 -11.61 -12.05
C LYS A 50 -9.65 -12.14 -12.37
N SER A 51 -10.20 -12.95 -11.48
CA SER A 51 -11.52 -13.54 -11.66
C SER A 51 -12.56 -12.44 -11.87
N ARG A 52 -12.55 -11.43 -10.99
CA ARG A 52 -13.49 -10.33 -11.08
C ARG A 52 -13.45 -9.72 -12.48
N GLY A 53 -12.25 -9.53 -13.00
CA GLY A 53 -12.10 -8.96 -14.33
C GLY A 53 -11.43 -7.60 -14.34
N TYR A 54 -10.62 -7.32 -13.33
CA TYR A 54 -9.93 -6.05 -13.25
C TYR A 54 -8.51 -6.17 -13.81
N LYS A 55 -8.23 -5.41 -14.88
CA LYS A 55 -6.91 -5.45 -15.53
C LYS A 55 -6.08 -4.25 -15.14
N PHE A 56 -4.78 -4.37 -15.32
CA PHE A 56 -3.88 -3.27 -14.94
C PHE A 56 -2.84 -2.92 -15.99
N ASP A 57 -2.59 -1.62 -16.07
CA ASP A 57 -1.61 -1.06 -16.99
C ASP A 57 -0.40 -0.57 -16.18
N ILE A 58 -0.65 -0.19 -14.92
CA ILE A 58 0.41 0.31 -14.03
C ILE A 58 0.39 -0.41 -12.68
N ALA A 59 1.55 -0.97 -12.32
CA ALA A 59 1.68 -1.68 -11.05
C ALA A 59 2.64 -0.94 -10.13
N PHE A 60 2.13 -0.41 -9.03
CA PHE A 60 2.98 0.33 -8.10
C PHE A 60 3.31 -0.49 -6.86
N THR A 61 4.58 -0.87 -6.72
CA THR A 61 5.01 -1.65 -5.57
C THR A 61 6.12 -0.92 -4.80
N SER A 62 6.30 -1.31 -3.55
CA SER A 62 7.34 -0.72 -2.73
C SER A 62 8.67 -1.41 -2.98
N ALA A 63 9.78 -0.68 -2.88
CA ALA A 63 11.09 -1.26 -3.12
C ALA A 63 11.21 -2.62 -2.43
N LEU A 64 10.44 -2.81 -1.36
CA LEU A 64 10.46 -4.07 -0.62
C LEU A 64 9.93 -5.23 -1.49
N GLN A 65 10.73 -6.29 -1.59
CA GLN A 65 10.35 -7.45 -2.38
C GLN A 65 8.93 -7.90 -2.06
N ARG A 66 8.58 -7.90 -0.78
CA ARG A 66 7.24 -8.32 -0.36
C ARG A 66 6.18 -7.96 -1.41
N ALA A 67 5.99 -6.66 -1.61
CA ALA A 67 5.02 -6.17 -2.58
C ALA A 67 5.39 -6.59 -4.01
N GLN A 68 6.70 -6.62 -4.30
CA GLN A 68 7.16 -7.01 -5.63
C GLN A 68 6.77 -8.45 -5.85
N LYS A 69 7.15 -9.28 -4.90
CA LYS A 69 6.84 -10.68 -4.91
C LYS A 69 5.33 -10.84 -4.92
N THR A 70 4.69 -10.19 -3.96
CA THR A 70 3.23 -10.22 -3.86
C THR A 70 2.60 -9.85 -5.20
N CYS A 71 2.95 -8.66 -5.68
CA CYS A 71 2.42 -8.20 -6.96
C CYS A 71 2.80 -9.16 -8.08
N GLN A 72 4.04 -9.63 -8.05
CA GLN A 72 4.53 -10.57 -9.05
C GLN A 72 3.61 -11.78 -9.14
N ILE A 73 3.28 -12.36 -7.99
CA ILE A 73 2.41 -13.52 -7.96
C ILE A 73 1.03 -13.17 -8.51
N ILE A 74 0.34 -12.29 -7.80
CA ILE A 74 -0.98 -11.85 -8.22
C ILE A 74 -0.96 -11.37 -9.67
N LEU A 75 0.08 -10.60 -10.02
CA LEU A 75 0.23 -10.09 -11.38
C LEU A 75 0.50 -11.24 -12.33
N GLU A 76 1.52 -12.04 -12.01
CA GLU A 76 1.87 -13.19 -12.82
C GLU A 76 0.71 -14.18 -12.86
N GLU A 77 -0.12 -14.12 -11.82
CA GLU A 77 -1.29 -15.00 -11.72
C GLU A 77 -2.44 -14.42 -12.53
N VAL A 78 -2.71 -13.13 -12.34
CA VAL A 78 -3.80 -12.47 -13.06
C VAL A 78 -3.42 -12.27 -14.53
N GLY A 79 -2.15 -12.47 -14.84
CA GLY A 79 -1.67 -12.32 -16.21
C GLY A 79 -1.50 -10.88 -16.63
N GLU A 80 -1.09 -10.03 -15.69
CA GLU A 80 -0.89 -8.61 -15.99
C GLU A 80 0.60 -8.20 -16.01
N PRO A 81 1.57 -9.15 -16.00
CA PRO A 81 2.98 -8.79 -16.03
C PRO A 81 3.30 -7.74 -17.10
N ASN A 82 2.93 -8.04 -18.34
CA ASN A 82 3.15 -7.12 -19.45
C ASN A 82 2.98 -5.68 -19.00
N LEU A 83 1.95 -5.44 -18.21
CA LEU A 83 1.67 -4.09 -17.70
C LEU A 83 2.93 -3.47 -17.11
N GLU A 84 2.84 -2.19 -16.76
CA GLU A 84 3.98 -1.49 -16.18
C GLU A 84 4.17 -1.85 -14.72
N THR A 85 5.12 -2.73 -14.45
CA THR A 85 5.41 -3.13 -13.08
C THR A 85 6.32 -2.10 -12.44
N ILE A 86 5.70 -1.12 -11.80
CA ILE A 86 6.43 -0.04 -11.18
C ILE A 86 6.62 -0.25 -9.67
N LYS A 87 7.86 -0.09 -9.23
CA LYS A 87 8.20 -0.23 -7.83
C LYS A 87 8.87 1.04 -7.33
N SER A 88 8.76 1.32 -6.04
CA SER A 88 9.36 2.53 -5.49
C SER A 88 9.78 2.35 -4.03
N GLU A 89 10.90 2.96 -3.68
CA GLU A 89 11.41 2.92 -2.30
C GLU A 89 10.62 3.92 -1.48
N LYS A 90 10.14 4.96 -2.16
CA LYS A 90 9.34 6.00 -1.53
C LYS A 90 7.99 5.42 -1.10
N LEU A 91 7.66 4.26 -1.63
CA LEU A 91 6.39 3.61 -1.30
C LEU A 91 6.59 2.58 -0.19
N ASN A 92 7.77 2.60 0.43
CA ASN A 92 8.06 1.67 1.51
C ASN A 92 7.36 2.07 2.80
N GLU A 93 7.02 1.08 3.61
CA GLU A 93 6.34 1.35 4.88
C GLU A 93 7.15 2.32 5.73
N ARG A 94 6.47 3.16 6.50
CA ARG A 94 7.17 4.12 7.35
C ARG A 94 8.32 3.46 8.09
N TYR A 95 9.45 4.15 8.14
CA TYR A 95 10.63 3.61 8.82
C TYR A 95 10.36 3.42 10.31
N TYR A 96 10.51 2.18 10.79
CA TYR A 96 10.27 1.87 12.20
C TYR A 96 11.53 2.07 13.04
N GLY A 97 12.29 3.12 12.72
CA GLY A 97 13.49 3.44 13.46
C GLY A 97 14.11 2.24 14.19
N ASP A 98 13.75 2.10 15.46
CA ASP A 98 14.28 1.01 16.28
C ASP A 98 13.24 -0.09 16.50
N LEU A 99 12.00 0.17 16.11
CA LEU A 99 10.93 -0.80 16.27
C LEU A 99 11.03 -1.88 15.20
N GLN A 100 11.94 -1.68 14.24
CA GLN A 100 12.14 -2.62 13.17
C GLN A 100 12.55 -3.99 13.69
N GLY A 101 11.62 -4.94 13.67
CA GLY A 101 11.91 -6.28 14.15
C GLY A 101 11.66 -6.44 15.64
N LEU A 102 10.60 -5.79 16.12
CA LEU A 102 10.25 -5.87 17.52
C LEU A 102 8.95 -6.65 17.68
N ASN A 103 8.99 -7.70 18.49
CA ASN A 103 7.80 -8.50 18.73
C ASN A 103 6.60 -7.60 19.04
N LYS A 104 5.68 -7.50 18.09
CA LYS A 104 4.51 -6.66 18.26
C LYS A 104 4.00 -6.80 19.69
N ASP A 105 3.97 -8.03 20.18
CA ASP A 105 3.53 -8.29 21.55
C ASP A 105 4.43 -7.52 22.52
N ASP A 106 5.73 -7.72 22.37
CA ASP A 106 6.68 -7.02 23.21
C ASP A 106 6.50 -5.51 23.01
N ALA A 107 6.46 -5.10 21.74
CA ALA A 107 6.26 -3.70 21.41
C ALA A 107 5.01 -3.17 22.10
N ARG A 108 3.88 -3.83 21.83
CA ARG A 108 2.61 -3.44 22.45
C ARG A 108 2.63 -3.75 23.94
N LYS A 109 3.59 -4.58 24.36
CA LYS A 109 3.73 -4.93 25.76
C LYS A 109 4.47 -3.84 26.51
N LYS A 110 5.55 -3.36 25.91
CA LYS A 110 6.36 -2.30 26.53
C LYS A 110 5.82 -0.91 26.18
N TRP A 111 5.44 -0.74 24.91
CA TRP A 111 4.92 0.54 24.44
C TRP A 111 3.40 0.53 24.40
N GLY A 112 2.81 -0.58 23.97
CA GLY A 112 1.37 -0.70 23.91
C GLY A 112 0.72 0.32 23.00
N ALA A 113 -0.58 0.11 22.76
CA ALA A 113 -1.37 1.00 21.91
C ALA A 113 -0.94 2.45 22.08
N GLU A 114 -1.16 2.99 23.26
CA GLU A 114 -0.81 4.37 23.55
C GLU A 114 0.45 4.79 22.80
N GLN A 115 1.55 4.08 23.04
CA GLN A 115 2.81 4.40 22.38
C GLN A 115 2.89 3.81 20.97
N VAL A 116 2.66 2.50 20.84
CA VAL A 116 2.73 1.88 19.52
C VAL A 116 1.79 2.57 18.53
N GLN A 117 0.54 2.80 18.96
CA GLN A 117 -0.43 3.47 18.11
C GLN A 117 0.12 4.82 17.68
N ILE A 118 0.51 5.63 18.65
CA ILE A 118 1.08 6.93 18.36
C ILE A 118 2.39 6.75 17.62
N TRP A 119 3.03 5.60 17.82
CA TRP A 119 4.28 5.32 17.14
C TRP A 119 4.01 4.91 15.69
N ARG A 120 2.89 4.23 15.47
CA ARG A 120 2.53 3.74 14.14
C ARG A 120 1.47 4.62 13.43
N ARG A 121 0.48 5.09 14.18
CA ARG A 121 -0.60 5.88 13.60
C ARG A 121 -0.51 7.39 13.88
N SER A 122 0.39 7.81 14.78
CA SER A 122 0.51 9.25 15.08
C SER A 122 0.29 10.12 13.87
N TYR A 123 0.59 9.56 12.73
CA TYR A 123 0.45 10.22 11.44
C TYR A 123 1.56 11.22 11.16
N ASP A 124 1.80 12.15 12.07
CA ASP A 124 2.84 13.16 11.87
C ASP A 124 4.18 12.75 12.49
N ILE A 125 4.15 12.13 13.65
CA ILE A 125 5.39 11.72 14.32
C ILE A 125 5.67 10.23 14.07
N ALA A 126 6.86 9.78 14.43
CA ALA A 126 7.25 8.40 14.24
C ALA A 126 7.85 7.78 15.50
N PRO A 127 8.08 6.46 15.47
CA PRO A 127 8.67 5.72 16.60
C PRO A 127 10.14 6.08 16.79
N PRO A 128 10.86 5.38 17.70
CA PRO A 128 12.27 5.66 17.94
C PRO A 128 13.05 5.71 16.64
N ASN A 129 13.09 6.88 16.03
CA ASN A 129 13.80 7.07 14.77
C ASN A 129 12.96 6.55 13.60
N GLY A 130 13.34 6.93 12.39
CA GLY A 130 12.62 6.47 11.22
C GLY A 130 11.89 7.61 10.51
N GLU A 131 10.61 7.36 10.19
CA GLU A 131 9.80 8.36 9.50
C GLU A 131 8.35 8.31 9.97
N SER A 132 7.57 9.29 9.54
CA SER A 132 6.15 9.36 9.91
C SER A 132 5.27 9.38 8.67
N LEU A 133 3.96 9.33 8.85
CA LEU A 133 3.04 9.33 7.71
C LEU A 133 3.28 10.54 6.82
N LYS A 134 3.17 11.75 7.38
CA LYS A 134 3.39 12.94 6.58
C LYS A 134 4.69 12.79 5.79
N ASP A 135 5.73 12.32 6.47
CA ASP A 135 7.02 12.10 5.84
C ASP A 135 6.82 11.11 4.70
N THR A 136 6.32 9.92 5.05
CA THR A 136 6.05 8.90 4.05
C THR A 136 5.30 9.57 2.92
N ALA A 137 4.10 10.06 3.23
CA ALA A 137 3.30 10.75 2.23
C ALA A 137 4.19 11.66 1.41
N GLU A 138 4.73 12.68 2.06
CA GLU A 138 5.61 13.63 1.41
C GLU A 138 6.60 12.90 0.50
N ARG A 139 7.28 11.91 1.05
CA ARG A 139 8.24 11.13 0.27
C ARG A 139 7.58 9.88 -0.30
N VAL A 140 6.27 9.95 -0.51
CA VAL A 140 5.52 8.82 -1.06
C VAL A 140 4.68 9.25 -2.25
N LEU A 141 4.04 10.43 -2.19
CA LEU A 141 3.22 10.84 -3.32
C LEU A 141 4.06 11.39 -4.49
N PRO A 142 5.38 11.70 -4.30
CA PRO A 142 6.20 12.20 -5.41
C PRO A 142 6.19 11.22 -6.56
N TYR A 143 6.57 9.98 -6.28
CA TYR A 143 6.54 8.96 -7.31
C TYR A 143 5.18 8.99 -7.98
N TYR A 144 4.15 9.08 -7.13
CA TYR A 144 2.77 9.17 -7.62
C TYR A 144 2.63 10.39 -8.51
N LYS A 145 2.53 11.56 -7.90
CA LYS A 145 2.38 12.78 -8.66
C LYS A 145 3.32 12.77 -9.86
N SER A 146 4.56 12.35 -9.61
CA SER A 146 5.59 12.30 -10.63
C SER A 146 5.28 11.31 -11.76
N THR A 147 5.35 10.01 -11.48
CA THR A 147 5.12 8.99 -12.51
C THR A 147 3.71 8.42 -12.49
N ILE A 148 2.82 8.97 -11.70
CA ILE A 148 1.45 8.47 -11.65
C ILE A 148 0.45 9.52 -12.13
N VAL A 149 0.82 10.79 -12.04
CA VAL A 149 -0.06 11.86 -12.48
C VAL A 149 -0.09 12.03 -14.00
N PRO A 150 0.97 11.64 -14.73
CA PRO A 150 1.02 11.78 -16.18
C PRO A 150 0.27 10.66 -16.91
N HIS A 151 0.37 9.43 -16.40
CA HIS A 151 -0.30 8.29 -17.04
C HIS A 151 -1.80 8.33 -16.77
N ILE A 152 -2.18 8.63 -15.54
CA ILE A 152 -3.59 8.71 -15.18
C ILE A 152 -4.32 9.61 -16.18
N LEU A 153 -3.56 10.51 -16.80
CA LEU A 153 -4.11 11.43 -17.78
C LEU A 153 -4.14 10.82 -19.17
N LYS A 154 -3.39 9.72 -19.34
CA LYS A 154 -3.33 9.03 -20.63
C LYS A 154 -4.49 8.04 -20.77
N GLY A 155 -5.24 7.85 -19.69
CA GLY A 155 -6.36 6.93 -19.72
C GLY A 155 -5.96 5.52 -19.30
N GLU A 156 -5.24 5.43 -18.20
CA GLU A 156 -4.79 4.13 -17.69
C GLU A 156 -4.97 4.07 -16.17
N LYS A 157 -5.00 2.86 -15.60
CA LYS A 157 -5.19 2.71 -14.16
C LYS A 157 -3.94 2.17 -13.48
N VAL A 158 -3.93 2.15 -12.15
CA VAL A 158 -2.78 1.63 -11.42
C VAL A 158 -3.12 0.67 -10.27
N LEU A 159 -2.18 -0.26 -10.01
CA LEU A 159 -2.30 -1.22 -8.91
C LEU A 159 -1.23 -0.86 -7.87
N ILE A 160 -1.65 -0.35 -6.72
CA ILE A 160 -0.67 0.03 -5.70
C ILE A 160 -0.54 -1.03 -4.61
N ALA A 161 0.70 -1.48 -4.40
CA ALA A 161 1.00 -2.48 -3.39
C ALA A 161 2.19 -2.04 -2.54
N ALA A 162 1.91 -1.24 -1.52
CA ALA A 162 2.95 -0.74 -0.63
C ALA A 162 2.68 -1.14 0.82
N HIS A 163 2.02 -0.26 1.56
CA HIS A 163 1.71 -0.51 2.97
C HIS A 163 0.65 0.44 3.48
N GLY A 164 0.00 0.04 4.57
CA GLY A 164 -1.03 0.87 5.16
C GLY A 164 -0.58 2.31 5.23
N ASN A 165 0.66 2.52 5.68
CA ASN A 165 1.21 3.87 5.78
C ASN A 165 1.31 4.50 4.40
N SER A 166 2.08 3.88 3.51
CA SER A 166 2.21 4.40 2.16
C SER A 166 0.83 4.68 1.60
N LEU A 167 -0.02 3.65 1.63
CA LEU A 167 -1.39 3.77 1.16
C LEU A 167 -2.09 4.90 1.91
N ARG A 168 -2.00 4.86 3.24
CA ARG A 168 -2.59 5.88 4.08
C ARG A 168 -2.14 7.25 3.58
N ALA A 169 -0.82 7.44 3.60
CA ALA A 169 -0.22 8.68 3.14
C ALA A 169 -0.72 9.02 1.74
N LEU A 170 -0.62 8.06 0.83
CA LEU A 170 -1.08 8.26 -0.53
C LEU A 170 -2.56 8.61 -0.53
N ILE A 171 -3.40 7.65 -0.13
CA ILE A 171 -4.83 7.88 -0.06
C ILE A 171 -5.10 9.21 0.64
N MET A 172 -4.28 9.48 1.65
CA MET A 172 -4.38 10.71 2.43
C MET A 172 -4.25 11.92 1.51
N ASP A 173 -3.10 12.03 0.85
CA ASP A 173 -2.85 13.14 -0.07
C ASP A 173 -3.75 13.02 -1.29
N LEU A 174 -4.14 11.79 -1.63
CA LEU A 174 -5.00 11.55 -2.77
C LEU A 174 -6.43 11.98 -2.45
N GLU A 175 -6.88 11.69 -1.24
CA GLU A 175 -8.22 12.05 -0.81
C GLU A 175 -8.23 13.43 -0.17
N GLY A 176 -7.07 13.84 0.35
CA GLY A 176 -6.96 15.14 0.99
C GLY A 176 -7.18 15.05 2.48
N LEU A 177 -7.41 13.84 2.97
CA LEU A 177 -7.64 13.61 4.39
C LEU A 177 -6.62 14.36 5.24
N THR A 178 -6.78 14.27 6.56
CA THR A 178 -5.87 14.93 7.48
C THR A 178 -5.12 13.90 8.34
N GLY A 179 -4.73 14.30 9.54
CA GLY A 179 -4.02 13.40 10.42
C GLY A 179 -4.92 12.70 11.43
N ASP A 180 -6.21 12.99 11.37
CA ASP A 180 -7.16 12.39 12.29
C ASP A 180 -8.28 11.66 11.54
N GLN A 181 -8.50 12.05 10.30
CA GLN A 181 -9.54 11.44 9.48
C GLN A 181 -8.96 10.39 8.54
N ILE A 182 -7.63 10.25 8.55
CA ILE A 182 -6.94 9.30 7.69
C ILE A 182 -6.57 8.05 8.48
N VAL A 183 -6.00 8.26 9.67
CA VAL A 183 -5.60 7.13 10.52
C VAL A 183 -6.74 6.14 10.69
N LYS A 184 -7.97 6.59 10.44
CA LYS A 184 -9.13 5.73 10.56
C LYS A 184 -9.25 4.80 9.36
N ARG A 185 -8.90 5.31 8.18
CA ARG A 185 -8.96 4.51 6.96
C ARG A 185 -8.12 3.25 7.11
N GLU A 186 -8.72 2.10 6.84
CA GLU A 186 -8.01 0.83 6.96
C GLU A 186 -8.23 -0.03 5.71
N LEU A 187 -7.33 -0.97 5.49
CA LEU A 187 -7.41 -1.86 4.34
C LEU A 187 -7.47 -3.31 4.77
N ALA A 188 -7.49 -4.22 3.80
CA ALA A 188 -7.55 -5.65 4.08
C ALA A 188 -6.44 -6.39 3.35
N THR A 189 -5.39 -6.75 4.08
CA THR A 189 -4.26 -7.47 3.49
C THR A 189 -4.74 -8.58 2.57
N GLY A 190 -4.34 -8.51 1.30
CA GLY A 190 -4.74 -9.51 0.34
C GLY A 190 -5.97 -9.11 -0.46
N VAL A 191 -6.21 -7.81 -0.56
CA VAL A 191 -7.36 -7.31 -1.32
C VAL A 191 -7.01 -6.03 -2.07
N PRO A 192 -7.21 -6.02 -3.39
CA PRO A 192 -6.93 -4.86 -4.23
C PRO A 192 -8.10 -3.88 -4.28
N ILE A 193 -8.11 -2.93 -3.36
CA ILE A 193 -9.17 -1.92 -3.31
C ILE A 193 -9.07 -0.95 -4.48
N VAL A 194 -10.21 -0.40 -4.89
CA VAL A 194 -10.23 0.52 -6.02
C VAL A 194 -10.66 1.93 -5.61
N TYR A 195 -9.81 2.93 -5.88
CA TYR A 195 -10.16 4.31 -5.55
C TYR A 195 -10.39 5.10 -6.83
N HIS A 196 -11.60 5.60 -6.99
CA HIS A 196 -11.94 6.38 -8.17
C HIS A 196 -11.39 7.79 -8.04
N LEU A 197 -10.23 8.04 -8.65
CA LEU A 197 -9.58 9.35 -8.57
C LEU A 197 -9.93 10.23 -9.75
N ASP A 198 -9.73 11.54 -9.54
CA ASP A 198 -9.99 12.51 -10.58
C ASP A 198 -8.88 12.48 -11.61
N LYS A 199 -8.93 13.40 -12.56
CA LYS A 199 -7.90 13.46 -13.60
C LYS A 199 -6.64 14.13 -13.07
N ASP A 200 -6.63 14.45 -11.78
CA ASP A 200 -5.48 15.09 -11.16
C ASP A 200 -4.82 14.16 -10.15
N GLY A 201 -5.50 13.06 -9.82
CA GLY A 201 -4.96 12.12 -8.86
C GLY A 201 -5.51 12.32 -7.46
N LYS A 202 -6.83 12.44 -7.36
CA LYS A 202 -7.48 12.63 -6.08
C LYS A 202 -8.82 11.90 -6.04
N TYR A 203 -9.22 11.45 -4.85
CA TYR A 203 -10.47 10.72 -4.66
C TYR A 203 -11.51 11.29 -5.59
N VAL A 204 -12.46 10.48 -5.93
CA VAL A 204 -13.45 10.90 -6.86
C VAL A 204 -14.65 9.96 -6.87
N SER A 205 -14.80 9.20 -5.78
CA SER A 205 -15.91 8.27 -5.64
C SER A 205 -15.80 7.50 -4.32
N LYS A 206 -15.65 6.18 -4.39
CA LYS A 206 -15.53 5.37 -3.19
C LYS A 206 -14.58 4.19 -3.42
N GLU A 207 -14.48 3.32 -2.43
CA GLU A 207 -13.59 2.16 -2.51
C GLU A 207 -14.40 0.89 -2.78
N LEU A 208 -13.70 -0.19 -3.15
CA LEU A 208 -14.37 -1.46 -3.43
C LEU A 208 -13.37 -2.60 -3.57
N ILE A 209 -13.81 -3.79 -3.14
CA ILE A 209 -12.98 -4.99 -3.20
C ILE A 209 -13.77 -6.15 -3.81
N ASP A 210 -13.06 -7.22 -4.14
CA ASP A 210 -13.68 -8.40 -4.73
C ASP A 210 -13.98 -9.45 -3.68
N ASN A 211 -13.05 -9.63 -2.74
CA ASN A 211 -13.22 -10.60 -1.67
C ASN A 211 -14.66 -10.66 -1.19
N MET A 1 -8.65 0.70 -17.57
CA MET A 1 -8.09 1.90 -18.25
C MET A 1 -9.03 3.10 -18.12
N THR A 2 -9.02 3.72 -16.94
CA THR A 2 -9.87 4.88 -16.70
C THR A 2 -11.23 4.72 -17.39
N THR A 3 -11.86 5.85 -17.72
CA THR A 3 -13.16 5.82 -18.38
C THR A 3 -13.26 6.93 -19.43
N GLU A 4 -13.09 8.16 -18.99
CA GLU A 4 -13.16 9.30 -19.89
C GLU A 4 -12.06 10.32 -19.59
N ALA A 5 -10.99 9.85 -18.94
CA ALA A 5 -9.87 10.70 -18.59
C ALA A 5 -10.11 11.41 -17.25
N ALA A 6 -11.24 12.09 -17.15
CA ALA A 6 -11.59 12.81 -15.93
C ALA A 6 -11.49 11.90 -14.70
N PRO A 7 -12.37 10.90 -14.60
CA PRO A 7 -12.39 9.96 -13.47
C PRO A 7 -11.32 8.88 -13.60
N ASN A 8 -10.13 9.14 -13.09
CA ASN A 8 -9.05 8.16 -13.16
C ASN A 8 -9.24 7.06 -12.13
N LEU A 9 -8.89 5.84 -12.50
CA LEU A 9 -9.03 4.71 -11.60
C LEU A 9 -7.70 4.34 -10.96
N LEU A 10 -7.78 3.84 -9.73
CA LEU A 10 -6.60 3.48 -8.96
C LEU A 10 -6.87 2.31 -8.00
N VAL A 11 -6.09 1.23 -8.11
CA VAL A 11 -6.26 0.10 -7.20
C VAL A 11 -5.01 -0.12 -6.36
N LEU A 12 -5.21 -0.28 -5.06
CA LEU A 12 -4.12 -0.49 -4.13
C LEU A 12 -4.22 -1.84 -3.44
N THR A 13 -3.10 -2.55 -3.37
CA THR A 13 -3.06 -3.86 -2.73
C THR A 13 -1.95 -3.91 -1.68
N ARG A 14 -2.14 -4.73 -0.66
CA ARG A 14 -1.15 -4.87 0.40
C ARG A 14 -0.63 -6.29 0.48
N HIS A 15 0.68 -6.45 0.34
CA HIS A 15 1.30 -7.77 0.39
C HIS A 15 0.61 -8.66 1.40
N GLY A 16 0.49 -9.94 1.07
CA GLY A 16 -0.15 -10.87 1.98
C GLY A 16 0.73 -11.15 3.18
N GLU A 17 0.15 -11.01 4.37
CA GLU A 17 0.85 -11.23 5.64
C GLU A 17 2.21 -11.93 5.43
N SER A 18 3.27 -11.25 5.83
CA SER A 18 4.62 -11.79 5.68
C SER A 18 4.99 -12.64 6.88
N GLU A 19 6.29 -12.76 7.13
CA GLU A 19 6.80 -13.56 8.24
C GLU A 19 6.55 -12.87 9.58
N TRP A 20 6.43 -11.54 9.55
CA TRP A 20 6.19 -10.78 10.78
C TRP A 20 4.78 -11.01 11.30
N ASN A 21 3.92 -11.56 10.45
CA ASN A 21 2.54 -11.84 10.85
C ASN A 21 2.48 -13.11 11.70
N LYS A 22 3.37 -14.05 11.40
CA LYS A 22 3.45 -15.30 12.13
C LYS A 22 4.30 -15.11 13.38
N LEU A 23 5.31 -14.25 13.27
CA LEU A 23 6.20 -13.95 14.37
C LEU A 23 5.54 -12.97 15.33
N ASN A 24 4.86 -11.98 14.77
CA ASN A 24 4.18 -10.96 15.56
C ASN A 24 5.11 -9.84 15.96
N LEU A 25 5.48 -8.99 15.00
CA LEU A 25 6.37 -7.87 15.28
C LEU A 25 6.20 -6.76 14.26
N PHE A 26 6.81 -5.62 14.53
CA PHE A 26 6.73 -4.47 13.64
C PHE A 26 7.54 -4.72 12.38
N THR A 27 7.41 -3.84 11.40
CA THR A 27 8.12 -3.99 10.14
C THR A 27 9.24 -2.96 10.02
N GLY A 28 8.91 -1.78 9.53
CA GLY A 28 9.92 -0.74 9.38
C GLY A 28 10.46 -0.65 7.96
N TRP A 29 11.76 -0.87 7.82
CA TRP A 29 12.41 -0.81 6.51
C TRP A 29 13.05 -2.15 6.16
N LYS A 30 13.34 -2.96 7.17
CA LYS A 30 13.95 -4.26 6.96
C LYS A 30 13.25 -5.00 5.81
N ASP A 31 13.94 -5.96 5.22
CA ASP A 31 13.38 -6.74 4.12
C ASP A 31 13.10 -8.17 4.56
N PRO A 32 11.86 -8.45 4.97
CA PRO A 32 11.45 -9.76 5.43
C PRO A 32 11.02 -10.67 4.27
N ALA A 33 10.31 -11.74 4.59
CA ALA A 33 9.85 -12.67 3.55
C ALA A 33 8.36 -13.00 3.71
N LEU A 34 7.63 -12.86 2.61
CA LEU A 34 6.21 -13.16 2.59
C LEU A 34 5.94 -14.57 3.10
N SER A 35 4.72 -14.81 3.59
CA SER A 35 4.37 -16.13 4.10
C SER A 35 3.28 -16.77 3.25
N GLU A 36 3.20 -18.10 3.32
CA GLU A 36 2.20 -18.84 2.57
C GLU A 36 0.88 -18.09 2.61
N THR A 37 0.41 -17.81 3.82
CA THR A 37 -0.83 -17.07 3.99
C THR A 37 -0.77 -15.84 3.10
N GLY A 38 0.35 -15.12 3.19
CA GLY A 38 0.54 -13.96 2.37
C GLY A 38 0.40 -14.35 0.91
N ILE A 39 1.21 -15.31 0.50
CA ILE A 39 1.15 -15.81 -0.87
C ILE A 39 -0.29 -16.12 -1.22
N LYS A 40 -0.91 -16.97 -0.41
CA LYS A 40 -2.30 -17.34 -0.59
C LYS A 40 -3.14 -16.07 -0.66
N GLU A 41 -2.79 -15.11 0.20
CA GLU A 41 -3.47 -13.83 0.23
C GLU A 41 -3.27 -13.12 -1.10
N ALA A 42 -2.02 -13.09 -1.55
CA ALA A 42 -1.68 -12.46 -2.83
C ALA A 42 -2.40 -13.19 -3.96
N LYS A 43 -2.15 -14.49 -4.07
CA LYS A 43 -2.80 -15.29 -5.09
C LYS A 43 -4.30 -15.02 -5.08
N LEU A 44 -4.90 -15.16 -3.91
CA LEU A 44 -6.33 -14.91 -3.76
C LEU A 44 -6.63 -13.46 -4.15
N GLY A 45 -5.95 -12.52 -3.48
CA GLY A 45 -6.15 -11.12 -3.80
C GLY A 45 -6.12 -10.91 -5.30
N GLY A 46 -5.04 -11.37 -5.93
CA GLY A 46 -4.93 -11.23 -7.37
C GLY A 46 -6.02 -12.01 -8.08
N GLU A 47 -6.14 -13.30 -7.74
CA GLU A 47 -7.16 -14.15 -8.33
C GLU A 47 -8.50 -13.45 -8.22
N ARG A 48 -8.71 -12.79 -7.09
CA ARG A 48 -9.94 -12.04 -6.86
C ARG A 48 -9.92 -10.77 -7.70
N LEU A 49 -8.83 -10.02 -7.61
CA LEU A 49 -8.69 -8.80 -8.40
C LEU A 49 -8.98 -9.12 -9.85
N LYS A 50 -8.41 -10.22 -10.33
CA LYS A 50 -8.61 -10.64 -11.71
C LYS A 50 -9.99 -11.27 -11.88
N SER A 51 -10.29 -12.25 -11.04
CA SER A 51 -11.58 -12.94 -11.09
C SER A 51 -12.72 -11.96 -11.35
N ARG A 52 -12.85 -10.96 -10.49
CA ARG A 52 -13.90 -9.96 -10.64
C ARG A 52 -13.91 -9.40 -12.06
N GLY A 53 -12.73 -9.15 -12.61
CA GLY A 53 -12.63 -8.63 -13.96
C GLY A 53 -11.94 -7.27 -14.01
N TYR A 54 -11.09 -7.00 -13.02
CA TYR A 54 -10.37 -5.73 -12.98
C TYR A 54 -9.00 -5.85 -13.63
N LYS A 55 -8.81 -5.17 -14.76
CA LYS A 55 -7.54 -5.20 -15.48
C LYS A 55 -6.68 -4.02 -15.09
N PHE A 56 -5.37 -4.18 -15.25
CA PHE A 56 -4.41 -3.15 -14.89
C PHE A 56 -3.51 -2.73 -16.04
N ASP A 57 -3.08 -1.48 -16.00
CA ASP A 57 -2.18 -0.95 -17.01
C ASP A 57 -0.87 -0.49 -16.36
N ILE A 58 -0.94 -0.13 -15.08
CA ILE A 58 0.23 0.30 -14.33
C ILE A 58 0.32 -0.40 -12.98
N ALA A 59 1.51 -0.92 -12.68
CA ALA A 59 1.73 -1.60 -11.41
C ALA A 59 2.71 -0.81 -10.56
N PHE A 60 2.35 -0.55 -9.31
CA PHE A 60 3.22 0.21 -8.43
C PHE A 60 3.62 -0.59 -7.20
N THR A 61 4.86 -1.07 -7.19
CA THR A 61 5.35 -1.85 -6.06
C THR A 61 6.46 -1.11 -5.32
N SER A 62 6.68 -1.50 -4.07
CA SER A 62 7.73 -0.89 -3.26
C SER A 62 9.04 -1.60 -3.49
N ALA A 63 10.15 -0.87 -3.38
CA ALA A 63 11.47 -1.47 -3.57
C ALA A 63 11.57 -2.82 -2.87
N LEU A 64 10.78 -2.98 -1.81
CA LEU A 64 10.79 -4.23 -1.04
C LEU A 64 10.21 -5.39 -1.86
N GLN A 65 10.98 -6.47 -1.94
CA GLN A 65 10.55 -7.64 -2.71
C GLN A 65 9.10 -8.01 -2.40
N ARG A 66 8.76 -8.06 -1.12
CA ARG A 66 7.40 -8.40 -0.69
C ARG A 66 6.36 -7.96 -1.73
N ALA A 67 6.27 -6.66 -1.95
CA ALA A 67 5.33 -6.11 -2.91
C ALA A 67 5.64 -6.59 -4.34
N GLN A 68 6.93 -6.67 -4.67
CA GLN A 68 7.32 -7.13 -6.00
C GLN A 68 6.92 -8.58 -6.13
N LYS A 69 7.50 -9.39 -5.27
CA LYS A 69 7.20 -10.80 -5.22
C LYS A 69 5.69 -10.97 -5.19
N THR A 70 5.05 -10.23 -4.30
CA THR A 70 3.60 -10.27 -4.16
C THR A 70 2.93 -9.88 -5.48
N CYS A 71 3.35 -8.76 -6.04
CA CYS A 71 2.79 -8.29 -7.30
C CYS A 71 2.92 -9.35 -8.38
N GLN A 72 4.13 -9.91 -8.49
CA GLN A 72 4.41 -10.94 -9.48
C GLN A 72 3.28 -11.95 -9.54
N ILE A 73 2.85 -12.42 -8.38
CA ILE A 73 1.74 -13.37 -8.29
C ILE A 73 0.49 -12.77 -8.91
N ILE A 74 -0.09 -11.81 -8.21
CA ILE A 74 -1.29 -11.15 -8.69
C ILE A 74 -1.15 -10.81 -10.17
N LEU A 75 0.00 -10.24 -10.53
CA LEU A 75 0.29 -9.86 -11.91
C LEU A 75 0.35 -11.10 -12.80
N GLU A 76 1.09 -12.10 -12.35
CA GLU A 76 1.23 -13.34 -13.11
C GLU A 76 -0.10 -14.07 -13.22
N GLU A 77 -0.86 -14.05 -12.14
CA GLU A 77 -2.16 -14.71 -12.13
C GLU A 77 -3.20 -13.86 -12.87
N VAL A 78 -3.24 -12.56 -12.58
CA VAL A 78 -4.18 -11.68 -13.26
C VAL A 78 -3.91 -11.67 -14.76
N GLY A 79 -2.72 -12.12 -15.14
CA GLY A 79 -2.36 -12.18 -16.54
C GLY A 79 -2.09 -10.80 -17.13
N GLU A 80 -1.73 -9.85 -16.29
CA GLU A 80 -1.44 -8.50 -16.76
C GLU A 80 0.04 -8.13 -16.54
N PRO A 81 0.98 -9.11 -16.44
CA PRO A 81 2.39 -8.78 -16.25
C PRO A 81 2.93 -7.91 -17.38
N ASN A 82 2.49 -8.20 -18.60
CA ASN A 82 2.91 -7.43 -19.77
C ASN A 82 2.63 -5.95 -19.54
N LEU A 83 1.72 -5.65 -18.62
CA LEU A 83 1.35 -4.28 -18.30
C LEU A 83 2.59 -3.50 -17.83
N GLU A 84 2.38 -2.29 -17.34
CA GLU A 84 3.50 -1.49 -16.86
C GLU A 84 3.80 -1.81 -15.40
N THR A 85 4.78 -2.67 -15.18
CA THR A 85 5.17 -3.05 -13.83
C THR A 85 6.13 -2.01 -13.27
N ILE A 86 5.62 -1.20 -12.36
CA ILE A 86 6.39 -0.13 -11.77
C ILE A 86 6.63 -0.34 -10.28
N LYS A 87 7.86 -0.09 -9.85
CA LYS A 87 8.23 -0.23 -8.46
C LYS A 87 8.95 1.03 -7.97
N SER A 88 8.87 1.29 -6.68
CA SER A 88 9.51 2.47 -6.11
C SER A 88 10.03 2.21 -4.69
N GLU A 89 11.17 2.80 -4.37
CA GLU A 89 11.76 2.65 -3.05
C GLU A 89 11.08 3.59 -2.08
N LYS A 90 10.54 4.68 -2.62
CA LYS A 90 9.83 5.65 -1.81
C LYS A 90 8.45 5.12 -1.44
N LEU A 91 8.08 3.99 -2.03
CA LEU A 91 6.79 3.37 -1.76
C LEU A 91 6.91 2.36 -0.62
N ASN A 92 8.03 2.39 0.09
CA ASN A 92 8.26 1.46 1.19
C ASN A 92 7.53 1.91 2.44
N GLU A 93 7.23 0.96 3.32
CA GLU A 93 6.53 1.25 4.57
C GLU A 93 7.35 2.20 5.44
N ARG A 94 6.67 3.03 6.22
CA ARG A 94 7.34 3.99 7.08
C ARG A 94 8.46 3.33 7.88
N TYR A 95 9.51 4.10 8.16
CA TYR A 95 10.66 3.61 8.92
C TYR A 95 10.29 3.38 10.38
N TYR A 96 10.74 2.26 10.93
CA TYR A 96 10.48 1.91 12.33
C TYR A 96 11.78 1.80 13.12
N GLY A 97 12.62 2.84 13.01
CA GLY A 97 13.90 2.88 13.70
C GLY A 97 14.14 1.73 14.66
N ASP A 98 13.65 1.87 15.89
CA ASP A 98 13.84 0.84 16.91
C ASP A 98 12.64 -0.12 16.97
N LEU A 99 11.68 0.05 16.07
CA LEU A 99 10.50 -0.81 16.05
C LEU A 99 10.65 -1.94 15.04
N GLN A 100 11.42 -1.71 13.99
CA GLN A 100 11.64 -2.72 12.95
C GLN A 100 11.98 -4.08 13.56
N GLY A 101 10.97 -4.91 13.79
CA GLY A 101 11.21 -6.23 14.35
C GLY A 101 10.61 -6.42 15.73
N LEU A 102 10.23 -5.32 16.38
CA LEU A 102 9.65 -5.40 17.71
C LEU A 102 8.37 -6.23 17.71
N ASN A 103 8.24 -7.09 18.71
CA ASN A 103 7.06 -7.93 18.83
C ASN A 103 5.87 -7.11 19.31
N LYS A 104 4.78 -7.14 18.55
CA LYS A 104 3.58 -6.41 18.92
C LYS A 104 3.35 -6.51 20.42
N ASP A 105 3.59 -7.71 20.95
CA ASP A 105 3.44 -7.94 22.38
C ASP A 105 4.42 -7.07 23.13
N ASP A 106 5.69 -7.19 22.78
CA ASP A 106 6.74 -6.40 23.41
C ASP A 106 6.47 -4.91 23.18
N ALA A 107 6.13 -4.57 21.94
CA ALA A 107 5.83 -3.19 21.58
C ALA A 107 4.61 -2.70 22.35
N ARG A 108 3.56 -3.51 22.35
CA ARG A 108 2.35 -3.17 23.07
C ARG A 108 2.56 -3.36 24.57
N LYS A 109 3.62 -4.09 24.92
CA LYS A 109 3.96 -4.37 26.30
C LYS A 109 4.84 -3.25 26.86
N LYS A 110 5.83 -2.85 26.08
CA LYS A 110 6.75 -1.78 26.48
C LYS A 110 6.45 -0.49 25.72
N TRP A 111 5.30 0.10 26.02
CA TRP A 111 4.88 1.35 25.36
C TRP A 111 3.37 1.51 25.42
N GLY A 112 2.67 0.39 25.56
CA GLY A 112 1.22 0.41 25.64
C GLY A 112 0.56 1.03 24.42
N ALA A 113 -0.75 0.81 24.30
CA ALA A 113 -1.52 1.35 23.19
C ALA A 113 -1.27 2.84 23.03
N GLU A 114 -1.30 3.56 24.15
CA GLU A 114 -1.08 5.00 24.14
C GLU A 114 0.11 5.34 23.24
N GLN A 115 1.30 4.90 23.64
CA GLN A 115 2.50 5.17 22.86
C GLN A 115 2.52 4.32 21.60
N VAL A 116 2.14 3.05 21.75
CA VAL A 116 2.10 2.14 20.61
C VAL A 116 1.32 2.77 19.46
N GLN A 117 0.12 3.26 19.76
CA GLN A 117 -0.71 3.89 18.75
C GLN A 117 0.10 4.98 18.05
N ILE A 118 0.59 5.94 18.83
CA ILE A 118 1.40 7.01 18.28
C ILE A 118 2.66 6.45 17.64
N TRP A 119 3.00 5.21 17.99
CA TRP A 119 4.17 4.55 17.43
C TRP A 119 3.81 3.76 16.17
N ARG A 120 2.55 3.34 16.08
CA ARG A 120 2.10 2.56 14.92
C ARG A 120 1.24 3.40 13.99
N ARG A 121 0.45 4.30 14.55
CA ARG A 121 -0.42 5.16 13.76
C ARG A 121 0.30 6.47 13.41
N SER A 122 0.46 7.33 14.42
CA SER A 122 1.13 8.63 14.24
C SER A 122 1.09 9.11 12.80
N TYR A 123 0.21 10.06 12.52
CA TYR A 123 0.06 10.59 11.16
C TYR A 123 1.16 11.58 10.79
N ASP A 124 1.75 12.25 11.78
CA ASP A 124 2.80 13.23 11.49
C ASP A 124 4.05 12.93 12.29
N ILE A 125 3.86 12.41 13.50
CA ILE A 125 4.99 12.07 14.36
C ILE A 125 5.64 10.78 13.87
N ALA A 126 6.94 10.63 14.10
CA ALA A 126 7.66 9.44 13.67
C ALA A 126 8.18 8.62 14.85
N PRO A 127 8.24 7.30 14.68
CA PRO A 127 8.73 6.38 15.71
C PRO A 127 10.17 6.72 16.11
N PRO A 128 10.80 5.91 16.98
CA PRO A 128 12.18 6.16 17.41
C PRO A 128 13.15 6.07 16.24
N ASN A 129 13.36 7.20 15.56
CA ASN A 129 14.25 7.27 14.41
C ASN A 129 13.46 7.03 13.12
N GLY A 130 12.38 6.25 13.24
CA GLY A 130 11.56 5.96 12.08
C GLY A 130 11.03 7.22 11.41
N GLU A 131 9.97 7.05 10.61
CA GLU A 131 9.36 8.17 9.90
C GLU A 131 7.86 8.23 10.19
N SER A 132 7.19 9.23 9.65
CA SER A 132 5.75 9.39 9.87
C SER A 132 4.98 9.31 8.55
N LEU A 133 3.65 9.36 8.63
CA LEU A 133 2.81 9.30 7.44
C LEU A 133 3.18 10.44 6.47
N LYS A 134 3.25 11.66 7.01
CA LYS A 134 3.59 12.82 6.20
C LYS A 134 4.84 12.54 5.37
N ASP A 135 5.92 12.18 6.07
CA ASP A 135 7.17 11.89 5.40
C ASP A 135 6.94 10.81 4.36
N THR A 136 6.47 9.66 4.81
CA THR A 136 6.18 8.55 3.92
C THR A 136 5.41 9.07 2.73
N ALA A 137 4.25 9.65 2.99
CA ALA A 137 3.43 10.20 1.92
C ALA A 137 4.24 11.17 1.08
N GLU A 138 4.79 12.18 1.73
CA GLU A 138 5.59 13.20 1.06
C GLU A 138 6.69 12.57 0.21
N ARG A 139 7.25 11.45 0.66
CA ARG A 139 8.31 10.78 -0.09
C ARG A 139 7.77 9.59 -0.87
N VAL A 140 6.57 9.16 -0.53
CA VAL A 140 5.93 8.03 -1.19
C VAL A 140 5.11 8.48 -2.39
N LEU A 141 4.46 9.63 -2.26
CA LEU A 141 3.63 10.13 -3.35
C LEU A 141 4.42 10.93 -4.41
N PRO A 142 5.74 11.21 -4.23
CA PRO A 142 6.51 11.92 -5.25
C PRO A 142 6.46 11.12 -6.54
N TYR A 143 6.89 9.87 -6.44
CA TYR A 143 6.85 8.97 -7.57
C TYR A 143 5.45 9.04 -8.16
N TYR A 144 4.45 9.00 -7.28
CA TYR A 144 3.07 9.10 -7.69
C TYR A 144 2.84 10.36 -8.51
N LYS A 145 3.12 11.51 -7.92
CA LYS A 145 2.90 12.76 -8.63
C LYS A 145 3.84 12.91 -9.83
N SER A 146 5.13 12.67 -9.60
CA SER A 146 6.14 12.80 -10.65
C SER A 146 6.09 11.67 -11.68
N THR A 147 5.46 10.55 -11.37
CA THR A 147 5.43 9.44 -12.33
C THR A 147 4.01 8.87 -12.53
N ILE A 148 3.12 9.11 -11.57
CA ILE A 148 1.75 8.61 -11.69
C ILE A 148 0.75 9.71 -12.06
N VAL A 149 1.14 10.97 -11.90
CA VAL A 149 0.24 12.07 -12.23
C VAL A 149 0.09 12.25 -13.75
N PRO A 150 1.10 11.87 -14.56
CA PRO A 150 1.02 12.02 -16.02
C PRO A 150 0.28 10.88 -16.70
N HIS A 151 0.45 9.65 -16.20
CA HIS A 151 -0.21 8.50 -16.80
C HIS A 151 -1.70 8.49 -16.48
N ILE A 152 -2.08 8.94 -15.29
CA ILE A 152 -3.48 8.98 -14.91
C ILE A 152 -4.25 9.97 -15.79
N LEU A 153 -3.54 10.97 -16.27
CA LEU A 153 -4.14 11.99 -17.13
C LEU A 153 -4.16 11.53 -18.59
N LYS A 154 -3.45 10.44 -18.86
CA LYS A 154 -3.38 9.89 -20.22
C LYS A 154 -4.58 9.01 -20.52
N GLY A 155 -5.16 8.42 -19.48
CA GLY A 155 -6.31 7.55 -19.66
C GLY A 155 -6.01 6.11 -19.33
N GLU A 156 -5.37 5.89 -18.19
CA GLU A 156 -5.01 4.53 -17.77
C GLU A 156 -5.23 4.38 -16.25
N LYS A 157 -5.33 3.14 -15.78
CA LYS A 157 -5.55 2.87 -14.37
C LYS A 157 -4.32 2.24 -13.73
N VAL A 158 -4.21 2.35 -12.40
CA VAL A 158 -3.02 1.85 -11.70
C VAL A 158 -3.28 0.83 -10.56
N LEU A 159 -2.22 0.03 -10.31
CA LEU A 159 -2.18 -0.96 -9.22
C LEU A 159 -1.10 -0.51 -8.23
N ILE A 160 -1.41 -0.48 -6.94
CA ILE A 160 -0.40 -0.06 -5.97
C ILE A 160 -0.17 -1.10 -4.89
N ALA A 161 1.05 -1.64 -4.85
CA ALA A 161 1.41 -2.65 -3.86
C ALA A 161 2.60 -2.19 -3.02
N ALA A 162 2.32 -1.41 -1.98
CA ALA A 162 3.36 -0.90 -1.11
C ALA A 162 3.14 -1.36 0.34
N HIS A 163 2.49 -0.51 1.14
CA HIS A 163 2.23 -0.83 2.53
C HIS A 163 1.15 0.07 3.11
N GLY A 164 0.52 -0.40 4.19
CA GLY A 164 -0.51 0.39 4.83
C GLY A 164 -0.09 1.85 4.92
N ASN A 165 1.13 2.07 5.40
CA ASN A 165 1.65 3.41 5.52
C ASN A 165 1.72 4.09 4.16
N SER A 166 2.52 3.53 3.25
CA SER A 166 2.61 4.09 1.91
C SER A 166 1.22 4.38 1.39
N LEU A 167 0.37 3.36 1.44
CA LEU A 167 -1.01 3.51 1.00
C LEU A 167 -1.68 4.63 1.77
N ARG A 168 -1.71 4.50 3.09
CA ARG A 168 -2.30 5.56 3.93
C ARG A 168 -1.76 6.89 3.45
N ALA A 169 -0.44 7.01 3.50
CA ALA A 169 0.26 8.20 3.05
C ALA A 169 -0.28 8.66 1.70
N LEU A 170 -0.32 7.72 0.76
CA LEU A 170 -0.81 8.02 -0.59
C LEU A 170 -2.30 8.38 -0.55
N ILE A 171 -3.12 7.44 -0.13
CA ILE A 171 -4.55 7.64 -0.07
C ILE A 171 -4.89 8.93 0.69
N MET A 172 -4.22 9.16 1.82
CA MET A 172 -4.47 10.36 2.60
C MET A 172 -4.33 11.59 1.71
N ASP A 173 -3.28 11.59 0.89
CA ASP A 173 -3.02 12.69 -0.03
C ASP A 173 -3.98 12.61 -1.22
N LEU A 174 -4.10 11.41 -1.78
CA LEU A 174 -4.97 11.19 -2.92
C LEU A 174 -6.41 11.54 -2.57
N GLU A 175 -6.80 11.16 -1.35
CA GLU A 175 -8.15 11.43 -0.86
C GLU A 175 -8.22 12.77 -0.15
N GLY A 176 -7.09 13.19 0.41
CA GLY A 176 -7.05 14.46 1.12
C GLY A 176 -7.52 14.33 2.56
N LEU A 177 -7.63 13.09 3.02
CA LEU A 177 -8.07 12.84 4.39
C LEU A 177 -7.26 13.68 5.38
N THR A 178 -7.45 13.42 6.66
CA THR A 178 -6.73 14.14 7.70
C THR A 178 -5.92 13.18 8.56
N GLY A 179 -5.26 13.73 9.58
CA GLY A 179 -4.46 12.89 10.47
C GLY A 179 -5.26 12.22 11.56
N ASP A 180 -6.58 12.42 11.53
CA ASP A 180 -7.45 11.82 12.53
C ASP A 180 -8.57 11.00 11.88
N GLN A 181 -8.62 11.04 10.55
CA GLN A 181 -9.64 10.30 9.81
C GLN A 181 -9.00 9.39 8.76
N ILE A 182 -7.67 9.40 8.70
CA ILE A 182 -6.94 8.57 7.76
C ILE A 182 -6.31 7.39 8.48
N VAL A 183 -5.81 7.65 9.69
CA VAL A 183 -5.20 6.61 10.50
C VAL A 183 -6.16 5.42 10.65
N LYS A 184 -7.44 5.68 10.41
CA LYS A 184 -8.46 4.65 10.50
C LYS A 184 -8.45 3.76 9.27
N ARG A 185 -8.44 4.37 8.08
CA ARG A 185 -8.43 3.60 6.85
C ARG A 185 -7.36 2.51 6.91
N GLU A 186 -7.81 1.26 6.85
CA GLU A 186 -6.89 0.13 6.90
C GLU A 186 -7.02 -0.72 5.65
N LEU A 187 -5.98 -1.49 5.34
CA LEU A 187 -5.98 -2.34 4.16
C LEU A 187 -5.67 -3.78 4.53
N ALA A 188 -6.55 -4.69 4.12
CA ALA A 188 -6.37 -6.11 4.40
C ALA A 188 -5.24 -6.68 3.56
N THR A 189 -4.23 -7.24 4.22
CA THR A 189 -3.09 -7.82 3.52
C THR A 189 -3.55 -8.87 2.51
N GLY A 190 -3.37 -8.56 1.23
CA GLY A 190 -3.75 -9.50 0.18
C GLY A 190 -4.88 -8.98 -0.69
N VAL A 191 -5.91 -8.40 -0.06
CA VAL A 191 -7.04 -7.88 -0.80
C VAL A 191 -6.76 -6.50 -1.40
N PRO A 192 -6.75 -6.41 -2.75
CA PRO A 192 -6.49 -5.15 -3.45
C PRO A 192 -7.71 -4.23 -3.45
N ILE A 193 -7.54 -3.03 -2.89
CA ILE A 193 -8.63 -2.06 -2.82
C ILE A 193 -8.61 -1.12 -4.03
N VAL A 194 -9.80 -0.77 -4.50
CA VAL A 194 -9.95 0.11 -5.66
C VAL A 194 -10.33 1.52 -5.23
N TYR A 195 -9.92 2.51 -6.01
CA TYR A 195 -10.25 3.91 -5.72
C TYR A 195 -10.59 4.65 -7.01
N HIS A 196 -11.77 5.26 -7.05
CA HIS A 196 -12.19 6.01 -8.23
C HIS A 196 -11.70 7.45 -8.13
N LEU A 197 -10.46 7.67 -8.59
CA LEU A 197 -9.85 8.99 -8.55
C LEU A 197 -10.27 9.86 -9.71
N ASP A 198 -10.11 11.17 -9.55
CA ASP A 198 -10.49 12.13 -10.58
C ASP A 198 -9.38 12.33 -11.60
N LYS A 199 -9.40 13.51 -12.22
CA LYS A 199 -8.42 13.87 -13.23
C LYS A 199 -7.10 14.30 -12.60
N ASP A 200 -6.97 14.11 -11.30
CA ASP A 200 -5.75 14.50 -10.58
C ASP A 200 -5.45 13.50 -9.48
N GLY A 201 -6.11 12.34 -9.53
CA GLY A 201 -5.89 11.33 -8.51
C GLY A 201 -6.71 11.57 -7.26
N LYS A 202 -7.74 12.40 -7.40
CA LYS A 202 -8.61 12.72 -6.27
C LYS A 202 -9.80 11.77 -6.23
N TYR A 203 -9.98 11.10 -5.10
CA TYR A 203 -11.09 10.16 -4.93
C TYR A 203 -12.40 10.82 -5.33
N VAL A 204 -13.14 10.15 -6.20
CA VAL A 204 -14.42 10.66 -6.67
C VAL A 204 -15.52 9.61 -6.51
N SER A 205 -15.21 8.57 -5.75
CA SER A 205 -16.18 7.50 -5.52
C SER A 205 -15.84 6.75 -4.23
N LYS A 206 -16.11 5.46 -4.21
CA LYS A 206 -15.82 4.67 -3.02
C LYS A 206 -14.94 3.48 -3.35
N GLU A 207 -14.22 3.00 -2.35
CA GLU A 207 -13.31 1.87 -2.54
C GLU A 207 -14.03 0.56 -2.25
N LEU A 208 -13.52 -0.53 -2.80
CA LEU A 208 -14.11 -1.84 -2.60
C LEU A 208 -13.14 -2.97 -2.93
N ILE A 209 -13.29 -4.08 -2.20
CA ILE A 209 -12.44 -5.25 -2.39
C ILE A 209 -13.17 -6.27 -3.25
N ASP A 210 -12.42 -6.99 -4.08
CA ASP A 210 -13.00 -8.01 -4.94
C ASP A 210 -14.04 -8.81 -4.17
N ASN A 211 -13.61 -9.40 -3.05
CA ASN A 211 -14.49 -10.19 -2.20
C ASN A 211 -13.71 -10.84 -1.06
N MET A 1 -8.99 0.59 -17.99
CA MET A 1 -8.45 1.92 -18.39
C MET A 1 -9.55 2.98 -18.37
N THR A 2 -9.40 3.97 -17.49
CA THR A 2 -10.37 5.04 -17.38
C THR A 2 -10.70 5.63 -18.74
N THR A 3 -11.64 6.58 -18.76
CA THR A 3 -12.05 7.22 -20.01
C THR A 3 -11.24 8.49 -20.28
N GLU A 4 -10.07 8.58 -19.67
CA GLU A 4 -9.19 9.75 -19.85
C GLU A 4 -9.89 11.06 -19.49
N ALA A 5 -9.10 12.07 -19.13
CA ALA A 5 -9.63 13.37 -18.77
C ALA A 5 -10.90 13.27 -17.94
N ALA A 6 -10.98 12.23 -17.11
CA ALA A 6 -12.14 12.02 -16.25
C ALA A 6 -11.79 11.17 -15.03
N PRO A 7 -12.76 10.93 -14.15
CA PRO A 7 -12.56 10.12 -12.94
C PRO A 7 -11.85 8.81 -13.23
N ASN A 8 -10.53 8.80 -13.12
CA ASN A 8 -9.76 7.59 -13.38
C ASN A 8 -9.95 6.59 -12.24
N LEU A 9 -9.23 5.47 -12.29
CA LEU A 9 -9.36 4.45 -11.26
C LEU A 9 -8.00 3.92 -10.79
N LEU A 10 -7.84 3.84 -9.48
CA LEU A 10 -6.60 3.35 -8.89
C LEU A 10 -6.85 2.20 -7.93
N VAL A 11 -6.17 1.08 -8.14
CA VAL A 11 -6.34 -0.06 -7.24
C VAL A 11 -5.12 -0.26 -6.36
N LEU A 12 -5.34 -0.20 -5.05
CA LEU A 12 -4.28 -0.40 -4.08
C LEU A 12 -4.23 -1.85 -3.65
N THR A 13 -3.06 -2.31 -3.27
CA THR A 13 -2.88 -3.69 -2.83
C THR A 13 -1.98 -3.78 -1.61
N ARG A 14 -2.32 -4.66 -0.69
CA ARG A 14 -1.54 -4.84 0.53
C ARG A 14 -1.04 -6.26 0.66
N HIS A 15 0.27 -6.45 0.46
CA HIS A 15 0.88 -7.77 0.56
C HIS A 15 0.35 -8.52 1.78
N GLY A 16 -0.10 -9.75 1.57
CA GLY A 16 -0.64 -10.55 2.66
C GLY A 16 0.13 -10.40 3.96
N GLU A 17 1.05 -11.33 4.20
CA GLU A 17 1.86 -11.30 5.42
C GLU A 17 3.20 -11.97 5.20
N SER A 18 4.25 -11.37 5.75
CA SER A 18 5.60 -11.90 5.61
C SER A 18 5.95 -12.78 6.81
N GLU A 19 7.07 -13.49 6.70
CA GLU A 19 7.51 -14.38 7.77
C GLU A 19 7.50 -13.66 9.11
N TRP A 20 8.16 -12.50 9.18
CA TRP A 20 8.19 -11.71 10.40
C TRP A 20 6.79 -11.27 10.78
N ASN A 21 5.95 -11.02 9.78
CA ASN A 21 4.57 -10.60 10.01
C ASN A 21 3.84 -11.63 10.85
N LYS A 22 3.98 -12.89 10.47
CA LYS A 22 3.34 -13.98 11.21
C LYS A 22 3.73 -13.91 12.68
N LEU A 23 5.01 -13.70 12.94
CA LEU A 23 5.50 -13.60 14.30
C LEU A 23 4.88 -12.40 15.01
N ASN A 24 4.41 -11.43 14.22
CA ASN A 24 3.80 -10.22 14.77
C ASN A 24 4.85 -9.28 15.35
N LEU A 25 6.02 -9.23 14.72
CA LEU A 25 7.09 -8.36 15.18
C LEU A 25 7.31 -7.21 14.22
N PHE A 26 7.60 -6.03 14.76
CA PHE A 26 7.83 -4.84 13.94
C PHE A 26 8.79 -5.14 12.79
N THR A 27 8.48 -4.58 11.63
CA THR A 27 9.31 -4.78 10.45
C THR A 27 10.16 -3.55 10.16
N GLY A 28 9.56 -2.53 9.56
CA GLY A 28 10.28 -1.32 9.25
C GLY A 28 10.64 -1.21 7.78
N TRP A 29 11.87 -0.77 7.51
CA TRP A 29 12.34 -0.62 6.13
C TRP A 29 12.90 -1.94 5.60
N LYS A 30 13.33 -2.81 6.52
CA LYS A 30 13.89 -4.10 6.14
C LYS A 30 12.98 -4.83 5.16
N ASP A 31 13.53 -5.81 4.46
CA ASP A 31 12.76 -6.58 3.48
C ASP A 31 12.62 -8.03 3.92
N PRO A 32 11.45 -8.41 4.48
CA PRO A 32 11.21 -9.77 4.93
C PRO A 32 10.90 -10.72 3.79
N ALA A 33 10.42 -11.91 4.11
CA ALA A 33 10.09 -12.91 3.10
C ALA A 33 8.63 -13.35 3.21
N LEU A 34 7.85 -13.09 2.17
CA LEU A 34 6.44 -13.46 2.15
C LEU A 34 6.25 -14.91 2.59
N SER A 35 5.03 -15.25 2.99
CA SER A 35 4.73 -16.61 3.44
C SER A 35 3.57 -17.21 2.63
N GLU A 36 3.27 -18.47 2.92
CA GLU A 36 2.19 -19.17 2.24
C GLU A 36 0.91 -18.34 2.29
N THR A 37 0.68 -17.69 3.42
CA THR A 37 -0.49 -16.85 3.59
C THR A 37 -0.38 -15.67 2.64
N GLY A 38 0.81 -15.09 2.58
CA GLY A 38 1.05 -13.98 1.69
C GLY A 38 0.87 -14.41 0.25
N ILE A 39 1.56 -15.48 -0.13
CA ILE A 39 1.45 -16.00 -1.48
C ILE A 39 -0.01 -16.37 -1.76
N LYS A 40 -0.58 -17.19 -0.87
CA LYS A 40 -1.96 -17.60 -1.00
C LYS A 40 -2.85 -16.36 -1.07
N GLU A 41 -2.48 -15.35 -0.29
CA GLU A 41 -3.22 -14.10 -0.28
C GLU A 41 -3.08 -13.41 -1.62
N ALA A 42 -1.84 -13.29 -2.09
CA ALA A 42 -1.57 -12.69 -3.39
C ALA A 42 -2.33 -13.44 -4.47
N LYS A 43 -2.18 -14.76 -4.48
CA LYS A 43 -2.89 -15.60 -5.45
C LYS A 43 -4.38 -15.31 -5.38
N LEU A 44 -4.93 -15.40 -4.17
CA LEU A 44 -6.34 -15.13 -3.95
C LEU A 44 -6.66 -13.73 -4.43
N GLY A 45 -5.77 -12.79 -4.11
CA GLY A 45 -5.96 -11.41 -4.53
C GLY A 45 -6.03 -11.33 -6.04
N GLY A 46 -4.98 -11.81 -6.70
CA GLY A 46 -4.97 -11.80 -8.15
C GLY A 46 -6.16 -12.56 -8.71
N GLU A 47 -6.36 -13.77 -8.20
CA GLU A 47 -7.49 -14.59 -8.63
C GLU A 47 -8.79 -13.86 -8.35
N ARG A 48 -8.77 -13.03 -7.31
CA ARG A 48 -9.94 -12.25 -6.92
C ARG A 48 -10.08 -11.04 -7.84
N LEU A 49 -8.95 -10.44 -8.18
CA LEU A 49 -8.95 -9.27 -9.06
C LEU A 49 -9.13 -9.69 -10.51
N LYS A 50 -8.77 -10.92 -10.83
CA LYS A 50 -8.89 -11.44 -12.19
C LYS A 50 -10.23 -12.15 -12.40
N SER A 51 -10.58 -13.03 -11.47
CA SER A 51 -11.84 -13.77 -11.56
C SER A 51 -13.02 -12.84 -11.87
N ARG A 52 -12.99 -11.64 -11.28
CA ARG A 52 -14.04 -10.66 -11.48
C ARG A 52 -14.01 -10.12 -12.90
N GLY A 53 -12.91 -9.45 -13.25
CA GLY A 53 -12.78 -8.88 -14.58
C GLY A 53 -11.94 -7.62 -14.60
N TYR A 54 -11.76 -7.01 -13.43
CA TYR A 54 -10.97 -5.78 -13.32
C TYR A 54 -9.60 -5.97 -13.94
N LYS A 55 -9.36 -5.32 -15.07
CA LYS A 55 -8.08 -5.40 -15.76
C LYS A 55 -7.21 -4.23 -15.39
N PHE A 56 -5.90 -4.42 -15.49
CA PHE A 56 -4.93 -3.39 -15.14
C PHE A 56 -4.16 -2.86 -16.34
N ASP A 57 -3.71 -1.62 -16.22
CA ASP A 57 -2.91 -0.99 -17.26
C ASP A 57 -1.52 -0.66 -16.70
N ILE A 58 -1.48 -0.29 -15.43
CA ILE A 58 -0.24 0.05 -14.75
C ILE A 58 -0.12 -0.68 -13.41
N ALA A 59 1.11 -1.01 -13.02
CA ALA A 59 1.34 -1.69 -11.76
C ALA A 59 2.42 -0.98 -10.95
N PHE A 60 2.03 -0.46 -9.79
CA PHE A 60 2.97 0.26 -8.93
C PHE A 60 3.21 -0.47 -7.62
N THR A 61 4.47 -0.84 -7.37
CA THR A 61 4.81 -1.54 -6.15
C THR A 61 5.95 -0.84 -5.38
N SER A 62 6.26 -1.35 -4.20
CA SER A 62 7.32 -0.79 -3.38
C SER A 62 8.65 -1.49 -3.67
N ALA A 63 9.74 -0.75 -3.56
CA ALA A 63 11.06 -1.32 -3.81
C ALA A 63 11.24 -2.65 -3.05
N LEU A 64 10.51 -2.80 -1.96
CA LEU A 64 10.60 -4.02 -1.15
C LEU A 64 10.20 -5.24 -1.97
N GLN A 65 11.00 -6.30 -1.87
CA GLN A 65 10.75 -7.53 -2.60
C GLN A 65 9.32 -8.02 -2.39
N ARG A 66 8.85 -7.95 -1.14
CA ARG A 66 7.49 -8.39 -0.80
C ARG A 66 6.49 -7.97 -1.87
N ALA A 67 6.34 -6.66 -2.04
CA ALA A 67 5.43 -6.13 -3.04
C ALA A 67 5.81 -6.63 -4.42
N GLN A 68 7.13 -6.72 -4.68
CA GLN A 68 7.62 -7.19 -5.95
C GLN A 68 7.07 -8.58 -6.20
N LYS A 69 7.17 -9.43 -5.17
CA LYS A 69 6.66 -10.78 -5.25
C LYS A 69 5.15 -10.73 -5.33
N THR A 70 4.56 -9.91 -4.45
CA THR A 70 3.12 -9.74 -4.43
C THR A 70 2.63 -9.31 -5.79
N CYS A 71 3.48 -8.57 -6.51
CA CYS A 71 3.13 -8.09 -7.85
C CYS A 71 3.24 -9.21 -8.87
N GLN A 72 4.42 -9.84 -8.94
CA GLN A 72 4.66 -10.93 -9.87
C GLN A 72 3.52 -11.95 -9.84
N ILE A 73 3.20 -12.41 -8.63
CA ILE A 73 2.12 -13.38 -8.47
C ILE A 73 0.79 -12.82 -8.96
N ILE A 74 0.32 -11.76 -8.31
CA ILE A 74 -0.93 -11.13 -8.70
C ILE A 74 -0.97 -10.84 -10.20
N LEU A 75 0.12 -10.25 -10.71
CA LEU A 75 0.22 -9.96 -12.13
C LEU A 75 0.20 -11.26 -12.93
N GLU A 76 1.16 -12.13 -12.64
CA GLU A 76 1.25 -13.41 -13.31
C GLU A 76 -0.06 -14.19 -13.18
N GLU A 77 -0.83 -13.84 -12.15
CA GLU A 77 -2.12 -14.48 -11.91
C GLU A 77 -3.20 -13.79 -12.74
N VAL A 78 -3.14 -12.45 -12.79
CA VAL A 78 -4.09 -11.68 -13.55
C VAL A 78 -4.08 -12.10 -15.01
N GLY A 79 -2.91 -12.47 -15.50
CA GLY A 79 -2.77 -12.89 -16.89
C GLY A 79 -2.25 -11.79 -17.78
N GLU A 80 -1.64 -10.76 -17.19
CA GLU A 80 -1.10 -9.64 -17.95
C GLU A 80 0.25 -9.18 -17.40
N PRO A 81 1.23 -10.10 -17.30
CA PRO A 81 2.56 -9.75 -16.79
C PRO A 81 3.21 -8.63 -17.60
N ASN A 82 3.01 -8.66 -18.91
CA ASN A 82 3.56 -7.64 -19.79
C ASN A 82 3.17 -6.24 -19.34
N LEU A 83 2.07 -6.15 -18.60
CA LEU A 83 1.59 -4.87 -18.09
C LEU A 83 2.72 -4.08 -17.45
N GLU A 84 2.56 -2.75 -17.40
CA GLU A 84 3.59 -1.89 -16.81
C GLU A 84 3.76 -2.18 -15.33
N THR A 85 4.73 -3.03 -15.01
CA THR A 85 5.02 -3.37 -13.63
C THR A 85 6.18 -2.53 -13.11
N ILE A 86 5.87 -1.51 -12.33
CA ILE A 86 6.88 -0.62 -11.80
C ILE A 86 6.74 -0.49 -10.28
N LYS A 87 7.80 0.00 -9.64
CA LYS A 87 7.78 0.18 -8.19
C LYS A 87 8.66 1.34 -7.78
N SER A 88 8.53 1.75 -6.52
CA SER A 88 9.32 2.86 -6.00
C SER A 88 9.88 2.55 -4.62
N GLU A 89 10.99 3.20 -4.28
CA GLU A 89 11.62 3.01 -2.99
C GLU A 89 10.84 3.80 -1.93
N LYS A 90 10.29 4.92 -2.36
CA LYS A 90 9.50 5.77 -1.48
C LYS A 90 8.16 5.12 -1.15
N LEU A 91 7.83 4.04 -1.87
CA LEU A 91 6.57 3.34 -1.65
C LEU A 91 6.73 2.26 -0.58
N ASN A 92 7.82 2.31 0.18
CA ASN A 92 8.07 1.33 1.22
C ASN A 92 7.48 1.78 2.55
N GLU A 93 7.08 0.81 3.37
CA GLU A 93 6.51 1.10 4.68
C GLU A 93 7.44 2.02 5.47
N ARG A 94 6.86 2.88 6.30
CA ARG A 94 7.66 3.80 7.10
C ARG A 94 8.80 3.06 7.82
N TYR A 95 9.63 3.82 8.52
CA TYR A 95 10.75 3.24 9.26
C TYR A 95 10.40 3.11 10.74
N TYR A 96 10.81 2.01 11.36
CA TYR A 96 10.51 1.77 12.78
C TYR A 96 11.74 1.98 13.66
N GLY A 97 12.71 2.74 13.18
CA GLY A 97 13.92 3.01 13.96
C GLY A 97 14.44 1.81 14.71
N ASP A 98 14.23 1.79 16.02
CA ASP A 98 14.69 0.69 16.87
C ASP A 98 13.55 -0.23 17.29
N LEU A 99 12.34 0.04 16.81
CA LEU A 99 11.18 -0.79 17.15
C LEU A 99 11.18 -2.07 16.32
N GLN A 100 11.90 -2.05 15.20
CA GLN A 100 11.97 -3.20 14.32
C GLN A 100 12.43 -4.44 15.09
N GLY A 101 11.53 -5.41 15.23
CA GLY A 101 11.86 -6.63 15.93
C GLY A 101 11.12 -6.78 17.26
N LEU A 102 10.17 -5.89 17.51
CA LEU A 102 9.41 -5.93 18.74
C LEU A 102 7.95 -6.31 18.47
N ASN A 103 7.49 -7.35 19.14
CA ASN A 103 6.11 -7.79 18.98
C ASN A 103 5.15 -6.64 19.25
N LYS A 104 4.42 -6.23 18.21
CA LYS A 104 3.46 -5.14 18.34
C LYS A 104 2.65 -5.28 19.61
N ASP A 105 2.11 -6.47 19.83
CA ASP A 105 1.33 -6.76 21.02
C ASP A 105 2.15 -6.44 22.26
N ASP A 106 3.27 -7.13 22.42
CA ASP A 106 4.15 -6.89 23.56
C ASP A 106 4.40 -5.39 23.70
N ALA A 107 4.84 -4.78 22.60
CA ALA A 107 5.09 -3.35 22.59
C ALA A 107 3.81 -2.62 23.03
N ARG A 108 2.88 -2.45 22.07
CA ARG A 108 1.60 -1.78 22.35
C ARG A 108 1.06 -2.15 23.73
N LYS A 109 1.35 -3.37 24.18
CA LYS A 109 0.90 -3.82 25.49
C LYS A 109 1.71 -3.15 26.59
N LYS A 110 3.01 -3.42 26.63
CA LYS A 110 3.88 -2.83 27.64
C LYS A 110 4.79 -1.78 27.02
N TRP A 111 4.19 -0.79 26.35
CA TRP A 111 4.97 0.25 25.71
C TRP A 111 4.35 1.64 25.87
N GLY A 112 3.23 1.75 26.56
CA GLY A 112 2.60 3.06 26.71
C GLY A 112 2.57 3.79 25.38
N ALA A 113 2.79 5.10 25.38
CA ALA A 113 2.79 5.83 24.11
C ALA A 113 1.50 5.56 23.37
N GLU A 114 0.38 5.59 24.11
CA GLU A 114 -0.90 5.26 23.50
C GLU A 114 -0.71 3.91 22.83
N GLN A 115 0.06 3.09 23.51
CA GLN A 115 0.48 1.81 23.00
C GLN A 115 1.18 2.00 21.71
N VAL A 116 2.11 2.88 21.77
CA VAL A 116 2.88 3.21 20.61
C VAL A 116 1.95 3.47 19.41
N GLN A 117 0.66 3.75 19.70
CA GLN A 117 -0.27 4.09 18.64
C GLN A 117 0.18 5.43 18.14
N ILE A 118 0.49 6.26 19.11
CA ILE A 118 1.02 7.58 18.82
C ILE A 118 2.41 7.42 18.20
N TRP A 119 2.99 6.22 18.33
CA TRP A 119 4.31 5.97 17.78
C TRP A 119 4.25 5.39 16.35
N ARG A 120 3.34 4.44 16.13
CA ARG A 120 3.23 3.80 14.82
C ARG A 120 1.93 4.13 14.09
N ARG A 121 0.93 4.60 14.82
CA ARG A 121 -0.35 4.94 14.19
C ARG A 121 -0.47 6.43 13.91
N SER A 122 0.23 7.25 14.70
CA SER A 122 0.19 8.71 14.51
C SER A 122 0.30 9.07 13.02
N TYR A 123 -0.03 10.31 12.70
CA TYR A 123 0.01 10.76 11.30
C TYR A 123 1.23 11.64 11.00
N ASP A 124 1.93 12.08 12.02
CA ASP A 124 3.10 12.94 11.82
C ASP A 124 4.27 12.52 12.69
N ILE A 125 3.99 12.09 13.91
CA ILE A 125 5.03 11.67 14.84
C ILE A 125 5.39 10.21 14.65
N ALA A 126 6.66 9.89 14.83
CA ALA A 126 7.15 8.51 14.68
C ALA A 126 7.89 8.06 15.94
N PRO A 127 8.21 6.76 16.03
CA PRO A 127 8.92 6.19 17.17
C PRO A 127 10.40 6.55 17.18
N PRO A 128 11.12 6.22 18.26
CA PRO A 128 12.55 6.51 18.38
C PRO A 128 13.29 6.10 17.11
N ASN A 129 13.64 7.10 16.30
CA ASN A 129 14.33 6.85 15.04
C ASN A 129 13.36 6.28 14.02
N GLY A 130 13.55 6.64 12.77
CA GLY A 130 12.67 6.15 11.72
C GLY A 130 11.95 7.26 11.01
N GLU A 131 10.73 6.97 10.55
CA GLU A 131 9.92 7.94 9.84
C GLU A 131 8.44 7.78 10.21
N SER A 132 7.62 8.71 9.74
CA SER A 132 6.18 8.66 10.00
C SER A 132 5.39 8.58 8.70
N LEU A 133 4.10 8.91 8.77
CA LEU A 133 3.25 8.87 7.58
C LEU A 133 3.51 10.08 6.68
N LYS A 134 3.43 11.28 7.27
CA LYS A 134 3.65 12.50 6.51
C LYS A 134 4.97 12.42 5.74
N ASP A 135 6.02 11.94 6.41
CA ASP A 135 7.32 11.78 5.77
C ASP A 135 7.16 10.85 4.57
N THR A 136 6.56 9.69 4.83
CA THR A 136 6.32 8.72 3.78
C THR A 136 5.52 9.39 2.67
N ALA A 137 4.29 9.76 2.97
CA ALA A 137 3.44 10.44 1.98
C ALA A 137 4.22 11.53 1.26
N GLU A 138 4.93 12.34 2.05
CA GLU A 138 5.73 13.43 1.50
C GLU A 138 6.85 12.92 0.59
N ARG A 139 7.49 11.83 0.97
CA ARG A 139 8.58 11.27 0.16
C ARG A 139 8.05 10.46 -1.01
N VAL A 140 6.90 9.81 -0.82
CA VAL A 140 6.30 8.99 -1.88
C VAL A 140 5.49 9.84 -2.85
N LEU A 141 4.82 10.88 -2.36
CA LEU A 141 4.00 11.73 -3.22
C LEU A 141 4.76 12.18 -4.47
N PRO A 142 5.97 12.72 -4.30
CA PRO A 142 6.79 13.19 -5.42
C PRO A 142 6.85 12.15 -6.51
N TYR A 143 7.15 10.90 -6.13
CA TYR A 143 7.17 9.82 -7.08
C TYR A 143 5.80 9.72 -7.72
N TYR A 144 4.80 9.84 -6.87
CA TYR A 144 3.41 9.80 -7.31
C TYR A 144 3.16 10.89 -8.34
N LYS A 145 3.18 12.13 -7.88
CA LYS A 145 2.96 13.26 -8.77
C LYS A 145 3.91 13.22 -9.96
N SER A 146 5.19 13.01 -9.70
CA SER A 146 6.22 12.98 -10.73
C SER A 146 6.01 11.87 -11.77
N THR A 147 6.03 10.62 -11.34
CA THR A 147 5.91 9.51 -12.30
C THR A 147 4.56 8.80 -12.25
N ILE A 148 3.56 9.39 -11.62
CA ILE A 148 2.25 8.75 -11.57
C ILE A 148 1.12 9.69 -12.00
N VAL A 149 1.44 10.96 -12.26
CA VAL A 149 0.42 11.91 -12.67
C VAL A 149 0.24 12.02 -14.20
N PRO A 150 1.19 11.54 -15.04
CA PRO A 150 1.05 11.65 -16.50
C PRO A 150 0.05 10.65 -17.10
N HIS A 151 0.30 9.36 -16.91
CA HIS A 151 -0.57 8.32 -17.46
C HIS A 151 -2.00 8.48 -16.97
N ILE A 152 -2.17 8.70 -15.67
CA ILE A 152 -3.50 8.86 -15.09
C ILE A 152 -4.32 9.88 -15.88
N LEU A 153 -3.63 10.79 -16.55
CA LEU A 153 -4.28 11.82 -17.36
C LEU A 153 -4.49 11.37 -18.80
N LYS A 154 -3.77 10.31 -19.20
CA LYS A 154 -3.87 9.79 -20.56
C LYS A 154 -5.14 8.96 -20.74
N GLY A 155 -5.58 8.31 -19.67
CA GLY A 155 -6.77 7.49 -19.74
C GLY A 155 -6.50 6.04 -19.41
N GLU A 156 -5.81 5.80 -18.31
CA GLU A 156 -5.48 4.44 -17.89
C GLU A 156 -5.69 4.27 -16.39
N LYS A 157 -5.85 3.03 -15.94
CA LYS A 157 -6.01 2.74 -14.53
C LYS A 157 -4.73 2.09 -13.99
N VAL A 158 -4.52 2.11 -12.68
CA VAL A 158 -3.28 1.56 -12.13
C VAL A 158 -3.42 0.77 -10.83
N LEU A 159 -2.43 -0.10 -10.60
CA LEU A 159 -2.32 -0.91 -9.39
C LEU A 159 -1.29 -0.31 -8.46
N ILE A 160 -1.52 -0.41 -7.16
CA ILE A 160 -0.57 0.13 -6.19
C ILE A 160 -0.38 -0.82 -5.01
N ALA A 161 0.67 -1.61 -5.06
CA ALA A 161 0.95 -2.57 -3.99
C ALA A 161 2.22 -2.21 -3.20
N ALA A 162 2.02 -1.62 -2.03
CA ALA A 162 3.15 -1.23 -1.19
C ALA A 162 2.93 -1.68 0.26
N HIS A 163 2.36 -0.81 1.08
CA HIS A 163 2.10 -1.13 2.48
C HIS A 163 1.03 -0.21 3.07
N GLY A 164 0.48 -0.60 4.22
CA GLY A 164 -0.52 0.22 4.86
C GLY A 164 -0.10 1.67 4.94
N ASN A 165 1.15 1.90 5.29
CA ASN A 165 1.68 3.26 5.39
C ASN A 165 1.68 3.92 4.02
N SER A 166 2.29 3.25 3.04
CA SER A 166 2.32 3.80 1.69
C SER A 166 0.88 4.07 1.24
N LEU A 167 0.01 3.10 1.49
CA LEU A 167 -1.39 3.23 1.14
C LEU A 167 -2.00 4.39 1.92
N ARG A 168 -1.69 4.46 3.21
CA ARG A 168 -2.19 5.55 4.04
C ARG A 168 -1.70 6.87 3.46
N ALA A 169 -0.38 6.99 3.35
CA ALA A 169 0.25 8.17 2.81
C ALA A 169 -0.38 8.56 1.48
N LEU A 170 -0.58 7.57 0.62
CA LEU A 170 -1.19 7.82 -0.68
C LEU A 170 -2.68 8.12 -0.53
N ILE A 171 -3.43 7.13 -0.07
CA ILE A 171 -4.87 7.29 0.12
C ILE A 171 -5.21 8.60 0.84
N MET A 172 -4.48 8.89 1.92
CA MET A 172 -4.72 10.11 2.68
C MET A 172 -4.54 11.34 1.79
N ASP A 173 -3.51 11.32 0.96
CA ASP A 173 -3.24 12.43 0.06
C ASP A 173 -4.18 12.37 -1.15
N LEU A 174 -4.58 11.15 -1.50
CA LEU A 174 -5.49 10.95 -2.62
C LEU A 174 -6.91 11.34 -2.23
N GLU A 175 -7.27 11.04 -0.98
CA GLU A 175 -8.60 11.36 -0.48
C GLU A 175 -8.61 12.73 0.19
N GLY A 176 -7.51 13.07 0.85
CA GLY A 176 -7.42 14.35 1.53
C GLY A 176 -7.70 14.25 3.01
N LEU A 177 -7.34 13.11 3.60
CA LEU A 177 -7.56 12.88 5.01
C LEU A 177 -6.71 13.81 5.86
N THR A 178 -6.74 13.61 7.18
CA THR A 178 -5.97 14.44 8.10
C THR A 178 -5.27 13.58 9.15
N GLY A 179 -4.74 14.23 10.18
CA GLY A 179 -4.05 13.51 11.23
C GLY A 179 -4.99 12.68 12.08
N ASP A 180 -6.16 13.21 12.38
CA ASP A 180 -7.15 12.51 13.19
C ASP A 180 -8.15 11.76 12.32
N GLN A 181 -7.72 11.41 11.11
CA GLN A 181 -8.58 10.69 10.18
C GLN A 181 -7.85 9.51 9.55
N ILE A 182 -6.84 9.82 8.73
CA ILE A 182 -6.05 8.78 8.08
C ILE A 182 -5.56 7.74 9.08
N VAL A 183 -5.42 8.17 10.33
CA VAL A 183 -4.97 7.28 11.40
C VAL A 183 -5.92 6.10 11.59
N LYS A 184 -7.13 6.21 11.04
CA LYS A 184 -8.13 5.15 11.15
C LYS A 184 -8.14 4.27 9.90
N ARG A 185 -7.82 4.87 8.75
CA ARG A 185 -7.82 4.13 7.49
C ARG A 185 -7.06 2.81 7.63
N GLU A 186 -7.71 1.72 7.25
CA GLU A 186 -7.10 0.39 7.32
C GLU A 186 -7.36 -0.41 6.06
N LEU A 187 -6.43 -1.30 5.72
CA LEU A 187 -6.56 -2.13 4.53
C LEU A 187 -6.26 -3.58 4.85
N ALA A 188 -7.18 -4.47 4.50
CA ALA A 188 -7.02 -5.90 4.74
C ALA A 188 -5.75 -6.42 4.08
N THR A 189 -5.23 -7.53 4.59
CA THR A 189 -4.01 -8.14 4.05
C THR A 189 -4.37 -9.13 2.94
N GLY A 190 -3.68 -9.00 1.81
CA GLY A 190 -3.93 -9.89 0.69
C GLY A 190 -4.99 -9.35 -0.25
N VAL A 191 -6.10 -8.87 0.32
CA VAL A 191 -7.18 -8.32 -0.47
C VAL A 191 -6.93 -6.84 -0.81
N PRO A 192 -6.64 -6.53 -2.08
CA PRO A 192 -6.38 -5.16 -2.52
C PRO A 192 -7.62 -4.27 -2.36
N ILE A 193 -7.63 -3.12 -3.03
CA ILE A 193 -8.76 -2.21 -2.94
C ILE A 193 -8.75 -1.19 -4.07
N VAL A 194 -9.91 -1.00 -4.70
CA VAL A 194 -10.04 -0.04 -5.80
C VAL A 194 -10.47 1.33 -5.28
N TYR A 195 -9.87 2.39 -5.81
CA TYR A 195 -10.24 3.74 -5.38
C TYR A 195 -10.51 4.62 -6.59
N HIS A 196 -11.76 5.05 -6.74
CA HIS A 196 -12.12 5.91 -7.85
C HIS A 196 -11.58 7.31 -7.57
N LEU A 197 -10.90 7.89 -8.55
CA LEU A 197 -10.32 9.22 -8.38
C LEU A 197 -10.44 10.06 -9.64
N ASP A 198 -10.15 11.35 -9.50
CA ASP A 198 -10.24 12.27 -10.61
C ASP A 198 -8.97 12.29 -11.44
N LYS A 199 -8.98 13.07 -12.50
CA LYS A 199 -7.85 13.18 -13.40
C LYS A 199 -6.65 13.81 -12.68
N ASP A 200 -6.92 14.47 -11.55
CA ASP A 200 -5.86 15.11 -10.78
C ASP A 200 -5.17 14.09 -9.88
N GLY A 201 -5.90 13.04 -9.53
CA GLY A 201 -5.36 12.00 -8.67
C GLY A 201 -6.02 11.95 -7.31
N LYS A 202 -7.17 12.59 -7.18
CA LYS A 202 -7.90 12.59 -5.92
C LYS A 202 -9.13 11.71 -6.00
N TYR A 203 -9.37 10.94 -4.94
CA TYR A 203 -10.52 10.05 -4.90
C TYR A 203 -11.80 10.80 -5.29
N VAL A 204 -12.64 10.17 -6.09
CA VAL A 204 -13.89 10.77 -6.53
C VAL A 204 -15.08 9.85 -6.29
N SER A 205 -14.89 8.85 -5.43
CA SER A 205 -15.95 7.90 -5.12
C SER A 205 -15.52 7.00 -3.96
N LYS A 206 -16.16 5.85 -3.83
CA LYS A 206 -15.84 4.92 -2.75
C LYS A 206 -14.99 3.76 -3.27
N GLU A 207 -14.34 3.07 -2.34
CA GLU A 207 -13.48 1.95 -2.68
C GLU A 207 -14.13 0.62 -2.31
N LEU A 208 -13.71 -0.44 -2.98
CA LEU A 208 -14.25 -1.78 -2.72
C LEU A 208 -13.33 -2.86 -3.26
N ILE A 209 -13.57 -4.07 -2.79
CA ILE A 209 -12.76 -5.20 -3.17
C ILE A 209 -13.51 -6.15 -4.11
N ASP A 210 -12.98 -7.37 -4.24
CA ASP A 210 -13.59 -8.38 -5.09
C ASP A 210 -14.33 -9.42 -4.25
N ASN A 211 -13.68 -9.90 -3.21
CA ASN A 211 -14.27 -10.90 -2.31
C ASN A 211 -15.70 -10.49 -1.92
N MET A 1 -10.95 0.19 -13.52
CA MET A 1 -10.17 0.80 -14.64
C MET A 1 -10.88 2.03 -15.19
N THR A 2 -10.10 3.04 -15.58
CA THR A 2 -10.67 4.27 -16.14
C THR A 2 -11.76 3.97 -17.15
N THR A 3 -12.64 4.94 -17.37
CA THR A 3 -13.74 4.77 -18.31
C THR A 3 -13.45 5.52 -19.61
N GLU A 4 -13.70 6.83 -19.61
CA GLU A 4 -13.46 7.65 -20.79
C GLU A 4 -12.06 8.25 -20.76
N ALA A 5 -11.89 9.31 -19.97
CA ALA A 5 -10.60 9.97 -19.84
C ALA A 5 -10.61 10.99 -18.72
N ALA A 6 -11.01 10.55 -17.53
CA ALA A 6 -11.05 11.45 -16.37
C ALA A 6 -11.12 10.65 -15.07
N PRO A 7 -12.24 9.97 -14.80
CA PRO A 7 -12.41 9.18 -13.57
C PRO A 7 -11.54 7.92 -13.59
N ASN A 8 -10.23 8.09 -13.53
CA ASN A 8 -9.31 6.95 -13.54
C ASN A 8 -9.39 6.21 -12.21
N LEU A 9 -9.22 4.89 -12.26
CA LEU A 9 -9.28 4.08 -11.04
C LEU A 9 -7.90 3.60 -10.61
N LEU A 10 -7.64 3.64 -9.31
CA LEU A 10 -6.36 3.21 -8.76
C LEU A 10 -6.50 1.95 -7.94
N VAL A 11 -5.90 0.85 -8.39
CA VAL A 11 -5.98 -0.40 -7.65
C VAL A 11 -4.79 -0.57 -6.71
N LEU A 12 -5.08 -1.11 -5.54
CA LEU A 12 -4.05 -1.35 -4.52
C LEU A 12 -4.11 -2.79 -4.02
N THR A 13 -2.97 -3.47 -4.06
CA THR A 13 -2.90 -4.86 -3.61
C THR A 13 -1.83 -5.02 -2.53
N ARG A 14 -2.16 -4.57 -1.32
CA ARG A 14 -1.23 -4.66 -0.20
C ARG A 14 -0.85 -6.11 0.08
N HIS A 15 0.45 -6.38 0.17
CA HIS A 15 0.93 -7.72 0.44
C HIS A 15 0.21 -8.34 1.63
N GLY A 16 -0.15 -9.62 1.52
CA GLY A 16 -0.84 -10.28 2.60
C GLY A 16 -0.12 -10.12 3.92
N GLU A 17 0.65 -11.14 4.30
CA GLU A 17 1.40 -11.12 5.55
C GLU A 17 2.75 -11.80 5.40
N SER A 18 3.79 -11.15 5.93
CA SER A 18 5.14 -11.70 5.85
C SER A 18 5.42 -12.64 7.01
N GLU A 19 6.58 -13.28 6.98
CA GLU A 19 6.97 -14.21 8.03
C GLU A 19 6.97 -13.52 9.39
N TRP A 20 7.71 -12.42 9.49
CA TRP A 20 7.78 -11.66 10.74
C TRP A 20 6.39 -11.22 11.19
N ASN A 21 5.48 -11.07 10.22
CA ASN A 21 4.12 -10.66 10.51
C ASN A 21 3.46 -11.64 11.46
N LYS A 22 3.67 -12.94 11.21
CA LYS A 22 3.10 -13.98 12.05
C LYS A 22 3.78 -14.01 13.41
N LEU A 23 5.08 -13.73 13.42
CA LEU A 23 5.85 -13.72 14.66
C LEU A 23 5.37 -12.62 15.60
N ASN A 24 4.57 -11.69 15.08
CA ASN A 24 4.04 -10.59 15.88
C ASN A 24 5.13 -9.55 16.17
N LEU A 25 5.90 -9.19 15.15
CA LEU A 25 6.96 -8.21 15.31
C LEU A 25 6.87 -7.14 14.23
N PHE A 26 7.26 -5.91 14.59
CA PHE A 26 7.23 -4.79 13.65
C PHE A 26 8.09 -5.08 12.43
N THR A 27 7.77 -4.43 11.32
CA THR A 27 8.51 -4.62 10.08
C THR A 27 9.52 -3.48 9.88
N GLY A 28 9.04 -2.36 9.34
CA GLY A 28 9.91 -1.22 9.11
C GLY A 28 10.40 -1.15 7.68
N TRP A 29 11.72 -1.13 7.50
CA TRP A 29 12.31 -1.06 6.17
C TRP A 29 12.92 -2.41 5.76
N LYS A 30 13.20 -3.25 6.76
CA LYS A 30 13.79 -4.57 6.49
C LYS A 30 13.03 -5.29 5.39
N ASP A 31 13.72 -6.21 4.72
CA ASP A 31 13.11 -6.98 3.63
C ASP A 31 12.83 -8.41 4.06
N PRO A 32 11.66 -8.65 4.68
CA PRO A 32 11.26 -9.98 5.13
C PRO A 32 10.84 -10.88 3.97
N ALA A 33 10.24 -12.02 4.30
CA ALA A 33 9.80 -12.97 3.29
C ALA A 33 8.32 -13.30 3.44
N LEU A 34 7.56 -13.10 2.38
CA LEU A 34 6.13 -13.38 2.40
C LEU A 34 5.86 -14.81 2.87
N SER A 35 4.61 -15.08 3.25
CA SER A 35 4.23 -16.41 3.74
C SER A 35 3.08 -16.98 2.93
N GLU A 36 2.68 -18.21 3.28
CA GLU A 36 1.58 -18.89 2.60
C GLU A 36 0.35 -17.99 2.56
N THR A 37 0.06 -17.33 3.68
CA THR A 37 -1.08 -16.43 3.76
C THR A 37 -0.86 -15.28 2.80
N GLY A 38 0.40 -14.84 2.69
CA GLY A 38 0.74 -13.78 1.77
C GLY A 38 0.59 -14.23 0.34
N ILE A 39 1.28 -15.33 0.01
CA ILE A 39 1.18 -15.89 -1.33
C ILE A 39 -0.28 -16.18 -1.64
N LYS A 40 -0.93 -16.87 -0.70
CA LYS A 40 -2.34 -17.19 -0.83
C LYS A 40 -3.13 -15.89 -0.96
N GLU A 41 -2.71 -14.88 -0.20
CA GLU A 41 -3.35 -13.57 -0.26
C GLU A 41 -3.19 -13.01 -1.67
N ALA A 42 -1.96 -13.08 -2.18
CA ALA A 42 -1.68 -12.61 -3.53
C ALA A 42 -2.52 -13.40 -4.51
N LYS A 43 -2.50 -14.72 -4.35
CA LYS A 43 -3.29 -15.60 -5.21
C LYS A 43 -4.75 -15.16 -5.17
N LEU A 44 -5.30 -15.12 -3.95
CA LEU A 44 -6.67 -14.68 -3.76
C LEU A 44 -6.86 -13.31 -4.38
N GLY A 45 -5.91 -12.41 -4.11
CA GLY A 45 -5.97 -11.08 -4.67
C GLY A 45 -6.07 -11.15 -6.19
N GLY A 46 -5.09 -11.81 -6.80
CA GLY A 46 -5.10 -11.96 -8.24
C GLY A 46 -6.41 -12.58 -8.70
N GLU A 47 -6.80 -13.66 -8.03
CA GLU A 47 -8.05 -14.33 -8.34
C GLU A 47 -9.19 -13.33 -8.22
N ARG A 48 -9.13 -12.52 -7.17
CA ARG A 48 -10.13 -11.47 -6.94
C ARG A 48 -10.11 -10.49 -8.09
N LEU A 49 -8.95 -9.88 -8.34
CA LEU A 49 -8.81 -8.92 -9.42
C LEU A 49 -9.29 -9.54 -10.74
N LYS A 50 -8.77 -10.73 -11.04
CA LYS A 50 -9.12 -11.43 -12.27
C LYS A 50 -10.57 -11.92 -12.23
N SER A 51 -11.12 -12.07 -11.04
CA SER A 51 -12.49 -12.55 -10.88
C SER A 51 -13.51 -11.44 -11.07
N ARG A 52 -13.51 -10.47 -10.14
CA ARG A 52 -14.45 -9.35 -10.21
C ARG A 52 -14.55 -8.78 -11.61
N GLY A 53 -13.48 -8.91 -12.38
CA GLY A 53 -13.48 -8.40 -13.74
C GLY A 53 -12.73 -7.09 -13.88
N TYR A 54 -11.82 -6.84 -12.94
CA TYR A 54 -11.02 -5.62 -12.96
C TYR A 54 -9.68 -5.86 -13.64
N LYS A 55 -9.32 -4.98 -14.57
CA LYS A 55 -8.06 -5.11 -15.29
C LYS A 55 -7.07 -4.01 -14.92
N PHE A 56 -5.84 -4.19 -15.36
CA PHE A 56 -4.76 -3.27 -15.06
C PHE A 56 -4.15 -2.63 -16.30
N ASP A 57 -3.54 -1.47 -16.07
CA ASP A 57 -2.85 -0.71 -17.10
C ASP A 57 -1.43 -0.38 -16.61
N ILE A 58 -1.34 0.03 -15.35
CA ILE A 58 -0.06 0.36 -14.73
C ILE A 58 0.08 -0.39 -13.40
N ALA A 59 1.31 -0.55 -12.92
CA ALA A 59 1.55 -1.24 -11.67
C ALA A 59 2.60 -0.53 -10.83
N PHE A 60 2.31 -0.36 -9.54
CA PHE A 60 3.22 0.33 -8.64
C PHE A 60 3.57 -0.54 -7.43
N THR A 61 4.83 -0.93 -7.33
CA THR A 61 5.25 -1.76 -6.20
C THR A 61 6.34 -1.07 -5.37
N SER A 62 6.60 -1.64 -4.20
CA SER A 62 7.61 -1.11 -3.30
C SER A 62 8.95 -1.78 -3.55
N ALA A 63 10.04 -1.04 -3.35
CA ALA A 63 11.37 -1.58 -3.54
C ALA A 63 11.56 -2.89 -2.77
N LEU A 64 10.74 -3.09 -1.74
CA LEU A 64 10.82 -4.30 -0.92
C LEU A 64 10.35 -5.53 -1.69
N GLN A 65 11.09 -6.62 -1.52
CA GLN A 65 10.76 -7.89 -2.20
C GLN A 65 9.35 -8.35 -1.89
N ARG A 66 8.85 -8.03 -0.71
CA ARG A 66 7.52 -8.44 -0.30
C ARG A 66 6.49 -8.12 -1.38
N ALA A 67 6.42 -6.84 -1.75
CA ALA A 67 5.48 -6.38 -2.76
C ALA A 67 6.02 -6.65 -4.16
N GLN A 68 7.33 -6.51 -4.30
CA GLN A 68 7.99 -6.76 -5.57
C GLN A 68 7.77 -8.20 -5.97
N LYS A 69 7.64 -9.05 -4.95
CA LYS A 69 7.38 -10.46 -5.14
C LYS A 69 5.88 -10.68 -5.22
N THR A 70 5.19 -10.22 -4.19
CA THR A 70 3.73 -10.34 -4.13
C THR A 70 3.10 -9.82 -5.42
N CYS A 71 3.78 -8.85 -6.05
CA CYS A 71 3.29 -8.29 -7.31
C CYS A 71 3.34 -9.33 -8.42
N GLN A 72 4.48 -9.98 -8.57
CA GLN A 72 4.65 -11.00 -9.60
C GLN A 72 3.51 -12.01 -9.54
N ILE A 73 3.21 -12.47 -8.32
CA ILE A 73 2.14 -13.43 -8.11
C ILE A 73 0.83 -12.89 -8.65
N ILE A 74 0.35 -11.79 -8.08
CA ILE A 74 -0.89 -11.18 -8.52
C ILE A 74 -0.82 -10.90 -10.03
N LEU A 75 0.30 -10.32 -10.45
CA LEU A 75 0.51 -10.02 -11.86
C LEU A 75 0.39 -11.28 -12.71
N GLU A 76 1.34 -12.20 -12.51
CA GLU A 76 1.33 -13.45 -13.25
C GLU A 76 0.00 -14.17 -13.03
N GLU A 77 -0.64 -13.89 -11.90
CA GLU A 77 -1.92 -14.51 -11.57
C GLU A 77 -3.02 -13.94 -12.45
N VAL A 78 -3.13 -12.61 -12.47
CA VAL A 78 -4.14 -11.95 -13.29
C VAL A 78 -3.97 -12.28 -14.77
N GLY A 79 -2.77 -12.77 -15.13
CA GLY A 79 -2.51 -13.12 -16.51
C GLY A 79 -2.15 -11.93 -17.38
N GLU A 80 -1.45 -10.96 -16.80
CA GLU A 80 -1.04 -9.78 -17.55
C GLU A 80 0.36 -9.30 -17.15
N PRO A 81 1.34 -10.21 -17.00
CA PRO A 81 2.71 -9.83 -16.63
C PRO A 81 3.22 -8.66 -17.44
N ASN A 82 2.95 -8.69 -18.74
CA ASN A 82 3.39 -7.61 -19.64
C ASN A 82 2.99 -6.24 -19.11
N LEU A 83 1.96 -6.22 -18.28
CA LEU A 83 1.47 -4.98 -17.68
C LEU A 83 2.61 -4.08 -17.23
N GLU A 84 2.47 -2.77 -17.43
CA GLU A 84 3.50 -1.83 -17.04
C GLU A 84 3.62 -1.79 -15.52
N THR A 85 4.59 -2.52 -14.99
CA THR A 85 4.81 -2.57 -13.55
C THR A 85 6.06 -1.80 -13.16
N ILE A 86 5.92 -0.92 -12.18
CA ILE A 86 7.04 -0.13 -11.70
C ILE A 86 7.07 -0.14 -10.18
N LYS A 87 8.20 0.26 -9.61
CA LYS A 87 8.34 0.28 -8.17
C LYS A 87 9.17 1.46 -7.70
N SER A 88 9.29 1.58 -6.39
CA SER A 88 10.08 2.67 -5.82
C SER A 88 10.50 2.37 -4.38
N GLU A 89 11.57 3.02 -3.94
CA GLU A 89 12.07 2.86 -2.59
C GLU A 89 11.19 3.66 -1.64
N LYS A 90 10.75 4.81 -2.11
CA LYS A 90 9.87 5.66 -1.34
C LYS A 90 8.49 5.03 -1.19
N LEU A 91 8.23 3.98 -1.98
CA LEU A 91 6.96 3.28 -1.94
C LEU A 91 7.01 2.12 -0.94
N ASN A 92 7.97 2.18 -0.02
CA ASN A 92 8.12 1.14 0.99
C ASN A 92 7.26 1.43 2.22
N GLU A 93 7.42 0.61 3.25
CA GLU A 93 6.67 0.78 4.50
C GLU A 93 7.30 1.86 5.36
N ARG A 94 6.48 2.51 6.17
CA ARG A 94 6.97 3.58 7.05
C ARG A 94 8.09 3.07 7.95
N TYR A 95 9.28 3.67 7.82
CA TYR A 95 10.43 3.28 8.63
C TYR A 95 10.09 3.35 10.11
N TYR A 96 10.58 2.39 10.88
CA TYR A 96 10.31 2.34 12.31
C TYR A 96 11.58 2.49 13.15
N GLY A 97 12.55 3.24 12.61
CA GLY A 97 13.81 3.45 13.33
C GLY A 97 14.34 2.20 14.00
N ASP A 98 14.31 2.19 15.33
CA ASP A 98 14.80 1.05 16.10
C ASP A 98 13.69 0.06 16.44
N LEU A 99 12.46 0.37 16.04
CA LEU A 99 11.32 -0.51 16.31
C LEU A 99 11.22 -1.61 15.26
N GLN A 100 12.19 -1.68 14.37
CA GLN A 100 12.20 -2.69 13.31
C GLN A 100 12.43 -4.08 13.89
N GLY A 101 11.35 -4.85 14.05
CA GLY A 101 11.47 -6.18 14.59
C GLY A 101 11.15 -6.25 16.08
N LEU A 102 10.30 -5.35 16.54
CA LEU A 102 9.91 -5.32 17.94
C LEU A 102 8.60 -6.08 18.14
N ASN A 103 8.64 -7.12 18.97
CA ASN A 103 7.45 -7.90 19.24
C ASN A 103 6.29 -7.00 19.64
N LYS A 104 5.22 -7.03 18.85
CA LYS A 104 4.05 -6.20 19.12
C LYS A 104 3.70 -6.21 20.61
N ASP A 105 3.83 -7.38 21.23
CA ASP A 105 3.56 -7.50 22.66
C ASP A 105 4.53 -6.67 23.46
N ASP A 106 5.82 -6.93 23.28
CA ASP A 106 6.85 -6.17 23.99
C ASP A 106 6.70 -4.69 23.65
N ALA A 107 6.57 -4.40 22.35
CA ALA A 107 6.40 -3.03 21.90
C ALA A 107 5.17 -2.40 22.54
N ARG A 108 4.06 -3.13 22.47
CA ARG A 108 2.81 -2.66 23.07
C ARG A 108 2.82 -2.86 24.58
N LYS A 109 3.90 -3.46 25.09
CA LYS A 109 4.03 -3.70 26.52
C LYS A 109 4.96 -2.67 27.15
N LYS A 110 6.01 -2.30 26.43
CA LYS A 110 6.97 -1.32 26.92
C LYS A 110 6.47 0.10 26.66
N TRP A 111 5.60 0.25 25.66
CA TRP A 111 5.06 1.55 25.31
C TRP A 111 3.55 1.60 25.54
N GLY A 112 2.94 0.45 25.78
CA GLY A 112 1.51 0.40 26.02
C GLY A 112 0.71 0.93 24.84
N ALA A 113 -0.50 0.38 24.68
CA ALA A 113 -1.39 0.78 23.59
C ALA A 113 -1.36 2.30 23.38
N GLU A 114 -1.58 3.04 24.47
CA GLU A 114 -1.59 4.49 24.42
C GLU A 114 -0.43 5.04 23.58
N GLN A 115 0.79 4.70 23.97
CA GLN A 115 1.97 5.18 23.25
C GLN A 115 2.17 4.43 21.93
N VAL A 116 2.25 3.09 21.99
CA VAL A 116 2.45 2.32 20.78
C VAL A 116 1.44 2.72 19.72
N GLN A 117 0.20 2.94 20.14
CA GLN A 117 -0.84 3.36 19.22
C GLN A 117 -0.41 4.63 18.50
N ILE A 118 -0.46 5.75 19.20
CA ILE A 118 -0.03 7.02 18.63
C ILE A 118 1.32 6.87 17.94
N TRP A 119 2.12 5.92 18.42
CA TRP A 119 3.44 5.68 17.84
C TRP A 119 3.33 5.05 16.44
N ARG A 120 2.46 4.04 16.31
CA ARG A 120 2.30 3.36 15.03
C ARG A 120 1.05 3.80 14.27
N ARG A 121 0.21 4.61 14.90
CA ARG A 121 -1.02 5.09 14.28
C ARG A 121 -0.90 6.53 13.82
N SER A 122 -0.43 7.40 14.72
CA SER A 122 -0.29 8.82 14.40
C SER A 122 0.21 9.04 12.98
N TYR A 123 -0.26 10.11 12.34
CA TYR A 123 0.11 10.42 10.97
C TYR A 123 1.39 11.25 10.90
N ASP A 124 1.59 12.12 11.89
CA ASP A 124 2.78 12.97 11.93
C ASP A 124 3.84 12.40 12.87
N ILE A 125 3.40 11.95 14.04
CA ILE A 125 4.32 11.40 15.03
C ILE A 125 4.96 10.11 14.51
N ALA A 126 6.19 9.86 14.93
CA ALA A 126 6.92 8.67 14.54
C ALA A 126 7.64 8.05 15.73
N PRO A 127 7.64 6.72 15.84
CA PRO A 127 8.30 6.02 16.94
C PRO A 127 9.76 6.44 17.11
N PRO A 128 10.47 5.85 18.08
CA PRO A 128 11.87 6.17 18.32
C PRO A 128 12.70 6.09 17.05
N ASN A 129 12.77 7.19 16.32
CA ASN A 129 13.52 7.24 15.06
C ASN A 129 12.77 6.47 13.97
N GLY A 130 13.04 6.83 12.73
CA GLY A 130 12.38 6.16 11.62
C GLY A 130 11.73 7.13 10.65
N GLU A 131 10.45 6.91 10.39
CA GLU A 131 9.71 7.76 9.46
C GLU A 131 8.25 7.87 9.89
N SER A 132 7.62 8.98 9.51
CA SER A 132 6.22 9.22 9.84
C SER A 132 5.37 9.26 8.58
N LEU A 133 4.05 9.22 8.74
CA LEU A 133 3.13 9.26 7.61
C LEU A 133 3.43 10.46 6.71
N LYS A 134 3.47 11.66 7.30
CA LYS A 134 3.75 12.86 6.55
C LYS A 134 5.01 12.69 5.70
N ASP A 135 6.06 12.16 6.32
CA ASP A 135 7.31 11.93 5.62
C ASP A 135 7.08 10.90 4.51
N THR A 136 6.43 9.80 4.88
CA THR A 136 6.12 8.75 3.93
C THR A 136 5.37 9.34 2.75
N ALA A 137 4.25 9.99 3.02
CA ALA A 137 3.47 10.61 1.96
C ALA A 137 4.32 11.65 1.23
N GLU A 138 5.03 12.46 2.02
CA GLU A 138 5.89 13.51 1.48
C GLU A 138 6.96 12.92 0.56
N ARG A 139 7.50 11.77 0.93
CA ARG A 139 8.54 11.12 0.13
C ARG A 139 7.93 10.24 -0.95
N VAL A 140 6.76 9.69 -0.66
CA VAL A 140 6.05 8.83 -1.61
C VAL A 140 5.38 9.64 -2.72
N LEU A 141 4.64 10.68 -2.34
CA LEU A 141 3.93 11.51 -3.31
C LEU A 141 4.81 11.90 -4.49
N PRO A 142 6.02 12.43 -4.22
CA PRO A 142 6.95 12.82 -5.28
C PRO A 142 6.98 11.81 -6.41
N TYR A 143 7.13 10.54 -6.04
CA TYR A 143 7.12 9.47 -7.02
C TYR A 143 5.83 9.55 -7.81
N TYR A 144 4.73 9.57 -7.06
CA TYR A 144 3.40 9.68 -7.64
C TYR A 144 3.34 10.88 -8.56
N LYS A 145 3.39 12.07 -7.99
CA LYS A 145 3.34 13.29 -8.78
C LYS A 145 4.35 13.25 -9.93
N SER A 146 5.58 12.89 -9.61
CA SER A 146 6.67 12.83 -10.60
C SER A 146 6.34 11.92 -11.77
N THR A 147 6.42 10.60 -11.57
CA THR A 147 6.19 9.66 -12.67
C THR A 147 4.82 8.99 -12.64
N ILE A 148 3.88 9.54 -11.89
CA ILE A 148 2.55 8.94 -11.86
C ILE A 148 1.44 9.95 -12.16
N VAL A 149 1.80 11.22 -12.29
CA VAL A 149 0.83 12.25 -12.58
C VAL A 149 0.53 12.43 -14.09
N PRO A 150 1.44 12.02 -15.02
CA PRO A 150 1.20 12.20 -16.46
C PRO A 150 0.15 11.25 -17.02
N HIS A 151 0.35 9.94 -16.84
CA HIS A 151 -0.59 8.95 -17.36
C HIS A 151 -1.94 9.03 -16.65
N ILE A 152 -1.91 9.10 -15.32
CA ILE A 152 -3.14 9.18 -14.54
C ILE A 152 -4.03 10.31 -15.04
N LEU A 153 -3.41 11.30 -15.69
CA LEU A 153 -4.15 12.45 -16.21
C LEU A 153 -4.72 12.15 -17.59
N LYS A 154 -4.09 11.21 -18.29
CA LYS A 154 -4.53 10.83 -19.63
C LYS A 154 -5.77 9.94 -19.55
N GLY A 155 -5.87 9.16 -18.48
CA GLY A 155 -7.01 8.28 -18.32
C GLY A 155 -6.61 6.82 -18.22
N GLU A 156 -5.60 6.54 -17.40
CA GLU A 156 -5.12 5.18 -17.22
C GLU A 156 -5.35 4.70 -15.79
N LYS A 157 -5.43 3.39 -15.61
CA LYS A 157 -5.65 2.81 -14.29
C LYS A 157 -4.35 2.18 -13.81
N VAL A 158 -4.04 2.33 -12.52
CA VAL A 158 -2.78 1.80 -12.00
C VAL A 158 -2.93 0.92 -10.75
N LEU A 159 -2.10 -0.13 -10.71
CA LEU A 159 -2.07 -1.05 -9.59
C LEU A 159 -1.06 -0.55 -8.56
N ILE A 160 -1.26 -0.88 -7.29
CA ILE A 160 -0.35 -0.45 -6.24
C ILE A 160 -0.15 -1.54 -5.20
N ALA A 161 1.05 -2.10 -5.17
CA ALA A 161 1.40 -3.14 -4.20
C ALA A 161 2.36 -2.56 -3.17
N ALA A 162 1.78 -1.91 -2.17
CA ALA A 162 2.56 -1.28 -1.11
C ALA A 162 2.11 -1.75 0.27
N HIS A 163 2.34 -0.91 1.28
CA HIS A 163 1.96 -1.25 2.65
C HIS A 163 0.86 -0.33 3.16
N GLY A 164 0.31 -0.66 4.32
CA GLY A 164 -0.72 0.15 4.90
C GLY A 164 -0.33 1.61 4.95
N ASN A 165 0.82 1.89 5.57
CA ASN A 165 1.31 3.26 5.66
C ASN A 165 1.44 3.87 4.28
N SER A 166 2.16 3.19 3.38
CA SER A 166 2.32 3.68 2.01
C SER A 166 0.95 3.99 1.42
N LEU A 167 0.09 2.99 1.41
CA LEU A 167 -1.26 3.15 0.90
C LEU A 167 -1.95 4.28 1.66
N ARG A 168 -1.62 4.39 2.94
CA ARG A 168 -2.17 5.44 3.78
C ARG A 168 -1.73 6.80 3.25
N ALA A 169 -0.42 6.97 3.15
CA ALA A 169 0.15 8.21 2.63
C ALA A 169 -0.35 8.50 1.23
N LEU A 170 -0.51 7.44 0.44
CA LEU A 170 -1.00 7.59 -0.93
C LEU A 170 -2.48 7.92 -0.94
N ILE A 171 -3.29 7.06 -0.34
CA ILE A 171 -4.73 7.26 -0.28
C ILE A 171 -5.09 8.54 0.47
N MET A 172 -4.44 8.78 1.61
CA MET A 172 -4.70 9.99 2.39
C MET A 172 -4.56 11.22 1.51
N ASP A 173 -3.53 11.21 0.67
CA ASP A 173 -3.28 12.33 -0.24
C ASP A 173 -4.17 12.18 -1.47
N LEU A 174 -4.39 10.94 -1.88
CA LEU A 174 -5.23 10.65 -3.04
C LEU A 174 -6.67 11.06 -2.76
N GLU A 175 -7.08 10.98 -1.49
CA GLU A 175 -8.42 11.34 -1.08
C GLU A 175 -8.43 12.72 -0.44
N GLY A 176 -7.42 12.98 0.40
CA GLY A 176 -7.33 14.27 1.06
C GLY A 176 -7.67 14.17 2.54
N LEU A 177 -7.56 12.97 3.10
CA LEU A 177 -7.87 12.75 4.51
C LEU A 177 -6.93 13.55 5.39
N THR A 178 -7.05 13.37 6.70
CA THR A 178 -6.22 14.08 7.67
C THR A 178 -5.60 13.11 8.66
N GLY A 179 -4.53 13.54 9.32
CA GLY A 179 -3.86 12.70 10.30
C GLY A 179 -4.82 12.18 11.35
N ASP A 180 -5.94 12.86 11.53
CA ASP A 180 -6.93 12.45 12.52
C ASP A 180 -7.91 11.44 11.93
N GLN A 181 -8.06 11.46 10.62
CA GLN A 181 -8.97 10.55 9.93
C GLN A 181 -8.19 9.38 9.33
N ILE A 182 -7.23 9.69 8.48
CA ILE A 182 -6.42 8.65 7.84
C ILE A 182 -5.88 7.65 8.86
N VAL A 183 -5.75 8.10 10.10
CA VAL A 183 -5.24 7.27 11.17
C VAL A 183 -6.09 6.00 11.33
N LYS A 184 -7.31 6.02 10.81
CA LYS A 184 -8.19 4.86 10.91
C LYS A 184 -8.86 4.54 9.57
N ARG A 185 -8.04 4.31 8.53
CA ARG A 185 -8.57 3.97 7.22
C ARG A 185 -8.48 2.47 6.95
N GLU A 186 -8.25 1.71 8.01
CA GLU A 186 -8.12 0.24 7.99
C GLU A 186 -8.03 -0.33 6.58
N LEU A 187 -6.84 -0.78 6.20
CA LEU A 187 -6.63 -1.35 4.89
C LEU A 187 -6.44 -2.87 4.95
N ALA A 188 -7.19 -3.59 4.13
CA ALA A 188 -7.10 -5.04 4.11
C ALA A 188 -5.67 -5.48 3.78
N THR A 189 -5.52 -6.77 3.47
CA THR A 189 -4.21 -7.32 3.14
C THR A 189 -4.33 -8.44 2.11
N GLY A 190 -3.82 -8.20 0.91
CA GLY A 190 -3.88 -9.20 -0.13
C GLY A 190 -5.01 -8.96 -1.12
N VAL A 191 -6.00 -8.17 -0.71
CA VAL A 191 -7.14 -7.88 -1.56
C VAL A 191 -6.89 -6.63 -2.40
N PRO A 192 -6.97 -6.75 -3.75
CA PRO A 192 -6.75 -5.63 -4.66
C PRO A 192 -7.85 -4.57 -4.54
N ILE A 193 -7.70 -3.67 -3.57
CA ILE A 193 -8.68 -2.61 -3.34
C ILE A 193 -8.43 -1.45 -4.30
N VAL A 194 -9.48 -1.03 -4.99
CA VAL A 194 -9.36 0.06 -5.94
C VAL A 194 -10.11 1.29 -5.48
N TYR A 195 -9.59 2.46 -5.85
CA TYR A 195 -10.22 3.72 -5.48
C TYR A 195 -10.55 4.55 -6.71
N HIS A 196 -11.82 4.91 -6.85
CA HIS A 196 -12.26 5.72 -7.98
C HIS A 196 -11.72 7.13 -7.85
N LEU A 197 -11.00 7.59 -8.87
CA LEU A 197 -10.42 8.93 -8.84
C LEU A 197 -10.47 9.60 -10.20
N ASP A 198 -10.20 10.90 -10.22
CA ASP A 198 -10.23 11.66 -11.46
C ASP A 198 -8.87 11.71 -12.12
N LYS A 199 -8.80 12.42 -13.23
CA LYS A 199 -7.56 12.56 -13.99
C LYS A 199 -6.51 13.31 -13.18
N ASP A 200 -6.97 14.08 -12.21
CA ASP A 200 -6.06 14.86 -11.37
C ASP A 200 -5.44 13.99 -10.27
N GLY A 201 -6.01 12.81 -10.06
CA GLY A 201 -5.50 11.92 -9.04
C GLY A 201 -6.31 11.99 -7.75
N LYS A 202 -7.48 12.60 -7.81
CA LYS A 202 -8.34 12.73 -6.64
C LYS A 202 -9.46 11.71 -6.68
N TYR A 203 -9.76 11.13 -5.53
CA TYR A 203 -10.83 10.13 -5.43
C TYR A 203 -12.18 10.75 -5.78
N VAL A 204 -12.92 10.09 -6.67
CA VAL A 204 -14.23 10.60 -7.08
C VAL A 204 -15.33 9.57 -6.82
N SER A 205 -15.09 8.69 -5.85
CA SER A 205 -16.06 7.65 -5.51
C SER A 205 -15.55 6.79 -4.36
N LYS A 206 -16.25 5.69 -4.11
CA LYS A 206 -15.86 4.78 -3.04
C LYS A 206 -14.95 3.67 -3.56
N GLU A 207 -14.05 3.21 -2.70
CA GLU A 207 -13.12 2.15 -3.08
C GLU A 207 -13.86 0.89 -3.52
N LEU A 208 -13.12 -0.13 -3.97
CA LEU A 208 -13.74 -1.36 -4.42
C LEU A 208 -12.93 -2.61 -4.08
N ILE A 209 -13.64 -3.65 -3.65
CA ILE A 209 -13.05 -4.92 -3.30
C ILE A 209 -14.10 -6.03 -3.46
N ASP A 210 -13.65 -7.27 -3.50
CA ASP A 210 -14.57 -8.41 -3.64
C ASP A 210 -15.33 -8.66 -2.35
N ASN A 211 -14.59 -8.78 -1.25
CA ASN A 211 -15.19 -9.02 0.06
C ASN A 211 -16.31 -8.01 0.34
N MET A 1 -8.44 -0.20 -15.63
CA MET A 1 -8.43 0.61 -16.89
C MET A 1 -9.50 1.70 -16.84
N THR A 2 -9.05 2.94 -16.67
CA THR A 2 -9.98 4.09 -16.61
C THR A 2 -11.07 3.98 -17.66
N THR A 3 -12.13 4.75 -17.49
CA THR A 3 -13.25 4.75 -18.41
C THR A 3 -13.27 6.03 -19.24
N GLU A 4 -12.88 7.13 -18.60
CA GLU A 4 -12.85 8.44 -19.26
C GLU A 4 -11.48 9.09 -19.11
N ALA A 5 -11.35 10.30 -19.64
CA ALA A 5 -10.09 11.03 -19.56
C ALA A 5 -10.08 11.98 -18.37
N ALA A 6 -10.48 11.48 -17.21
CA ALA A 6 -10.51 12.30 -16.00
C ALA A 6 -10.50 11.43 -14.75
N PRO A 7 -11.59 10.68 -14.49
CA PRO A 7 -11.70 9.81 -13.32
C PRO A 7 -10.84 8.57 -13.45
N ASN A 8 -9.51 8.74 -13.41
CA ASN A 8 -8.60 7.61 -13.53
C ASN A 8 -8.96 6.52 -12.52
N LEU A 9 -8.27 5.39 -12.61
CA LEU A 9 -8.52 4.27 -11.71
C LEU A 9 -7.22 3.75 -11.10
N LEU A 10 -7.18 3.71 -9.78
CA LEU A 10 -5.99 3.25 -9.08
C LEU A 10 -6.32 2.20 -8.02
N VAL A 11 -5.68 1.04 -8.13
CA VAL A 11 -5.91 -0.02 -7.17
C VAL A 11 -4.79 -0.07 -6.11
N LEU A 12 -5.21 -0.22 -4.86
CA LEU A 12 -4.29 -0.31 -3.75
C LEU A 12 -4.32 -1.71 -3.17
N THR A 13 -3.17 -2.39 -3.18
CA THR A 13 -3.09 -3.73 -2.66
C THR A 13 -2.04 -3.83 -1.55
N ARG A 14 -2.42 -4.46 -0.45
CA ARG A 14 -1.51 -4.62 0.68
C ARG A 14 -1.09 -6.08 0.83
N HIS A 15 0.19 -6.35 0.58
CA HIS A 15 0.73 -7.70 0.71
C HIS A 15 0.19 -8.40 1.95
N GLY A 16 0.04 -9.72 1.88
CA GLY A 16 -0.48 -10.46 3.00
C GLY A 16 0.43 -10.36 4.21
N GLU A 17 0.73 -11.50 4.82
CA GLU A 17 1.60 -11.54 5.99
C GLU A 17 2.90 -12.25 5.68
N SER A 18 4.01 -11.66 6.10
CA SER A 18 5.32 -12.23 5.87
C SER A 18 5.76 -13.06 7.08
N GLU A 19 6.87 -13.77 6.93
CA GLU A 19 7.39 -14.60 8.00
C GLU A 19 7.48 -13.80 9.31
N TRP A 20 7.60 -12.48 9.17
CA TRP A 20 7.68 -11.60 10.33
C TRP A 20 6.41 -11.68 11.17
N ASN A 21 5.31 -12.11 10.54
CA ASN A 21 4.04 -12.24 11.23
C ASN A 21 4.10 -13.37 12.26
N LYS A 22 4.76 -14.46 11.87
CA LYS A 22 4.90 -15.60 12.75
C LYS A 22 5.71 -15.23 13.99
N LEU A 23 6.77 -14.45 13.77
CA LEU A 23 7.64 -14.01 14.85
C LEU A 23 6.92 -13.00 15.73
N ASN A 24 5.97 -12.28 15.13
CA ASN A 24 5.20 -11.26 15.85
C ASN A 24 6.04 -10.03 16.14
N LEU A 25 6.92 -9.67 15.20
CA LEU A 25 7.77 -8.50 15.36
C LEU A 25 7.54 -7.50 14.24
N PHE A 26 8.12 -6.32 14.38
CA PHE A 26 8.00 -5.28 13.37
C PHE A 26 9.04 -5.52 12.27
N THR A 27 9.18 -4.57 11.35
CA THR A 27 10.14 -4.69 10.25
C THR A 27 10.94 -3.39 10.09
N GLY A 28 10.24 -2.31 9.80
CA GLY A 28 10.89 -1.03 9.62
C GLY A 28 11.23 -0.76 8.17
N TRP A 29 12.51 -0.89 7.82
CA TRP A 29 12.96 -0.66 6.46
C TRP A 29 13.47 -1.94 5.81
N LYS A 30 13.93 -2.88 6.64
CA LYS A 30 14.44 -4.15 6.12
C LYS A 30 13.43 -4.80 5.18
N ASP A 31 13.78 -5.99 4.67
CA ASP A 31 12.90 -6.70 3.75
C ASP A 31 12.66 -8.13 4.23
N PRO A 32 11.44 -8.44 4.72
CA PRO A 32 11.09 -9.77 5.20
C PRO A 32 10.76 -10.73 4.06
N ALA A 33 10.18 -11.88 4.41
CA ALA A 33 9.82 -12.88 3.40
C ALA A 33 8.35 -13.26 3.51
N LEU A 34 7.59 -13.01 2.45
CA LEU A 34 6.17 -13.33 2.43
C LEU A 34 5.92 -14.78 2.86
N SER A 35 4.68 -15.09 3.18
CA SER A 35 4.33 -16.44 3.62
C SER A 35 3.15 -17.01 2.81
N GLU A 36 2.79 -18.25 3.13
CA GLU A 36 1.69 -18.92 2.45
C GLU A 36 0.45 -18.04 2.43
N THR A 37 0.20 -17.35 3.55
CA THR A 37 -0.93 -16.46 3.64
C THR A 37 -0.77 -15.35 2.61
N GLY A 38 0.46 -14.86 2.49
CA GLY A 38 0.75 -13.83 1.52
C GLY A 38 0.54 -14.34 0.11
N ILE A 39 1.23 -15.42 -0.24
CA ILE A 39 1.08 -16.02 -1.56
C ILE A 39 -0.39 -16.34 -1.78
N LYS A 40 -1.00 -16.97 -0.78
CA LYS A 40 -2.41 -17.30 -0.83
C LYS A 40 -3.22 -16.03 -0.98
N GLU A 41 -2.71 -14.94 -0.40
CA GLU A 41 -3.35 -13.65 -0.49
C GLU A 41 -3.25 -13.17 -1.92
N ALA A 42 -2.03 -13.15 -2.46
CA ALA A 42 -1.80 -12.73 -3.82
C ALA A 42 -2.67 -13.55 -4.76
N LYS A 43 -2.61 -14.87 -4.62
CA LYS A 43 -3.41 -15.77 -5.43
C LYS A 43 -4.87 -15.36 -5.37
N LEU A 44 -5.42 -15.33 -4.16
CA LEU A 44 -6.80 -14.93 -3.96
C LEU A 44 -7.02 -13.55 -4.55
N GLY A 45 -6.24 -12.58 -4.09
CA GLY A 45 -6.35 -11.22 -4.61
C GLY A 45 -6.44 -11.21 -6.13
N GLY A 46 -5.41 -11.75 -6.78
CA GLY A 46 -5.43 -11.81 -8.22
C GLY A 46 -6.64 -12.58 -8.72
N GLU A 47 -6.89 -13.73 -8.10
CA GLU A 47 -8.03 -14.55 -8.46
C GLU A 47 -9.31 -13.73 -8.39
N ARG A 48 -9.44 -12.92 -7.34
CA ARG A 48 -10.62 -12.08 -7.18
C ARG A 48 -10.57 -10.93 -8.17
N LEU A 49 -9.49 -10.15 -8.12
CA LEU A 49 -9.31 -9.02 -9.02
C LEU A 49 -9.58 -9.44 -10.47
N LYS A 50 -8.98 -10.55 -10.87
CA LYS A 50 -9.15 -11.06 -12.22
C LYS A 50 -10.53 -11.67 -12.43
N SER A 51 -11.15 -12.11 -11.33
CA SER A 51 -12.47 -12.72 -11.40
C SER A 51 -13.56 -11.72 -10.96
N ARG A 52 -13.24 -10.44 -10.99
CA ARG A 52 -14.18 -9.40 -10.61
C ARG A 52 -14.54 -8.51 -11.80
N GLY A 53 -13.68 -8.50 -12.81
CA GLY A 53 -13.92 -7.69 -13.98
C GLY A 53 -13.07 -6.44 -14.00
N TYR A 54 -11.95 -6.48 -13.29
CA TYR A 54 -11.04 -5.34 -13.22
C TYR A 54 -9.72 -5.67 -13.90
N LYS A 55 -9.32 -4.85 -14.87
CA LYS A 55 -8.08 -5.06 -15.59
C LYS A 55 -7.03 -4.04 -15.16
N PHE A 56 -5.77 -4.43 -15.25
CA PHE A 56 -4.68 -3.57 -14.86
C PHE A 56 -3.78 -3.18 -16.02
N ASP A 57 -3.37 -1.91 -16.01
CA ASP A 57 -2.48 -1.38 -17.04
C ASP A 57 -1.14 -1.03 -16.41
N ILE A 58 -1.19 -0.24 -15.34
CA ILE A 58 0.02 0.16 -14.63
C ILE A 58 0.09 -0.53 -13.26
N ALA A 59 1.31 -0.82 -12.82
CA ALA A 59 1.50 -1.46 -11.53
C ALA A 59 2.59 -0.75 -10.73
N PHE A 60 2.28 -0.41 -9.48
CA PHE A 60 3.26 0.27 -8.63
C PHE A 60 3.50 -0.49 -7.34
N THR A 61 4.71 -1.03 -7.19
CA THR A 61 5.05 -1.78 -5.99
C THR A 61 6.20 -1.13 -5.24
N SER A 62 6.33 -1.44 -3.96
CA SER A 62 7.44 -0.89 -3.17
C SER A 62 8.72 -1.63 -3.52
N ALA A 63 9.85 -0.95 -3.39
CA ALA A 63 11.13 -1.57 -3.70
C ALA A 63 11.29 -2.90 -2.95
N LEU A 64 10.54 -3.06 -1.86
CA LEU A 64 10.60 -4.27 -1.04
C LEU A 64 10.12 -5.50 -1.82
N GLN A 65 10.82 -6.60 -1.61
CA GLN A 65 10.49 -7.86 -2.26
C GLN A 65 9.07 -8.30 -1.96
N ARG A 66 8.59 -7.97 -0.77
CA ARG A 66 7.24 -8.33 -0.37
C ARG A 66 6.23 -7.95 -1.46
N ALA A 67 6.21 -6.66 -1.80
CA ALA A 67 5.30 -6.16 -2.82
C ALA A 67 5.87 -6.41 -4.21
N GLN A 68 7.20 -6.29 -4.32
CA GLN A 68 7.87 -6.51 -5.58
C GLN A 68 7.65 -7.94 -6.03
N LYS A 69 7.42 -8.81 -5.05
CA LYS A 69 7.15 -10.22 -5.29
C LYS A 69 5.65 -10.42 -5.38
N THR A 70 4.94 -9.91 -4.38
CA THR A 70 3.49 -10.03 -4.34
C THR A 70 2.89 -9.59 -5.67
N CYS A 71 3.59 -8.70 -6.38
CA CYS A 71 3.11 -8.23 -7.68
C CYS A 71 3.19 -9.34 -8.73
N GLN A 72 4.39 -9.92 -8.87
CA GLN A 72 4.61 -10.99 -9.83
C GLN A 72 3.52 -12.06 -9.72
N ILE A 73 3.23 -12.47 -8.50
CA ILE A 73 2.21 -13.48 -8.25
C ILE A 73 0.85 -13.00 -8.74
N ILE A 74 0.33 -11.95 -8.10
CA ILE A 74 -0.96 -11.40 -8.47
C ILE A 74 -1.02 -11.12 -9.97
N LEU A 75 0.05 -10.52 -10.50
CA LEU A 75 0.13 -10.22 -11.92
C LEU A 75 0.17 -11.50 -12.74
N GLU A 76 1.00 -12.44 -12.30
CA GLU A 76 1.13 -13.72 -12.98
C GLU A 76 -0.15 -14.55 -12.81
N GLU A 77 -0.91 -14.25 -11.77
CA GLU A 77 -2.17 -14.94 -11.51
C GLU A 77 -3.29 -14.30 -12.29
N VAL A 78 -3.41 -12.98 -12.18
CA VAL A 78 -4.44 -12.24 -12.90
C VAL A 78 -4.27 -12.45 -14.40
N GLY A 79 -3.03 -12.67 -14.83
CA GLY A 79 -2.75 -12.89 -16.24
C GLY A 79 -2.59 -11.61 -17.03
N GLU A 80 -2.07 -10.57 -16.38
CA GLU A 80 -1.88 -9.30 -17.05
C GLU A 80 -0.43 -8.78 -17.00
N PRO A 81 0.60 -9.67 -16.88
CA PRO A 81 2.00 -9.21 -16.84
C PRO A 81 2.31 -8.20 -17.93
N ASN A 82 1.72 -8.42 -19.11
CA ASN A 82 1.93 -7.53 -20.26
C ASN A 82 1.83 -6.06 -19.85
N LEU A 83 1.06 -5.79 -18.81
CA LEU A 83 0.90 -4.43 -18.33
C LEU A 83 2.24 -3.83 -17.88
N GLU A 84 2.20 -2.63 -17.33
CA GLU A 84 3.41 -1.97 -16.86
C GLU A 84 3.62 -2.20 -15.36
N THR A 85 4.51 -3.12 -15.03
CA THR A 85 4.82 -3.43 -13.65
C THR A 85 5.98 -2.58 -13.16
N ILE A 86 5.68 -1.55 -12.38
CA ILE A 86 6.70 -0.64 -11.88
C ILE A 86 6.76 -0.67 -10.34
N LYS A 87 7.90 -0.25 -9.81
CA LYS A 87 8.09 -0.21 -8.36
C LYS A 87 8.80 1.07 -7.93
N SER A 88 8.64 1.42 -6.65
CA SER A 88 9.26 2.62 -6.11
C SER A 88 9.97 2.33 -4.79
N GLU A 89 11.08 3.02 -4.57
CA GLU A 89 11.85 2.85 -3.34
C GLU A 89 11.15 3.56 -2.20
N LYS A 90 10.49 4.66 -2.53
CA LYS A 90 9.76 5.45 -1.54
C LYS A 90 8.45 4.76 -1.16
N LEU A 91 8.08 3.71 -1.90
CA LEU A 91 6.85 3.00 -1.62
C LEU A 91 7.04 2.02 -0.47
N ASN A 92 8.23 1.99 0.13
CA ASN A 92 8.51 1.09 1.24
C ASN A 92 7.77 1.53 2.50
N GLU A 93 7.63 0.63 3.45
CA GLU A 93 6.93 0.93 4.70
C GLU A 93 7.67 2.00 5.48
N ARG A 94 6.91 2.91 6.10
CA ARG A 94 7.50 3.99 6.88
C ARG A 94 8.51 3.42 7.88
N TYR A 95 9.67 4.04 7.96
CA TYR A 95 10.71 3.61 8.89
C TYR A 95 10.15 3.51 10.31
N TYR A 96 10.68 2.60 11.10
CA TYR A 96 10.21 2.42 12.47
C TYR A 96 11.31 2.73 13.49
N GLY A 97 12.38 3.36 13.04
CA GLY A 97 13.47 3.71 13.94
C GLY A 97 13.89 2.56 14.82
N ASP A 98 13.89 2.79 16.13
CA ASP A 98 14.28 1.75 17.09
C ASP A 98 13.08 0.92 17.53
N LEU A 99 11.99 0.99 16.76
CA LEU A 99 10.78 0.24 17.07
C LEU A 99 10.61 -0.95 16.12
N GLN A 100 11.25 -0.87 14.95
CA GLN A 100 11.15 -1.92 13.96
C GLN A 100 11.73 -3.24 14.48
N GLY A 101 11.19 -4.34 14.01
CA GLY A 101 11.67 -5.65 14.44
C GLY A 101 11.38 -5.94 15.91
N LEU A 102 10.61 -5.08 16.55
CA LEU A 102 10.25 -5.25 17.94
C LEU A 102 8.97 -6.05 18.09
N ASN A 103 9.00 -7.08 18.91
CA ASN A 103 7.83 -7.92 19.13
C ASN A 103 6.61 -7.07 19.46
N LYS A 104 5.58 -7.16 18.61
CA LYS A 104 4.36 -6.40 18.81
C LYS A 104 3.91 -6.48 20.26
N ASP A 105 4.04 -7.66 20.86
CA ASP A 105 3.67 -7.86 22.24
C ASP A 105 4.58 -7.05 23.15
N ASP A 106 5.88 -7.21 22.97
CA ASP A 106 6.86 -6.47 23.75
C ASP A 106 6.62 -4.98 23.57
N ALA A 107 6.50 -4.54 22.31
CA ALA A 107 6.26 -3.14 22.01
C ALA A 107 4.91 -2.72 22.59
N ARG A 108 3.89 -3.51 22.32
CA ARG A 108 2.55 -3.22 22.83
C ARG A 108 2.51 -3.35 24.36
N LYS A 109 3.51 -4.03 24.91
CA LYS A 109 3.59 -4.21 26.36
C LYS A 109 4.48 -3.15 26.98
N LYS A 110 5.43 -2.65 26.20
CA LYS A 110 6.35 -1.62 26.68
C LYS A 110 5.88 -0.22 26.28
N TRP A 111 5.02 -0.15 25.27
CA TRP A 111 4.51 1.13 24.79
C TRP A 111 2.98 1.19 24.88
N GLY A 112 2.36 0.06 25.21
CA GLY A 112 0.91 0.02 25.33
C GLY A 112 0.22 0.49 24.07
N ALA A 113 -1.06 0.13 23.94
CA ALA A 113 -1.85 0.53 22.79
C ALA A 113 -1.71 2.02 22.54
N GLU A 114 -1.72 2.79 23.62
CA GLU A 114 -1.59 4.23 23.54
C GLU A 114 -0.31 4.64 22.83
N GLN A 115 0.84 4.46 23.49
CA GLN A 115 2.10 4.86 22.88
C GLN A 115 2.30 4.16 21.54
N VAL A 116 2.11 2.83 21.50
CA VAL A 116 2.26 2.13 20.24
C VAL A 116 1.33 2.73 19.19
N GLN A 117 0.13 3.14 19.62
CA GLN A 117 -0.83 3.75 18.70
C GLN A 117 -0.24 5.05 18.17
N ILE A 118 -0.01 6.00 19.06
CA ILE A 118 0.57 7.27 18.65
C ILE A 118 1.88 7.03 17.89
N TRP A 119 2.51 5.89 18.15
CA TRP A 119 3.77 5.55 17.48
C TRP A 119 3.54 4.98 16.08
N ARG A 120 2.63 4.01 15.97
CA ARG A 120 2.35 3.37 14.69
C ARG A 120 1.26 4.09 13.89
N ARG A 121 0.25 4.59 14.57
CA ARG A 121 -0.85 5.30 13.91
C ARG A 121 -0.57 6.79 13.85
N SER A 122 -0.95 7.52 14.89
CA SER A 122 -0.74 8.97 14.94
C SER A 122 -1.08 9.62 13.59
N TYR A 123 -0.05 9.98 12.83
CA TYR A 123 -0.23 10.60 11.53
C TYR A 123 1.08 11.24 11.06
N ASP A 124 1.67 12.09 11.90
CA ASP A 124 2.91 12.77 11.55
C ASP A 124 4.03 12.47 12.55
N ILE A 125 3.66 12.10 13.78
CA ILE A 125 4.64 11.81 14.80
C ILE A 125 5.14 10.36 14.69
N ALA A 126 6.44 10.19 14.49
CA ALA A 126 7.02 8.87 14.37
C ALA A 126 7.87 8.53 15.59
N PRO A 127 8.09 7.22 15.84
CA PRO A 127 8.89 6.76 16.98
C PRO A 127 10.34 7.24 16.88
N PRO A 128 11.08 7.20 17.99
CA PRO A 128 12.49 7.62 18.00
C PRO A 128 13.27 6.99 16.86
N ASN A 129 13.62 7.81 15.86
CA ASN A 129 14.36 7.37 14.68
C ASN A 129 13.42 6.91 13.57
N GLY A 130 12.20 6.54 13.94
CA GLY A 130 11.23 6.08 12.97
C GLY A 130 10.63 7.21 12.14
N GLU A 131 9.96 6.83 11.06
CA GLU A 131 9.33 7.79 10.16
C GLU A 131 7.82 7.79 10.37
N SER A 132 7.13 8.78 9.80
CA SER A 132 5.68 8.87 9.94
C SER A 132 5.00 8.79 8.58
N LEU A 133 3.72 9.11 8.55
CA LEU A 133 2.95 9.08 7.31
C LEU A 133 3.28 10.30 6.44
N LYS A 134 3.26 11.47 7.06
CA LYS A 134 3.58 12.71 6.35
C LYS A 134 4.86 12.54 5.55
N ASP A 135 5.88 12.00 6.22
CA ASP A 135 7.16 11.75 5.58
C ASP A 135 6.95 10.77 4.43
N THR A 136 6.24 9.68 4.74
CA THR A 136 5.93 8.66 3.75
C THR A 136 5.33 9.32 2.52
N ALA A 137 4.35 10.18 2.73
CA ALA A 137 3.73 10.90 1.63
C ALA A 137 4.73 11.88 1.03
N GLU A 138 5.48 12.54 1.91
CA GLU A 138 6.48 13.51 1.47
C GLU A 138 7.56 12.84 0.61
N ARG A 139 7.68 11.52 0.73
CA ARG A 139 8.66 10.79 -0.06
C ARG A 139 7.99 9.86 -1.07
N VAL A 140 6.72 9.55 -0.83
CA VAL A 140 5.96 8.69 -1.72
C VAL A 140 5.16 9.51 -2.72
N LEU A 141 4.57 10.60 -2.26
CA LEU A 141 3.76 11.45 -3.11
C LEU A 141 4.54 11.92 -4.34
N PRO A 142 5.80 12.35 -4.18
CA PRO A 142 6.61 12.80 -5.30
C PRO A 142 6.63 11.75 -6.40
N TYR A 143 6.86 10.50 -6.01
CA TYR A 143 6.86 9.41 -6.96
C TYR A 143 5.50 9.35 -7.61
N TYR A 144 4.47 9.50 -6.78
CA TYR A 144 3.09 9.51 -7.26
C TYR A 144 2.93 10.64 -8.27
N LYS A 145 3.02 11.86 -7.81
CA LYS A 145 2.89 12.99 -8.72
C LYS A 145 3.83 12.85 -9.91
N SER A 146 5.13 12.87 -9.63
CA SER A 146 6.16 12.77 -10.66
C SER A 146 5.98 11.58 -11.61
N THR A 147 5.97 10.36 -11.07
CA THR A 147 5.88 9.16 -11.91
C THR A 147 4.46 8.62 -12.07
N ILE A 148 3.46 9.28 -11.51
CA ILE A 148 2.10 8.79 -11.64
C ILE A 148 1.12 9.86 -12.11
N VAL A 149 1.58 11.09 -12.27
CA VAL A 149 0.71 12.15 -12.75
C VAL A 149 0.73 12.32 -14.29
N PRO A 150 1.59 11.60 -15.06
CA PRO A 150 1.62 11.76 -16.52
C PRO A 150 0.63 10.84 -17.24
N HIS A 151 0.65 9.55 -16.90
CA HIS A 151 -0.26 8.59 -17.54
C HIS A 151 -1.69 8.79 -17.09
N ILE A 152 -1.89 8.99 -15.79
CA ILE A 152 -3.23 9.20 -15.26
C ILE A 152 -3.97 10.28 -16.04
N LEU A 153 -3.21 11.17 -16.66
CA LEU A 153 -3.79 12.26 -17.45
C LEU A 153 -4.33 11.74 -18.77
N LYS A 154 -3.70 10.71 -19.31
CA LYS A 154 -4.11 10.13 -20.57
C LYS A 154 -5.34 9.25 -20.39
N GLY A 155 -5.37 8.50 -19.28
CA GLY A 155 -6.49 7.62 -19.01
C GLY A 155 -6.06 6.20 -18.70
N GLU A 156 -5.02 6.07 -17.88
CA GLU A 156 -4.51 4.75 -17.51
C GLU A 156 -4.86 4.42 -16.06
N LYS A 157 -4.98 3.13 -15.76
CA LYS A 157 -5.32 2.68 -14.42
C LYS A 157 -4.08 2.02 -13.79
N VAL A 158 -3.92 2.18 -12.47
CA VAL A 158 -2.69 1.65 -11.83
C VAL A 158 -2.87 0.90 -10.50
N LEU A 159 -1.99 -0.12 -10.30
CA LEU A 159 -1.94 -0.90 -9.05
C LEU A 159 -0.96 -0.25 -8.08
N ILE A 160 -1.17 -0.45 -6.79
CA ILE A 160 -0.26 0.07 -5.78
C ILE A 160 -0.04 -0.96 -4.68
N ALA A 161 1.19 -1.47 -4.61
CA ALA A 161 1.55 -2.47 -3.60
C ALA A 161 2.73 -2.02 -2.76
N ALA A 162 2.45 -1.64 -1.52
CA ALA A 162 3.48 -1.19 -0.61
C ALA A 162 3.17 -1.63 0.82
N HIS A 163 2.56 -0.75 1.60
CA HIS A 163 2.22 -1.07 2.99
C HIS A 163 1.15 -0.14 3.51
N GLY A 164 0.48 -0.56 4.59
CA GLY A 164 -0.55 0.24 5.19
C GLY A 164 -0.19 1.71 5.25
N ASN A 165 1.01 2.00 5.76
CA ASN A 165 1.48 3.37 5.85
C ASN A 165 1.58 3.98 4.45
N SER A 166 2.26 3.27 3.54
CA SER A 166 2.40 3.75 2.18
C SER A 166 1.03 4.09 1.59
N LEU A 167 0.17 3.08 1.52
CA LEU A 167 -1.17 3.29 0.99
C LEU A 167 -1.91 4.30 1.86
N ARG A 168 -1.62 4.29 3.16
CA ARG A 168 -2.24 5.24 4.07
C ARG A 168 -1.95 6.64 3.58
N ALA A 169 -0.65 6.95 3.47
CA ALA A 169 -0.21 8.24 2.98
C ALA A 169 -0.78 8.47 1.58
N LEU A 170 -0.68 7.45 0.74
CA LEU A 170 -1.20 7.55 -0.62
C LEU A 170 -2.67 7.92 -0.57
N ILE A 171 -3.48 7.01 -0.05
CA ILE A 171 -4.92 7.26 0.07
C ILE A 171 -5.15 8.59 0.79
N MET A 172 -4.23 8.93 1.71
CA MET A 172 -4.30 10.19 2.45
C MET A 172 -4.33 11.35 1.46
N ASP A 173 -3.21 11.57 0.78
CA ASP A 173 -3.12 12.66 -0.18
C ASP A 173 -3.99 12.39 -1.41
N LEU A 174 -4.27 11.12 -1.66
CA LEU A 174 -5.09 10.73 -2.80
C LEU A 174 -6.56 10.96 -2.50
N GLU A 175 -6.93 10.93 -1.22
CA GLU A 175 -8.31 11.14 -0.82
C GLU A 175 -8.51 12.55 -0.23
N GLY A 176 -7.64 12.92 0.70
CA GLY A 176 -7.75 14.22 1.33
C GLY A 176 -8.06 14.11 2.81
N LEU A 177 -7.40 13.17 3.47
CA LEU A 177 -7.60 12.93 4.90
C LEU A 177 -7.42 14.22 5.70
N THR A 178 -7.35 14.11 7.02
CA THR A 178 -7.18 15.29 7.87
C THR A 178 -6.78 14.92 9.29
N GLY A 179 -5.52 14.52 9.46
CA GLY A 179 -5.02 14.17 10.77
C GLY A 179 -5.54 12.85 11.30
N ASP A 180 -6.85 12.73 11.40
CA ASP A 180 -7.47 11.51 11.90
C ASP A 180 -8.26 10.79 10.82
N GLN A 181 -8.54 11.48 9.72
CA GLN A 181 -9.28 10.88 8.62
C GLN A 181 -8.46 9.83 7.87
N ILE A 182 -7.19 9.69 8.24
CA ILE A 182 -6.32 8.71 7.58
C ILE A 182 -6.12 7.49 8.47
N VAL A 183 -5.79 7.73 9.73
CA VAL A 183 -5.57 6.65 10.69
C VAL A 183 -6.82 5.77 10.81
N LYS A 184 -7.97 6.32 10.45
CA LYS A 184 -9.22 5.58 10.51
C LYS A 184 -9.26 4.49 9.45
N ARG A 185 -8.50 4.69 8.38
CA ARG A 185 -8.45 3.72 7.29
C ARG A 185 -7.72 2.45 7.73
N GLU A 186 -7.94 1.37 6.96
CA GLU A 186 -7.31 0.08 7.25
C GLU A 186 -7.30 -0.80 6.00
N LEU A 187 -6.91 -2.05 6.16
CA LEU A 187 -6.86 -2.97 5.04
C LEU A 187 -7.10 -4.42 5.50
N ALA A 188 -7.38 -5.30 4.55
CA ALA A 188 -7.63 -6.70 4.85
C ALA A 188 -6.52 -7.59 4.32
N THR A 189 -5.32 -7.02 4.23
CA THR A 189 -4.14 -7.73 3.75
C THR A 189 -4.46 -8.71 2.62
N GLY A 190 -4.17 -8.31 1.40
CA GLY A 190 -4.42 -9.19 0.26
C GLY A 190 -5.70 -8.83 -0.47
N VAL A 191 -6.13 -7.59 -0.36
CA VAL A 191 -7.35 -7.14 -1.02
C VAL A 191 -7.11 -5.83 -1.78
N PRO A 192 -6.76 -5.92 -3.09
CA PRO A 192 -6.50 -4.75 -3.92
C PRO A 192 -7.73 -3.85 -4.07
N ILE A 193 -7.78 -2.78 -3.28
CA ILE A 193 -8.91 -1.85 -3.30
C ILE A 193 -8.74 -0.81 -4.41
N VAL A 194 -9.77 -0.64 -5.23
CA VAL A 194 -9.74 0.33 -6.33
C VAL A 194 -10.22 1.70 -5.88
N TYR A 195 -9.55 2.75 -6.35
CA TYR A 195 -9.94 4.11 -6.01
C TYR A 195 -10.22 4.93 -7.26
N HIS A 196 -11.43 5.47 -7.36
CA HIS A 196 -11.80 6.27 -8.51
C HIS A 196 -11.24 7.68 -8.38
N LEU A 197 -10.00 7.87 -8.83
CA LEU A 197 -9.35 9.17 -8.75
C LEU A 197 -9.59 10.00 -10.00
N ASP A 198 -9.33 11.30 -9.87
CA ASP A 198 -9.51 12.21 -11.00
C ASP A 198 -8.24 12.32 -11.82
N LYS A 199 -8.26 13.20 -12.81
CA LYS A 199 -7.09 13.39 -13.67
C LYS A 199 -5.99 14.17 -12.93
N ASP A 200 -6.26 14.59 -11.69
CA ASP A 200 -5.29 15.34 -10.91
C ASP A 200 -4.58 14.43 -9.92
N GLY A 201 -5.21 13.30 -9.60
CA GLY A 201 -4.62 12.36 -8.66
C GLY A 201 -5.35 12.36 -7.33
N LYS A 202 -6.64 12.68 -7.35
CA LYS A 202 -7.44 12.72 -6.14
C LYS A 202 -8.71 11.86 -6.30
N TYR A 203 -9.15 11.28 -5.19
CA TYR A 203 -10.35 10.46 -5.19
C TYR A 203 -11.55 11.24 -5.72
N VAL A 204 -12.41 10.58 -6.48
CA VAL A 204 -13.58 11.22 -7.04
C VAL A 204 -14.78 10.29 -7.01
N SER A 205 -14.75 9.33 -6.09
CA SER A 205 -15.83 8.37 -5.94
C SER A 205 -15.55 7.44 -4.76
N LYS A 206 -16.17 6.27 -4.76
CA LYS A 206 -15.96 5.31 -3.69
C LYS A 206 -15.19 4.10 -4.18
N GLU A 207 -14.33 3.58 -3.32
CA GLU A 207 -13.51 2.42 -3.66
C GLU A 207 -14.33 1.13 -3.55
N LEU A 208 -13.78 0.04 -4.06
CA LEU A 208 -14.49 -1.24 -4.02
C LEU A 208 -13.54 -2.43 -4.10
N ILE A 209 -13.81 -3.43 -3.27
CA ILE A 209 -13.02 -4.63 -3.21
C ILE A 209 -13.83 -5.82 -3.73
N ASP A 210 -13.14 -6.89 -4.09
CA ASP A 210 -13.79 -8.09 -4.60
C ASP A 210 -14.63 -8.75 -3.51
N ASN A 211 -14.03 -8.91 -2.33
CA ASN A 211 -14.72 -9.54 -1.20
C ASN A 211 -15.18 -10.94 -1.55
N MET A 1 -10.65 1.37 -15.06
CA MET A 1 -10.31 1.43 -16.51
C MET A 1 -10.76 2.74 -17.13
N THR A 2 -10.01 3.81 -16.88
CA THR A 2 -10.35 5.12 -17.43
C THR A 2 -9.88 5.24 -18.87
N THR A 3 -10.26 6.34 -19.52
CA THR A 3 -9.89 6.59 -20.91
C THR A 3 -10.41 7.94 -21.39
N GLU A 4 -9.55 8.71 -22.03
CA GLU A 4 -9.93 10.03 -22.54
C GLU A 4 -10.28 10.98 -21.40
N ALA A 5 -9.35 11.17 -20.48
CA ALA A 5 -9.56 12.06 -19.34
C ALA A 5 -10.90 11.79 -18.67
N ALA A 6 -10.88 11.00 -17.60
CA ALA A 6 -12.09 10.65 -16.87
C ALA A 6 -11.76 10.01 -15.54
N PRO A 7 -12.79 9.67 -14.74
CA PRO A 7 -12.61 9.03 -13.43
C PRO A 7 -11.55 7.93 -13.46
N ASN A 8 -10.29 8.31 -13.20
CA ASN A 8 -9.20 7.35 -13.20
C ASN A 8 -9.38 6.34 -12.08
N LEU A 9 -9.02 5.08 -12.35
CA LEU A 9 -9.16 4.04 -11.35
C LEU A 9 -7.82 3.54 -10.84
N LEU A 10 -7.73 3.44 -9.52
CA LEU A 10 -6.52 2.97 -8.87
C LEU A 10 -6.83 1.82 -7.92
N VAL A 11 -6.24 0.67 -8.18
CA VAL A 11 -6.47 -0.48 -7.34
C VAL A 11 -5.26 -0.75 -6.44
N LEU A 12 -5.52 -0.94 -5.16
CA LEU A 12 -4.47 -1.19 -4.19
C LEU A 12 -4.46 -2.67 -3.79
N THR A 13 -3.27 -3.19 -3.53
CA THR A 13 -3.14 -4.60 -3.14
C THR A 13 -1.94 -4.79 -2.22
N ARG A 14 -2.18 -4.68 -0.92
CA ARG A 14 -1.12 -4.86 0.07
C ARG A 14 -0.66 -6.31 0.10
N HIS A 15 0.65 -6.52 0.20
CA HIS A 15 1.20 -7.86 0.24
C HIS A 15 0.43 -8.75 1.21
N GLY A 16 0.04 -9.93 0.74
CA GLY A 16 -0.72 -10.86 1.57
C GLY A 16 -0.25 -10.92 3.01
N GLU A 17 0.99 -11.35 3.20
CA GLU A 17 1.56 -11.45 4.54
C GLU A 17 3.00 -11.97 4.48
N SER A 18 3.73 -11.80 5.58
CA SER A 18 5.11 -12.25 5.65
C SER A 18 5.37 -13.05 6.92
N GLU A 19 6.45 -13.82 6.91
CA GLU A 19 6.83 -14.64 8.05
C GLU A 19 6.79 -13.84 9.35
N TRP A 20 7.06 -12.55 9.25
CA TRP A 20 7.07 -11.67 10.42
C TRP A 20 5.71 -11.68 11.12
N ASN A 21 4.67 -12.03 10.38
CA ASN A 21 3.33 -12.07 10.93
C ASN A 21 3.22 -13.14 12.01
N LYS A 22 3.86 -14.27 11.76
CA LYS A 22 3.85 -15.38 12.72
C LYS A 22 4.68 -15.04 13.95
N LEU A 23 5.80 -14.34 13.73
CA LEU A 23 6.68 -13.95 14.82
C LEU A 23 6.03 -12.87 15.68
N ASN A 24 5.17 -12.07 15.06
CA ASN A 24 4.47 -11.00 15.77
C ASN A 24 5.42 -9.85 16.08
N LEU A 25 6.32 -9.55 15.15
CA LEU A 25 7.26 -8.45 15.34
C LEU A 25 7.05 -7.40 14.26
N PHE A 26 7.63 -6.23 14.45
CA PHE A 26 7.49 -5.15 13.48
C PHE A 26 8.33 -5.43 12.23
N THR A 27 8.29 -4.50 11.29
CA THR A 27 9.02 -4.64 10.04
C THR A 27 10.07 -3.55 9.86
N GLY A 28 9.60 -2.36 9.47
CA GLY A 28 10.49 -1.25 9.26
C GLY A 28 10.95 -1.15 7.82
N TRP A 29 12.23 -0.88 7.61
CA TRP A 29 12.77 -0.76 6.27
C TRP A 29 13.29 -2.11 5.76
N LYS A 30 13.55 -3.03 6.69
CA LYS A 30 14.06 -4.35 6.33
C LYS A 30 13.12 -5.03 5.32
N ASP A 31 13.59 -6.13 4.75
CA ASP A 31 12.80 -6.87 3.77
C ASP A 31 12.52 -8.30 4.25
N PRO A 32 11.30 -8.57 4.73
CA PRO A 32 10.91 -9.89 5.21
C PRO A 32 10.48 -10.82 4.09
N ALA A 33 10.36 -12.11 4.40
CA ALA A 33 9.96 -13.09 3.40
C ALA A 33 8.47 -13.42 3.52
N LEU A 34 7.77 -13.34 2.40
CA LEU A 34 6.33 -13.64 2.37
C LEU A 34 6.06 -15.01 2.97
N SER A 35 4.78 -15.36 3.07
CA SER A 35 4.39 -16.65 3.63
C SER A 35 3.27 -17.28 2.82
N GLU A 36 2.93 -18.52 3.15
CA GLU A 36 1.87 -19.24 2.46
C GLU A 36 0.60 -18.39 2.41
N THR A 37 0.26 -17.79 3.56
CA THR A 37 -0.91 -16.94 3.62
C THR A 37 -0.70 -15.74 2.71
N GLY A 38 0.53 -15.23 2.71
CA GLY A 38 0.85 -14.12 1.85
C GLY A 38 0.66 -14.50 0.41
N ILE A 39 1.30 -15.60 0.01
CA ILE A 39 1.19 -16.11 -1.35
C ILE A 39 -0.28 -16.41 -1.66
N LYS A 40 -0.90 -17.22 -0.80
CA LYS A 40 -2.31 -17.56 -0.97
C LYS A 40 -3.13 -16.27 -1.06
N GLU A 41 -2.77 -15.32 -0.20
CA GLU A 41 -3.45 -14.02 -0.18
C GLU A 41 -3.22 -13.31 -1.50
N ALA A 42 -1.97 -13.28 -1.95
CA ALA A 42 -1.63 -12.64 -3.22
C ALA A 42 -2.37 -13.34 -4.35
N LYS A 43 -2.15 -14.65 -4.48
CA LYS A 43 -2.80 -15.43 -5.52
C LYS A 43 -4.31 -15.19 -5.48
N LEU A 44 -4.91 -15.40 -4.32
CA LEU A 44 -6.33 -15.17 -4.14
C LEU A 44 -6.67 -13.73 -4.49
N GLY A 45 -5.85 -12.80 -4.00
CA GLY A 45 -6.06 -11.40 -4.29
C GLY A 45 -6.10 -11.16 -5.78
N GLY A 46 -5.00 -11.51 -6.46
CA GLY A 46 -4.94 -11.34 -7.89
C GLY A 46 -6.04 -12.12 -8.57
N GLU A 47 -6.17 -13.39 -8.19
CA GLU A 47 -7.20 -14.25 -8.75
C GLU A 47 -8.56 -13.59 -8.58
N ARG A 48 -8.77 -12.99 -7.41
CA ARG A 48 -10.01 -12.30 -7.11
C ARG A 48 -10.07 -11.00 -7.90
N LEU A 49 -8.92 -10.36 -8.03
CA LEU A 49 -8.82 -9.11 -8.76
C LEU A 49 -9.17 -9.33 -10.24
N LYS A 50 -8.57 -10.36 -10.83
CA LYS A 50 -8.82 -10.68 -12.23
C LYS A 50 -10.13 -11.46 -12.38
N SER A 51 -10.50 -12.18 -11.33
CA SER A 51 -11.73 -12.96 -11.34
C SER A 51 -12.92 -12.13 -11.83
N ARG A 52 -13.30 -11.13 -11.04
CA ARG A 52 -14.41 -10.27 -11.40
C ARG A 52 -14.23 -9.72 -12.81
N GLY A 53 -12.99 -9.63 -13.26
CA GLY A 53 -12.70 -9.13 -14.59
C GLY A 53 -12.01 -7.78 -14.56
N TYR A 54 -11.38 -7.46 -13.44
CA TYR A 54 -10.67 -6.19 -13.31
C TYR A 54 -9.30 -6.26 -13.95
N LYS A 55 -9.14 -5.56 -15.08
CA LYS A 55 -7.86 -5.55 -15.78
C LYS A 55 -7.05 -4.34 -15.39
N PHE A 56 -5.75 -4.42 -15.61
CA PHE A 56 -4.83 -3.34 -15.24
C PHE A 56 -4.16 -2.69 -16.43
N ASP A 57 -3.71 -1.45 -16.19
CA ASP A 57 -2.98 -0.68 -17.19
C ASP A 57 -1.60 -0.32 -16.63
N ILE A 58 -1.58 0.06 -15.35
CA ILE A 58 -0.33 0.42 -14.67
C ILE A 58 -0.16 -0.41 -13.40
N ALA A 59 1.09 -0.69 -13.02
CA ALA A 59 1.36 -1.46 -11.81
C ALA A 59 2.43 -0.79 -10.95
N PHE A 60 2.04 -0.43 -9.72
CA PHE A 60 2.95 0.23 -8.80
C PHE A 60 3.17 -0.59 -7.53
N THR A 61 4.40 -1.05 -7.34
CA THR A 61 4.77 -1.84 -6.16
C THR A 61 5.89 -1.17 -5.37
N SER A 62 6.10 -1.61 -4.14
CA SER A 62 7.16 -1.05 -3.32
C SER A 62 8.49 -1.68 -3.74
N ALA A 63 9.59 -1.18 -3.19
CA ALA A 63 10.91 -1.74 -3.52
C ALA A 63 11.27 -2.89 -2.58
N LEU A 64 10.26 -3.47 -1.91
CA LEU A 64 10.50 -4.57 -1.00
C LEU A 64 10.12 -5.90 -1.65
N GLN A 65 10.85 -6.95 -1.28
CA GLN A 65 10.62 -8.28 -1.83
C GLN A 65 9.16 -8.68 -1.66
N ARG A 66 8.56 -8.29 -0.55
CA ARG A 66 7.16 -8.63 -0.29
C ARG A 66 6.28 -8.21 -1.46
N ALA A 67 6.37 -6.94 -1.83
CA ALA A 67 5.58 -6.41 -2.93
C ALA A 67 6.23 -6.73 -4.26
N GLN A 68 7.55 -6.77 -4.26
CA GLN A 68 8.31 -7.08 -5.46
C GLN A 68 8.03 -8.53 -5.86
N LYS A 69 7.73 -9.33 -4.86
CA LYS A 69 7.40 -10.73 -5.05
C LYS A 69 5.91 -10.87 -5.22
N THR A 70 5.17 -10.22 -4.33
CA THR A 70 3.71 -10.26 -4.40
C THR A 70 3.23 -9.72 -5.74
N CYS A 71 4.05 -8.88 -6.36
CA CYS A 71 3.71 -8.31 -7.66
C CYS A 71 3.68 -9.38 -8.73
N GLN A 72 4.83 -10.02 -8.95
CA GLN A 72 4.96 -11.07 -9.96
C GLN A 72 3.79 -12.06 -9.85
N ILE A 73 3.53 -12.53 -8.63
CA ILE A 73 2.43 -13.47 -8.39
C ILE A 73 1.10 -12.86 -8.83
N ILE A 74 0.68 -11.81 -8.14
CA ILE A 74 -0.57 -11.15 -8.46
C ILE A 74 -0.65 -10.83 -9.95
N LEU A 75 0.44 -10.27 -10.49
CA LEU A 75 0.50 -9.93 -11.91
C LEU A 75 0.40 -11.20 -12.75
N GLU A 76 1.38 -12.08 -12.60
CA GLU A 76 1.37 -13.34 -13.34
C GLU A 76 0.06 -14.08 -13.13
N GLU A 77 -0.61 -13.78 -12.02
CA GLU A 77 -1.89 -14.40 -11.70
C GLU A 77 -3.00 -13.67 -12.43
N VAL A 78 -2.88 -12.35 -12.51
CA VAL A 78 -3.87 -11.53 -13.21
C VAL A 78 -3.93 -11.92 -14.67
N GLY A 79 -2.76 -12.01 -15.31
CA GLY A 79 -2.70 -12.36 -16.71
C GLY A 79 -2.16 -11.23 -17.57
N GLU A 80 -1.38 -10.35 -16.97
CA GLU A 80 -0.81 -9.22 -17.70
C GLU A 80 0.56 -8.81 -17.14
N PRO A 81 1.53 -9.74 -17.11
CA PRO A 81 2.87 -9.45 -16.61
C PRO A 81 3.57 -8.37 -17.41
N ASN A 82 3.32 -8.35 -18.71
CA ASN A 82 3.93 -7.35 -19.60
C ASN A 82 3.47 -5.94 -19.23
N LEU A 83 2.29 -5.85 -18.64
CA LEU A 83 1.74 -4.55 -18.24
C LEU A 83 2.79 -3.70 -17.53
N GLU A 84 2.58 -2.38 -17.51
CA GLU A 84 3.52 -1.48 -16.87
C GLU A 84 3.68 -1.83 -15.40
N THR A 85 4.60 -2.75 -15.12
CA THR A 85 4.87 -3.18 -13.76
C THR A 85 6.04 -2.40 -13.19
N ILE A 86 5.73 -1.34 -12.47
CA ILE A 86 6.76 -0.50 -11.88
C ILE A 86 6.65 -0.49 -10.36
N LYS A 87 7.70 -0.02 -9.70
CA LYS A 87 7.73 0.04 -8.25
C LYS A 87 8.53 1.24 -7.77
N SER A 88 8.56 1.43 -6.45
CA SER A 88 9.31 2.55 -5.88
C SER A 88 9.88 2.21 -4.50
N GLU A 89 11.01 2.82 -4.18
CA GLU A 89 11.67 2.62 -2.90
C GLU A 89 10.98 3.45 -1.83
N LYS A 90 10.43 4.59 -2.26
CA LYS A 90 9.71 5.47 -1.35
C LYS A 90 8.33 4.89 -1.02
N LEU A 91 7.94 3.85 -1.76
CA LEU A 91 6.64 3.21 -1.53
C LEU A 91 6.72 2.18 -0.41
N ASN A 92 7.87 2.13 0.28
CA ASN A 92 8.06 1.19 1.37
C ASN A 92 7.30 1.63 2.62
N GLU A 93 7.42 0.85 3.69
CA GLU A 93 6.75 1.16 4.94
C GLU A 93 7.56 2.18 5.76
N ARG A 94 6.85 3.06 6.45
CA ARG A 94 7.48 4.09 7.27
C ARG A 94 8.55 3.49 8.19
N TYR A 95 9.77 4.01 8.08
CA TYR A 95 10.87 3.53 8.92
C TYR A 95 10.45 3.54 10.38
N TYR A 96 10.43 2.36 10.99
CA TYR A 96 10.02 2.23 12.40
C TYR A 96 11.19 2.37 13.36
N GLY A 97 12.12 3.26 13.04
CA GLY A 97 13.28 3.49 13.90
C GLY A 97 13.83 2.22 14.52
N ASP A 98 13.73 2.12 15.84
CA ASP A 98 14.23 0.96 16.57
C ASP A 98 13.12 -0.07 16.84
N LEU A 99 11.91 0.19 16.36
CA LEU A 99 10.80 -0.73 16.56
C LEU A 99 10.81 -1.84 15.52
N GLN A 100 11.45 -1.56 14.38
CA GLN A 100 11.54 -2.52 13.29
C GLN A 100 11.88 -3.92 13.80
N GLY A 101 10.92 -4.83 13.71
CA GLY A 101 11.16 -6.19 14.16
C GLY A 101 10.86 -6.43 15.62
N LEU A 102 10.28 -5.43 16.29
CA LEU A 102 9.94 -5.55 17.71
C LEU A 102 8.62 -6.28 17.86
N ASN A 103 8.52 -7.12 18.88
CA ASN A 103 7.30 -7.86 19.13
C ASN A 103 6.15 -6.94 19.52
N LYS A 104 5.06 -6.99 18.75
CA LYS A 104 3.89 -6.17 19.03
C LYS A 104 3.50 -6.31 20.50
N ASP A 105 3.70 -7.51 21.02
CA ASP A 105 3.42 -7.78 22.43
C ASP A 105 4.28 -6.85 23.26
N ASP A 106 5.56 -6.80 22.92
CA ASP A 106 6.50 -5.92 23.61
C ASP A 106 6.05 -4.49 23.39
N ALA A 107 5.81 -4.14 22.13
CA ALA A 107 5.33 -2.80 21.78
C ALA A 107 4.14 -2.41 22.65
N ARG A 108 3.13 -3.28 22.67
CA ARG A 108 1.93 -3.03 23.48
C ARG A 108 2.20 -3.27 24.96
N LYS A 109 3.29 -3.97 25.26
CA LYS A 109 3.65 -4.25 26.65
C LYS A 109 4.52 -3.14 27.23
N LYS A 110 5.17 -2.37 26.36
CA LYS A 110 6.02 -1.27 26.79
C LYS A 110 5.47 0.08 26.36
N TRP A 111 4.74 0.08 25.25
CA TRP A 111 4.16 1.31 24.71
C TRP A 111 2.62 1.25 24.70
N GLY A 112 2.08 0.04 24.85
CA GLY A 112 0.64 -0.12 24.86
C GLY A 112 -0.05 0.51 23.68
N ALA A 113 -1.32 0.20 23.52
CA ALA A 113 -2.11 0.74 22.42
C ALA A 113 -1.93 2.25 22.31
N GLU A 114 -1.94 2.93 23.45
CA GLU A 114 -1.76 4.36 23.48
C GLU A 114 -0.43 4.78 22.87
N GLN A 115 0.67 4.58 23.61
CA GLN A 115 1.97 4.98 23.11
C GLN A 115 2.23 4.34 21.74
N VAL A 116 1.93 3.05 21.59
CA VAL A 116 2.14 2.40 20.29
C VAL A 116 1.29 3.10 19.24
N GLN A 117 0.06 3.50 19.61
CA GLN A 117 -0.82 4.20 18.68
C GLN A 117 -0.14 5.48 18.22
N ILE A 118 0.25 6.32 19.18
CA ILE A 118 0.93 7.57 18.85
C ILE A 118 2.29 7.27 18.23
N TRP A 119 2.74 6.03 18.31
CA TRP A 119 4.03 5.66 17.75
C TRP A 119 3.88 5.11 16.33
N ARG A 120 2.83 4.33 16.08
CA ARG A 120 2.60 3.73 14.76
C ARG A 120 1.42 4.36 14.02
N ARG A 121 0.39 4.76 14.76
CA ARG A 121 -0.80 5.35 14.16
C ARG A 121 -0.64 6.86 13.99
N SER A 122 0.22 7.46 14.82
CA SER A 122 0.47 8.90 14.77
C SER A 122 0.49 9.44 13.34
N TYR A 123 0.30 10.74 13.20
CA TYR A 123 0.29 11.38 11.89
C TYR A 123 1.70 11.86 11.49
N ASP A 124 2.31 12.66 12.36
CA ASP A 124 3.64 13.20 12.07
C ASP A 124 4.65 12.72 13.11
N ILE A 125 4.18 12.50 14.33
CA ILE A 125 5.04 12.05 15.42
C ILE A 125 5.40 10.58 15.24
N ALA A 126 6.68 10.33 14.92
CA ALA A 126 7.14 8.96 14.71
C ALA A 126 7.92 8.43 15.91
N PRO A 127 8.17 7.11 15.93
CA PRO A 127 8.91 6.46 17.03
C PRO A 127 10.39 6.83 17.03
N PRO A 128 11.12 6.41 18.07
CA PRO A 128 12.55 6.68 18.17
C PRO A 128 13.27 6.42 16.85
N ASN A 129 13.46 7.49 16.07
CA ASN A 129 14.11 7.38 14.77
C ASN A 129 13.18 6.73 13.76
N GLY A 130 13.49 6.91 12.47
CA GLY A 130 12.66 6.33 11.44
C GLY A 130 11.96 7.37 10.60
N GLU A 131 10.68 7.13 10.30
CA GLU A 131 9.89 8.04 9.49
C GLU A 131 8.48 8.18 10.05
N SER A 132 7.65 8.92 9.32
CA SER A 132 6.26 9.14 9.72
C SER A 132 5.37 9.26 8.49
N LEU A 133 4.05 9.21 8.70
CA LEU A 133 3.10 9.31 7.60
C LEU A 133 3.45 10.49 6.68
N LYS A 134 3.48 11.68 7.25
CA LYS A 134 3.79 12.88 6.49
C LYS A 134 5.09 12.71 5.70
N ASP A 135 6.11 12.18 6.37
CA ASP A 135 7.40 11.94 5.71
C ASP A 135 7.22 10.96 4.57
N THR A 136 6.75 9.75 4.91
CA THR A 136 6.50 8.72 3.92
C THR A 136 5.70 9.31 2.77
N ALA A 137 4.67 10.08 3.11
CA ALA A 137 3.87 10.73 2.09
C ALA A 137 4.75 11.70 1.30
N GLU A 138 5.47 12.55 2.03
CA GLU A 138 6.37 13.52 1.42
C GLU A 138 7.37 12.83 0.50
N ARG A 139 7.61 11.54 0.74
CA ARG A 139 8.54 10.79 -0.10
C ARG A 139 7.82 9.81 -1.01
N VAL A 140 6.53 9.59 -0.77
CA VAL A 140 5.73 8.68 -1.58
C VAL A 140 4.93 9.47 -2.61
N LEU A 141 4.61 10.70 -2.25
CA LEU A 141 3.83 11.57 -3.12
C LEU A 141 4.62 11.97 -4.36
N PRO A 142 5.92 12.34 -4.21
CA PRO A 142 6.74 12.74 -5.35
C PRO A 142 6.69 11.70 -6.45
N TYR A 143 6.87 10.43 -6.07
CA TYR A 143 6.81 9.36 -7.03
C TYR A 143 5.44 9.39 -7.69
N TYR A 144 4.42 9.52 -6.84
CA TYR A 144 3.05 9.61 -7.32
C TYR A 144 2.94 10.75 -8.31
N LYS A 145 3.10 11.97 -7.83
CA LYS A 145 3.01 13.11 -8.72
C LYS A 145 3.96 12.93 -9.92
N SER A 146 5.26 12.95 -9.63
CA SER A 146 6.30 12.81 -10.64
C SER A 146 6.04 11.69 -11.66
N THR A 147 6.04 10.43 -11.20
CA THR A 147 5.89 9.31 -12.13
C THR A 147 4.49 8.68 -12.12
N ILE A 148 3.53 9.29 -11.46
CA ILE A 148 2.18 8.73 -11.45
C ILE A 148 1.13 9.77 -11.81
N VAL A 149 1.54 11.01 -12.05
CA VAL A 149 0.58 12.05 -12.41
C VAL A 149 0.35 12.15 -13.94
N PRO A 150 1.26 11.61 -14.81
CA PRO A 150 1.07 11.71 -16.26
C PRO A 150 0.04 10.72 -16.81
N HIS A 151 0.28 9.43 -16.64
CA HIS A 151 -0.65 8.41 -17.14
C HIS A 151 -2.04 8.58 -16.55
N ILE A 152 -2.10 8.85 -15.25
CA ILE A 152 -3.39 9.04 -14.59
C ILE A 152 -4.22 10.11 -15.27
N LEU A 153 -3.56 10.99 -16.02
CA LEU A 153 -4.25 12.06 -16.73
C LEU A 153 -4.38 11.74 -18.22
N LYS A 154 -4.05 10.50 -18.61
CA LYS A 154 -4.14 10.09 -20.00
C LYS A 154 -5.40 9.27 -20.25
N GLY A 155 -5.71 8.38 -19.30
CA GLY A 155 -6.89 7.54 -19.44
C GLY A 155 -6.60 6.08 -19.18
N GLU A 156 -5.94 5.79 -18.07
CA GLU A 156 -5.59 4.43 -17.70
C GLU A 156 -5.80 4.20 -16.20
N LYS A 157 -5.91 2.93 -15.81
CA LYS A 157 -6.09 2.60 -14.40
C LYS A 157 -4.82 1.95 -13.85
N VAL A 158 -4.62 1.98 -12.54
CA VAL A 158 -3.35 1.46 -11.97
C VAL A 158 -3.50 0.54 -10.75
N LEU A 159 -2.43 -0.26 -10.54
CA LEU A 159 -2.32 -1.17 -9.40
C LEU A 159 -1.32 -0.59 -8.40
N ILE A 160 -1.61 -0.72 -7.12
CA ILE A 160 -0.71 -0.21 -6.08
C ILE A 160 -0.43 -1.26 -5.02
N ALA A 161 0.85 -1.45 -4.70
CA ALA A 161 1.24 -2.42 -3.70
C ALA A 161 2.43 -1.93 -2.89
N ALA A 162 2.16 -1.53 -1.65
CA ALA A 162 3.20 -1.03 -0.76
C ALA A 162 2.91 -1.45 0.69
N HIS A 163 2.36 -0.53 1.49
CA HIS A 163 2.05 -0.84 2.89
C HIS A 163 1.00 0.11 3.45
N GLY A 164 0.39 -0.29 4.56
CA GLY A 164 -0.61 0.53 5.19
C GLY A 164 -0.19 1.98 5.31
N ASN A 165 1.06 2.19 5.72
CA ASN A 165 1.59 3.54 5.83
C ASN A 165 1.69 4.19 4.46
N SER A 166 2.38 3.53 3.54
CA SER A 166 2.52 4.04 2.17
C SER A 166 1.14 4.41 1.63
N LEU A 167 0.21 3.46 1.71
CA LEU A 167 -1.15 3.69 1.24
C LEU A 167 -1.84 4.72 2.11
N ARG A 168 -1.51 4.72 3.40
CA ARG A 168 -2.10 5.69 4.31
C ARG A 168 -1.74 7.08 3.83
N ALA A 169 -0.43 7.32 3.68
CA ALA A 169 0.04 8.60 3.17
C ALA A 169 -0.48 8.81 1.76
N LEU A 170 -0.35 7.76 0.94
CA LEU A 170 -0.83 7.82 -0.43
C LEU A 170 -2.30 8.23 -0.45
N ILE A 171 -3.15 7.36 0.06
CA ILE A 171 -4.57 7.64 0.12
C ILE A 171 -4.81 8.96 0.84
N MET A 172 -4.03 9.20 1.90
CA MET A 172 -4.13 10.44 2.66
C MET A 172 -4.11 11.63 1.71
N ASP A 173 -3.06 11.70 0.89
CA ASP A 173 -2.96 12.78 -0.08
C ASP A 173 -3.92 12.53 -1.23
N LEU A 174 -4.11 11.26 -1.58
CA LEU A 174 -5.01 10.89 -2.66
C LEU A 174 -6.42 11.40 -2.37
N GLU A 175 -6.78 11.38 -1.10
CA GLU A 175 -8.10 11.85 -0.66
C GLU A 175 -8.01 13.29 -0.19
N GLY A 176 -6.91 13.63 0.49
CA GLY A 176 -6.72 14.97 0.99
C GLY A 176 -7.18 15.10 2.43
N LEU A 177 -6.86 14.09 3.22
CA LEU A 177 -7.24 14.08 4.63
C LEU A 177 -6.24 14.86 5.47
N THR A 178 -6.45 14.84 6.79
CA THR A 178 -5.56 15.55 7.70
C THR A 178 -4.80 14.57 8.59
N GLY A 179 -4.28 15.06 9.71
CA GLY A 179 -3.54 14.21 10.61
C GLY A 179 -4.44 13.46 11.57
N ASP A 180 -5.42 14.16 12.14
CA ASP A 180 -6.35 13.55 13.08
C ASP A 180 -7.62 13.09 12.36
N GLN A 181 -7.51 12.84 11.07
CA GLN A 181 -8.65 12.40 10.28
C GLN A 181 -8.25 11.33 9.27
N ILE A 182 -7.08 10.72 9.47
CA ILE A 182 -6.60 9.67 8.57
C ILE A 182 -5.97 8.52 9.35
N VAL A 183 -6.18 8.49 10.66
CA VAL A 183 -5.63 7.42 11.48
C VAL A 183 -6.64 6.28 11.65
N LYS A 184 -7.63 6.25 10.75
CA LYS A 184 -8.65 5.21 10.78
C LYS A 184 -8.60 4.37 9.51
N ARG A 185 -8.27 5.01 8.39
CA ARG A 185 -8.18 4.32 7.10
C ARG A 185 -7.31 3.07 7.23
N GLU A 186 -7.60 2.07 6.40
CA GLU A 186 -6.85 0.83 6.43
C GLU A 186 -7.24 -0.06 5.26
N LEU A 187 -6.76 -1.31 5.28
CA LEU A 187 -7.06 -2.26 4.20
C LEU A 187 -6.75 -3.68 4.65
N ALA A 188 -7.18 -4.66 3.85
CA ALA A 188 -6.95 -6.06 4.16
C ALA A 188 -5.83 -6.64 3.29
N THR A 189 -4.95 -7.41 3.91
CA THR A 189 -3.83 -8.02 3.21
C THR A 189 -4.32 -9.20 2.36
N GLY A 190 -4.06 -9.14 1.06
CA GLY A 190 -4.48 -10.21 0.17
C GLY A 190 -5.64 -9.80 -0.71
N VAL A 191 -6.43 -8.84 -0.24
CA VAL A 191 -7.58 -8.36 -0.99
C VAL A 191 -7.25 -7.04 -1.72
N PRO A 192 -7.48 -6.99 -3.04
CA PRO A 192 -7.19 -5.80 -3.84
C PRO A 192 -8.30 -4.76 -3.79
N ILE A 193 -7.97 -3.58 -3.26
CA ILE A 193 -8.95 -2.49 -3.16
C ILE A 193 -8.93 -1.64 -4.43
N VAL A 194 -10.04 -0.94 -4.68
CA VAL A 194 -10.18 -0.10 -5.85
C VAL A 194 -10.67 1.29 -5.49
N TYR A 195 -9.85 2.31 -5.76
CA TYR A 195 -10.24 3.69 -5.46
C TYR A 195 -10.58 4.44 -6.73
N HIS A 196 -11.85 4.81 -6.89
CA HIS A 196 -12.28 5.55 -8.07
C HIS A 196 -11.84 7.00 -7.97
N LEU A 197 -10.77 7.32 -8.68
CA LEU A 197 -10.24 8.68 -8.67
C LEU A 197 -10.71 9.47 -9.88
N ASP A 198 -10.67 10.79 -9.75
CA ASP A 198 -11.08 11.68 -10.82
C ASP A 198 -9.90 12.03 -11.72
N LYS A 199 -10.12 12.91 -12.68
CA LYS A 199 -9.08 13.32 -13.60
C LYS A 199 -7.99 14.12 -12.90
N ASP A 200 -8.22 14.49 -11.63
CA ASP A 200 -7.24 15.25 -10.86
C ASP A 200 -6.59 14.38 -9.79
N GLY A 201 -6.60 13.08 -10.00
CA GLY A 201 -6.00 12.17 -9.05
C GLY A 201 -6.62 12.30 -7.66
N LYS A 202 -7.95 12.25 -7.61
CA LYS A 202 -8.66 12.36 -6.34
C LYS A 202 -9.85 11.41 -6.30
N TYR A 203 -10.02 10.72 -5.17
CA TYR A 203 -11.12 9.77 -4.99
C TYR A 203 -12.45 10.41 -5.39
N VAL A 204 -13.38 9.61 -5.89
CA VAL A 204 -14.68 10.12 -6.30
C VAL A 204 -15.81 9.13 -5.95
N SER A 205 -15.48 8.11 -5.15
CA SER A 205 -16.47 7.12 -4.76
C SER A 205 -16.09 6.47 -3.43
N LYS A 206 -15.27 5.45 -3.50
CA LYS A 206 -14.81 4.74 -2.31
C LYS A 206 -14.01 3.50 -2.68
N GLU A 207 -13.55 2.77 -1.67
CA GLU A 207 -12.77 1.56 -1.89
C GLU A 207 -13.66 0.32 -1.85
N LEU A 208 -13.28 -0.71 -2.59
CA LEU A 208 -14.05 -1.94 -2.64
C LEU A 208 -13.17 -3.13 -3.03
N ILE A 209 -13.62 -4.32 -2.67
CA ILE A 209 -12.88 -5.55 -2.98
C ILE A 209 -13.67 -6.41 -3.96
N ASP A 210 -12.97 -7.34 -4.61
CA ASP A 210 -13.60 -8.24 -5.57
C ASP A 210 -14.06 -9.52 -4.88
N ASN A 211 -13.24 -10.02 -3.97
CA ASN A 211 -13.56 -11.25 -3.24
C ASN A 211 -14.98 -11.20 -2.67
#